data_6MIT
#
_entry.id   6MIT
#
_cell.length_a   116.427
_cell.length_b   156.984
_cell.length_c   295.518
_cell.angle_alpha   90.000
_cell.angle_beta   90.000
_cell.angle_gamma   90.000
#
_symmetry.space_group_name_H-M   'P 21 2 21'
#
loop_
_entity.id
_entity.type
_entity.pdbx_description
1 polymer 'Lipopolysaccharide export system ATP-binding protein'
2 polymer 'Lipopolysaccharide export system protein LptC'
3 polymer 'LPS export ABC transporter permease LptF'
4 polymer 'Lipopolysaccharide export system permease protein LptG'
5 non-polymer 'SULFATE ION'
6 non-polymer 'CHLORIDE ION'
7 non-polymer NOVOBIOCIN
8 water water
#
loop_
_entity_poly.entity_id
_entity_poly.type
_entity_poly.pdbx_seq_one_letter_code
_entity_poly.pdbx_strand_id
1 'polypeptide(L)'
;MATLTAKNLAKAYKGRRVVEDVSLTVNSGEIVGLLGPNGAGKTTTFYMVVGIVPRDAGNIIIDDEDISLLPLHARARRGI
GYLPQEASIFRRLSVFDNLMAVLQIRDDLTSEQRQDRANELMEEFHIEHLRDSLGQALSGGERRRVEIARALAANPKFIL
LDEPFAGVDPISVIDIKRIIEHLRDSGLGVLITDHNVRETLAVCERAYIVSQGNLIAHGTPQQILEDDHVKRVYLGEDFR
L
;
A,B,D,E
2 'polypeptide(L)'
;MSKTRRWVIILLSLVALILIGVNLADRDDTQTEVINNNDPTYKSDHSDTVVYSPEGALNYRLIAQHVEYFSDDGISWFTQ
PVMTTFDKDKVPTWSIKSDRAKLTNDRMLYLYGHVEVNALTADSQLRKITTDNAQINLVTQDVTSQDLVTLYGTTFNSSG
LRMRGNLRSKNAELIEKVRTSYEIQNKQTQPLVPR
;
C,H
3 'polypeptide(L)'
;MIIIRYLVRETLKSQLAILFILLLIFFCQKLVKILGAAVDGEIPTNLVLSLLGLGIPEMAQLILPLSLFLGLLMTLGKLY
TESEITVMHACGLSKAVLVKAAMILALFTGIVAAVNVMWAGPMSSRHQDEVLAEAKANPGMAALAQGQFQQATDGNSVLF
IESVDGSKFNDVFLAQLRTKGNARPSVVVADSGQLAQRKDGSQVVTLNKGTRFEGTAMLRDFRITDFQNYQAIIGHQAVA
LDPTDTEQMDMRTLWNTDTDRARAEFHWRITLVFTVFMMALIVVPLSVVNPRQGRVLSMLPAMLLYLIYFLLQTSIRSNG
AKGKLDPMVWTWFVNSLYILLALGLNLWDTVPVRRIRARFSRKGAI
;
F,I
4 'polypeptide(L)'
;MQAFGVLDRYIGKTIFTTIMMTLFMLVSLSGIIKFVDQLKKAGQGSYDALGAGMYTLLSVPKDVQIFFPMAALLGALLGL
GMLAQRSELVVMQASGFTRLQVALSVMKTAIPLVLLTMAIGEWVAPQGEQMARNYRAQAMYGGSLLSTQQGLWAKDGQNF
VYIERVKGDDELGGVSIYAFNDERRLQSVRHASSAKFDPEHKQWRLSQVDESDLTNPKQITGSQTVSGTWKTNLTPDKLG
VVALDPDALSISGLHNYVKYLKSSGQDAGRYQLNMWSKIFQPMSVAVMMLMALSFIFGPLRSVPMGVRVVTGISFGFVFY
VLDQIFGPLTLVYGIPPIIGALLPSASFLLISLWLLLKRS
;
G,J
#
# COMPACT_ATOMS: atom_id res chain seq x y z
N ALA A 2 21.38 -23.12 38.27
CA ALA A 2 20.81 -24.45 38.48
C ALA A 2 19.49 -24.67 37.70
N THR A 3 18.68 -23.61 37.53
CA THR A 3 17.41 -23.70 36.80
C THR A 3 17.26 -22.48 35.89
N LEU A 4 17.40 -22.68 34.57
CA LEU A 4 17.15 -21.63 33.59
C LEU A 4 15.75 -21.82 33.03
N THR A 5 15.01 -20.73 32.91
CA THR A 5 13.63 -20.84 32.48
C THR A 5 13.19 -19.60 31.72
N ALA A 6 12.60 -19.86 30.56
CA ALA A 6 11.93 -18.85 29.75
C ALA A 6 10.43 -18.96 29.94
N LYS A 7 9.77 -17.80 30.02
CA LYS A 7 8.33 -17.72 30.27
C LYS A 7 7.71 -16.67 29.35
N ASN A 8 6.81 -17.12 28.45
CA ASN A 8 6.00 -16.24 27.58
C ASN A 8 6.87 -15.38 26.66
N LEU A 9 7.94 -15.97 26.14
CA LEU A 9 8.82 -15.26 25.23
C LEU A 9 8.08 -14.85 23.97
N ALA A 10 8.22 -13.59 23.59
CA ALA A 10 7.57 -13.01 22.43
C ALA A 10 8.52 -12.04 21.75
N LYS A 11 8.36 -11.89 20.42
CA LYS A 11 9.18 -11.02 19.61
C LYS A 11 8.47 -10.73 18.31
N ALA A 12 8.61 -9.50 17.82
CA ALA A 12 8.03 -9.08 16.56
C ALA A 12 9.03 -8.22 15.81
N TYR A 13 8.89 -8.18 14.48
CA TYR A 13 9.78 -7.41 13.60
C TYR A 13 8.94 -6.63 12.59
N LYS A 14 8.81 -5.32 12.79
CA LYS A 14 8.12 -4.42 11.86
C LYS A 14 6.70 -4.92 11.56
N GLY A 15 5.87 -4.95 12.60
CA GLY A 15 4.51 -5.42 12.50
C GLY A 15 4.33 -6.86 12.08
N ARG A 16 5.33 -7.72 12.27
CA ARG A 16 5.21 -9.13 11.94
C ARG A 16 5.61 -9.96 13.16
N ARG A 17 4.76 -10.92 13.54
CA ARG A 17 5.00 -11.74 14.73
C ARG A 17 5.77 -12.99 14.35
N VAL A 18 6.96 -13.17 14.92
CA VAL A 18 7.80 -14.35 14.66
C VAL A 18 7.67 -15.39 15.75
N VAL A 19 7.73 -14.94 17.02
CA VAL A 19 7.44 -15.78 18.20
C VAL A 19 6.57 -14.97 19.15
N GLU A 20 5.68 -15.67 19.85
CA GLU A 20 4.86 -15.07 20.90
C GLU A 20 4.39 -16.20 21.81
N ASP A 21 4.68 -16.09 23.11
CA ASP A 21 4.36 -17.12 24.10
C ASP A 21 5.11 -18.42 23.79
N VAL A 22 6.43 -18.35 23.97
CA VAL A 22 7.29 -19.53 23.98
C VAL A 22 7.98 -19.60 25.33
N SER A 23 7.78 -20.73 26.03
CA SER A 23 8.29 -20.91 27.39
C SER A 23 8.93 -22.28 27.49
N LEU A 24 10.25 -22.31 27.48
CA LEU A 24 10.98 -23.54 27.73
C LEU A 24 11.79 -23.40 29.02
N THR A 25 12.13 -24.56 29.60
CA THR A 25 12.81 -24.67 30.89
C THR A 25 13.87 -25.76 30.83
N VAL A 26 15.03 -25.49 31.41
CA VAL A 26 16.16 -26.42 31.46
C VAL A 26 16.78 -26.35 32.86
N ASN A 27 17.13 -27.51 33.41
CA ASN A 27 17.74 -27.63 34.72
C ASN A 27 19.10 -28.29 34.60
N SER A 28 19.88 -28.23 35.69
CA SER A 28 21.23 -28.78 35.64
C SER A 28 21.19 -30.28 35.40
N GLY A 29 22.27 -30.81 34.83
CA GLY A 29 22.38 -32.23 34.59
C GLY A 29 21.35 -32.83 33.67
N GLU A 30 20.84 -32.03 32.73
CA GLU A 30 19.85 -32.46 31.76
C GLU A 30 20.15 -31.78 30.44
N ILE A 31 19.87 -32.48 29.34
CA ILE A 31 20.00 -31.94 28.00
C ILE A 31 18.61 -31.58 27.48
N VAL A 32 18.42 -30.32 27.09
CA VAL A 32 17.15 -29.84 26.58
C VAL A 32 17.36 -29.31 25.16
N GLY A 33 16.68 -29.94 24.20
CA GLY A 33 16.68 -29.46 22.83
C GLY A 33 15.58 -28.44 22.58
N LEU A 34 15.88 -27.47 21.73
CA LEU A 34 14.90 -26.48 21.32
C LEU A 34 14.79 -26.58 19.79
N LEU A 35 13.85 -27.43 19.32
CA LEU A 35 13.71 -27.79 17.92
C LEU A 35 12.45 -27.16 17.31
N GLY A 36 12.26 -27.40 16.01
CA GLY A 36 11.13 -26.82 15.29
C GLY A 36 11.39 -26.73 13.80
N PRO A 37 10.31 -26.66 13.01
CA PRO A 37 10.46 -26.49 11.57
C PRO A 37 11.14 -25.17 11.23
N ASN A 38 11.82 -25.16 10.09
CA ASN A 38 12.55 -23.98 9.64
C ASN A 38 11.64 -22.77 9.58
N GLY A 39 11.94 -21.75 10.38
CA GLY A 39 11.10 -20.58 10.45
C GLY A 39 10.12 -20.56 11.60
N ALA A 40 10.10 -21.61 12.41
CA ALA A 40 9.11 -21.72 13.47
C ALA A 40 9.43 -20.83 14.67
N GLY A 41 10.65 -20.31 14.78
CA GLY A 41 11.07 -19.46 15.89
C GLY A 41 11.94 -20.11 16.93
N LYS A 42 12.49 -21.29 16.65
CA LYS A 42 13.39 -21.91 17.62
C LYS A 42 14.62 -21.04 17.87
N THR A 43 15.26 -20.57 16.78
CA THR A 43 16.50 -19.81 16.93
C THR A 43 16.22 -18.40 17.48
N THR A 44 15.03 -17.88 17.26
CA THR A 44 14.69 -16.57 17.83
C THR A 44 14.58 -16.63 19.35
N THR A 45 13.83 -17.62 19.88
CA THR A 45 13.74 -17.73 21.33
C THR A 45 15.06 -18.17 21.95
N PHE A 46 15.77 -19.12 21.31
CA PHE A 46 17.11 -19.47 21.75
C PHE A 46 17.96 -18.21 21.92
N TYR A 47 18.02 -17.36 20.90
CA TYR A 47 18.82 -16.16 21.03
C TYR A 47 18.25 -15.19 22.06
N MET A 48 16.95 -15.27 22.31
CA MET A 48 16.33 -14.34 23.25
C MET A 48 16.56 -14.77 24.69
N VAL A 49 16.90 -16.05 24.88
CA VAL A 49 17.42 -16.60 26.13
C VAL A 49 18.91 -16.30 26.26
N VAL A 50 19.66 -16.39 25.16
CA VAL A 50 21.08 -16.07 25.21
C VAL A 50 21.28 -14.65 25.71
N GLY A 51 20.50 -13.70 25.21
CA GLY A 51 20.61 -12.32 25.59
C GLY A 51 21.02 -11.38 24.49
N ILE A 52 21.33 -11.91 23.29
CA ILE A 52 21.70 -11.08 22.14
C ILE A 52 20.47 -10.47 21.48
N VAL A 53 19.31 -11.10 21.65
CA VAL A 53 18.04 -10.65 21.07
C VAL A 53 17.14 -10.18 22.20
N PRO A 54 16.80 -8.88 22.27
CA PRO A 54 15.93 -8.41 23.36
C PRO A 54 14.52 -8.96 23.27
N ARG A 55 13.87 -9.02 24.42
CA ARG A 55 12.50 -9.54 24.51
C ARG A 55 11.49 -8.41 24.39
N ASP A 56 10.40 -8.69 23.67
CA ASP A 56 9.26 -7.78 23.67
C ASP A 56 8.27 -8.11 24.78
N ALA A 57 8.19 -9.38 25.15
CA ALA A 57 7.37 -9.87 26.24
C ALA A 57 7.90 -11.23 26.68
N GLY A 58 7.96 -11.43 28.00
CA GLY A 58 8.39 -12.69 28.58
C GLY A 58 9.38 -12.48 29.70
N ASN A 59 9.95 -13.56 30.24
CA ASN A 59 10.91 -13.50 31.33
C ASN A 59 11.97 -14.59 31.17
N ILE A 60 13.21 -14.27 31.53
CA ILE A 60 14.29 -15.24 31.59
C ILE A 60 14.82 -15.24 33.02
N ILE A 61 14.78 -16.40 33.66
CA ILE A 61 15.14 -16.52 35.08
C ILE A 61 16.20 -17.61 35.23
N ILE A 62 17.17 -17.37 36.13
CA ILE A 62 18.11 -18.39 36.57
C ILE A 62 18.23 -18.30 38.09
N ASP A 63 17.75 -19.34 38.78
CA ASP A 63 17.84 -19.41 40.24
C ASP A 63 17.25 -18.16 40.88
N ASP A 64 15.97 -17.90 40.57
CA ASP A 64 15.21 -16.77 41.14
C ASP A 64 15.90 -15.44 40.87
N GLU A 65 16.49 -15.31 39.69
CA GLU A 65 17.13 -14.07 39.25
C GLU A 65 16.64 -13.73 37.86
N ASP A 66 15.98 -12.58 37.73
CA ASP A 66 15.38 -12.14 36.47
C ASP A 66 16.45 -11.54 35.57
N ILE A 67 16.93 -12.32 34.61
CA ILE A 67 17.94 -11.88 33.67
C ILE A 67 17.31 -11.40 32.37
N SER A 68 16.03 -11.02 32.40
CA SER A 68 15.33 -10.70 31.17
C SER A 68 15.89 -9.44 30.52
N LEU A 69 16.34 -8.47 31.31
CA LEU A 69 16.83 -7.21 30.76
C LEU A 69 18.36 -7.14 30.69
N LEU A 70 19.03 -8.21 31.04
CA LEU A 70 20.48 -8.13 31.12
C LEU A 70 21.12 -8.45 29.76
N PRO A 71 22.07 -7.64 29.30
CA PRO A 71 22.74 -7.98 28.03
C PRO A 71 23.54 -9.28 28.07
N LEU A 72 24.37 -9.49 27.05
CA LEU A 72 25.08 -10.76 26.94
C LEU A 72 26.23 -10.84 27.94
N HIS A 73 26.96 -9.76 28.14
CA HIS A 73 28.01 -9.80 29.14
C HIS A 73 27.41 -10.06 30.53
N ALA A 74 26.44 -9.22 30.93
CA ALA A 74 25.78 -9.38 32.24
C ALA A 74 25.27 -10.80 32.44
N ARG A 75 24.45 -11.28 31.52
CA ARG A 75 23.89 -12.62 31.65
C ARG A 75 24.97 -13.70 31.56
N ALA A 76 26.13 -13.38 31.00
CA ALA A 76 27.20 -14.36 30.94
C ALA A 76 27.90 -14.47 32.28
N ARG A 77 28.01 -13.34 32.96
CA ARG A 77 28.42 -13.31 34.36
C ARG A 77 27.48 -14.13 35.24
N ARG A 78 26.15 -14.07 35.03
CA ARG A 78 25.24 -14.86 35.86
C ARG A 78 25.20 -16.35 35.45
N GLY A 79 26.28 -16.85 34.85
CA GLY A 79 26.41 -18.27 34.60
C GLY A 79 25.63 -18.75 33.40
N ILE A 80 25.76 -18.04 32.28
CA ILE A 80 25.15 -18.36 30.98
C ILE A 80 26.29 -18.33 29.97
N GLY A 81 26.82 -19.50 29.64
CA GLY A 81 27.85 -19.60 28.61
C GLY A 81 27.15 -19.82 27.30
N TYR A 82 27.58 -19.08 26.28
CA TYR A 82 26.98 -19.16 24.96
C TYR A 82 28.03 -19.60 23.96
N LEU A 83 27.80 -20.74 23.33
CA LEU A 83 28.73 -21.25 22.35
C LEU A 83 28.08 -21.20 20.97
N PRO A 84 28.49 -20.28 20.11
CA PRO A 84 27.92 -20.21 18.76
C PRO A 84 28.50 -21.28 17.84
N GLN A 85 27.87 -21.39 16.66
CA GLN A 85 28.29 -22.37 15.66
C GLN A 85 29.50 -21.89 14.85
N GLU A 86 29.58 -20.59 14.62
CA GLU A 86 30.70 -20.01 13.89
C GLU A 86 31.99 -20.17 14.69
N ALA A 87 33.11 -20.06 14.01
CA ALA A 87 34.41 -20.08 14.69
C ALA A 87 34.54 -18.91 15.65
N SER A 88 34.41 -19.17 16.96
CA SER A 88 34.37 -18.15 17.99
C SER A 88 35.63 -18.14 18.84
N ILE A 89 36.73 -18.67 18.32
CA ILE A 89 38.02 -18.70 18.99
C ILE A 89 38.72 -17.37 18.73
N PHE A 90 39.59 -16.98 19.66
CA PHE A 90 40.39 -15.77 19.48
C PHE A 90 41.57 -16.14 18.58
N ARG A 91 41.56 -15.64 17.35
CA ARG A 91 42.66 -15.96 16.46
C ARG A 91 43.90 -15.16 16.86
N ARG A 92 45.06 -15.62 16.42
CA ARG A 92 46.32 -14.95 16.75
C ARG A 92 46.55 -14.84 18.27
N LEU A 93 45.86 -15.66 19.07
CA LEU A 93 46.10 -15.84 20.51
C LEU A 93 46.25 -17.31 20.85
N SER A 94 47.18 -17.61 21.76
CA SER A 94 47.34 -18.97 22.23
C SER A 94 46.09 -19.44 22.97
N VAL A 95 45.91 -20.76 23.02
CA VAL A 95 44.77 -21.29 23.77
C VAL A 95 44.83 -20.84 25.23
N PHE A 96 46.02 -20.84 25.81
CA PHE A 96 46.22 -20.32 27.16
C PHE A 96 45.79 -18.86 27.26
N ASP A 97 46.13 -18.03 26.26
CA ASP A 97 45.67 -16.64 26.32
C ASP A 97 44.16 -16.54 26.23
N ASN A 98 43.52 -17.44 25.49
CA ASN A 98 42.06 -17.51 25.45
C ASN A 98 41.50 -17.69 26.86
N LEU A 99 41.87 -18.81 27.50
CA LEU A 99 41.45 -19.08 28.88
C LEU A 99 41.76 -17.90 29.81
N MET A 100 43.00 -17.39 29.81
CA MET A 100 43.36 -16.28 30.70
C MET A 100 42.55 -15.02 30.43
N ALA A 101 42.24 -14.74 29.16
CA ALA A 101 41.40 -13.61 28.84
C ALA A 101 40.02 -13.80 29.43
N VAL A 102 39.56 -15.05 29.45
CA VAL A 102 38.23 -15.31 29.98
C VAL A 102 38.24 -15.26 31.50
N LEU A 103 39.38 -15.56 32.12
CA LEU A 103 39.52 -15.62 33.58
C LEU A 103 39.74 -14.25 34.20
N GLN A 104 40.69 -13.48 33.68
CA GLN A 104 40.90 -12.15 34.22
C GLN A 104 39.63 -11.29 34.33
N ILE A 105 38.48 -11.70 33.77
CA ILE A 105 37.27 -10.90 34.00
C ILE A 105 36.52 -11.39 35.22
N ARG A 106 36.73 -12.65 35.61
CA ARG A 106 36.11 -13.23 36.78
C ARG A 106 36.88 -12.84 38.04
N ASP A 107 36.23 -12.08 38.92
CA ASP A 107 36.84 -11.58 40.14
C ASP A 107 36.83 -12.62 41.26
N ASP A 108 36.47 -13.86 40.95
CA ASP A 108 36.30 -14.91 41.94
C ASP A 108 37.58 -15.71 42.18
N LEU A 109 38.64 -15.46 41.42
CA LEU A 109 39.88 -16.21 41.58
C LEU A 109 41.05 -15.24 41.72
N THR A 110 42.13 -15.77 42.28
CA THR A 110 43.36 -15.00 42.46
C THR A 110 44.24 -15.17 41.22
N SER A 111 45.34 -14.42 41.19
CA SER A 111 46.24 -14.46 40.05
C SER A 111 46.75 -15.88 39.76
N GLU A 112 46.76 -16.78 40.74
CA GLU A 112 47.32 -18.13 40.55
C GLU A 112 46.27 -19.20 40.36
N GLN A 113 45.10 -19.04 41.00
CA GLN A 113 44.01 -19.99 40.80
C GLN A 113 43.50 -19.96 39.36
N ARG A 114 43.54 -18.78 38.73
CA ARG A 114 43.28 -18.69 37.30
C ARG A 114 44.12 -19.70 36.53
N GLN A 115 45.44 -19.57 36.59
CA GLN A 115 46.30 -20.50 35.86
C GLN A 115 46.05 -21.95 36.26
N ASP A 116 45.77 -22.19 37.54
CA ASP A 116 45.43 -23.55 37.96
C ASP A 116 44.22 -24.08 37.19
N ARG A 117 43.12 -23.32 37.18
CA ARG A 117 41.92 -23.78 36.48
C ARG A 117 42.18 -23.95 34.99
N ALA A 118 43.02 -23.09 34.42
CA ALA A 118 43.32 -23.17 32.99
C ALA A 118 44.02 -24.48 32.65
N ASN A 119 45.04 -24.85 33.43
CA ASN A 119 45.72 -26.12 33.19
C ASN A 119 44.80 -27.31 33.46
N GLU A 120 43.90 -27.20 34.45
CA GLU A 120 42.94 -28.27 34.69
C GLU A 120 42.05 -28.49 33.47
N LEU A 121 41.54 -27.40 32.88
CA LEU A 121 40.70 -27.51 31.67
C LEU A 121 41.48 -28.11 30.50
N MET A 122 42.72 -27.64 30.26
CA MET A 122 43.54 -28.23 29.19
C MET A 122 43.77 -29.72 29.38
N GLU A 123 44.02 -30.17 30.60
CA GLU A 123 44.17 -31.60 30.77
C GLU A 123 42.83 -32.30 30.60
N GLU A 124 41.75 -31.62 30.97
CA GLU A 124 40.43 -32.23 30.92
C GLU A 124 40.04 -32.56 29.49
N PHE A 125 40.21 -31.60 28.57
CA PHE A 125 39.73 -31.76 27.21
C PHE A 125 40.77 -32.35 26.26
N HIS A 126 41.78 -33.06 26.77
CA HIS A 126 42.79 -33.75 25.96
C HIS A 126 43.47 -32.83 24.94
N ILE A 127 43.34 -31.51 25.09
CA ILE A 127 43.98 -30.55 24.21
C ILE A 127 45.35 -30.12 24.74
N GLU A 128 45.96 -30.95 25.60
CA GLU A 128 47.28 -30.64 26.14
C GLU A 128 48.37 -30.63 25.08
N HIS A 129 48.16 -31.32 23.94
CA HIS A 129 49.18 -31.35 22.90
C HIS A 129 49.48 -29.95 22.37
N LEU A 130 48.42 -29.21 21.99
CA LEU A 130 48.54 -27.90 21.37
C LEU A 130 48.26 -26.81 22.40
N ARG A 131 49.31 -26.44 23.16
CA ARG A 131 49.24 -25.36 24.15
C ARG A 131 49.77 -24.03 23.66
N ASP A 132 50.79 -24.03 22.80
CA ASP A 132 51.35 -22.79 22.26
C ASP A 132 50.81 -22.45 20.87
N SER A 133 50.20 -23.40 20.18
CA SER A 133 49.68 -23.12 18.85
C SER A 133 48.62 -22.02 18.93
N LEU A 134 48.68 -21.06 18.01
CA LEU A 134 47.70 -20.00 17.93
C LEU A 134 46.36 -20.55 17.47
N GLY A 135 45.29 -19.76 17.66
CA GLY A 135 43.98 -20.15 17.19
C GLY A 135 43.85 -20.26 15.68
N GLN A 136 44.72 -19.57 14.94
CA GLN A 136 44.71 -19.60 13.48
C GLN A 136 45.27 -20.91 12.91
N ALA A 137 45.76 -21.83 13.75
CA ALA A 137 46.45 -23.01 13.24
C ALA A 137 45.84 -24.31 13.76
N LEU A 138 44.63 -24.27 14.29
CA LEU A 138 44.01 -25.48 14.82
C LEU A 138 43.16 -26.15 13.74
N SER A 139 42.80 -27.40 14.00
CA SER A 139 41.93 -28.15 13.12
C SER A 139 40.50 -28.02 13.64
N GLY A 140 39.61 -28.89 13.19
CA GLY A 140 38.22 -28.82 13.57
C GLY A 140 37.99 -29.21 15.02
N GLY A 141 38.19 -30.48 15.33
CA GLY A 141 37.91 -30.96 16.68
C GLY A 141 38.71 -30.23 17.73
N GLU A 142 39.98 -29.94 17.42
CA GLU A 142 40.83 -29.24 18.38
C GLU A 142 40.26 -27.86 18.71
N ARG A 143 39.90 -27.10 17.67
CA ARG A 143 39.31 -25.78 17.91
C ARG A 143 37.99 -25.89 18.65
N ARG A 144 37.18 -26.93 18.35
CA ARG A 144 35.92 -27.12 19.07
C ARG A 144 36.15 -27.33 20.56
N ARG A 145 37.07 -28.23 20.90
CA ARG A 145 37.39 -28.47 22.31
C ARG A 145 37.92 -27.20 22.97
N VAL A 146 38.82 -26.46 22.29
CA VAL A 146 39.31 -25.21 22.85
C VAL A 146 38.16 -24.24 23.12
N GLU A 147 37.18 -24.19 22.21
CA GLU A 147 36.09 -23.23 22.39
C GLU A 147 35.19 -23.63 23.55
N ILE A 148 35.01 -24.94 23.77
CA ILE A 148 34.20 -25.41 24.88
C ILE A 148 34.91 -25.15 26.21
N ALA A 149 36.22 -25.42 26.28
CA ALA A 149 37.00 -25.07 27.47
C ALA A 149 36.94 -23.58 27.77
N ARG A 150 37.19 -22.73 26.76
CA ARG A 150 37.09 -21.29 26.95
C ARG A 150 35.70 -20.89 27.46
N ALA A 151 34.63 -21.52 26.94
CA ALA A 151 33.29 -21.11 27.38
C ALA A 151 32.99 -21.60 28.79
N LEU A 152 33.57 -22.73 29.20
CA LEU A 152 33.50 -23.17 30.59
C LEU A 152 34.33 -22.30 31.53
N ALA A 153 35.44 -21.73 31.05
CA ALA A 153 36.32 -20.96 31.94
C ALA A 153 35.62 -19.74 32.55
N ALA A 154 34.47 -19.32 32.03
CA ALA A 154 33.80 -18.21 32.69
C ALA A 154 32.87 -18.68 33.81
N ASN A 155 32.78 -20.01 34.01
CA ASN A 155 32.05 -20.70 35.08
C ASN A 155 30.55 -20.59 34.80
N PRO A 156 30.04 -21.28 33.78
CA PRO A 156 28.64 -21.09 33.44
C PRO A 156 27.76 -22.18 34.05
N LYS A 157 26.59 -21.75 34.55
CA LYS A 157 25.63 -22.70 35.07
C LYS A 157 24.81 -23.36 33.96
N PHE A 158 24.71 -22.69 32.81
CA PHE A 158 23.96 -23.20 31.66
C PHE A 158 24.71 -22.87 30.39
N ILE A 159 24.95 -23.89 29.58
CA ILE A 159 25.64 -23.75 28.30
C ILE A 159 24.63 -23.85 27.19
N LEU A 160 24.60 -22.80 26.37
CA LEU A 160 23.65 -22.63 25.29
C LEU A 160 24.40 -22.89 23.99
N LEU A 161 24.11 -24.03 23.38
CA LEU A 161 24.73 -24.40 22.13
C LEU A 161 23.83 -23.96 20.98
N ASP A 162 24.35 -23.08 20.12
CA ASP A 162 23.66 -22.61 18.91
C ASP A 162 24.16 -23.47 17.75
N GLU A 163 23.33 -24.40 17.28
CA GLU A 163 23.61 -25.30 16.17
C GLU A 163 24.99 -25.96 16.30
N PRO A 164 25.18 -26.84 17.29
CA PRO A 164 26.48 -27.52 17.43
C PRO A 164 26.76 -28.56 16.36
N PHE A 165 25.74 -29.08 15.68
CA PHE A 165 25.91 -30.06 14.62
C PHE A 165 25.85 -29.35 13.27
N ALA A 166 26.85 -28.51 13.04
CA ALA A 166 26.88 -27.68 11.84
C ALA A 166 27.90 -28.28 10.89
N GLY A 167 27.45 -29.22 10.08
CA GLY A 167 28.28 -29.78 9.03
C GLY A 167 29.43 -30.60 9.55
N VAL A 168 29.12 -31.69 10.25
CA VAL A 168 30.13 -32.54 10.88
C VAL A 168 29.99 -33.94 10.31
N ASP A 169 31.13 -34.57 9.98
CA ASP A 169 31.14 -35.94 9.49
C ASP A 169 30.57 -36.90 10.54
N PRO A 170 30.00 -38.02 10.11
CA PRO A 170 29.46 -39.00 11.08
C PRO A 170 30.53 -39.63 11.99
N ILE A 171 31.81 -39.46 11.69
CA ILE A 171 32.86 -39.96 12.57
C ILE A 171 33.12 -39.00 13.74
N SER A 172 32.71 -37.75 13.62
CA SER A 172 32.94 -36.76 14.67
C SER A 172 31.68 -36.42 15.47
N VAL A 173 30.51 -36.88 15.03
CA VAL A 173 29.29 -36.65 15.81
C VAL A 173 29.29 -37.46 17.11
N ILE A 174 29.94 -38.63 17.09
CA ILE A 174 30.08 -39.39 18.33
C ILE A 174 31.00 -38.65 19.31
N ASP A 175 32.05 -37.99 18.81
CA ASP A 175 32.91 -37.19 19.68
C ASP A 175 32.14 -36.02 20.29
N ILE A 176 31.33 -35.34 19.48
CA ILE A 176 30.55 -34.21 20.00
C ILE A 176 29.48 -34.70 20.98
N LYS A 177 28.97 -35.92 20.77
CA LYS A 177 28.00 -36.46 21.72
C LYS A 177 28.69 -36.87 23.02
N ARG A 178 29.90 -37.44 22.94
CA ARG A 178 30.66 -37.69 24.16
C ARG A 178 30.91 -36.40 24.93
N ILE A 179 31.22 -35.30 24.22
CA ILE A 179 31.46 -34.04 24.91
C ILE A 179 30.18 -33.49 25.55
N ILE A 180 29.04 -33.65 24.87
CA ILE A 180 27.81 -33.10 25.46
C ILE A 180 27.32 -33.97 26.61
N GLU A 181 27.54 -35.29 26.53
CA GLU A 181 27.27 -36.17 27.65
C GLU A 181 28.20 -35.87 28.82
N HIS A 182 29.47 -35.55 28.53
CA HIS A 182 30.40 -35.19 29.59
C HIS A 182 30.00 -33.89 30.27
N LEU A 183 29.51 -32.93 29.50
CA LEU A 183 29.04 -31.69 30.10
C LEU A 183 27.77 -31.92 30.92
N ARG A 184 26.90 -32.83 30.46
CA ARG A 184 25.69 -33.11 31.23
C ARG A 184 26.02 -33.81 32.53
N ASP A 185 26.91 -34.81 32.48
CA ASP A 185 27.42 -35.54 33.63
C ASP A 185 28.27 -34.67 34.55
N SER A 186 28.74 -33.52 34.07
CA SER A 186 29.45 -32.55 34.89
C SER A 186 28.52 -31.50 35.50
N GLY A 187 27.25 -31.82 35.67
CA GLY A 187 26.32 -30.95 36.38
C GLY A 187 25.99 -29.65 35.68
N LEU A 188 25.94 -29.68 34.36
CA LEU A 188 25.64 -28.51 33.52
C LEU A 188 24.31 -28.69 32.84
N GLY A 189 23.59 -27.59 32.66
CA GLY A 189 22.42 -27.57 31.81
C GLY A 189 22.73 -27.08 30.41
N VAL A 190 22.60 -27.96 29.42
CA VAL A 190 22.91 -27.63 28.03
C VAL A 190 21.62 -27.50 27.23
N LEU A 191 21.49 -26.36 26.54
CA LEU A 191 20.33 -25.96 25.75
C LEU A 191 20.75 -25.95 24.29
N ILE A 192 20.39 -27.01 23.57
CA ILE A 192 20.85 -27.22 22.21
C ILE A 192 19.74 -26.84 21.24
N THR A 193 19.98 -25.83 20.42
CA THR A 193 19.13 -25.60 19.26
C THR A 193 19.86 -26.08 18.01
N ASP A 194 19.14 -26.71 17.10
CA ASP A 194 19.81 -27.30 15.95
C ASP A 194 18.80 -27.54 14.83
N HIS A 195 19.32 -27.78 13.62
CA HIS A 195 18.49 -28.21 12.50
C HIS A 195 18.48 -29.72 12.32
N ASN A 196 19.58 -30.39 12.63
CA ASN A 196 19.63 -31.84 12.55
C ASN A 196 18.76 -32.44 13.65
N VAL A 197 17.69 -33.12 13.27
CA VAL A 197 16.71 -33.59 14.25
C VAL A 197 17.11 -34.94 14.84
N ARG A 198 17.66 -35.83 14.04
CA ARG A 198 17.94 -37.20 14.49
C ARG A 198 18.94 -37.21 15.64
N GLU A 199 20.11 -36.60 15.42
CA GLU A 199 21.18 -36.61 16.42
C GLU A 199 20.84 -35.73 17.62
N THR A 200 20.04 -34.68 17.43
CA THR A 200 19.65 -33.85 18.58
C THR A 200 18.65 -34.57 19.47
N LEU A 201 17.63 -35.20 18.88
CA LEU A 201 16.69 -35.96 19.68
C LEU A 201 17.31 -37.25 20.24
N ALA A 202 18.42 -37.72 19.66
CA ALA A 202 19.05 -38.92 20.20
C ALA A 202 19.82 -38.67 21.50
N VAL A 203 20.22 -37.41 21.77
CA VAL A 203 20.97 -37.08 22.98
C VAL A 203 20.21 -36.16 23.94
N CYS A 204 19.14 -35.50 23.52
CA CYS A 204 18.39 -34.62 24.41
C CYS A 204 17.45 -35.45 25.28
N GLU A 205 17.62 -35.31 26.61
CA GLU A 205 16.67 -35.87 27.56
C GLU A 205 15.28 -35.28 27.38
N ARG A 206 15.18 -33.98 27.12
CA ARG A 206 13.89 -33.38 26.79
C ARG A 206 14.03 -32.49 25.56
N ALA A 207 12.88 -32.06 25.05
CA ALA A 207 12.87 -31.26 23.83
C ALA A 207 11.56 -30.47 23.75
N TYR A 208 11.71 -29.18 23.52
CA TYR A 208 10.60 -28.29 23.19
C TYR A 208 10.58 -28.08 21.68
N ILE A 209 9.43 -28.34 21.06
CA ILE A 209 9.28 -28.25 19.61
C ILE A 209 8.42 -27.03 19.31
N VAL A 210 9.04 -25.91 18.97
CA VAL A 210 8.28 -24.74 18.61
C VAL A 210 7.66 -24.94 17.22
N SER A 211 6.56 -24.24 16.95
CA SER A 211 5.96 -24.26 15.62
C SER A 211 5.12 -23.01 15.43
N GLN A 212 5.53 -22.18 14.47
CA GLN A 212 4.93 -20.87 14.24
C GLN A 212 5.10 -19.93 15.43
N GLY A 213 6.00 -20.31 16.35
CA GLY A 213 6.41 -19.48 17.48
C GLY A 213 5.34 -19.16 18.49
N ASN A 214 4.36 -20.06 18.59
CA ASN A 214 3.27 -19.85 19.52
C ASN A 214 2.90 -21.09 20.31
N LEU A 215 3.49 -22.24 20.02
CA LEU A 215 3.12 -23.46 20.74
C LEU A 215 4.31 -24.40 20.72
N ILE A 216 4.29 -25.34 21.65
CA ILE A 216 5.36 -26.30 21.81
C ILE A 216 4.75 -27.65 22.20
N ALA A 217 5.60 -28.68 22.22
CA ALA A 217 5.25 -30.02 22.68
C ALA A 217 6.51 -30.58 23.34
N HIS A 218 6.60 -30.43 24.67
CA HIS A 218 7.77 -30.84 25.46
C HIS A 218 7.63 -32.27 25.94
N GLY A 219 8.73 -33.02 25.91
CA GLY A 219 8.65 -34.40 26.32
C GLY A 219 9.89 -35.18 25.96
N THR A 220 9.87 -36.45 26.33
CA THR A 220 11.00 -37.33 26.05
C THR A 220 11.05 -37.60 24.54
N PRO A 221 12.20 -38.06 24.04
CA PRO A 221 12.28 -38.43 22.62
C PRO A 221 11.22 -39.44 22.22
N GLN A 222 10.97 -40.48 23.01
CA GLN A 222 9.90 -41.40 22.66
C GLN A 222 8.54 -40.73 22.76
N GLN A 223 8.37 -39.77 23.69
CA GLN A 223 7.09 -39.07 23.79
C GLN A 223 6.92 -38.06 22.66
N ILE A 224 8.01 -37.53 22.14
CA ILE A 224 7.94 -36.61 21.00
C ILE A 224 7.68 -37.37 19.70
N LEU A 225 8.41 -38.47 19.47
CA LEU A 225 8.23 -39.27 18.27
C LEU A 225 6.81 -39.80 18.15
N GLU A 226 6.15 -40.06 19.29
CA GLU A 226 4.80 -40.63 19.26
C GLU A 226 3.72 -39.58 19.04
N ASP A 227 4.00 -38.31 19.35
CA ASP A 227 2.99 -37.26 19.19
C ASP A 227 2.70 -37.04 17.70
N ASP A 228 1.42 -37.06 17.34
CA ASP A 228 1.03 -36.99 15.94
C ASP A 228 1.13 -35.58 15.38
N HIS A 229 0.93 -34.56 16.24
CA HIS A 229 1.03 -33.17 15.82
C HIS A 229 2.42 -32.85 15.24
N VAL A 230 3.46 -33.11 16.02
CA VAL A 230 4.80 -32.97 15.47
C VAL A 230 5.12 -34.09 14.49
N LYS A 231 4.34 -35.18 14.49
CA LYS A 231 4.55 -36.23 13.50
C LYS A 231 4.13 -35.75 12.12
N ARG A 232 3.19 -34.81 12.05
CA ARG A 232 2.73 -34.25 10.79
C ARG A 232 3.40 -32.92 10.46
N VAL A 233 3.37 -31.94 11.37
CA VAL A 233 3.84 -30.60 11.02
C VAL A 233 5.35 -30.57 10.90
N TYR A 234 6.03 -31.35 11.73
CA TYR A 234 7.47 -31.32 11.82
C TYR A 234 8.11 -32.56 11.20
N LEU A 235 7.44 -33.70 11.25
CA LEU A 235 8.07 -34.99 10.94
C LEU A 235 7.61 -35.53 9.59
N GLY A 236 6.34 -35.90 9.45
CA GLY A 236 5.83 -36.39 8.19
C GLY A 236 5.78 -37.90 8.12
N GLU A 237 4.57 -38.45 7.93
CA GLU A 237 4.33 -39.90 7.78
C GLU A 237 4.98 -40.59 8.98
N ASP A 238 5.69 -41.68 8.80
CA ASP A 238 6.35 -42.39 9.88
C ASP A 238 7.85 -42.14 9.80
N PHE A 239 8.44 -41.78 10.94
CA PHE A 239 9.86 -41.49 11.04
C PHE A 239 10.64 -42.72 11.44
N ARG A 240 11.89 -42.79 10.98
CA ARG A 240 12.81 -43.88 11.28
C ARG A 240 14.02 -43.29 11.99
N LEU A 241 14.11 -43.53 13.31
CA LEU A 241 15.24 -43.04 14.07
C LEU A 241 16.51 -43.83 13.71
N ALA B 2 23.09 -39.74 -22.44
CA ALA B 2 23.21 -41.18 -22.28
C ALA B 2 24.21 -41.59 -21.17
N THR B 3 25.50 -41.33 -21.39
CA THR B 3 26.54 -41.71 -20.44
C THR B 3 27.50 -40.55 -20.25
N LEU B 4 27.92 -40.32 -19.01
CA LEU B 4 28.88 -39.28 -18.66
C LEU B 4 30.06 -39.91 -17.95
N THR B 5 31.26 -39.67 -18.46
CA THR B 5 32.47 -40.28 -17.93
C THR B 5 33.50 -39.20 -17.66
N ALA B 6 34.14 -39.29 -16.50
CA ALA B 6 35.29 -38.48 -16.12
C ALA B 6 36.41 -39.44 -15.77
N LYS B 7 37.39 -39.55 -16.65
CA LYS B 7 38.46 -40.54 -16.51
C LYS B 7 39.71 -39.83 -16.01
N ASN B 8 40.33 -40.42 -14.99
CA ASN B 8 41.66 -39.99 -14.52
C ASN B 8 41.66 -38.51 -14.13
N LEU B 9 40.63 -38.10 -13.40
CA LEU B 9 40.48 -36.68 -13.08
C LEU B 9 41.31 -36.32 -11.86
N ALA B 10 42.03 -35.20 -11.93
CA ALA B 10 42.96 -34.82 -10.89
C ALA B 10 43.06 -33.30 -10.82
N LYS B 11 43.42 -32.80 -9.64
CA LYS B 11 43.52 -31.37 -9.37
C LYS B 11 44.19 -31.12 -8.02
N ALA B 12 44.84 -29.95 -7.92
CA ALA B 12 45.52 -29.50 -6.72
C ALA B 12 45.52 -27.97 -6.69
N TYR B 13 45.61 -27.43 -5.48
CA TYR B 13 45.49 -25.99 -5.19
C TYR B 13 46.74 -25.56 -4.43
N LYS B 14 47.58 -24.77 -5.10
CA LYS B 14 48.76 -24.10 -4.53
C LYS B 14 49.59 -25.03 -3.65
N GLY B 15 49.89 -26.20 -4.22
CA GLY B 15 50.82 -27.14 -3.62
C GLY B 15 50.22 -28.18 -2.70
N ARG B 16 48.91 -28.21 -2.57
CA ARG B 16 48.20 -29.23 -1.79
C ARG B 16 47.31 -30.02 -2.75
N ARG B 17 47.47 -31.35 -2.75
CA ARG B 17 46.74 -32.22 -3.68
C ARG B 17 45.33 -32.47 -3.17
N VAL B 18 44.35 -32.22 -4.04
CA VAL B 18 42.95 -32.37 -3.69
C VAL B 18 42.29 -33.54 -4.43
N VAL B 19 42.64 -33.73 -5.69
CA VAL B 19 42.06 -34.82 -6.45
C VAL B 19 43.23 -35.57 -7.08
N GLU B 20 43.24 -36.90 -6.95
CA GLU B 20 44.28 -37.78 -7.51
C GLU B 20 43.61 -39.01 -8.13
N ASP B 21 43.26 -38.88 -9.40
CA ASP B 21 42.75 -39.96 -10.24
C ASP B 21 41.38 -40.40 -9.75
N VAL B 22 40.38 -39.52 -9.92
CA VAL B 22 38.98 -39.87 -9.71
C VAL B 22 38.35 -40.14 -11.07
N SER B 23 37.92 -41.37 -11.25
CA SER B 23 37.26 -41.80 -12.47
C SER B 23 35.83 -42.15 -12.10
N LEU B 24 34.91 -41.35 -12.64
CA LEU B 24 33.48 -41.39 -12.32
C LEU B 24 32.69 -41.66 -13.58
N THR B 25 31.77 -42.62 -13.52
CA THR B 25 30.87 -42.90 -14.63
C THR B 25 29.43 -42.86 -14.14
N VAL B 26 28.54 -42.28 -14.96
CA VAL B 26 27.11 -42.24 -14.67
C VAL B 26 26.33 -42.47 -15.96
N ASN B 27 25.21 -43.18 -15.84
CA ASN B 27 24.30 -43.51 -16.93
C ASN B 27 23.00 -42.71 -16.75
N SER B 28 21.98 -43.03 -17.57
CA SER B 28 20.67 -42.37 -17.53
C SER B 28 19.67 -43.25 -16.79
N GLY B 29 18.71 -42.60 -16.12
CA GLY B 29 17.67 -43.32 -15.43
C GLY B 29 18.04 -43.85 -14.06
N GLU B 30 19.25 -43.58 -13.58
CA GLU B 30 19.71 -44.03 -12.27
C GLU B 30 20.13 -42.84 -11.41
N ILE B 31 20.14 -43.06 -10.10
CA ILE B 31 20.56 -42.05 -9.12
C ILE B 31 21.93 -42.45 -8.58
N VAL B 32 22.91 -41.58 -8.76
CA VAL B 32 24.27 -41.82 -8.32
C VAL B 32 24.62 -40.72 -7.33
N GLY B 33 25.05 -41.12 -6.13
CA GLY B 33 25.52 -40.20 -5.12
C GLY B 33 27.04 -40.16 -5.10
N LEU B 34 27.58 -38.99 -4.73
CA LEU B 34 29.03 -38.80 -4.58
C LEU B 34 29.31 -38.23 -3.19
N LEU B 35 29.64 -39.10 -2.23
CA LEU B 35 29.80 -38.74 -0.83
C LEU B 35 31.25 -38.88 -0.40
N GLY B 36 31.56 -38.26 0.75
CA GLY B 36 32.87 -38.35 1.33
C GLY B 36 33.03 -37.46 2.56
N PRO B 37 34.15 -37.65 3.27
CA PRO B 37 34.46 -36.78 4.40
C PRO B 37 34.87 -35.38 3.96
N ASN B 38 34.70 -34.42 4.86
CA ASN B 38 35.06 -33.04 4.57
C ASN B 38 36.54 -32.93 4.23
N GLY B 39 36.84 -32.27 3.13
CA GLY B 39 38.21 -32.13 2.68
C GLY B 39 38.75 -33.32 1.92
N ALA B 40 37.89 -34.25 1.49
CA ALA B 40 38.32 -35.39 0.68
C ALA B 40 38.52 -34.98 -0.78
N GLY B 41 37.49 -34.41 -1.39
CA GLY B 41 37.55 -33.95 -2.77
C GLY B 41 36.29 -34.24 -3.56
N LYS B 42 35.18 -34.48 -2.84
CA LYS B 42 33.91 -34.74 -3.49
C LYS B 42 33.40 -33.50 -4.21
N THR B 43 33.24 -32.40 -3.48
CA THR B 43 32.73 -31.17 -4.08
C THR B 43 33.70 -30.62 -5.13
N THR B 44 35.00 -30.79 -4.95
CA THR B 44 35.95 -30.30 -5.94
C THR B 44 35.76 -31.02 -7.28
N THR B 45 35.75 -32.35 -7.26
CA THR B 45 35.55 -33.07 -8.52
C THR B 45 34.15 -32.87 -9.09
N PHE B 46 33.14 -32.71 -8.22
CA PHE B 46 31.81 -32.35 -8.70
C PHE B 46 31.87 -31.06 -9.51
N TYR B 47 32.41 -29.99 -8.94
CA TYR B 47 32.48 -28.71 -9.66
C TYR B 47 33.35 -28.81 -10.89
N MET B 48 34.36 -29.67 -10.85
CA MET B 48 35.25 -29.83 -12.01
C MET B 48 34.54 -30.55 -13.15
N VAL B 49 33.60 -31.45 -12.81
CA VAL B 49 32.79 -32.11 -13.84
C VAL B 49 31.72 -31.17 -14.38
N VAL B 50 31.15 -30.34 -13.49
CA VAL B 50 30.17 -29.34 -13.93
C VAL B 50 30.78 -28.39 -14.94
N GLY B 51 31.99 -27.90 -14.65
CA GLY B 51 32.73 -27.01 -15.53
C GLY B 51 33.09 -25.67 -14.91
N ILE B 52 32.74 -25.42 -13.65
CA ILE B 52 33.07 -24.15 -13.00
C ILE B 52 34.56 -24.07 -12.73
N VAL B 53 35.18 -25.18 -12.37
CA VAL B 53 36.59 -25.24 -12.01
C VAL B 53 37.37 -25.73 -13.22
N PRO B 54 38.40 -25.01 -13.67
CA PRO B 54 39.20 -25.51 -14.80
C PRO B 54 40.01 -26.74 -14.38
N ARG B 55 39.90 -27.79 -15.17
CA ARG B 55 40.59 -29.03 -14.85
C ARG B 55 42.11 -28.85 -14.99
N ASP B 56 42.85 -29.70 -14.26
CA ASP B 56 44.30 -29.78 -14.41
C ASP B 56 44.77 -31.02 -15.14
N ALA B 57 44.17 -32.18 -14.84
CA ALA B 57 44.51 -33.42 -15.51
C ALA B 57 43.30 -34.34 -15.44
N GLY B 58 42.81 -34.76 -16.58
CA GLY B 58 41.65 -35.63 -16.64
C GLY B 58 40.80 -35.36 -17.86
N ASN B 59 40.06 -36.39 -18.26
CA ASN B 59 39.19 -36.31 -19.43
C ASN B 59 37.75 -36.35 -18.97
N ILE B 60 36.88 -35.59 -19.64
CA ILE B 60 35.44 -35.65 -19.40
C ILE B 60 34.76 -35.78 -20.75
N ILE B 61 33.91 -36.80 -20.88
CA ILE B 61 33.27 -37.11 -22.15
C ILE B 61 31.81 -37.44 -21.91
N ILE B 62 30.99 -37.22 -22.94
CA ILE B 62 29.60 -37.64 -22.99
C ILE B 62 29.37 -38.19 -24.39
N ASP B 63 29.12 -39.49 -24.50
CA ASP B 63 28.87 -40.16 -25.78
C ASP B 63 30.04 -39.97 -26.75
N ASP B 64 31.25 -40.22 -26.24
CA ASP B 64 32.48 -40.09 -27.00
C ASP B 64 32.62 -38.68 -27.59
N GLU B 65 32.42 -37.68 -26.73
CA GLU B 65 32.58 -36.27 -27.08
C GLU B 65 33.55 -35.64 -26.10
N ASP B 66 34.68 -35.12 -26.61
CA ASP B 66 35.67 -34.45 -25.76
C ASP B 66 35.07 -33.17 -25.18
N ILE B 67 34.74 -33.19 -23.89
CA ILE B 67 33.99 -32.12 -23.23
C ILE B 67 34.83 -31.47 -22.13
N SER B 68 36.13 -31.72 -22.13
CA SER B 68 36.96 -31.28 -21.01
C SER B 68 37.24 -29.78 -21.03
N LEU B 69 37.36 -29.16 -22.20
CA LEU B 69 37.90 -27.81 -22.24
C LEU B 69 36.85 -26.72 -22.48
N LEU B 70 35.59 -27.09 -22.69
CA LEU B 70 34.61 -26.07 -23.06
C LEU B 70 33.95 -25.44 -21.81
N PRO B 71 33.45 -24.21 -21.94
CA PRO B 71 32.93 -23.49 -20.76
C PRO B 71 31.68 -24.16 -20.20
N LEU B 72 31.17 -23.59 -19.10
CA LEU B 72 29.98 -24.11 -18.45
C LEU B 72 28.74 -23.98 -19.34
N HIS B 73 28.55 -22.83 -19.98
CA HIS B 73 27.42 -22.67 -20.90
C HIS B 73 27.48 -23.70 -22.02
N ALA B 74 28.69 -23.99 -22.53
CA ALA B 74 28.79 -24.99 -23.58
C ALA B 74 28.55 -26.41 -23.06
N ARG B 75 28.93 -26.72 -21.81
CA ARG B 75 28.55 -28.01 -21.24
C ARG B 75 27.03 -28.12 -21.10
N ALA B 76 26.38 -27.02 -20.73
CA ALA B 76 24.92 -27.00 -20.59
C ALA B 76 24.24 -27.16 -21.95
N ARG B 77 24.83 -26.60 -23.00
CA ARG B 77 24.25 -26.77 -24.32
C ARG B 77 24.46 -28.19 -24.86
N ARG B 78 25.44 -28.94 -24.33
CA ARG B 78 25.66 -30.34 -24.69
C ARG B 78 24.97 -31.31 -23.73
N GLY B 79 24.09 -30.79 -22.86
CA GLY B 79 23.15 -31.61 -22.13
C GLY B 79 23.52 -31.85 -20.68
N ILE B 80 23.88 -30.79 -19.96
CA ILE B 80 24.29 -30.87 -18.56
C ILE B 80 23.54 -29.79 -17.80
N GLY B 81 22.87 -30.18 -16.72
CA GLY B 81 22.19 -29.25 -15.86
C GLY B 81 22.83 -29.24 -14.48
N TYR B 82 22.85 -28.07 -13.86
CA TYR B 82 23.45 -27.92 -12.54
C TYR B 82 22.50 -27.13 -11.66
N LEU B 83 22.27 -27.63 -10.45
CA LEU B 83 21.44 -26.94 -9.46
C LEU B 83 22.31 -26.59 -8.26
N PRO B 84 22.63 -25.31 -8.08
CA PRO B 84 23.46 -24.91 -6.93
C PRO B 84 22.75 -25.09 -5.60
N GLN B 85 23.43 -24.74 -4.51
CA GLN B 85 22.90 -24.94 -3.17
C GLN B 85 22.08 -23.75 -2.68
N GLU B 86 22.44 -22.53 -3.06
CA GLU B 86 21.66 -21.39 -2.62
C GLU B 86 20.43 -21.21 -3.52
N ALA B 87 19.70 -20.12 -3.28
CA ALA B 87 18.51 -19.80 -4.06
C ALA B 87 18.96 -19.19 -5.39
N SER B 88 18.84 -19.98 -6.45
CA SER B 88 19.17 -19.59 -7.81
C SER B 88 17.99 -19.00 -8.57
N ILE B 89 16.77 -19.03 -8.02
CA ILE B 89 15.62 -18.46 -8.70
C ILE B 89 15.79 -16.95 -8.87
N PHE B 90 15.25 -16.40 -9.95
CA PHE B 90 15.31 -14.96 -10.17
C PHE B 90 14.23 -14.27 -9.35
N ARG B 91 14.63 -13.28 -8.54
CA ARG B 91 13.71 -12.74 -7.55
C ARG B 91 12.72 -11.76 -8.17
N ARG B 92 13.20 -10.83 -8.97
CA ARG B 92 12.32 -9.80 -9.50
C ARG B 92 11.71 -10.19 -10.85
N LEU B 93 11.50 -11.49 -11.09
CA LEU B 93 10.76 -12.01 -12.24
C LEU B 93 9.68 -13.00 -11.81
N SER B 94 8.60 -13.04 -12.58
CA SER B 94 7.56 -14.05 -12.36
C SER B 94 8.14 -15.45 -12.58
N VAL B 95 7.38 -16.45 -12.13
CA VAL B 95 7.74 -17.85 -12.39
C VAL B 95 7.61 -18.16 -13.88
N PHE B 96 6.58 -17.60 -14.50
CA PHE B 96 6.42 -17.74 -15.93
C PHE B 96 7.55 -17.06 -16.69
N ASP B 97 7.96 -15.86 -16.26
CA ASP B 97 9.13 -15.18 -16.83
C ASP B 97 10.40 -15.99 -16.63
N ASN B 98 10.54 -16.65 -15.48
CA ASN B 98 11.69 -17.54 -15.27
C ASN B 98 11.74 -18.64 -16.34
N LEU B 99 10.67 -19.44 -16.42
CA LEU B 99 10.56 -20.49 -17.44
C LEU B 99 10.74 -19.94 -18.86
N MET B 100 10.06 -18.85 -19.21
CA MET B 100 10.17 -18.32 -20.57
C MET B 100 11.57 -17.81 -20.87
N ALA B 101 12.22 -17.18 -19.89
CA ALA B 101 13.55 -16.66 -20.13
C ALA B 101 14.56 -17.79 -20.32
N VAL B 102 14.33 -18.94 -19.69
CA VAL B 102 15.25 -20.03 -19.97
C VAL B 102 14.87 -20.74 -21.28
N LEU B 103 13.58 -20.87 -21.59
CA LEU B 103 13.18 -21.52 -22.84
C LEU B 103 13.66 -20.77 -24.07
N GLN B 104 13.65 -19.44 -24.03
CA GLN B 104 13.90 -18.70 -25.25
C GLN B 104 15.38 -18.65 -25.64
N ILE B 105 16.21 -19.57 -25.13
CA ILE B 105 17.62 -19.62 -25.47
C ILE B 105 17.90 -20.70 -26.51
N ARG B 106 17.21 -21.84 -26.39
CA ARG B 106 17.38 -22.94 -27.32
C ARG B 106 16.69 -22.63 -28.65
N ASP B 107 17.40 -22.86 -29.75
CA ASP B 107 16.90 -22.56 -31.08
C ASP B 107 16.13 -23.71 -31.71
N ASP B 108 15.98 -24.83 -31.00
CA ASP B 108 15.24 -25.96 -31.54
C ASP B 108 13.75 -25.93 -31.18
N LEU B 109 13.27 -24.80 -30.65
CA LEU B 109 11.85 -24.59 -30.37
C LEU B 109 11.37 -23.30 -31.02
N THR B 110 10.10 -23.29 -31.39
CA THR B 110 9.44 -22.14 -31.99
C THR B 110 8.84 -21.26 -30.90
N SER B 111 8.35 -20.09 -31.29
CA SER B 111 7.79 -19.15 -30.33
C SER B 111 6.57 -19.73 -29.60
N GLU B 112 5.86 -20.68 -30.20
CA GLU B 112 4.69 -21.25 -29.55
C GLU B 112 5.01 -22.47 -28.72
N GLN B 113 5.99 -23.27 -29.15
CA GLN B 113 6.43 -24.39 -28.35
C GLN B 113 7.01 -23.95 -27.00
N ARG B 114 7.60 -22.77 -26.95
CA ARG B 114 8.05 -22.24 -25.66
C ARG B 114 6.89 -22.06 -24.70
N GLN B 115 5.81 -21.40 -25.14
CA GLN B 115 4.66 -21.26 -24.25
C GLN B 115 4.10 -22.63 -23.85
N ASP B 116 4.09 -23.57 -24.79
CA ASP B 116 3.56 -24.89 -24.45
C ASP B 116 4.41 -25.57 -23.39
N ARG B 117 5.74 -25.49 -23.53
CA ARG B 117 6.64 -26.12 -22.57
C ARG B 117 6.56 -25.45 -21.21
N ALA B 118 6.46 -24.11 -21.17
CA ALA B 118 6.21 -23.39 -19.92
C ALA B 118 4.93 -23.87 -19.23
N ASN B 119 3.81 -23.90 -19.95
CA ASN B 119 2.57 -24.34 -19.31
C ASN B 119 2.65 -25.80 -18.86
N GLU B 120 3.23 -26.68 -19.70
CA GLU B 120 3.35 -28.08 -19.30
C GLU B 120 4.17 -28.22 -18.03
N LEU B 121 5.32 -27.54 -17.97
CA LEU B 121 6.14 -27.61 -16.77
C LEU B 121 5.35 -27.14 -15.56
N MET B 122 4.77 -25.93 -15.64
CA MET B 122 4.01 -25.42 -14.51
C MET B 122 2.95 -26.41 -14.03
N GLU B 123 2.31 -27.14 -14.96
CA GLU B 123 1.36 -28.15 -14.53
C GLU B 123 2.06 -29.34 -13.89
N GLU B 124 3.28 -29.64 -14.33
CA GLU B 124 4.00 -30.82 -13.87
C GLU B 124 4.44 -30.67 -12.43
N PHE B 125 4.75 -29.43 -12.02
CA PHE B 125 5.30 -29.13 -10.70
C PHE B 125 4.36 -28.28 -9.88
N HIS B 126 3.06 -28.30 -10.17
CA HIS B 126 2.06 -27.62 -9.34
C HIS B 126 2.43 -26.16 -9.11
N ILE B 127 2.69 -25.45 -10.21
CA ILE B 127 3.01 -24.02 -10.16
C ILE B 127 1.98 -23.17 -10.88
N GLU B 128 0.94 -23.79 -11.45
CA GLU B 128 -0.06 -23.03 -12.20
C GLU B 128 -0.60 -21.85 -11.38
N HIS B 129 -0.63 -21.97 -10.04
CA HIS B 129 -1.18 -20.96 -9.14
C HIS B 129 -0.15 -19.92 -8.70
N LEU B 130 1.05 -19.95 -9.28
CA LEU B 130 2.10 -18.99 -8.98
C LEU B 130 2.68 -18.42 -10.26
N ARG B 131 1.85 -18.23 -11.29
CA ARG B 131 2.37 -17.76 -12.57
C ARG B 131 2.95 -16.37 -12.46
N ASP B 132 2.15 -15.38 -12.07
CA ASP B 132 2.61 -13.99 -12.03
C ASP B 132 3.30 -13.60 -10.74
N SER B 133 3.43 -14.52 -9.79
CA SER B 133 4.07 -14.23 -8.52
C SER B 133 5.57 -14.07 -8.74
N LEU B 134 6.13 -12.94 -8.30
CA LEU B 134 7.58 -12.76 -8.37
C LEU B 134 8.29 -13.84 -7.57
N GLY B 135 9.50 -14.17 -7.99
CA GLY B 135 10.25 -15.25 -7.36
C GLY B 135 10.73 -14.95 -5.96
N GLN B 136 10.84 -13.68 -5.61
CA GLN B 136 11.22 -13.29 -4.25
C GLN B 136 10.11 -13.49 -3.23
N ALA B 137 8.96 -14.07 -3.58
CA ALA B 137 7.90 -14.26 -2.59
C ALA B 137 7.38 -15.68 -2.56
N LEU B 138 8.27 -16.66 -2.72
CA LEU B 138 7.90 -18.07 -2.70
C LEU B 138 8.41 -18.74 -1.43
N SER B 139 7.86 -19.92 -1.15
CA SER B 139 8.25 -20.71 0.00
C SER B 139 9.48 -21.55 -0.32
N GLY B 140 9.72 -22.61 0.44
CA GLY B 140 10.88 -23.43 0.15
C GLY B 140 10.56 -24.42 -0.95
N GLY B 141 9.53 -25.24 -0.73
CA GLY B 141 9.14 -26.23 -1.71
C GLY B 141 8.72 -25.63 -3.03
N GLU B 142 8.02 -24.49 -2.98
CA GLU B 142 7.63 -23.78 -4.20
C GLU B 142 8.86 -23.33 -4.99
N ARG B 143 9.76 -22.55 -4.36
CA ARG B 143 11.01 -22.11 -5.00
C ARG B 143 11.83 -23.29 -5.52
N ARG B 144 11.92 -24.38 -4.75
CA ARG B 144 12.66 -25.56 -5.23
C ARG B 144 12.02 -26.09 -6.51
N ARG B 145 10.70 -26.20 -6.53
CA ARG B 145 10.01 -26.71 -7.71
C ARG B 145 10.22 -25.79 -8.91
N VAL B 146 10.07 -24.48 -8.69
CA VAL B 146 10.29 -23.51 -9.76
C VAL B 146 11.70 -23.66 -10.33
N GLU B 147 12.71 -23.77 -9.45
CA GLU B 147 14.10 -23.85 -9.92
C GLU B 147 14.35 -25.13 -10.70
N ILE B 148 13.76 -26.25 -10.27
CA ILE B 148 14.00 -27.47 -11.02
C ILE B 148 13.22 -27.48 -12.33
N ALA B 149 12.03 -26.89 -12.37
CA ALA B 149 11.33 -26.81 -13.64
C ALA B 149 12.09 -25.91 -14.60
N ARG B 150 12.67 -24.81 -14.09
CA ARG B 150 13.47 -23.94 -14.94
C ARG B 150 14.70 -24.65 -15.46
N ALA B 151 15.23 -25.60 -14.68
CA ALA B 151 16.39 -26.35 -15.15
C ALA B 151 15.98 -27.38 -16.20
N LEU B 152 14.80 -27.97 -16.02
CA LEU B 152 14.24 -28.88 -17.02
C LEU B 152 13.81 -28.16 -18.30
N ALA B 153 13.54 -26.85 -18.25
CA ALA B 153 13.16 -26.14 -19.47
C ALA B 153 14.30 -26.08 -20.48
N ALA B 154 15.55 -26.29 -20.08
CA ALA B 154 16.65 -26.27 -21.03
C ALA B 154 16.94 -27.63 -21.63
N ASN B 155 16.12 -28.64 -21.31
CA ASN B 155 16.22 -30.03 -21.76
C ASN B 155 17.60 -30.62 -21.49
N PRO B 156 17.92 -31.02 -20.26
CA PRO B 156 19.25 -31.54 -20.00
C PRO B 156 19.28 -33.06 -20.04
N LYS B 157 20.45 -33.65 -20.35
CA LYS B 157 20.60 -35.11 -20.32
C LYS B 157 20.88 -35.62 -18.91
N PHE B 158 21.74 -34.93 -18.16
CA PHE B 158 22.00 -35.25 -16.76
C PHE B 158 21.74 -34.01 -15.91
N ILE B 159 21.41 -34.25 -14.64
CA ILE B 159 21.18 -33.19 -13.67
C ILE B 159 22.10 -33.42 -12.49
N LEU B 160 22.81 -32.38 -12.09
CA LEU B 160 23.76 -32.46 -11.00
C LEU B 160 23.24 -31.58 -9.87
N LEU B 161 22.83 -32.18 -8.78
CA LEU B 161 22.35 -31.45 -7.63
C LEU B 161 23.49 -31.26 -6.63
N ASP B 162 23.67 -30.01 -6.17
CA ASP B 162 24.65 -29.66 -5.14
C ASP B 162 23.89 -29.28 -3.87
N GLU B 163 24.02 -30.13 -2.85
CA GLU B 163 23.44 -29.92 -1.52
C GLU B 163 21.93 -29.72 -1.60
N PRO B 164 21.17 -30.72 -2.06
CA PRO B 164 19.71 -30.54 -2.11
C PRO B 164 19.06 -30.52 -0.74
N PHE B 165 19.62 -31.24 0.23
CA PHE B 165 19.06 -31.33 1.58
C PHE B 165 19.80 -30.36 2.49
N ALA B 166 19.64 -29.08 2.18
CA ALA B 166 20.35 -28.01 2.86
C ALA B 166 19.41 -27.44 3.91
N GLY B 167 19.59 -27.89 5.16
CA GLY B 167 18.82 -27.39 6.27
C GLY B 167 17.34 -27.59 6.10
N VAL B 168 16.96 -28.81 5.76
CA VAL B 168 15.59 -29.13 5.39
C VAL B 168 14.99 -30.04 6.45
N ASP B 169 13.79 -29.68 6.93
CA ASP B 169 13.08 -30.55 7.86
C ASP B 169 12.54 -31.72 7.06
N PRO B 170 12.24 -32.84 7.72
CA PRO B 170 11.80 -34.05 7.00
C PRO B 170 10.50 -33.90 6.21
N ILE B 171 9.57 -33.03 6.63
CA ILE B 171 8.34 -32.84 5.86
C ILE B 171 8.64 -32.31 4.45
N SER B 172 9.75 -31.58 4.29
CA SER B 172 10.21 -31.16 2.98
C SER B 172 11.24 -32.11 2.39
N VAL B 173 11.95 -32.87 3.22
CA VAL B 173 12.82 -33.91 2.68
C VAL B 173 12.01 -34.95 1.91
N ILE B 174 10.79 -35.27 2.38
CA ILE B 174 10.01 -36.26 1.63
C ILE B 174 9.54 -35.66 0.31
N ASP B 175 9.50 -34.31 0.23
CA ASP B 175 9.13 -33.68 -1.03
C ASP B 175 10.31 -33.67 -2.00
N ILE B 176 11.52 -33.43 -1.49
CA ILE B 176 12.68 -33.51 -2.39
C ILE B 176 12.88 -34.93 -2.86
N LYS B 177 12.69 -35.93 -1.99
CA LYS B 177 12.67 -37.33 -2.39
C LYS B 177 11.67 -37.59 -3.52
N ARG B 178 10.39 -37.23 -3.33
CA ARG B 178 9.42 -37.20 -4.41
C ARG B 178 10.00 -36.57 -5.68
N ILE B 179 10.60 -35.39 -5.56
CA ILE B 179 11.14 -34.68 -6.73
C ILE B 179 12.22 -35.52 -7.41
N ILE B 180 13.18 -36.04 -6.64
CA ILE B 180 14.26 -36.83 -7.23
C ILE B 180 13.70 -38.10 -7.87
N GLU B 181 12.75 -38.74 -7.20
CA GLU B 181 12.21 -39.98 -7.75
C GLU B 181 11.52 -39.67 -9.06
N HIS B 182 10.84 -38.51 -9.14
CA HIS B 182 10.18 -38.15 -10.38
C HIS B 182 11.20 -37.84 -11.47
N LEU B 183 12.34 -37.24 -11.10
CA LEU B 183 13.38 -36.91 -12.07
C LEU B 183 14.10 -38.15 -12.56
N ARG B 184 14.19 -39.18 -11.71
CA ARG B 184 14.82 -40.43 -12.14
C ARG B 184 13.90 -41.20 -13.06
N ASP B 185 12.61 -41.25 -12.72
CA ASP B 185 11.59 -41.91 -13.54
C ASP B 185 11.34 -41.21 -14.85
N SER B 186 11.79 -39.96 -15.01
CA SER B 186 11.69 -39.22 -16.26
C SER B 186 12.84 -39.50 -17.22
N GLY B 187 13.65 -40.53 -16.95
CA GLY B 187 14.74 -40.90 -17.82
C GLY B 187 15.95 -40.00 -17.75
N LEU B 188 16.25 -39.44 -16.57
CA LEU B 188 17.38 -38.56 -16.39
C LEU B 188 18.31 -39.09 -15.31
N GLY B 189 19.58 -38.82 -15.45
CA GLY B 189 20.60 -39.24 -14.51
C GLY B 189 20.93 -38.11 -13.56
N VAL B 190 20.59 -38.31 -12.29
CA VAL B 190 20.79 -37.31 -11.26
C VAL B 190 22.01 -37.68 -10.44
N LEU B 191 22.89 -36.70 -10.19
CA LEU B 191 24.10 -36.85 -9.40
C LEU B 191 23.98 -36.00 -8.13
N ILE B 192 23.82 -36.65 -6.98
CA ILE B 192 23.61 -35.98 -5.70
C ILE B 192 24.97 -35.71 -5.05
N THR B 193 25.15 -34.51 -4.52
CA THR B 193 26.29 -34.25 -3.64
C THR B 193 25.79 -33.51 -2.43
N ASP B 194 25.81 -34.17 -1.28
CA ASP B 194 25.21 -33.59 -0.08
C ASP B 194 25.93 -34.17 1.13
N HIS B 195 25.57 -33.67 2.32
CA HIS B 195 26.04 -34.23 3.58
C HIS B 195 24.99 -35.07 4.28
N ASN B 196 23.70 -34.91 3.96
CA ASN B 196 22.65 -35.68 4.62
C ASN B 196 22.70 -37.10 4.05
N VAL B 197 23.66 -37.89 4.56
CA VAL B 197 23.95 -39.21 4.00
C VAL B 197 22.80 -40.19 4.22
N ARG B 198 22.03 -40.02 5.31
CA ARG B 198 20.94 -40.94 5.58
C ARG B 198 19.93 -40.93 4.44
N GLU B 199 19.28 -39.79 4.21
CA GLU B 199 18.29 -39.69 3.15
C GLU B 199 18.94 -39.86 1.78
N THR B 200 20.19 -39.43 1.62
CA THR B 200 20.90 -39.63 0.36
C THR B 200 20.97 -41.10 -0.03
N LEU B 201 21.60 -41.93 0.83
CA LEU B 201 21.68 -43.36 0.54
C LEU B 201 20.30 -44.02 0.51
N ALA B 202 19.34 -43.49 1.29
CA ALA B 202 17.98 -44.02 1.21
C ALA B 202 17.38 -43.79 -0.17
N VAL B 203 17.77 -42.73 -0.86
CA VAL B 203 17.23 -42.42 -2.18
C VAL B 203 18.20 -42.82 -3.29
N CYS B 204 19.48 -42.56 -3.10
CA CYS B 204 20.48 -42.96 -4.08
C CYS B 204 20.51 -44.47 -4.23
N GLU B 205 20.83 -44.93 -5.44
CA GLU B 205 21.00 -46.34 -5.75
C GLU B 205 22.42 -46.77 -6.06
N ARG B 206 23.29 -45.84 -6.46
CA ARG B 206 24.69 -46.20 -6.67
C ARG B 206 25.55 -45.10 -6.05
N ALA B 207 26.31 -45.44 -5.02
CA ALA B 207 27.09 -44.47 -4.25
C ALA B 207 28.59 -44.63 -4.48
N TYR B 208 29.26 -43.49 -4.69
CA TYR B 208 30.72 -43.39 -4.77
C TYR B 208 31.24 -42.65 -3.56
N ILE B 209 32.40 -43.09 -3.05
CA ILE B 209 33.01 -42.52 -1.86
C ILE B 209 34.43 -42.10 -2.22
N VAL B 210 34.80 -40.88 -1.84
CA VAL B 210 36.14 -40.38 -2.14
C VAL B 210 36.82 -39.97 -0.84
N SER B 211 38.13 -40.16 -0.79
CA SER B 211 38.93 -39.75 0.36
C SER B 211 40.32 -39.35 -0.12
N GLN B 212 40.78 -38.17 0.31
CA GLN B 212 42.10 -37.63 -0.06
C GLN B 212 42.30 -37.69 -1.58
N GLY B 213 41.24 -37.37 -2.32
CA GLY B 213 41.30 -37.42 -3.77
C GLY B 213 41.43 -38.82 -4.32
N ASN B 214 40.86 -39.81 -3.66
CA ASN B 214 40.92 -41.19 -4.13
C ASN B 214 39.59 -41.88 -3.90
N LEU B 215 39.06 -42.52 -4.94
CA LEU B 215 37.80 -43.26 -4.83
C LEU B 215 37.99 -44.52 -4.00
N ILE B 216 37.19 -44.65 -2.95
CA ILE B 216 37.31 -45.76 -2.01
C ILE B 216 36.60 -46.99 -2.56
N ALA B 217 35.26 -46.96 -2.58
CA ALA B 217 34.50 -48.13 -3.01
C ALA B 217 33.23 -47.68 -3.72
N HIS B 218 32.73 -48.55 -4.61
CA HIS B 218 31.54 -48.25 -5.39
C HIS B 218 30.56 -49.41 -5.29
N GLY B 219 29.28 -49.09 -5.29
CA GLY B 219 28.25 -50.11 -5.28
C GLY B 219 26.98 -49.59 -4.63
N THR B 220 26.04 -50.52 -4.44
CA THR B 220 24.78 -50.17 -3.81
C THR B 220 25.00 -49.75 -2.36
N PRO B 221 24.12 -48.91 -1.82
CA PRO B 221 24.22 -48.52 -0.39
C PRO B 221 24.26 -49.71 0.58
N GLN B 222 23.54 -50.80 0.29
CA GLN B 222 23.64 -51.98 1.14
C GLN B 222 25.06 -52.54 1.14
N GLN B 223 25.73 -52.52 -0.01
CA GLN B 223 27.12 -52.97 -0.08
C GLN B 223 28.08 -51.93 0.48
N ILE B 224 27.73 -50.64 0.38
CA ILE B 224 28.61 -49.59 0.88
C ILE B 224 28.62 -49.57 2.41
N LEU B 225 27.44 -49.68 3.02
CA LEU B 225 27.33 -49.67 4.48
C LEU B 225 27.98 -50.91 5.11
N GLU B 226 28.12 -52.00 4.36
CA GLU B 226 28.77 -53.22 4.83
C GLU B 226 30.29 -53.20 4.69
N ASP B 227 30.82 -52.37 3.79
CA ASP B 227 32.26 -52.27 3.60
C ASP B 227 32.93 -51.75 4.88
N ASP B 228 33.91 -52.51 5.39
CA ASP B 228 34.56 -52.13 6.64
C ASP B 228 35.46 -50.91 6.45
N HIS B 229 36.02 -50.70 5.26
CA HIS B 229 36.91 -49.56 5.07
C HIS B 229 36.16 -48.24 5.12
N VAL B 230 35.00 -48.16 4.46
CA VAL B 230 34.16 -46.98 4.53
C VAL B 230 33.66 -46.78 5.97
N LYS B 231 33.35 -47.87 6.67
CA LYS B 231 32.89 -47.75 8.05
C LYS B 231 33.99 -47.21 8.95
N ARG B 232 35.24 -47.52 8.66
CA ARG B 232 36.36 -47.08 9.48
C ARG B 232 36.90 -45.70 9.07
N VAL B 233 36.62 -45.25 7.85
CA VAL B 233 37.20 -44.02 7.33
C VAL B 233 36.24 -42.84 7.43
N TYR B 234 34.93 -43.07 7.30
CA TYR B 234 34.00 -41.95 7.18
C TYR B 234 32.81 -42.04 8.14
N LEU B 235 31.98 -43.08 7.99
CA LEU B 235 30.73 -43.19 8.75
C LEU B 235 30.97 -43.62 10.20
N GLY B 236 31.30 -44.89 10.40
CA GLY B 236 31.34 -45.49 11.72
C GLY B 236 30.57 -46.80 11.74
N GLU B 237 30.62 -47.46 12.89
CA GLU B 237 29.99 -48.77 13.05
C GLU B 237 28.55 -48.70 13.55
N ASP B 238 28.06 -47.51 13.89
CA ASP B 238 26.72 -47.32 14.46
C ASP B 238 25.83 -46.46 13.58
N PHE B 239 26.01 -46.55 12.27
CA PHE B 239 25.23 -45.76 11.31
C PHE B 239 24.14 -46.63 10.70
N ARG B 240 22.95 -46.04 10.53
CA ARG B 240 21.82 -46.73 9.92
C ARG B 240 20.97 -45.70 9.19
N LEU B 241 19.82 -46.14 8.68
CA LEU B 241 18.90 -45.23 7.98
C LEU B 241 17.71 -44.84 8.86
N MET C 1 42.00 -16.12 -8.53
CA MET C 1 41.90 -14.71 -8.88
C MET C 1 42.50 -13.92 -7.73
N SER C 2 43.46 -14.57 -7.01
CA SER C 2 44.24 -14.01 -5.90
C SER C 2 45.72 -13.80 -6.17
N LYS C 3 46.28 -14.64 -7.00
CA LYS C 3 47.73 -14.78 -7.08
C LYS C 3 48.28 -13.68 -7.97
N THR C 4 47.95 -13.78 -9.26
CA THR C 4 48.52 -12.79 -10.17
C THR C 4 47.86 -11.44 -9.99
N ARG C 5 46.62 -11.41 -9.46
CA ARG C 5 45.90 -10.15 -9.31
C ARG C 5 46.67 -9.21 -8.39
N ARG C 6 47.41 -9.76 -7.42
CA ARG C 6 48.20 -8.94 -6.49
C ARG C 6 49.15 -8.05 -7.28
N TRP C 7 49.83 -8.62 -8.28
CA TRP C 7 50.69 -7.82 -9.14
C TRP C 7 49.88 -6.89 -10.04
N VAL C 8 48.66 -7.27 -10.39
CA VAL C 8 47.87 -6.44 -11.30
C VAL C 8 47.42 -5.17 -10.59
N ILE C 9 46.90 -5.30 -9.37
CA ILE C 9 46.55 -4.16 -8.53
C ILE C 9 47.77 -3.34 -8.20
N ILE C 10 48.91 -4.00 -7.94
CA ILE C 10 50.14 -3.26 -7.73
C ILE C 10 50.44 -2.34 -8.91
N LEU C 11 50.54 -2.92 -10.12
CA LEU C 11 50.89 -2.13 -11.31
C LEU C 11 49.85 -1.05 -11.60
N LEU C 12 48.55 -1.37 -11.49
CA LEU C 12 47.52 -0.38 -11.76
C LEU C 12 47.57 0.77 -10.75
N SER C 13 47.76 0.47 -9.47
CA SER C 13 47.85 1.56 -8.50
C SER C 13 49.10 2.39 -8.75
N LEU C 14 50.19 1.74 -9.16
CA LEU C 14 51.41 2.46 -9.47
C LEU C 14 51.18 3.43 -10.63
N VAL C 15 50.55 2.96 -11.71
CA VAL C 15 50.27 3.83 -12.86
C VAL C 15 49.35 4.97 -12.46
N ALA C 16 48.25 4.67 -11.75
CA ALA C 16 47.37 5.75 -11.31
C ALA C 16 48.15 6.80 -10.53
N LEU C 17 49.06 6.36 -9.66
CA LEU C 17 49.77 7.28 -8.76
C LEU C 17 50.78 8.14 -9.51
N ILE C 18 51.53 7.53 -10.41
CA ILE C 18 52.44 8.32 -11.23
C ILE C 18 51.66 9.27 -12.14
N LEU C 19 50.46 8.87 -12.60
CA LEU C 19 49.65 9.75 -13.45
C LEU C 19 49.13 10.95 -12.67
N ILE C 20 48.65 10.73 -11.44
CA ILE C 20 48.25 11.82 -10.56
C ILE C 20 49.42 12.74 -10.30
N GLY C 21 50.63 12.17 -10.20
CA GLY C 21 51.79 12.99 -9.90
C GLY C 21 52.26 13.82 -11.07
N VAL C 22 52.18 13.26 -12.28
CA VAL C 22 52.54 14.01 -13.49
C VAL C 22 51.48 15.09 -13.77
N ASN C 23 50.20 14.71 -13.72
CA ASN C 23 49.12 15.67 -14.00
C ASN C 23 49.13 16.83 -13.00
N LEU C 24 49.60 16.62 -11.77
CA LEU C 24 49.68 17.71 -10.78
C LEU C 24 50.68 18.79 -11.19
N ASP C 39 46.12 50.96 -22.32
CA ASP C 39 46.24 49.95 -21.27
C ASP C 39 47.53 50.17 -20.47
N PRO C 40 47.51 51.12 -19.53
CA PRO C 40 48.71 51.43 -18.74
C PRO C 40 48.88 50.48 -17.56
N THR C 41 50.12 50.41 -17.07
CA THR C 41 50.41 49.66 -15.85
C THR C 41 50.56 50.56 -14.63
N TYR C 42 50.44 51.87 -14.78
CA TYR C 42 50.69 52.81 -13.68
C TYR C 42 49.78 54.02 -13.92
N LYS C 43 48.72 54.17 -13.14
CA LYS C 43 47.87 55.34 -13.26
C LYS C 43 48.00 56.16 -11.99
N SER C 44 47.96 57.48 -12.13
CA SER C 44 47.90 58.33 -10.96
C SER C 44 47.51 59.73 -11.40
N ASP C 45 47.28 60.60 -10.41
CA ASP C 45 46.87 61.96 -10.75
C ASP C 45 47.23 62.90 -9.61
N HIS C 46 47.58 64.12 -9.98
CA HIS C 46 48.12 65.15 -9.08
C HIS C 46 49.31 64.62 -8.28
N SER C 47 50.46 64.55 -8.95
CA SER C 47 51.68 64.06 -8.33
C SER C 47 52.70 65.18 -8.09
N ASP C 48 53.23 65.23 -6.87
CA ASP C 48 54.20 66.24 -6.42
C ASP C 48 55.52 65.52 -6.15
N THR C 49 56.36 65.47 -7.18
CA THR C 49 57.67 64.86 -7.08
C THR C 49 58.71 65.94 -6.83
N VAL C 50 59.69 65.62 -5.99
CA VAL C 50 60.76 66.53 -5.61
C VAL C 50 62.06 65.82 -5.94
N VAL C 51 62.74 66.28 -7.01
CA VAL C 51 63.99 65.69 -7.46
C VAL C 51 65.13 66.45 -6.83
N TYR C 52 65.94 65.73 -6.04
CA TYR C 52 67.07 66.26 -5.29
C TYR C 52 68.36 65.96 -6.04
N SER C 53 69.43 66.64 -5.65
CA SER C 53 70.74 66.48 -6.28
C SER C 53 71.40 65.23 -5.73
N PRO C 54 72.45 64.70 -6.37
CA PRO C 54 73.09 63.50 -5.82
C PRO C 54 73.76 63.74 -4.48
N GLU C 55 74.24 64.95 -4.21
CA GLU C 55 74.79 65.29 -2.89
C GLU C 55 73.78 65.99 -2.01
N GLY C 56 72.51 65.56 -2.06
CA GLY C 56 71.47 66.16 -1.24
C GLY C 56 70.95 67.39 -1.92
N ALA C 57 70.83 68.48 -1.16
CA ALA C 57 70.44 69.79 -1.72
C ALA C 57 69.11 69.63 -2.44
N LEU C 58 68.94 70.17 -3.64
CA LEU C 58 67.66 70.03 -4.32
C LEU C 58 67.85 70.50 -5.75
N ASN C 59 67.21 69.81 -6.70
CA ASN C 59 67.34 70.17 -8.11
C ASN C 59 66.10 70.89 -8.63
N TYR C 60 64.92 70.27 -8.49
CA TYR C 60 63.66 70.88 -8.92
C TYR C 60 62.48 70.13 -8.31
N ARG C 61 61.28 70.68 -8.54
CA ARG C 61 60.00 70.09 -8.15
C ARG C 61 59.00 70.06 -9.32
N LEU C 62 58.42 68.89 -9.59
CA LEU C 62 57.47 68.68 -10.68
C LEU C 62 56.08 68.37 -10.13
N ILE C 63 55.10 69.20 -10.52
CA ILE C 63 53.71 69.03 -10.07
C ILE C 63 52.85 68.74 -11.30
N ALA C 64 52.28 67.54 -11.36
CA ALA C 64 51.38 67.17 -12.43
C ALA C 64 49.99 66.91 -11.86
N GLN C 65 48.99 67.15 -12.72
CA GLN C 65 47.59 66.88 -12.41
C GLN C 65 47.16 65.45 -12.74
N HIS C 66 47.79 64.79 -13.70
CA HIS C 66 47.49 63.38 -13.99
C HIS C 66 48.69 62.77 -14.70
N VAL C 67 49.06 61.56 -14.28
CA VAL C 67 50.29 60.92 -14.74
C VAL C 67 50.01 59.46 -15.07
N GLU C 68 50.31 59.07 -16.28
CA GLU C 68 50.24 57.67 -16.66
C GLU C 68 51.65 57.18 -16.92
N TYR C 69 51.85 55.89 -16.70
CA TYR C 69 53.16 55.33 -16.94
C TYR C 69 53.01 53.92 -17.44
N PHE C 70 53.69 53.65 -18.54
CA PHE C 70 53.79 52.31 -19.10
C PHE C 70 55.14 51.74 -18.71
N SER C 71 55.11 50.63 -17.96
CA SER C 71 56.27 49.87 -17.54
C SER C 71 56.84 49.00 -18.65
N ASP C 72 56.01 48.62 -19.62
CA ASP C 72 56.49 47.90 -20.80
C ASP C 72 57.51 48.74 -21.57
N ASP C 73 57.19 50.01 -21.85
CA ASP C 73 58.10 50.90 -22.55
C ASP C 73 58.90 51.81 -21.60
N GLY C 74 58.54 51.85 -20.33
CA GLY C 74 59.14 52.78 -19.38
C GLY C 74 58.95 54.25 -19.74
N ILE C 75 57.73 54.66 -20.04
CA ILE C 75 57.46 56.04 -20.47
C ILE C 75 56.37 56.63 -19.60
N SER C 76 56.53 57.89 -19.23
CA SER C 76 55.54 58.60 -18.43
C SER C 76 54.94 59.77 -19.20
N TRP C 77 53.66 60.02 -18.93
CA TRP C 77 52.94 61.17 -19.48
C TRP C 77 52.32 61.96 -18.33
N PHE C 78 52.69 63.24 -18.24
CA PHE C 78 52.28 64.14 -17.19
C PHE C 78 51.28 65.15 -17.76
N THR C 79 50.10 65.23 -17.15
CA THR C 79 49.05 66.15 -17.61
C THR C 79 49.10 67.43 -16.79
N GLN C 80 49.25 68.56 -17.49
CA GLN C 80 49.40 69.88 -16.87
C GLN C 80 50.60 69.90 -15.93
N PRO C 81 51.82 69.87 -16.45
CA PRO C 81 52.99 69.88 -15.58
C PRO C 81 53.48 71.28 -15.26
N VAL C 82 54.00 71.41 -14.04
CA VAL C 82 54.63 72.63 -13.55
C VAL C 82 55.95 72.24 -12.89
N MET C 83 57.06 72.60 -13.52
CA MET C 83 58.40 72.28 -13.02
C MET C 83 59.07 73.54 -12.51
N THR C 84 59.37 73.57 -11.21
CA THR C 84 60.09 74.68 -10.60
C THR C 84 61.53 74.23 -10.37
N THR C 85 62.47 74.87 -11.08
CA THR C 85 63.88 74.56 -10.93
C THR C 85 64.57 75.62 -10.07
N PHE C 86 65.49 75.15 -9.23
CA PHE C 86 66.24 75.94 -8.25
C PHE C 86 67.73 75.97 -8.61
N ASP C 87 68.49 76.75 -7.84
CA ASP C 87 69.94 76.80 -7.96
C ASP C 87 70.57 75.86 -6.95
N LYS C 88 71.91 75.89 -6.90
CA LYS C 88 72.68 75.12 -5.93
C LYS C 88 72.48 75.61 -4.51
N ASP C 89 71.94 76.82 -4.35
CA ASP C 89 71.66 77.39 -3.03
C ASP C 89 70.17 77.34 -2.67
N LYS C 90 69.38 76.55 -3.39
CA LYS C 90 67.96 76.32 -3.12
C LYS C 90 67.17 77.65 -3.17
N VAL C 91 67.09 78.17 -4.38
CA VAL C 91 66.37 79.41 -4.68
C VAL C 91 65.58 79.21 -5.98
N PRO C 92 64.27 79.47 -5.97
CA PRO C 92 63.47 79.26 -7.20
C PRO C 92 64.00 80.06 -8.38
N THR C 93 64.63 79.40 -9.35
CA THR C 93 65.16 80.16 -10.47
C THR C 93 64.16 80.26 -11.62
N TRP C 94 63.57 79.13 -11.98
CA TRP C 94 62.71 79.05 -13.17
C TRP C 94 61.43 78.28 -12.85
N SER C 95 60.38 78.62 -13.59
CA SER C 95 59.11 77.92 -13.58
C SER C 95 58.77 77.54 -15.02
N ILE C 96 58.29 76.32 -15.21
CA ILE C 96 58.06 75.75 -16.54
C ILE C 96 56.67 75.12 -16.52
N LYS C 97 55.70 75.78 -17.13
CA LYS C 97 54.37 75.22 -17.31
C LYS C 97 54.23 74.65 -18.71
N SER C 98 53.31 73.70 -18.83
CA SER C 98 53.02 73.02 -20.09
C SER C 98 51.62 72.42 -20.00
N ASP C 99 51.11 71.94 -21.14
CA ASP C 99 49.85 71.20 -21.20
C ASP C 99 50.06 69.69 -21.08
N ARG C 100 51.09 69.16 -21.72
CA ARG C 100 51.49 67.77 -21.51
C ARG C 100 53.00 67.65 -21.49
N ALA C 101 53.46 66.58 -20.85
CA ALA C 101 54.88 66.30 -20.72
C ALA C 101 55.10 64.81 -20.97
N LYS C 102 56.15 64.50 -21.74
CA LYS C 102 56.56 63.13 -22.02
C LYS C 102 57.92 62.89 -21.39
N LEU C 103 57.97 62.04 -20.37
CA LEU C 103 59.21 61.69 -19.69
C LEU C 103 59.67 60.30 -20.13
N THR C 104 60.83 60.25 -20.79
CA THR C 104 61.44 59.02 -21.27
C THR C 104 62.33 58.44 -20.16
N ASN C 105 63.16 57.45 -20.48
CA ASN C 105 64.02 56.80 -19.50
C ASN C 105 65.41 57.42 -19.40
N ASP C 106 65.74 58.40 -20.24
CA ASP C 106 67.06 59.03 -20.24
C ASP C 106 67.02 60.44 -19.64
N ARG C 107 66.07 60.70 -18.73
CA ARG C 107 65.92 61.97 -18.02
C ARG C 107 65.77 63.17 -18.94
N MET C 108 65.33 62.94 -20.18
CA MET C 108 65.00 64.01 -21.12
C MET C 108 63.48 64.15 -21.13
N LEU C 109 62.99 65.35 -20.81
CA LEU C 109 61.56 65.63 -20.71
C LEU C 109 61.10 66.45 -21.90
N TYR C 110 60.07 65.95 -22.60
CA TYR C 110 59.47 66.68 -23.71
C TYR C 110 58.25 67.45 -23.19
N LEU C 111 58.04 68.63 -23.76
CA LEU C 111 56.97 69.53 -23.35
C LEU C 111 56.13 69.85 -24.58
N TYR C 112 54.85 69.52 -24.53
CA TYR C 112 53.94 69.76 -25.63
C TYR C 112 52.80 70.66 -25.18
N GLY C 113 52.54 71.71 -25.96
CA GLY C 113 51.42 72.58 -25.73
C GLY C 113 51.62 73.64 -24.66
N HIS C 114 51.58 74.91 -25.07
CA HIS C 114 51.60 76.05 -24.15
C HIS C 114 52.80 76.00 -23.22
N VAL C 115 53.97 75.68 -23.79
CA VAL C 115 55.20 75.60 -23.00
C VAL C 115 55.59 77.03 -22.65
N GLU C 116 55.53 77.37 -21.37
CA GLU C 116 55.76 78.74 -20.93
C GLU C 116 56.73 78.71 -19.75
N VAL C 117 57.91 79.29 -19.95
CA VAL C 117 58.97 79.31 -18.95
C VAL C 117 59.06 80.72 -18.38
N ASN C 118 58.69 80.87 -17.12
CA ASN C 118 58.78 82.14 -16.41
C ASN C 118 60.02 82.18 -15.52
N ALA C 119 60.55 83.38 -15.33
CA ALA C 119 61.72 83.58 -14.48
C ALA C 119 61.22 83.98 -13.10
N LEU C 120 61.22 83.02 -12.18
CA LEU C 120 60.81 83.29 -10.81
C LEU C 120 61.71 84.32 -10.16
N THR C 121 63.02 84.09 -10.17
CA THR C 121 63.99 85.03 -9.62
C THR C 121 64.18 86.18 -10.60
N ALA C 122 63.97 87.40 -10.11
CA ALA C 122 64.07 88.62 -10.89
C ALA C 122 65.50 88.94 -11.33
N ASP C 123 66.48 88.19 -10.85
CA ASP C 123 67.86 88.41 -11.28
C ASP C 123 68.10 87.96 -12.71
N SER C 124 67.24 87.10 -13.28
CA SER C 124 67.47 86.61 -14.64
C SER C 124 67.32 87.74 -15.66
N GLN C 125 68.08 87.62 -16.75
CA GLN C 125 67.87 88.51 -17.90
C GLN C 125 66.72 88.03 -18.76
N LEU C 126 66.60 86.72 -18.95
CA LEU C 126 65.49 86.11 -19.69
C LEU C 126 64.30 85.96 -18.75
N ARG C 127 63.26 86.77 -18.98
CA ARG C 127 62.07 86.77 -18.14
C ARG C 127 61.03 85.70 -18.52
N LYS C 128 60.81 85.48 -19.81
CA LYS C 128 59.76 84.55 -20.20
C LYS C 128 60.14 83.92 -21.54
N ILE C 129 59.69 82.68 -21.71
CA ILE C 129 59.88 81.93 -22.95
C ILE C 129 58.54 81.32 -23.31
N THR C 130 58.15 81.39 -24.57
CA THR C 130 56.90 80.76 -24.98
C THR C 130 57.12 79.95 -26.24
N THR C 131 56.71 78.70 -26.20
CA THR C 131 56.84 77.82 -27.36
C THR C 131 55.77 76.74 -27.25
N ASP C 132 55.73 75.88 -28.28
CA ASP C 132 54.76 74.79 -28.31
C ASP C 132 55.41 73.44 -28.03
N ASN C 133 56.58 73.21 -28.59
CA ASN C 133 57.33 71.99 -28.35
C ASN C 133 58.67 72.36 -27.74
N ALA C 134 59.08 71.60 -26.74
CA ALA C 134 60.35 71.88 -26.10
C ALA C 134 60.92 70.58 -25.60
N GLN C 135 62.24 70.53 -25.49
CA GLN C 135 62.91 69.43 -24.83
C GLN C 135 63.73 70.04 -23.71
N ILE C 136 63.81 69.33 -22.59
CA ILE C 136 64.65 69.78 -21.49
C ILE C 136 65.44 68.60 -20.95
N ASN C 137 66.76 68.76 -20.91
CA ASN C 137 67.64 67.82 -20.22
C ASN C 137 67.72 68.25 -18.76
N LEU C 138 67.20 67.39 -17.89
CA LEU C 138 67.03 67.71 -16.48
C LEU C 138 68.34 67.67 -15.72
N VAL C 139 69.25 66.77 -16.12
CA VAL C 139 70.55 66.68 -15.47
C VAL C 139 71.33 67.97 -15.66
N THR C 140 71.38 68.45 -16.91
CA THR C 140 72.13 69.64 -17.26
C THR C 140 71.26 70.88 -17.35
N GLN C 141 69.95 70.75 -17.16
CA GLN C 141 68.99 71.86 -17.29
C GLN C 141 69.05 72.51 -18.67
N ASP C 142 69.35 71.72 -19.70
CA ASP C 142 69.38 72.23 -21.06
C ASP C 142 67.98 72.37 -21.63
N VAL C 143 67.77 73.40 -22.43
CA VAL C 143 66.46 73.71 -22.99
C VAL C 143 66.58 73.90 -24.49
N THR C 144 66.10 72.93 -25.28
CA THR C 144 66.11 73.05 -26.73
C THR C 144 64.69 73.10 -27.28
N SER C 145 64.55 73.61 -28.51
CA SER C 145 63.24 73.62 -29.16
C SER C 145 63.41 73.78 -30.67
N GLN C 146 62.68 72.99 -31.43
CA GLN C 146 62.84 73.04 -32.87
C GLN C 146 61.72 73.81 -33.57
N ASP C 147 60.72 74.24 -32.84
CA ASP C 147 59.64 75.03 -33.42
C ASP C 147 59.86 76.50 -33.10
N LEU C 148 58.86 77.31 -33.43
CA LEU C 148 58.96 78.74 -33.24
C LEU C 148 58.93 79.07 -31.75
N VAL C 149 59.97 79.76 -31.28
CA VAL C 149 60.10 80.13 -29.87
C VAL C 149 60.12 81.64 -29.80
N THR C 150 59.88 82.16 -28.59
CA THR C 150 59.93 83.59 -28.33
C THR C 150 60.57 83.81 -26.97
N LEU C 151 61.67 84.57 -26.97
CA LEU C 151 62.41 84.90 -25.76
C LEU C 151 62.03 86.32 -25.35
N TYR C 152 61.40 86.45 -24.19
CA TYR C 152 61.05 87.73 -23.60
C TYR C 152 62.12 88.15 -22.62
N GLY C 153 62.61 89.38 -22.78
CA GLY C 153 63.60 89.95 -21.90
C GLY C 153 63.03 91.20 -21.24
N THR C 154 63.83 91.79 -20.36
CA THR C 154 63.38 93.00 -19.67
C THR C 154 63.27 94.17 -20.62
N THR C 155 64.07 94.16 -21.70
CA THR C 155 64.07 95.24 -22.68
C THR C 155 63.73 94.79 -24.12
N PHE C 156 63.60 93.49 -24.39
CA PHE C 156 63.47 93.03 -25.77
C PHE C 156 62.56 91.80 -25.82
N ASN C 157 62.19 91.41 -27.04
CA ASN C 157 61.60 90.10 -27.29
C ASN C 157 61.96 89.63 -28.69
N SER C 158 62.48 88.42 -28.77
CA SER C 158 62.99 87.88 -30.02
C SER C 158 62.18 86.65 -30.41
N SER C 159 61.83 86.55 -31.70
CA SER C 159 61.12 85.41 -32.25
C SER C 159 62.05 84.65 -33.17
N GLY C 160 62.28 83.37 -32.86
CA GLY C 160 63.19 82.55 -33.63
C GLY C 160 62.54 81.26 -34.10
N LEU C 161 63.23 80.60 -35.03
CA LEU C 161 62.76 79.30 -35.49
C LEU C 161 63.35 78.13 -34.70
N ARG C 162 64.48 78.31 -34.04
CA ARG C 162 64.96 77.27 -33.13
C ARG C 162 65.51 77.93 -31.88
N MET C 163 65.45 77.23 -30.74
CA MET C 163 65.99 77.78 -29.50
C MET C 163 66.96 76.79 -28.88
N ARG C 164 68.04 77.32 -28.31
CA ARG C 164 68.96 76.54 -27.51
C ARG C 164 69.40 77.34 -26.28
N GLY C 165 69.44 76.69 -25.13
CA GLY C 165 69.92 77.38 -23.94
C GLY C 165 70.09 76.44 -22.77
N ASN C 166 70.25 77.04 -21.60
CA ASN C 166 70.42 76.28 -20.37
C ASN C 166 69.88 77.10 -19.20
N LEU C 167 69.09 76.46 -18.35
CA LEU C 167 68.50 77.15 -17.22
C LEU C 167 69.51 77.33 -16.10
N ARG C 168 70.35 76.32 -15.87
CA ARG C 168 71.39 76.43 -14.86
C ARG C 168 72.31 77.61 -15.15
N SER C 169 72.63 77.81 -16.43
CA SER C 169 73.44 78.94 -16.86
C SER C 169 72.63 80.20 -17.14
N LYS C 170 71.29 80.09 -17.18
CA LYS C 170 70.36 81.23 -17.34
C LYS C 170 70.52 81.91 -18.69
N ASN C 171 70.81 81.11 -19.72
CA ASN C 171 71.09 81.61 -21.05
C ASN C 171 70.16 80.94 -22.05
N ALA C 172 69.95 81.61 -23.17
CA ALA C 172 69.15 81.07 -24.26
C ALA C 172 69.37 81.92 -25.50
N GLU C 173 69.35 81.28 -26.65
CA GLU C 173 69.49 82.00 -27.92
C GLU C 173 68.63 81.34 -28.99
N LEU C 174 68.39 82.11 -30.04
CA LEU C 174 67.57 81.70 -31.18
C LEU C 174 68.42 81.65 -32.44
N ILE C 175 68.06 80.76 -33.35
CA ILE C 175 68.93 80.38 -34.46
C ILE C 175 68.49 80.93 -35.82
N GLU C 176 67.47 80.31 -36.42
CA GLU C 176 67.29 80.42 -37.87
C GLU C 176 66.79 81.77 -38.35
N LYS C 177 65.55 82.13 -38.07
CA LYS C 177 65.05 83.40 -38.54
C LYS C 177 64.71 84.21 -37.30
N VAL C 178 65.55 85.20 -37.00
CA VAL C 178 65.45 85.89 -35.72
C VAL C 178 65.19 87.37 -35.98
N ARG C 179 64.14 87.90 -35.35
CA ARG C 179 63.86 89.32 -35.32
C ARG C 179 63.72 89.79 -33.87
N THR C 180 64.12 91.05 -33.63
CA THR C 180 64.21 91.60 -32.27
C THR C 180 63.65 93.03 -32.20
N SER C 181 62.76 93.26 -31.23
CA SER C 181 62.13 94.55 -30.96
C SER C 181 62.48 95.05 -29.56
N TYR C 182 62.32 96.35 -29.37
CA TYR C 182 62.61 97.02 -28.09
C TYR C 182 61.46 98.02 -27.78
N GLU C 183 61.44 98.59 -26.53
CA GLU C 183 60.30 99.33 -26.06
C GLU C 183 60.21 100.80 -26.39
N ILE C 184 61.15 101.59 -26.08
CA ILE C 184 60.94 103.02 -26.45
C ILE C 184 62.17 103.34 -27.33
N GLN C 185 63.40 103.12 -26.77
CA GLN C 185 64.65 103.06 -27.56
C GLN C 185 65.03 101.60 -27.44
N ASN C 186 66.23 101.20 -27.82
CA ASN C 186 66.59 99.80 -27.76
C ASN C 186 67.31 99.46 -26.45
N LYS C 187 67.55 98.16 -26.25
CA LYS C 187 68.42 97.75 -25.16
C LYS C 187 69.85 98.08 -25.52
N GLN C 188 70.52 98.81 -24.62
CA GLN C 188 71.94 99.12 -24.78
C GLN C 188 72.73 97.83 -24.97
N THR C 189 73.68 97.88 -25.91
CA THR C 189 74.58 96.75 -26.13
C THR C 189 75.71 97.16 -27.04
N MET D 1 15.63 -11.90 -24.68
CA MET D 1 14.65 -10.82 -24.60
C MET D 1 14.08 -10.59 -23.19
N ILE D 2 13.91 -11.67 -22.40
CA ILE D 2 13.44 -11.52 -21.01
C ILE D 2 14.59 -11.25 -20.07
N ILE D 3 15.68 -12.03 -20.21
CA ILE D 3 16.86 -11.87 -19.37
C ILE D 3 17.55 -10.54 -19.63
N ILE D 4 17.59 -10.11 -20.90
CA ILE D 4 18.15 -8.80 -21.25
C ILE D 4 17.33 -7.69 -20.63
N ARG D 5 16.00 -7.84 -20.60
CA ARG D 5 15.18 -6.83 -19.94
C ARG D 5 15.43 -6.84 -18.43
N TYR D 6 15.52 -8.04 -17.84
CA TYR D 6 15.87 -8.14 -16.42
C TYR D 6 17.15 -7.37 -16.13
N LEU D 7 18.25 -7.75 -16.78
CA LEU D 7 19.54 -7.11 -16.58
C LEU D 7 19.47 -5.60 -16.75
N VAL D 8 18.71 -5.13 -17.74
CA VAL D 8 18.59 -3.69 -17.93
C VAL D 8 17.81 -3.05 -16.77
N ARG D 9 16.75 -3.70 -16.29
CA ARG D 9 15.94 -3.06 -15.26
C ARG D 9 16.72 -2.97 -13.95
N GLU D 10 17.40 -4.06 -13.58
CA GLU D 10 18.22 -4.11 -12.36
C GLU D 10 19.40 -3.13 -12.42
N THR D 11 20.21 -3.18 -13.50
CA THR D 11 21.29 -2.21 -13.65
C THR D 11 20.79 -0.77 -13.71
N LEU D 12 19.54 -0.54 -14.12
CA LEU D 12 19.06 0.84 -14.16
C LEU D 12 18.71 1.33 -12.77
N LYS D 13 18.05 0.49 -11.97
CA LYS D 13 17.81 0.86 -10.58
C LYS D 13 19.13 1.21 -9.89
N SER D 14 20.11 0.30 -9.96
CA SER D 14 21.44 0.59 -9.40
C SER D 14 22.05 1.88 -9.95
N GLN D 15 21.97 2.08 -11.28
CA GLN D 15 22.60 3.25 -11.89
C GLN D 15 21.92 4.54 -11.44
N LEU D 16 20.59 4.49 -11.22
CA LEU D 16 19.87 5.67 -10.74
C LEU D 16 20.24 6.00 -9.30
N ALA D 17 20.31 4.99 -8.43
CA ALA D 17 20.78 5.27 -7.07
C ALA D 17 22.22 5.82 -7.08
N ILE D 18 23.13 5.22 -7.88
CA ILE D 18 24.53 5.65 -7.91
C ILE D 18 24.65 7.05 -8.47
N LEU D 19 23.76 7.40 -9.40
CA LEU D 19 23.78 8.73 -9.96
C LEU D 19 23.34 9.75 -8.93
N PHE D 20 22.35 9.40 -8.13
CA PHE D 20 21.92 10.30 -7.07
C PHE D 20 23.05 10.56 -6.07
N ILE D 21 23.69 9.51 -5.57
CA ILE D 21 24.83 9.68 -4.67
C ILE D 21 25.92 10.52 -5.32
N LEU D 22 26.29 10.20 -6.57
CA LEU D 22 27.37 10.93 -7.23
C LEU D 22 27.01 12.40 -7.40
N LEU D 23 25.74 12.68 -7.68
CA LEU D 23 25.28 14.06 -7.76
C LEU D 23 25.48 14.79 -6.44
N LEU D 24 25.11 14.13 -5.33
CA LEU D 24 25.31 14.78 -4.03
C LEU D 24 26.78 15.09 -3.80
N ILE D 25 27.67 14.11 -4.07
CA ILE D 25 29.09 14.33 -3.87
C ILE D 25 29.59 15.51 -4.71
N PHE D 26 29.31 15.50 -6.03
CA PHE D 26 29.79 16.56 -6.91
C PHE D 26 29.12 17.90 -6.62
N PHE D 27 27.87 17.89 -6.17
CA PHE D 27 27.24 19.10 -5.67
C PHE D 27 28.00 19.66 -4.48
N CYS D 28 28.40 18.79 -3.54
CA CYS D 28 29.18 19.28 -2.41
C CYS D 28 30.49 19.89 -2.88
N GLN D 29 31.16 19.22 -3.82
CA GLN D 29 32.44 19.74 -4.31
C GLN D 29 32.26 21.09 -4.97
N LYS D 30 31.25 21.21 -5.83
CA LYS D 30 30.99 22.49 -6.49
C LYS D 30 30.54 23.57 -5.50
N LEU D 31 29.71 23.21 -4.51
CA LEU D 31 29.36 24.19 -3.49
C LEU D 31 30.60 24.71 -2.81
N VAL D 32 31.51 23.81 -2.43
CA VAL D 32 32.76 24.25 -1.82
C VAL D 32 33.46 25.22 -2.75
N LYS D 33 33.57 24.89 -4.04
CA LYS D 33 34.27 25.79 -4.95
C LYS D 33 33.57 27.15 -5.07
N ILE D 34 32.25 27.14 -5.16
CA ILE D 34 31.52 28.40 -5.36
C ILE D 34 31.58 29.26 -4.10
N LEU D 35 31.30 28.68 -2.93
CA LEU D 35 31.34 29.46 -1.70
C LEU D 35 32.76 29.93 -1.37
N GLY D 36 33.78 29.19 -1.79
CA GLY D 36 35.14 29.69 -1.65
C GLY D 36 35.38 30.90 -2.53
N ALA D 37 34.99 30.81 -3.79
CA ALA D 37 35.20 31.96 -4.67
C ALA D 37 34.26 33.11 -4.36
N ALA D 38 33.20 32.92 -3.58
CA ALA D 38 32.21 33.97 -3.38
C ALA D 38 32.62 34.91 -2.25
N VAL D 39 33.07 34.35 -1.11
CA VAL D 39 33.62 35.12 0.00
C VAL D 39 34.90 35.84 -0.39
N ASP D 40 35.65 35.32 -1.38
CA ASP D 40 36.69 36.13 -2.01
C ASP D 40 36.14 37.40 -2.63
N GLY D 41 34.82 37.52 -2.76
CA GLY D 41 34.29 38.73 -3.33
C GLY D 41 34.05 38.60 -4.81
N GLU D 42 33.12 37.76 -5.19
CA GLU D 42 32.80 37.58 -6.60
C GLU D 42 31.34 37.29 -6.89
N ILE D 43 30.53 36.87 -5.93
CA ILE D 43 29.12 36.64 -6.23
C ILE D 43 28.36 36.55 -4.92
N PRO D 44 27.12 36.99 -4.89
CA PRO D 44 26.33 36.79 -3.67
C PRO D 44 25.43 35.57 -3.75
N THR D 45 24.50 35.49 -2.79
CA THR D 45 23.64 34.33 -2.69
C THR D 45 22.68 34.20 -3.87
N ASN D 46 22.48 35.27 -4.64
CA ASN D 46 21.58 35.19 -5.79
C ASN D 46 22.24 34.47 -6.96
N LEU D 47 23.56 34.62 -7.13
CA LEU D 47 24.32 33.89 -8.14
C LEU D 47 24.79 32.52 -7.66
N VAL D 48 24.86 32.29 -6.35
CA VAL D 48 25.30 30.97 -5.88
C VAL D 48 24.34 29.89 -6.37
N LEU D 49 23.02 30.14 -6.24
CA LEU D 49 22.05 29.10 -6.59
C LEU D 49 22.09 28.77 -8.07
N SER D 50 22.09 29.81 -8.92
CA SER D 50 22.19 29.65 -10.37
C SER D 50 23.44 28.88 -10.77
N LEU D 51 24.61 29.31 -10.28
CA LEU D 51 25.85 28.63 -10.65
C LEU D 51 25.88 27.20 -10.14
N LEU D 52 25.32 26.94 -8.97
CA LEU D 52 25.30 25.57 -8.48
C LEU D 52 24.44 24.70 -9.39
N GLY D 53 23.26 25.17 -9.76
CA GLY D 53 22.43 24.37 -10.64
C GLY D 53 22.88 24.34 -12.08
N LEU D 54 23.77 25.23 -12.46
CA LEU D 54 24.11 25.42 -13.85
C LEU D 54 25.33 24.62 -14.28
N GLY D 55 26.20 24.27 -13.34
CA GLY D 55 27.40 23.55 -13.68
C GLY D 55 27.15 22.06 -13.66
N ILE D 56 25.90 21.64 -13.74
CA ILE D 56 25.62 20.22 -13.61
C ILE D 56 25.95 19.42 -14.88
N PRO D 57 25.98 20.02 -16.10
CA PRO D 57 26.53 19.24 -17.23
C PRO D 57 28.00 18.88 -17.09
N GLU D 58 28.86 19.75 -16.54
CA GLU D 58 30.23 19.32 -16.24
C GLU D 58 30.25 18.15 -15.26
N MET D 59 29.33 18.14 -14.29
CA MET D 59 29.24 16.98 -13.39
C MET D 59 28.82 15.74 -14.16
N ALA D 60 27.80 15.87 -15.01
CA ALA D 60 27.28 14.76 -15.81
C ALA D 60 28.35 14.15 -16.69
N GLN D 61 29.14 15.01 -17.35
CA GLN D 61 30.28 14.55 -18.16
C GLN D 61 31.03 13.42 -17.48
N LEU D 62 31.41 13.62 -16.21
CA LEU D 62 32.18 12.63 -15.47
C LEU D 62 31.30 11.56 -14.80
N ILE D 63 30.05 11.87 -14.45
CA ILE D 63 29.31 10.91 -13.64
C ILE D 63 28.52 9.93 -14.49
N LEU D 64 28.04 10.33 -15.66
CA LEU D 64 27.29 9.42 -16.52
C LEU D 64 28.09 8.18 -16.87
N PRO D 65 29.27 8.28 -17.51
CA PRO D 65 30.06 7.04 -17.64
C PRO D 65 30.28 6.39 -16.29
N LEU D 66 30.64 7.18 -15.26
CA LEU D 66 30.85 6.58 -13.94
C LEU D 66 29.58 5.93 -13.39
N SER D 67 28.43 6.58 -13.51
CA SER D 67 27.21 5.95 -13.00
C SER D 67 26.91 4.63 -13.72
N LEU D 68 27.14 4.57 -15.04
CA LEU D 68 26.89 3.29 -15.72
C LEU D 68 27.91 2.26 -15.29
N PHE D 69 29.15 2.69 -15.09
CA PHE D 69 30.24 1.78 -14.78
C PHE D 69 30.04 1.17 -13.39
N LEU D 70 29.84 2.03 -12.38
CA LEU D 70 29.58 1.53 -11.03
C LEU D 70 28.27 0.76 -10.95
N GLY D 71 27.23 1.19 -11.68
CA GLY D 71 25.99 0.43 -11.69
C GLY D 71 26.17 -0.96 -12.24
N LEU D 72 26.94 -1.10 -13.33
CA LEU D 72 27.16 -2.43 -13.87
C LEU D 72 27.99 -3.27 -12.92
N LEU D 73 29.11 -2.73 -12.40
CA LEU D 73 29.86 -3.44 -11.36
C LEU D 73 28.93 -3.92 -10.25
N MET D 74 28.22 -2.98 -9.62
CA MET D 74 27.39 -3.32 -8.46
C MET D 74 26.32 -4.35 -8.81
N THR D 75 25.63 -4.17 -9.94
CA THR D 75 24.50 -5.05 -10.24
C THR D 75 24.96 -6.43 -10.67
N LEU D 76 25.99 -6.51 -11.53
CA LEU D 76 26.49 -7.82 -11.91
C LEU D 76 27.11 -8.52 -10.71
N GLY D 77 27.70 -7.76 -9.78
CA GLY D 77 28.18 -8.38 -8.54
C GLY D 77 27.04 -8.95 -7.71
N LYS D 78 25.92 -8.21 -7.65
CA LYS D 78 24.79 -8.66 -6.85
C LYS D 78 24.17 -9.92 -7.44
N LEU D 79 24.07 -9.97 -8.76
CA LEU D 79 23.53 -11.17 -9.38
C LEU D 79 24.52 -12.31 -9.45
N TYR D 80 25.82 -12.04 -9.27
CA TYR D 80 26.79 -13.12 -9.14
C TYR D 80 26.73 -13.76 -7.77
N THR D 81 26.65 -12.93 -6.72
CA THR D 81 26.56 -13.46 -5.37
C THR D 81 25.24 -14.17 -5.12
N GLU D 82 24.15 -13.75 -5.79
CA GLU D 82 22.85 -14.38 -5.58
C GLU D 82 22.62 -15.61 -6.44
N SER D 83 23.66 -16.07 -7.18
CA SER D 83 23.66 -17.33 -7.93
C SER D 83 22.79 -17.28 -9.18
N GLU D 84 22.47 -16.08 -9.67
CA GLU D 84 21.57 -15.98 -10.81
C GLU D 84 22.31 -16.14 -12.14
N ILE D 85 23.37 -15.35 -12.33
CA ILE D 85 24.27 -15.50 -13.48
C ILE D 85 24.84 -16.91 -13.57
N THR D 86 25.07 -17.57 -12.45
CA THR D 86 25.65 -18.90 -12.57
C THR D 86 24.65 -19.87 -13.16
N VAL D 87 23.36 -19.69 -12.84
CA VAL D 87 22.36 -20.60 -13.36
C VAL D 87 21.97 -20.23 -14.79
N MET D 88 22.02 -18.94 -15.17
CA MET D 88 22.06 -18.63 -16.59
C MET D 88 23.12 -19.47 -17.31
N HIS D 89 24.38 -19.41 -16.85
CA HIS D 89 25.42 -20.20 -17.54
C HIS D 89 25.14 -21.69 -17.49
N ALA D 90 24.56 -22.18 -16.39
CA ALA D 90 24.17 -23.58 -16.31
C ALA D 90 23.00 -23.92 -17.22
N CYS D 91 22.31 -22.92 -17.76
CA CYS D 91 21.26 -23.14 -18.75
C CYS D 91 21.72 -22.82 -20.16
N GLY D 92 23.04 -22.78 -20.41
CA GLY D 92 23.58 -22.58 -21.73
C GLY D 92 23.84 -21.15 -22.14
N LEU D 93 23.36 -20.16 -21.39
CA LEU D 93 23.57 -18.76 -21.74
C LEU D 93 25.01 -18.35 -21.43
N SER D 94 25.66 -17.63 -22.36
CA SER D 94 27.06 -17.24 -22.19
C SER D 94 27.16 -15.73 -22.00
N LYS D 95 28.40 -15.23 -21.95
CA LYS D 95 28.61 -13.80 -21.68
C LYS D 95 28.06 -12.92 -22.79
N ALA D 96 27.61 -13.50 -23.90
CA ALA D 96 27.05 -12.70 -25.00
C ALA D 96 25.85 -11.89 -24.54
N VAL D 97 24.95 -12.50 -23.78
CA VAL D 97 23.76 -11.80 -23.30
C VAL D 97 24.13 -10.66 -22.36
N LEU D 98 25.10 -10.89 -21.48
CA LEU D 98 25.58 -9.88 -20.55
C LEU D 98 26.15 -8.67 -21.30
N VAL D 99 27.06 -8.92 -22.26
CA VAL D 99 27.63 -7.82 -23.03
C VAL D 99 26.59 -7.18 -23.94
N LYS D 100 25.57 -7.93 -24.39
CA LYS D 100 24.47 -7.30 -25.11
C LYS D 100 23.78 -6.27 -24.22
N ALA D 101 23.26 -6.72 -23.07
CA ALA D 101 22.57 -5.82 -22.13
C ALA D 101 23.44 -4.63 -21.76
N ALA D 102 24.72 -4.88 -21.47
CA ALA D 102 25.70 -3.80 -21.26
C ALA D 102 25.68 -2.80 -22.41
N MET D 103 25.81 -3.27 -23.65
CA MET D 103 25.89 -2.31 -24.74
C MET D 103 24.57 -1.58 -24.93
N ILE D 104 23.43 -2.19 -24.59
CA ILE D 104 22.16 -1.47 -24.64
C ILE D 104 22.16 -0.32 -23.64
N LEU D 105 22.55 -0.59 -22.39
CA LEU D 105 22.63 0.47 -21.38
C LEU D 105 23.63 1.54 -21.78
N ALA D 106 24.80 1.12 -22.28
CA ALA D 106 25.76 2.04 -22.90
C ALA D 106 25.11 2.89 -23.98
N LEU D 107 24.26 2.31 -24.83
CA LEU D 107 23.58 3.14 -25.82
C LEU D 107 22.76 4.23 -25.15
N PHE D 108 21.91 3.84 -24.18
CA PHE D 108 21.06 4.82 -23.51
C PHE D 108 21.90 5.96 -22.90
N THR D 109 22.85 5.61 -22.03
CA THR D 109 23.70 6.61 -21.39
C THR D 109 24.53 7.38 -22.42
N GLY D 110 24.87 6.74 -23.55
CA GLY D 110 25.61 7.43 -24.58
C GLY D 110 24.78 8.49 -25.30
N ILE D 111 23.51 8.17 -25.58
CA ILE D 111 22.60 9.16 -26.15
C ILE D 111 22.44 10.34 -25.19
N VAL D 112 22.33 10.06 -23.89
CA VAL D 112 22.19 11.15 -22.92
C VAL D 112 23.49 11.97 -22.83
N ALA D 113 24.64 11.31 -22.83
CA ALA D 113 25.88 12.06 -22.73
C ALA D 113 26.15 12.83 -24.02
N ALA D 114 25.79 12.26 -25.17
CA ALA D 114 25.94 12.96 -26.43
C ALA D 114 25.04 14.19 -26.49
N VAL D 115 23.76 14.04 -26.12
CA VAL D 115 22.90 15.22 -26.03
C VAL D 115 23.50 16.25 -25.09
N ASN D 116 24.01 15.80 -23.94
CA ASN D 116 24.65 16.72 -23.01
C ASN D 116 25.79 17.49 -23.67
N VAL D 117 26.75 16.76 -24.24
CA VAL D 117 27.95 17.36 -24.83
C VAL D 117 27.59 18.27 -26.02
N MET D 118 26.68 17.82 -26.90
CA MET D 118 26.36 18.61 -28.09
C MET D 118 25.59 19.88 -27.73
N TRP D 119 24.52 19.77 -26.93
CA TRP D 119 23.69 20.94 -26.69
C TRP D 119 23.77 21.48 -25.27
N ALA D 120 23.66 20.62 -24.25
CA ALA D 120 23.45 21.12 -22.90
C ALA D 120 24.71 21.74 -22.30
N GLY D 121 25.89 21.34 -22.75
CA GLY D 121 27.14 21.92 -22.30
C GLY D 121 27.34 23.34 -22.80
N PRO D 122 27.37 23.53 -24.12
CA PRO D 122 27.66 24.89 -24.63
C PRO D 122 26.59 25.92 -24.26
N MET D 123 25.31 25.54 -24.25
CA MET D 123 24.26 26.48 -23.86
C MET D 123 24.48 26.99 -22.44
N SER D 124 24.69 26.07 -21.49
CA SER D 124 24.93 26.46 -20.12
C SER D 124 26.22 27.26 -19.98
N SER D 125 27.25 26.93 -20.74
CA SER D 125 28.49 27.70 -20.65
C SER D 125 28.28 29.12 -21.16
N ARG D 126 27.51 29.30 -22.24
CA ARG D 126 27.27 30.64 -22.75
C ARG D 126 26.43 31.45 -21.75
N HIS D 127 25.40 30.84 -21.18
CA HIS D 127 24.61 31.53 -20.17
C HIS D 127 25.46 31.92 -18.98
N GLN D 128 26.37 31.03 -18.55
CA GLN D 128 27.26 31.34 -17.43
C GLN D 128 28.18 32.51 -17.77
N ASP D 129 28.74 32.53 -18.99
CA ASP D 129 29.60 33.65 -19.40
C ASP D 129 28.84 34.96 -19.37
N GLU D 130 27.63 34.99 -19.93
CA GLU D 130 26.85 36.23 -19.93
C GLU D 130 26.51 36.67 -18.51
N VAL D 131 26.11 35.74 -17.63
CA VAL D 131 25.77 36.12 -16.26
C VAL D 131 26.99 36.64 -15.52
N LEU D 132 28.15 36.01 -15.70
CA LEU D 132 29.35 36.44 -15.00
C LEU D 132 29.87 37.78 -15.53
N ALA D 133 29.66 38.06 -16.83
CA ALA D 133 30.08 39.36 -17.36
C ALA D 133 29.08 40.46 -17.05
N GLU D 134 27.84 40.12 -16.69
CA GLU D 134 26.85 41.13 -16.34
C GLU D 134 27.26 41.91 -15.09
N ALA D 135 27.27 41.24 -13.93
CA ALA D 135 27.65 41.84 -12.65
C ALA D 135 29.11 41.56 -12.36
N LYS D 136 29.97 42.54 -12.64
CA LYS D 136 31.39 42.42 -12.35
C LYS D 136 31.91 43.45 -11.36
N ALA D 137 31.31 44.65 -11.33
CA ALA D 137 31.74 45.68 -10.39
C ALA D 137 31.44 45.28 -8.95
N ASN D 138 30.20 44.82 -8.68
CA ASN D 138 29.83 44.39 -7.33
C ASN D 138 30.68 43.23 -6.83
N PRO D 139 30.96 42.19 -7.64
CA PRO D 139 32.04 41.26 -7.27
C PRO D 139 33.29 41.97 -6.78
N GLY D 140 34.03 42.60 -7.72
CA GLY D 140 35.29 43.24 -7.39
C GLY D 140 35.24 44.08 -6.12
N MET D 141 34.18 44.89 -5.97
CA MET D 141 34.04 45.74 -4.79
C MET D 141 33.82 44.93 -3.51
N ALA D 142 33.32 43.70 -3.62
CA ALA D 142 33.15 42.82 -2.47
C ALA D 142 34.46 42.18 -2.05
N ALA D 143 35.60 42.71 -2.50
CA ALA D 143 36.91 42.15 -2.18
C ALA D 143 37.11 42.05 -0.68
N LEU D 144 37.37 40.82 -0.21
CA LEU D 144 37.55 40.60 1.23
C LEU D 144 38.68 41.46 1.78
N ALA D 145 39.71 41.70 0.96
CA ALA D 145 40.81 42.62 1.29
C ALA D 145 41.50 42.22 2.58
N GLN D 146 41.76 40.92 2.74
CA GLN D 146 42.33 40.37 3.96
C GLN D 146 43.76 39.87 3.77
N GLY D 147 44.47 40.36 2.75
CA GLY D 147 45.89 40.05 2.61
C GLY D 147 46.75 40.99 3.43
N GLN D 148 46.93 40.67 4.73
CA GLN D 148 47.49 41.66 5.66
C GLN D 148 48.98 41.89 5.40
N PHE D 149 49.79 40.82 5.35
CA PHE D 149 51.24 40.92 5.13
C PHE D 149 51.68 39.79 4.19
N GLN D 150 51.59 40.04 2.89
CA GLN D 150 51.65 39.00 1.87
C GLN D 150 52.62 39.43 0.79
N GLN D 151 53.74 38.70 0.68
CA GLN D 151 54.81 39.04 -0.26
C GLN D 151 55.49 37.75 -0.70
N ALA D 152 55.52 37.51 -2.00
CA ALA D 152 56.21 36.35 -2.55
C ALA D 152 56.45 36.61 -4.03
N THR D 153 56.61 35.54 -4.79
CA THR D 153 56.81 35.64 -6.24
C THR D 153 55.44 35.67 -6.94
N ASP D 154 54.72 36.75 -6.69
CA ASP D 154 53.47 37.08 -7.38
C ASP D 154 53.63 38.48 -7.98
N GLY D 155 54.52 38.58 -8.96
CA GLY D 155 54.97 39.85 -9.48
C GLY D 155 56.21 40.42 -8.81
N ASN D 156 56.79 39.70 -7.84
CA ASN D 156 58.00 40.10 -7.11
C ASN D 156 57.81 41.46 -6.42
N SER D 157 56.83 41.50 -5.53
CA SER D 157 56.51 42.72 -4.79
C SER D 157 55.99 42.34 -3.42
N VAL D 158 56.15 43.27 -2.49
CA VAL D 158 55.77 43.10 -1.09
C VAL D 158 54.60 44.02 -0.84
N LEU D 159 53.60 43.53 -0.10
CA LEU D 159 52.47 44.34 0.35
C LEU D 159 52.18 44.05 1.82
N PHE D 160 52.14 45.11 2.62
CA PHE D 160 51.81 45.02 4.03
C PHE D 160 50.64 45.95 4.35
N ILE D 161 49.78 45.50 5.26
CA ILE D 161 48.59 46.24 5.68
C ILE D 161 48.47 46.12 7.19
N GLU D 162 48.12 47.22 7.86
CA GLU D 162 48.02 47.16 9.30
C GLU D 162 46.65 46.63 9.74
N SER D 163 45.58 47.31 9.34
CA SER D 163 44.22 46.90 9.69
C SER D 163 43.33 46.95 8.45
N VAL D 164 42.25 46.18 8.51
CA VAL D 164 41.27 46.09 7.42
C VAL D 164 39.88 46.28 8.02
N ASP D 165 39.13 47.24 7.48
CA ASP D 165 37.77 47.53 7.90
C ASP D 165 36.76 47.04 6.85
N GLY D 166 37.08 45.94 6.17
CA GLY D 166 36.21 45.39 5.16
C GLY D 166 36.37 46.11 3.83
N SER D 167 37.12 45.49 2.92
CA SER D 167 37.37 46.03 1.58
C SER D 167 38.11 47.38 1.64
N LYS D 168 38.90 47.57 2.69
CA LYS D 168 39.63 48.81 2.87
C LYS D 168 40.82 48.53 3.76
N PHE D 169 41.93 49.22 3.49
CA PHE D 169 43.18 49.02 4.20
C PHE D 169 43.46 50.21 5.11
N ASN D 170 44.47 50.02 5.97
CA ASN D 170 45.00 51.08 6.82
C ASN D 170 46.50 50.90 6.91
N ASP D 171 47.25 51.99 6.67
CA ASP D 171 48.71 51.97 6.71
C ASP D 171 49.27 50.93 5.74
N VAL D 172 49.00 51.15 4.46
CA VAL D 172 49.42 50.22 3.41
C VAL D 172 50.85 50.55 2.98
N PHE D 173 51.64 49.51 2.70
CA PHE D 173 53.05 49.63 2.39
C PHE D 173 53.35 48.69 1.24
N LEU D 174 53.76 49.23 0.10
CA LEU D 174 54.16 48.41 -1.05
C LEU D 174 55.64 48.62 -1.34
N ALA D 175 56.32 47.54 -1.71
CA ALA D 175 57.75 47.62 -1.92
C ALA D 175 58.11 46.72 -3.09
N GLN D 176 59.22 47.02 -3.76
CA GLN D 176 59.65 46.18 -4.86
C GLN D 176 60.78 45.25 -4.41
N LEU D 177 61.09 44.27 -5.25
CA LEU D 177 62.22 43.37 -5.00
C LEU D 177 63.26 43.42 -6.09
N ARG D 178 63.02 44.16 -7.16
CA ARG D 178 63.93 44.26 -8.29
C ARG D 178 65.01 45.28 -7.97
N THR D 179 66.27 44.84 -8.00
CA THR D 179 67.39 45.77 -7.88
C THR D 179 67.44 46.72 -9.07
N LYS D 180 67.35 46.18 -10.28
CA LYS D 180 67.32 46.97 -11.52
C LYS D 180 68.56 47.85 -11.67
N GLY D 181 69.71 47.21 -11.65
CA GLY D 181 70.96 47.90 -11.85
C GLY D 181 71.36 48.79 -10.69
N ASN D 182 71.39 48.21 -9.48
CA ASN D 182 71.90 48.87 -8.27
C ASN D 182 71.13 50.15 -7.96
N ALA D 183 69.83 50.00 -7.72
CA ALA D 183 68.94 51.10 -7.41
C ALA D 183 68.11 50.74 -6.21
N ARG D 184 67.53 51.75 -5.57
CA ARG D 184 66.67 51.49 -4.43
C ARG D 184 65.42 50.74 -4.87
N PRO D 185 64.96 49.76 -4.07
CA PRO D 185 63.65 49.15 -4.35
C PRO D 185 62.55 50.18 -4.19
N SER D 186 61.61 50.18 -5.14
CA SER D 186 60.54 51.17 -5.13
C SER D 186 59.71 50.98 -3.88
N VAL D 187 59.53 52.05 -3.11
CA VAL D 187 58.78 51.97 -1.87
C VAL D 187 57.63 52.95 -1.96
N VAL D 188 56.43 52.50 -1.66
CA VAL D 188 55.30 53.41 -1.57
C VAL D 188 54.55 53.08 -0.29
N VAL D 189 53.94 54.10 0.29
CA VAL D 189 53.21 53.92 1.53
C VAL D 189 52.04 54.89 1.55
N ALA D 190 50.85 54.38 1.87
CA ALA D 190 49.63 55.19 1.91
C ALA D 190 48.83 54.79 3.15
N ASP D 191 47.62 55.36 3.26
CA ASP D 191 46.74 55.15 4.39
C ASP D 191 45.49 54.35 4.07
N SER D 192 45.03 54.37 2.81
CA SER D 192 43.81 53.67 2.41
C SER D 192 44.03 52.94 1.10
N GLY D 193 43.77 51.65 1.10
CA GLY D 193 43.97 50.83 -0.09
C GLY D 193 42.81 49.90 -0.36
N GLN D 194 42.44 49.79 -1.63
CA GLN D 194 41.36 48.93 -2.09
C GLN D 194 41.86 48.03 -3.20
N LEU D 195 41.50 46.75 -3.13
CA LEU D 195 41.87 45.77 -4.14
C LEU D 195 40.64 45.48 -5.00
N ALA D 196 40.82 45.52 -6.32
CA ALA D 196 39.75 45.23 -7.27
C ALA D 196 40.35 44.46 -8.44
N GLN D 197 39.82 43.27 -8.71
CA GLN D 197 40.29 42.43 -9.80
C GLN D 197 39.15 42.16 -10.77
N ARG D 198 39.48 41.46 -11.87
CA ARG D 198 38.50 40.98 -12.85
C ARG D 198 37.81 42.12 -13.61
N LYS D 199 38.42 43.30 -13.61
CA LYS D 199 37.85 44.41 -14.38
C LYS D 199 37.94 44.12 -15.88
N ASP D 200 39.12 43.69 -16.35
CA ASP D 200 39.34 43.16 -17.69
C ASP D 200 39.95 41.76 -17.70
N GLY D 201 40.41 41.26 -16.55
CA GLY D 201 41.13 40.01 -16.47
C GLY D 201 42.34 40.06 -15.56
N SER D 202 42.97 41.24 -15.45
CA SER D 202 44.14 41.46 -14.62
C SER D 202 43.76 42.03 -13.26
N GLN D 203 44.65 41.80 -12.29
CA GLN D 203 44.49 42.28 -10.91
C GLN D 203 44.92 43.74 -10.78
N VAL D 204 44.05 44.57 -10.22
CA VAL D 204 44.30 46.00 -10.06
C VAL D 204 44.33 46.32 -8.56
N VAL D 205 45.25 47.19 -8.18
CA VAL D 205 45.42 47.62 -6.79
C VAL D 205 45.40 49.13 -6.77
N THR D 206 44.49 49.71 -6.00
CA THR D 206 44.28 51.16 -5.98
C THR D 206 44.51 51.69 -4.57
N LEU D 207 45.33 52.74 -4.46
CA LEU D 207 45.66 53.40 -3.21
C LEU D 207 45.30 54.88 -3.28
N ASN D 208 45.19 55.51 -2.12
CA ASN D 208 44.79 56.91 -2.04
C ASN D 208 45.70 57.65 -1.10
N LYS D 209 46.18 58.83 -1.51
CA LYS D 209 47.01 59.71 -0.69
C LYS D 209 48.23 58.95 -0.15
N GLY D 210 49.14 58.65 -1.09
CA GLY D 210 50.35 57.91 -0.78
C GLY D 210 51.62 58.69 -1.12
N THR D 211 52.73 58.16 -0.61
CA THR D 211 54.06 58.70 -0.87
C THR D 211 54.93 57.61 -1.48
N ARG D 212 55.64 57.97 -2.55
CA ARG D 212 56.53 57.08 -3.27
C ARG D 212 57.96 57.56 -3.07
N PHE D 213 58.79 56.71 -2.47
CA PHE D 213 60.21 56.95 -2.24
C PHE D 213 61.01 56.05 -3.15
N GLU D 214 61.79 56.66 -4.04
CA GLU D 214 62.75 55.95 -4.87
C GLU D 214 64.09 56.68 -4.82
N GLY D 215 65.10 56.06 -5.42
CA GLY D 215 66.41 56.68 -5.48
C GLY D 215 67.45 55.74 -6.06
N THR D 216 68.71 56.17 -5.95
CA THR D 216 69.86 55.40 -6.41
C THR D 216 70.61 54.81 -5.21
N ALA D 217 71.69 54.09 -5.51
CA ALA D 217 72.42 53.29 -4.53
C ALA D 217 73.16 54.18 -3.56
N MET D 218 72.56 54.42 -2.39
CA MET D 218 73.14 55.13 -1.25
C MET D 218 73.76 56.49 -1.59
N LEU D 219 73.51 57.03 -2.79
CA LEU D 219 73.73 58.45 -3.02
C LEU D 219 72.49 59.21 -2.54
N ARG D 220 72.71 60.49 -2.18
CA ARG D 220 71.66 61.25 -1.51
C ARG D 220 70.52 61.67 -2.45
N ASP D 221 70.53 61.29 -3.73
CA ASP D 221 69.45 61.67 -4.62
C ASP D 221 68.21 60.82 -4.35
N PHE D 222 67.07 61.49 -4.22
CA PHE D 222 65.82 60.84 -3.88
C PHE D 222 64.73 61.37 -4.80
N ARG D 223 63.72 60.52 -5.02
CA ARG D 223 62.52 60.88 -5.76
C ARG D 223 61.37 60.64 -4.78
N ILE D 224 60.81 61.73 -4.27
CA ILE D 224 59.74 61.68 -3.28
C ILE D 224 58.49 62.24 -3.92
N THR D 225 57.55 61.36 -4.22
CA THR D 225 56.32 61.69 -4.91
C THR D 225 55.16 61.65 -3.93
N ASP D 226 54.31 62.68 -3.97
CA ASP D 226 53.06 62.70 -3.18
C ASP D 226 51.89 62.48 -4.13
N PHE D 227 51.50 61.22 -4.27
CA PHE D 227 50.44 60.83 -5.17
C PHE D 227 49.09 60.85 -4.47
N GLN D 228 48.05 61.25 -5.20
CA GLN D 228 46.68 61.34 -4.67
C GLN D 228 45.92 60.04 -4.87
N ASN D 229 45.67 59.68 -6.13
CA ASN D 229 44.92 58.47 -6.48
C ASN D 229 45.79 57.59 -7.37
N TYR D 230 46.23 56.48 -6.80
CA TYR D 230 47.20 55.55 -7.36
C TYR D 230 46.46 54.31 -7.88
N GLN D 231 46.73 53.91 -9.12
CA GLN D 231 46.22 52.63 -9.62
C GLN D 231 47.32 51.83 -10.30
N ALA D 232 47.53 50.57 -9.89
CA ALA D 232 48.56 49.75 -10.50
C ALA D 232 48.02 48.36 -10.77
N ILE D 233 48.82 47.59 -11.51
CA ILE D 233 48.49 46.20 -11.84
C ILE D 233 49.60 45.35 -11.23
N ILE D 234 49.33 44.78 -10.07
CA ILE D 234 50.29 43.90 -9.39
C ILE D 234 50.25 42.48 -9.93
N GLY D 235 49.23 42.12 -10.70
CA GLY D 235 49.12 40.80 -11.29
C GLY D 235 48.90 40.81 -12.80
N ASP D 242 38.03 33.58 -12.93
CA ASP D 242 38.35 32.27 -12.34
C ASP D 242 37.48 31.09 -12.84
N PRO D 243 36.11 31.16 -12.66
CA PRO D 243 35.25 30.15 -13.32
C PRO D 243 34.75 30.55 -14.71
N THR D 244 35.60 31.22 -15.51
CA THR D 244 35.15 31.74 -16.79
C THR D 244 35.24 30.67 -17.89
N ASP D 245 34.26 30.65 -18.79
CA ASP D 245 34.18 29.60 -19.79
C ASP D 245 34.71 30.06 -21.15
N THR D 246 35.50 29.22 -21.81
CA THR D 246 36.09 29.53 -23.12
C THR D 246 35.57 28.67 -24.27
N GLU D 247 35.45 27.35 -24.06
CA GLU D 247 35.02 26.41 -25.10
C GLU D 247 33.52 26.14 -24.92
N GLN D 248 32.73 27.06 -25.46
CA GLN D 248 31.28 27.09 -25.38
C GLN D 248 30.68 27.12 -26.79
N MET D 249 31.29 26.36 -27.70
CA MET D 249 30.91 26.33 -29.10
C MET D 249 30.08 25.09 -29.43
N ASP D 250 29.42 25.12 -30.58
CA ASP D 250 28.66 23.99 -31.08
C ASP D 250 29.59 22.99 -31.78
N MET D 251 29.05 21.81 -32.10
CA MET D 251 29.83 20.80 -32.79
C MET D 251 30.30 21.29 -34.15
N ARG D 252 29.44 22.03 -34.86
CA ARG D 252 29.81 22.53 -36.17
C ARG D 252 31.01 23.47 -36.09
N THR D 253 30.95 24.44 -35.20
CA THR D 253 32.06 25.38 -35.11
C THR D 253 33.34 24.68 -34.72
N LEU D 254 33.27 23.71 -33.80
CA LEU D 254 34.46 22.94 -33.44
C LEU D 254 34.99 22.16 -34.62
N TRP D 255 34.09 21.62 -35.45
CA TRP D 255 34.55 20.91 -36.63
C TRP D 255 35.28 21.87 -37.56
N ASN D 256 34.81 23.11 -37.65
CA ASN D 256 35.39 24.01 -38.62
C ASN D 256 36.55 24.84 -38.11
N THR D 257 36.79 24.84 -36.81
CA THR D 257 37.80 25.74 -36.29
C THR D 257 39.21 25.20 -36.56
N ASP D 258 39.49 23.98 -36.11
CA ASP D 258 40.77 23.34 -36.41
C ASP D 258 41.93 24.12 -35.81
N THR D 259 41.68 24.78 -34.69
CA THR D 259 42.73 25.36 -33.88
C THR D 259 43.05 24.40 -32.73
N ASP D 260 44.14 24.68 -32.02
CA ASP D 260 44.59 23.81 -30.95
C ASP D 260 43.50 23.64 -29.88
N ARG D 261 43.05 24.75 -29.30
CA ARG D 261 42.00 24.68 -28.28
C ARG D 261 40.77 23.92 -28.80
N ALA D 262 40.33 24.23 -30.02
CA ALA D 262 39.10 23.64 -30.53
C ALA D 262 39.29 22.18 -30.86
N ARG D 263 40.47 21.81 -31.36
CA ARG D 263 40.69 20.40 -31.64
C ARG D 263 40.70 19.59 -30.37
N ALA D 264 41.40 20.08 -29.34
CA ALA D 264 41.43 19.39 -28.06
C ALA D 264 40.02 19.25 -27.49
N GLU D 265 39.27 20.35 -27.40
CA GLU D 265 37.92 20.26 -26.84
C GLU D 265 37.05 19.27 -27.61
N PHE D 266 37.13 19.30 -28.94
CA PHE D 266 36.29 18.42 -29.75
C PHE D 266 36.62 16.96 -29.49
N HIS D 267 37.90 16.61 -29.49
CA HIS D 267 38.22 15.22 -29.21
C HIS D 267 37.85 14.85 -27.78
N TRP D 268 37.98 15.79 -26.84
CA TRP D 268 37.58 15.50 -25.48
C TRP D 268 36.09 15.15 -25.42
N ARG D 269 35.24 15.97 -26.05
CA ARG D 269 33.79 15.68 -26.08
C ARG D 269 33.48 14.33 -26.71
N ILE D 270 34.08 14.02 -27.86
CA ILE D 270 33.77 12.74 -28.48
C ILE D 270 34.26 11.59 -27.58
N THR D 271 35.48 11.69 -27.06
CA THR D 271 35.97 10.58 -26.26
C THR D 271 35.16 10.43 -24.98
N LEU D 272 34.64 11.54 -24.45
CA LEU D 272 33.78 11.51 -23.28
C LEU D 272 32.45 10.80 -23.59
N VAL D 273 31.92 10.94 -24.83
CA VAL D 273 30.69 10.21 -25.18
C VAL D 273 30.99 8.75 -25.53
N PHE D 274 32.22 8.46 -25.97
CA PHE D 274 32.67 7.10 -26.27
C PHE D 274 32.95 6.30 -25.00
N THR D 275 33.44 6.97 -23.95
CA THR D 275 33.80 6.36 -22.68
C THR D 275 32.66 5.55 -22.10
N VAL D 276 31.42 5.97 -22.37
CA VAL D 276 30.26 5.20 -21.92
C VAL D 276 30.35 3.77 -22.47
N PHE D 277 30.43 3.62 -23.79
CA PHE D 277 30.46 2.30 -24.40
C PHE D 277 31.74 1.55 -24.04
N MET D 278 32.89 2.25 -24.04
CA MET D 278 34.16 1.60 -23.75
C MET D 278 34.17 1.02 -22.34
N MET D 279 33.88 1.86 -21.33
CA MET D 279 33.80 1.38 -19.96
C MET D 279 32.73 0.30 -19.80
N ALA D 280 31.54 0.45 -20.40
CA ALA D 280 30.56 -0.61 -20.22
C ALA D 280 31.03 -1.92 -20.85
N LEU D 281 31.92 -1.85 -21.84
CA LEU D 281 32.42 -3.06 -22.48
C LEU D 281 33.52 -3.72 -21.63
N ILE D 282 34.34 -2.91 -20.95
CA ILE D 282 35.38 -3.47 -20.10
C ILE D 282 34.80 -4.06 -18.82
N VAL D 283 33.77 -3.43 -18.25
CA VAL D 283 33.28 -3.79 -16.92
C VAL D 283 32.61 -5.17 -16.87
N VAL D 284 32.21 -5.76 -18.01
CA VAL D 284 31.40 -6.97 -17.94
C VAL D 284 32.22 -8.15 -17.43
N PRO D 285 33.41 -8.44 -17.96
CA PRO D 285 34.20 -9.56 -17.40
C PRO D 285 35.04 -9.18 -16.18
N LEU D 286 34.91 -7.98 -15.65
CA LEU D 286 35.62 -7.60 -14.43
C LEU D 286 34.65 -7.33 -13.28
N SER D 287 33.49 -8.00 -13.27
CA SER D 287 32.45 -7.71 -12.29
C SER D 287 32.23 -8.84 -11.30
N VAL D 288 32.94 -9.95 -11.47
CA VAL D 288 32.83 -11.07 -10.55
C VAL D 288 33.49 -10.66 -9.23
N VAL D 289 32.81 -10.91 -8.12
CA VAL D 289 33.37 -10.63 -6.80
C VAL D 289 33.71 -11.94 -6.13
N ASN D 290 34.76 -11.92 -5.25
CA ASN D 290 35.19 -13.08 -4.47
C ASN D 290 34.80 -12.92 -3.01
N PRO D 291 34.27 -13.98 -2.40
CA PRO D 291 33.94 -13.92 -0.96
C PRO D 291 35.11 -13.54 -0.09
N ARG D 292 36.33 -13.82 -0.54
CA ARG D 292 37.55 -13.45 0.16
C ARG D 292 37.80 -11.93 0.07
N GLN D 293 37.72 -11.35 -1.13
CA GLN D 293 37.99 -9.93 -1.27
C GLN D 293 36.77 -9.06 -0.95
N GLY D 294 35.55 -9.58 -1.14
CA GLY D 294 34.35 -8.77 -1.02
C GLY D 294 33.95 -8.07 -2.30
N ARG D 295 33.27 -6.93 -2.19
CA ARG D 295 32.87 -6.16 -3.37
C ARG D 295 33.87 -5.05 -3.66
N VAL D 296 34.00 -4.07 -2.76
CA VAL D 296 34.84 -2.90 -3.02
C VAL D 296 36.24 -3.32 -3.44
N LEU D 297 36.75 -4.42 -2.89
CA LEU D 297 38.08 -4.87 -3.28
C LEU D 297 38.06 -5.61 -4.62
N SER D 298 36.94 -6.24 -4.96
CA SER D 298 36.86 -6.90 -6.26
C SER D 298 36.59 -5.91 -7.39
N MET D 299 35.97 -4.78 -7.09
CA MET D 299 35.83 -3.73 -8.09
C MET D 299 37.11 -2.94 -8.29
N LEU D 300 38.13 -3.16 -7.47
CA LEU D 300 39.23 -2.21 -7.39
C LEU D 300 40.03 -2.08 -8.70
N PRO D 301 40.43 -3.18 -9.38
CA PRO D 301 41.16 -2.98 -10.66
C PRO D 301 40.36 -2.28 -11.75
N ALA D 302 39.05 -2.59 -11.84
CA ALA D 302 38.18 -1.90 -12.78
C ALA D 302 38.05 -0.42 -12.45
N MET D 303 37.88 -0.08 -11.17
CA MET D 303 37.88 1.34 -10.80
C MET D 303 39.22 1.98 -11.11
N LEU D 304 40.31 1.23 -10.98
CA LEU D 304 41.61 1.80 -11.31
C LEU D 304 41.73 2.05 -12.82
N LEU D 305 41.28 1.10 -13.65
CA LEU D 305 41.21 1.35 -15.09
C LEU D 305 40.45 2.63 -15.38
N TYR D 306 39.22 2.75 -14.83
CA TYR D 306 38.43 3.96 -15.05
C TYR D 306 39.21 5.21 -14.65
N LEU D 307 39.88 5.20 -13.49
CA LEU D 307 40.59 6.40 -13.02
C LEU D 307 41.79 6.69 -13.91
N ILE D 308 42.48 5.65 -14.37
CA ILE D 308 43.65 5.84 -15.21
C ILE D 308 43.23 6.37 -16.58
N TYR D 309 42.10 5.88 -17.08
CA TYR D 309 41.57 6.38 -18.34
C TYR D 309 41.20 7.85 -18.21
N PHE D 310 40.54 8.22 -17.13
CA PHE D 310 40.16 9.63 -17.10
C PHE D 310 41.37 10.51 -16.89
N LEU D 311 42.35 10.04 -16.13
CA LEU D 311 43.56 10.83 -15.93
C LEU D 311 44.30 11.07 -17.24
N LEU D 312 44.54 10.01 -18.02
CA LEU D 312 45.09 10.17 -19.36
C LEU D 312 44.28 11.17 -20.18
N GLN D 313 42.95 11.03 -20.23
CA GLN D 313 42.20 11.89 -21.13
C GLN D 313 42.27 13.35 -20.69
N THR D 314 42.23 13.60 -19.38
CA THR D 314 42.33 14.97 -18.92
C THR D 314 43.72 15.53 -19.17
N SER D 315 44.75 14.70 -19.02
CA SER D 315 46.10 15.15 -19.31
C SER D 315 46.28 15.45 -20.79
N ILE D 316 45.74 14.58 -21.65
CA ILE D 316 45.81 14.80 -23.09
C ILE D 316 45.12 16.10 -23.46
N ARG D 317 43.91 16.34 -22.95
CA ARG D 317 43.23 17.59 -23.25
C ARG D 317 44.07 18.78 -22.80
N SER D 318 44.53 18.76 -21.55
CA SER D 318 45.28 19.89 -21.02
C SER D 318 46.56 20.15 -21.81
N ASN D 319 47.21 19.09 -22.29
CA ASN D 319 48.46 19.28 -23.03
C ASN D 319 48.22 19.66 -24.48
N GLY D 320 47.25 19.04 -25.15
CA GLY D 320 46.95 19.37 -26.52
C GLY D 320 46.42 20.78 -26.69
N ALA D 321 45.55 21.24 -25.80
CA ALA D 321 45.04 22.58 -26.05
C ALA D 321 46.12 23.64 -25.89
N LYS D 322 47.30 23.27 -25.36
CA LYS D 322 48.43 24.19 -25.22
C LYS D 322 49.51 23.97 -26.27
N GLY D 323 49.30 23.04 -27.20
CA GLY D 323 50.20 22.80 -28.29
C GLY D 323 51.31 21.80 -28.00
N LYS D 324 51.16 20.98 -26.97
CA LYS D 324 52.22 20.03 -26.62
C LYS D 324 52.10 18.75 -27.46
N LEU D 325 50.89 18.21 -27.59
CA LEU D 325 50.63 17.03 -28.42
C LEU D 325 49.55 17.32 -29.46
N ASP D 326 49.36 16.37 -30.39
CA ASP D 326 48.16 16.35 -31.23
C ASP D 326 47.09 15.58 -30.45
N PRO D 327 46.02 16.25 -29.97
CA PRO D 327 45.02 15.53 -29.17
C PRO D 327 44.39 14.36 -29.86
N MET D 328 44.15 14.45 -31.18
CA MET D 328 43.56 13.32 -31.90
C MET D 328 44.39 12.05 -31.75
N VAL D 329 45.67 12.11 -32.14
CA VAL D 329 46.50 10.91 -32.12
C VAL D 329 46.51 10.27 -30.74
N TRP D 330 46.83 11.04 -29.71
CA TRP D 330 46.97 10.45 -28.38
C TRP D 330 45.63 9.99 -27.83
N THR D 331 44.59 10.81 -27.99
CA THR D 331 43.25 10.41 -27.54
C THR D 331 42.81 9.09 -28.18
N TRP D 332 42.93 8.96 -29.49
CA TRP D 332 42.46 7.70 -30.06
C TRP D 332 43.46 6.56 -29.93
N PHE D 333 44.76 6.83 -29.72
CA PHE D 333 45.65 5.75 -29.35
C PHE D 333 45.26 5.17 -27.99
N VAL D 334 44.98 6.03 -27.00
CA VAL D 334 44.51 5.51 -25.71
C VAL D 334 43.22 4.72 -25.88
N ASN D 335 42.24 5.26 -26.62
CA ASN D 335 41.01 4.51 -26.83
C ASN D 335 41.28 3.17 -27.48
N SER D 336 42.19 3.12 -28.45
CA SER D 336 42.51 1.86 -29.12
C SER D 336 43.05 0.86 -28.12
N LEU D 337 44.00 1.29 -27.31
CA LEU D 337 44.58 0.38 -26.35
C LEU D 337 43.50 -0.14 -25.39
N TYR D 338 42.58 0.73 -24.97
CA TYR D 338 41.52 0.27 -24.05
C TYR D 338 40.54 -0.69 -24.73
N ILE D 339 40.25 -0.47 -26.01
CA ILE D 339 39.39 -1.39 -26.75
C ILE D 339 40.09 -2.74 -26.91
N LEU D 340 41.41 -2.72 -27.17
CA LEU D 340 42.13 -3.98 -27.27
C LEU D 340 42.08 -4.73 -25.94
N LEU D 341 42.25 -4.01 -24.83
CA LEU D 341 42.19 -4.66 -23.53
C LEU D 341 40.80 -5.24 -23.28
N ALA D 342 39.75 -4.48 -23.61
CA ALA D 342 38.39 -4.98 -23.53
C ALA D 342 38.22 -6.30 -24.28
N LEU D 343 38.53 -6.31 -25.57
CA LEU D 343 38.42 -7.57 -26.31
C LEU D 343 39.32 -8.66 -25.72
N GLY D 344 40.50 -8.29 -25.24
CA GLY D 344 41.38 -9.28 -24.65
C GLY D 344 40.74 -9.98 -23.47
N LEU D 345 40.22 -9.22 -22.54
CA LEU D 345 39.66 -9.89 -21.38
C LEU D 345 38.18 -10.20 -21.56
N ASN D 346 37.61 -9.92 -22.74
CA ASN D 346 36.28 -10.41 -23.06
C ASN D 346 36.30 -11.71 -23.85
N LEU D 347 37.38 -12.01 -24.57
CA LEU D 347 37.45 -13.24 -25.36
C LEU D 347 38.19 -14.37 -24.66
N TRP D 348 39.06 -14.04 -23.70
CA TRP D 348 39.93 -15.06 -23.10
C TRP D 348 39.12 -16.22 -22.49
N ASP D 349 37.91 -15.96 -21.99
CA ASP D 349 37.07 -16.98 -21.37
C ASP D 349 36.08 -17.62 -22.34
N THR D 350 36.46 -17.77 -23.61
CA THR D 350 35.60 -18.39 -24.61
C THR D 350 36.27 -19.63 -25.18
N VAL D 351 35.49 -20.39 -25.96
CA VAL D 351 36.00 -21.61 -26.59
C VAL D 351 37.26 -21.35 -27.42
N PRO D 352 37.24 -20.43 -28.40
CA PRO D 352 38.46 -20.24 -29.23
C PRO D 352 39.70 -19.83 -28.45
N VAL D 353 39.57 -18.94 -27.46
CA VAL D 353 40.74 -18.45 -26.74
C VAL D 353 41.15 -19.43 -25.63
N ARG D 354 40.20 -20.20 -25.08
CA ARG D 354 40.56 -21.27 -24.15
C ARG D 354 41.45 -22.30 -24.81
N ARG D 355 41.10 -22.71 -26.03
CA ARG D 355 41.98 -23.60 -26.78
C ARG D 355 43.29 -22.91 -27.12
N ILE D 356 43.26 -21.60 -27.37
CA ILE D 356 44.42 -20.83 -27.84
C ILE D 356 45.56 -20.93 -26.84
N GLY E 5 46.02 -5.96 31.36
CA GLY E 5 45.10 -7.08 31.14
C GLY E 5 45.50 -7.95 29.96
N VAL E 6 44.66 -8.90 29.56
CA VAL E 6 44.92 -9.70 28.34
C VAL E 6 44.02 -9.28 27.19
N LEU E 7 42.70 -9.26 27.40
CA LEU E 7 41.84 -8.72 26.34
C LEU E 7 42.23 -7.29 26.01
N ASP E 8 42.60 -6.51 27.02
CA ASP E 8 43.11 -5.18 26.71
C ASP E 8 44.34 -5.30 25.81
N ARG E 9 45.22 -6.24 26.13
CA ARG E 9 46.46 -6.39 25.36
C ARG E 9 46.19 -6.89 23.96
N TYR E 10 45.21 -7.79 23.80
CA TYR E 10 44.94 -8.37 22.48
C TYR E 10 44.26 -7.35 21.56
N ILE E 11 43.16 -6.75 22.03
CA ILE E 11 42.57 -5.65 21.29
C ILE E 11 43.62 -4.60 20.95
N GLY E 12 44.43 -4.18 21.94
CA GLY E 12 45.46 -3.18 21.67
C GLY E 12 46.42 -3.61 20.58
N LYS E 13 46.90 -4.84 20.66
CA LYS E 13 47.84 -5.33 19.66
C LYS E 13 47.23 -5.29 18.25
N THR E 14 45.99 -5.80 18.09
CA THR E 14 45.39 -5.84 16.74
C THR E 14 45.12 -4.42 16.21
N ILE E 15 44.56 -3.54 17.05
CA ILE E 15 44.25 -2.20 16.57
C ILE E 15 45.52 -1.43 16.22
N PHE E 16 46.57 -1.58 17.04
CA PHE E 16 47.83 -0.91 16.75
C PHE E 16 48.46 -1.43 15.46
N THR E 17 48.54 -2.75 15.28
CA THR E 17 49.09 -3.22 14.01
C THR E 17 48.30 -2.67 12.83
N THR E 18 46.95 -2.68 12.89
CA THR E 18 46.15 -2.26 11.73
C THR E 18 46.27 -0.75 11.46
N ILE E 19 46.34 0.07 12.51
CA ILE E 19 46.59 1.51 12.35
C ILE E 19 47.98 1.77 11.77
N MET E 20 48.98 0.99 12.18
CA MET E 20 50.30 1.25 11.62
C MET E 20 50.35 0.82 10.15
N MET E 21 49.70 -0.29 9.80
CA MET E 21 49.68 -0.70 8.39
C MET E 21 48.94 0.32 7.53
N THR E 22 47.77 0.76 7.97
CA THR E 22 47.04 1.80 7.26
C THR E 22 47.88 3.06 7.06
N LEU E 23 48.61 3.48 8.10
CA LEU E 23 49.42 4.68 8.01
C LEU E 23 50.62 4.50 7.09
N PHE E 24 51.19 3.30 7.06
CA PHE E 24 52.26 3.07 6.11
C PHE E 24 51.74 3.16 4.69
N MET E 25 50.55 2.61 4.44
CA MET E 25 49.99 2.63 3.09
C MET E 25 49.66 4.06 2.64
N LEU E 26 48.98 4.84 3.49
CA LEU E 26 48.71 6.22 3.10
C LEU E 26 50.00 7.00 2.89
N VAL E 27 51.01 6.78 3.73
CA VAL E 27 52.24 7.55 3.56
C VAL E 27 52.94 7.14 2.27
N SER E 28 52.86 5.87 1.89
CA SER E 28 53.53 5.46 0.66
C SER E 28 52.82 6.01 -0.57
N LEU E 29 51.49 6.06 -0.55
CA LEU E 29 50.79 6.69 -1.67
C LEU E 29 51.17 8.16 -1.78
N SER E 30 50.98 8.95 -0.71
CA SER E 30 51.31 10.37 -0.85
C SER E 30 52.78 10.56 -1.23
N GLY E 31 53.66 9.66 -0.77
CA GLY E 31 55.07 9.77 -1.10
C GLY E 31 55.36 9.54 -2.57
N ILE E 32 54.80 8.48 -3.15
CA ILE E 32 54.97 8.29 -4.59
C ILE E 32 54.44 9.51 -5.35
N ILE E 33 53.34 10.10 -4.90
CA ILE E 33 52.82 11.26 -5.62
C ILE E 33 53.77 12.44 -5.50
N LYS E 34 54.23 12.73 -4.27
CA LYS E 34 55.15 13.87 -4.09
C LYS E 34 56.49 13.60 -4.74
N PHE E 35 56.91 12.34 -4.83
CA PHE E 35 58.15 11.98 -5.52
C PHE E 35 58.06 12.27 -7.01
N VAL E 36 56.98 11.83 -7.66
CA VAL E 36 56.82 12.14 -9.07
C VAL E 36 56.74 13.66 -9.27
N ASP E 37 55.96 14.35 -8.43
CA ASP E 37 55.87 15.80 -8.56
C ASP E 37 57.22 16.49 -8.37
N GLN E 38 58.05 15.98 -7.45
CA GLN E 38 59.34 16.64 -7.20
C GLN E 38 60.33 16.34 -8.32
N LEU E 39 60.33 15.10 -8.83
CA LEU E 39 61.17 14.75 -9.96
C LEU E 39 60.81 15.55 -11.20
N LYS E 40 59.54 15.93 -11.33
CA LYS E 40 59.13 16.80 -12.43
C LYS E 40 59.98 18.07 -12.51
N LYS E 41 60.47 18.57 -11.38
CA LYS E 41 61.26 19.79 -11.37
C LYS E 41 62.73 19.50 -11.05
N ALA E 42 63.23 18.34 -11.48
CA ALA E 42 64.60 17.92 -11.25
C ALA E 42 65.52 18.24 -12.43
N GLY E 43 65.25 19.30 -13.18
CA GLY E 43 66.14 19.71 -14.25
C GLY E 43 67.21 20.72 -13.87
N GLN E 44 66.89 21.61 -12.92
CA GLN E 44 67.80 22.67 -12.51
C GLN E 44 68.73 22.18 -11.40
N GLY E 45 69.98 22.62 -11.44
CA GLY E 45 70.97 22.23 -10.45
C GLY E 45 71.31 20.76 -10.48
N SER E 46 72.20 20.31 -9.59
CA SER E 46 72.52 18.89 -9.44
C SER E 46 71.47 18.22 -8.54
N TYR E 47 70.23 18.25 -9.03
CA TYR E 47 69.08 17.61 -8.41
C TYR E 47 68.72 16.40 -9.26
N ASP E 48 68.99 15.21 -8.73
CA ASP E 48 68.80 13.95 -9.44
C ASP E 48 67.65 13.17 -8.80
N ALA E 49 67.37 12.00 -9.39
CA ALA E 49 66.38 11.10 -8.80
C ALA E 49 66.71 10.79 -7.35
N LEU E 50 68.00 10.57 -7.02
CA LEU E 50 68.37 10.32 -5.63
C LEU E 50 68.01 11.50 -4.74
N GLY E 51 68.18 12.73 -5.25
CA GLY E 51 67.84 13.90 -4.47
C GLY E 51 66.34 14.05 -4.25
N ALA E 52 65.55 13.77 -5.30
CA ALA E 52 64.11 13.83 -5.15
C ALA E 52 63.62 12.76 -4.17
N GLY E 53 64.16 11.55 -4.28
CA GLY E 53 63.93 10.55 -3.24
C GLY E 53 64.25 11.05 -1.85
N MET E 54 65.40 11.72 -1.68
CA MET E 54 65.77 12.20 -0.35
C MET E 54 64.79 13.25 0.15
N TYR E 55 64.32 14.13 -0.72
CA TYR E 55 63.35 15.13 -0.31
C TYR E 55 62.02 14.49 0.09
N THR E 56 61.64 13.38 -0.55
CA THR E 56 60.42 12.72 -0.11
C THR E 56 60.63 12.02 1.22
N LEU E 57 61.76 11.34 1.40
CA LEU E 57 62.00 10.64 2.66
C LEU E 57 62.04 11.62 3.82
N LEU E 58 62.75 12.74 3.67
CA LEU E 58 62.81 13.75 4.72
C LEU E 58 61.47 14.42 4.96
N SER E 59 60.55 14.37 3.99
CA SER E 59 59.23 14.93 4.18
C SER E 59 58.21 13.91 4.66
N VAL E 60 58.61 12.63 4.79
CA VAL E 60 57.69 11.61 5.30
C VAL E 60 57.08 12.01 6.64
N PRO E 61 57.84 12.44 7.65
CA PRO E 61 57.19 12.82 8.91
C PRO E 61 56.05 13.81 8.74
N LYS E 62 56.08 14.65 7.70
CA LYS E 62 55.00 15.60 7.55
C LYS E 62 53.75 14.90 7.06
N ASP E 63 53.93 13.85 6.26
CA ASP E 63 52.80 13.14 5.67
C ASP E 63 52.09 12.29 6.73
N VAL E 64 52.86 11.55 7.53
CA VAL E 64 52.33 10.79 8.66
C VAL E 64 51.61 11.71 9.66
N GLN E 65 52.16 12.91 9.89
CA GLN E 65 51.48 13.86 10.75
C GLN E 65 50.14 14.31 10.14
N ILE E 66 50.07 14.39 8.81
CA ILE E 66 48.85 14.83 8.13
C ILE E 66 47.84 13.69 8.06
N PHE E 67 48.30 12.50 7.62
CA PHE E 67 47.45 11.32 7.49
C PHE E 67 47.29 10.55 8.78
N PHE E 68 47.57 11.16 9.92
CA PHE E 68 47.44 10.39 11.14
C PHE E 68 45.97 10.16 11.51
N PRO E 69 45.12 11.19 11.59
CA PRO E 69 43.73 10.91 12.02
C PRO E 69 42.96 10.04 11.06
N MET E 70 43.08 10.25 9.76
CA MET E 70 42.42 9.36 8.83
C MET E 70 42.89 7.91 9.04
N ALA E 71 44.20 7.69 9.14
CA ALA E 71 44.69 6.32 9.32
C ALA E 71 44.21 5.73 10.64
N ALA E 72 44.07 6.56 11.67
CA ALA E 72 43.53 6.10 12.95
C ALA E 72 42.11 5.59 12.79
N LEU E 73 41.24 6.39 12.18
CA LEU E 73 39.86 5.98 11.94
C LEU E 73 39.79 4.71 11.09
N LEU E 74 40.55 4.67 9.99
CA LEU E 74 40.47 3.50 9.11
C LEU E 74 40.99 2.26 9.80
N GLY E 75 42.16 2.36 10.44
CA GLY E 75 42.74 1.21 11.11
C GLY E 75 41.91 0.72 12.28
N ALA E 76 41.39 1.64 13.10
CA ALA E 76 40.47 1.19 14.15
C ALA E 76 39.28 0.46 13.55
N LEU E 77 38.71 1.00 12.46
CA LEU E 77 37.57 0.37 11.81
C LEU E 77 37.90 -1.03 11.29
N LEU E 78 39.07 -1.19 10.65
CA LEU E 78 39.47 -2.50 10.13
C LEU E 78 39.85 -3.46 11.25
N GLY E 79 40.53 -2.98 12.28
CA GLY E 79 40.84 -3.80 13.42
C GLY E 79 39.59 -4.35 14.08
N LEU E 80 38.77 -3.44 14.63
CA LEU E 80 37.55 -3.91 15.27
C LEU E 80 36.61 -4.61 14.29
N GLY E 81 36.74 -4.35 12.99
CA GLY E 81 36.03 -5.14 12.01
C GLY E 81 36.52 -6.58 11.97
N MET E 82 37.83 -6.79 11.88
CA MET E 82 38.31 -8.15 11.93
C MET E 82 37.90 -8.83 13.23
N LEU E 83 37.81 -8.07 14.33
CA LEU E 83 37.39 -8.68 15.59
C LEU E 83 35.92 -9.06 15.55
N ALA E 84 35.08 -8.15 15.09
CA ALA E 84 33.65 -8.45 15.04
C ALA E 84 33.36 -9.52 14.01
N GLN E 85 33.87 -9.34 12.80
CA GLN E 85 33.61 -10.25 11.70
C GLN E 85 34.02 -11.67 12.03
N ARG E 86 35.11 -11.83 12.78
CA ARG E 86 35.51 -13.17 13.19
C ARG E 86 34.76 -13.63 14.43
N SER E 87 33.70 -12.92 14.81
CA SER E 87 32.82 -13.23 15.95
C SER E 87 33.63 -13.43 17.23
N GLU E 88 34.32 -12.37 17.62
CA GLU E 88 35.18 -12.37 18.80
C GLU E 88 34.76 -11.33 19.85
N LEU E 89 34.28 -10.15 19.43
CA LEU E 89 33.65 -9.23 20.37
C LEU E 89 32.41 -9.85 21.02
N VAL E 90 31.67 -10.67 20.26
CA VAL E 90 30.54 -11.41 20.84
C VAL E 90 31.04 -12.42 21.86
N VAL E 91 32.18 -13.05 21.60
CA VAL E 91 32.73 -13.99 22.57
C VAL E 91 33.17 -13.23 23.82
N MET E 92 33.86 -12.11 23.63
CA MET E 92 34.17 -11.24 24.75
C MET E 92 32.93 -10.91 25.58
N GLN E 93 31.78 -10.66 24.95
CA GLN E 93 30.58 -10.45 25.75
C GLN E 93 30.07 -11.76 26.34
N ALA E 94 30.28 -12.87 25.65
CA ALA E 94 29.80 -14.16 26.12
C ALA E 94 30.60 -14.66 27.32
N SER E 95 31.77 -14.08 27.55
CA SER E 95 32.64 -14.36 28.68
C SER E 95 32.52 -13.33 29.80
N GLY E 96 31.62 -12.35 29.66
CA GLY E 96 31.44 -11.30 30.63
C GLY E 96 32.19 -10.01 30.35
N PHE E 97 33.17 -10.03 29.44
CA PHE E 97 33.92 -8.81 29.08
C PHE E 97 32.96 -7.87 28.36
N THR E 98 32.57 -6.81 29.07
CA THR E 98 31.54 -5.90 28.58
C THR E 98 32.07 -5.04 27.44
N ARG E 99 31.16 -4.43 26.71
CA ARG E 99 31.55 -3.56 25.61
C ARG E 99 32.31 -2.34 26.10
N LEU E 100 31.94 -1.83 27.29
CA LEU E 100 32.68 -0.71 27.88
C LEU E 100 34.12 -1.12 28.19
N GLN E 101 34.35 -2.39 28.47
CA GLN E 101 35.73 -2.80 28.68
C GLN E 101 36.48 -2.88 27.37
N VAL E 102 35.76 -3.16 26.27
CA VAL E 102 36.38 -3.17 24.95
C VAL E 102 36.71 -1.75 24.50
N ALA E 103 35.75 -0.84 24.69
CA ALA E 103 35.99 0.58 24.45
C ALA E 103 37.16 1.09 25.27
N LEU E 104 37.26 0.64 26.52
CA LEU E 104 38.38 1.03 27.36
C LEU E 104 39.70 0.46 26.84
N SER E 105 39.70 -0.80 26.35
CA SER E 105 40.91 -1.36 25.76
C SER E 105 41.38 -0.51 24.59
N VAL E 106 40.45 -0.14 23.73
CA VAL E 106 40.79 0.77 22.64
C VAL E 106 41.36 2.08 23.18
N MET E 107 40.66 2.74 24.11
CA MET E 107 41.18 4.01 24.61
C MET E 107 42.54 3.85 25.27
N LYS E 108 42.77 2.73 25.96
CA LYS E 108 44.07 2.47 26.57
C LYS E 108 45.16 2.35 25.51
N THR E 109 44.85 1.66 24.41
CA THR E 109 45.85 1.56 23.35
C THR E 109 45.96 2.84 22.53
N ALA E 110 45.07 3.81 22.76
CA ALA E 110 45.17 5.07 22.02
C ALA E 110 46.26 6.01 22.55
N ILE E 111 46.89 5.70 23.68
CA ILE E 111 47.81 6.64 24.32
C ILE E 111 49.18 6.68 23.65
N PRO E 112 49.79 5.54 23.32
CA PRO E 112 51.08 5.57 22.60
C PRO E 112 51.01 6.32 21.29
N LEU E 113 49.88 6.24 20.59
CA LEU E 113 49.71 6.93 19.33
C LEU E 113 49.80 8.44 19.50
N VAL E 114 49.01 9.00 20.42
CA VAL E 114 49.09 10.44 20.63
C VAL E 114 50.48 10.84 21.10
N LEU E 115 51.13 10.05 21.97
CA LEU E 115 52.50 10.41 22.32
C LEU E 115 53.40 10.41 21.08
N LEU E 116 53.31 9.36 20.26
CA LEU E 116 54.17 9.26 19.09
C LEU E 116 53.98 10.47 18.19
N THR E 117 52.73 10.82 17.91
CA THR E 117 52.49 11.93 16.99
C THR E 117 52.90 13.27 17.59
N MET E 118 52.73 13.48 18.91
CA MET E 118 53.25 14.72 19.47
C MET E 118 54.75 14.79 19.32
N ALA E 119 55.46 13.73 19.70
CA ALA E 119 56.92 13.72 19.57
C ALA E 119 57.33 14.04 18.15
N ILE E 120 56.65 13.45 17.18
CA ILE E 120 57.02 13.67 15.78
C ILE E 120 56.75 15.12 15.37
N GLY E 121 55.51 15.59 15.52
CA GLY E 121 55.18 16.98 15.21
C GLY E 121 56.06 18.01 15.91
N GLU E 122 56.67 17.64 17.04
CA GLU E 122 57.55 18.55 17.75
C GLU E 122 59.00 18.50 17.28
N TRP E 123 59.60 17.31 17.14
CA TRP E 123 61.03 17.26 16.83
C TRP E 123 61.36 16.64 15.47
N VAL E 124 60.52 15.77 14.94
CA VAL E 124 60.80 14.99 13.74
C VAL E 124 60.18 15.61 12.49
N ALA E 125 58.89 15.95 12.55
CA ALA E 125 58.25 16.44 11.33
C ALA E 125 58.79 17.81 10.92
N PRO E 126 58.75 18.85 11.76
CA PRO E 126 59.33 20.14 11.34
C PRO E 126 60.81 20.07 10.99
N GLN E 127 61.63 19.38 11.79
CA GLN E 127 63.05 19.26 11.47
C GLN E 127 63.24 18.58 10.12
N GLY E 128 62.49 17.51 9.89
CA GLY E 128 62.60 16.80 8.61
C GLY E 128 62.18 17.63 7.43
N GLU E 129 61.10 18.38 7.56
CA GLU E 129 60.67 19.21 6.45
C GLU E 129 61.64 20.35 6.20
N GLN E 130 62.14 20.99 7.26
CA GLN E 130 63.06 22.09 7.06
C GLN E 130 64.36 21.59 6.43
N MET E 131 64.84 20.45 6.89
CA MET E 131 66.03 19.85 6.28
C MET E 131 65.78 19.48 4.82
N ALA E 132 64.58 18.99 4.50
CA ALA E 132 64.29 18.67 3.11
C ALA E 132 64.30 19.92 2.24
N ARG E 133 63.61 20.98 2.69
CA ARG E 133 63.59 22.21 1.90
C ARG E 133 64.98 22.76 1.73
N ASN E 134 65.79 22.77 2.80
CA ASN E 134 67.14 23.28 2.69
C ASN E 134 67.98 22.42 1.76
N TYR E 135 67.82 21.10 1.81
CA TYR E 135 68.60 20.25 0.92
C TYR E 135 68.21 20.47 -0.54
N ARG E 136 66.91 20.69 -0.80
CA ARG E 136 66.47 20.99 -2.16
C ARG E 136 67.02 22.32 -2.63
N ALA E 137 66.98 23.34 -1.77
CA ALA E 137 67.50 24.64 -2.18
C ALA E 137 69.02 24.62 -2.29
N GLN E 138 69.71 23.70 -1.58
CA GLN E 138 71.16 23.63 -1.65
C GLN E 138 71.62 22.85 -2.88
N ALA E 139 70.85 21.83 -3.29
CA ALA E 139 71.21 21.10 -4.50
C ALA E 139 70.87 21.89 -5.76
N MET E 140 69.93 22.84 -5.70
CA MET E 140 69.54 23.59 -6.90
C MET E 140 70.30 24.91 -7.04
N TYR E 141 70.32 25.74 -5.99
CA TYR E 141 70.90 27.09 -6.05
C TYR E 141 72.06 27.29 -5.08
N GLY E 142 72.59 26.24 -4.48
CA GLY E 142 73.70 26.38 -3.54
C GLY E 142 73.38 27.02 -2.21
N GLY E 143 72.26 26.64 -1.59
CA GLY E 143 71.89 27.12 -0.27
C GLY E 143 70.53 27.80 -0.21
N SER E 144 69.80 27.59 0.89
CA SER E 144 68.51 28.28 1.08
C SER E 144 68.72 29.77 1.31
N LEU E 145 69.91 30.17 1.76
CA LEU E 145 70.26 31.58 1.82
C LEU E 145 70.45 32.16 0.42
N LEU E 146 70.93 31.35 -0.52
CA LEU E 146 71.00 31.77 -1.91
C LEU E 146 69.67 31.58 -2.65
N SER E 147 68.75 30.80 -2.09
CA SER E 147 67.41 30.67 -2.67
C SER E 147 66.60 31.94 -2.47
N THR E 148 66.75 32.59 -1.31
CA THR E 148 66.16 33.89 -1.06
C THR E 148 67.07 35.04 -1.52
N GLN E 149 67.89 34.81 -2.56
CA GLN E 149 68.79 35.84 -3.05
C GLN E 149 68.03 37.06 -3.56
N GLN E 150 66.78 36.87 -4.01
CA GLN E 150 65.94 38.02 -4.29
C GLN E 150 65.70 38.80 -3.01
N GLY E 151 65.98 40.11 -3.05
CA GLY E 151 65.92 40.91 -1.86
C GLY E 151 64.55 40.93 -1.24
N LEU E 152 64.44 40.57 0.03
CA LEU E 152 63.15 40.55 0.69
C LEU E 152 63.03 41.67 1.71
N TRP E 153 61.82 41.85 2.20
CA TRP E 153 61.50 42.90 3.15
C TRP E 153 61.03 42.29 4.46
N ALA E 154 61.20 43.03 5.54
CA ALA E 154 60.61 42.66 6.81
C ALA E 154 60.20 43.92 7.55
N LYS E 155 59.34 43.74 8.53
CA LYS E 155 58.74 44.84 9.27
C LYS E 155 59.04 44.69 10.76
N ASP E 156 59.52 45.76 11.36
CA ASP E 156 59.74 45.82 12.81
C ASP E 156 59.06 47.11 13.26
N GLY E 157 57.86 46.98 13.82
CA GLY E 157 57.14 48.14 14.33
C GLY E 157 56.87 49.13 13.21
N GLN E 158 57.21 50.39 13.45
CA GLN E 158 57.05 51.42 12.42
C GLN E 158 58.23 51.49 11.46
N ASN E 159 59.07 50.46 11.39
CA ASN E 159 60.21 50.46 10.50
C ASN E 159 60.13 49.27 9.55
N PHE E 160 60.77 49.42 8.40
CA PHE E 160 60.86 48.33 7.44
C PHE E 160 62.32 48.15 7.07
N VAL E 161 62.69 46.93 6.71
CA VAL E 161 64.05 46.63 6.31
C VAL E 161 64.00 45.83 5.02
N TYR E 162 65.02 46.03 4.19
CA TYR E 162 65.14 45.34 2.93
C TYR E 162 66.51 44.68 2.92
N ILE E 163 66.54 43.37 2.73
CA ILE E 163 67.78 42.60 2.71
C ILE E 163 67.99 42.08 1.29
N GLU E 164 69.18 42.35 0.75
CA GLU E 164 69.55 41.98 -0.61
C GLU E 164 70.06 40.55 -0.71
N ARG E 165 70.79 40.09 0.30
CA ARG E 165 71.34 38.74 0.24
C ARG E 165 71.55 38.23 1.65
N VAL E 166 71.60 36.92 1.78
CA VAL E 166 71.83 36.27 3.07
C VAL E 166 73.09 35.42 2.94
N LYS E 167 74.07 35.69 3.80
CA LYS E 167 75.35 34.97 3.80
C LYS E 167 75.42 34.14 5.08
N GLY E 168 74.71 33.01 5.06
CA GLY E 168 74.65 32.13 6.22
C GLY E 168 73.42 32.39 7.06
N ASP E 169 73.60 32.42 8.38
CA ASP E 169 72.51 32.72 9.30
C ASP E 169 72.77 33.93 10.19
N ASP E 170 74.03 34.31 10.41
CA ASP E 170 74.40 35.43 11.28
C ASP E 170 75.01 36.60 10.52
N GLU E 171 75.21 36.48 9.21
CA GLU E 171 75.82 37.53 8.39
C GLU E 171 74.88 37.84 7.22
N LEU E 172 74.46 39.10 7.12
CA LEU E 172 73.59 39.58 6.06
C LEU E 172 74.27 40.72 5.31
N GLY E 173 73.77 40.98 4.11
CA GLY E 173 74.39 41.96 3.24
C GLY E 173 73.35 42.82 2.53
N GLY E 174 73.73 44.06 2.27
CA GLY E 174 72.88 44.95 1.50
C GLY E 174 71.66 45.51 2.21
N VAL E 175 71.74 45.68 3.53
CA VAL E 175 70.56 46.06 4.32
C VAL E 175 70.17 47.52 4.07
N SER E 176 68.86 47.77 4.04
CA SER E 176 68.33 49.14 3.99
C SER E 176 67.18 49.27 4.97
N ILE E 177 67.25 50.26 5.86
CA ILE E 177 66.27 50.46 6.92
C ILE E 177 65.50 51.75 6.66
N TYR E 178 64.21 51.62 6.37
CA TYR E 178 63.30 52.74 6.18
C TYR E 178 62.54 52.90 7.49
N ALA E 179 62.95 53.86 8.30
CA ALA E 179 62.33 54.10 9.60
C ALA E 179 61.30 55.21 9.42
N PHE E 180 60.04 54.86 9.61
CA PHE E 180 58.94 55.80 9.66
C PHE E 180 58.58 56.09 11.11
N ASN E 181 58.01 57.28 11.35
CA ASN E 181 57.61 57.67 12.69
C ASN E 181 56.15 57.29 12.91
N ASP E 182 55.49 57.96 13.85
CA ASP E 182 54.11 57.65 14.22
C ASP E 182 53.09 58.25 13.25
N GLU E 183 53.54 58.99 12.23
CA GLU E 183 52.63 59.61 11.28
C GLU E 183 52.97 59.29 9.83
N ARG E 184 53.92 58.38 9.58
CA ARG E 184 54.32 57.94 8.24
C ARG E 184 55.04 59.02 7.47
N ARG E 185 55.16 60.22 8.02
CA ARG E 185 55.79 61.32 7.32
C ARG E 185 57.25 61.52 7.71
N LEU E 186 57.60 61.28 8.97
CA LEU E 186 58.97 61.41 9.45
C LEU E 186 59.73 60.12 9.11
N GLN E 187 60.78 60.25 8.32
CA GLN E 187 61.46 59.08 7.76
C GLN E 187 62.96 59.25 7.91
N SER E 188 63.65 58.13 8.05
CA SER E 188 65.10 58.07 7.98
C SER E 188 65.49 56.80 7.25
N VAL E 189 66.53 56.88 6.43
CA VAL E 189 66.98 55.75 5.62
C VAL E 189 68.41 55.45 6.02
N ARG E 190 68.62 54.27 6.62
CA ARG E 190 69.94 53.83 7.06
C ARG E 190 70.36 52.60 6.27
N HIS E 191 71.41 52.73 5.46
CA HIS E 191 71.89 51.65 4.62
C HIS E 191 73.17 51.05 5.21
N ALA E 192 73.42 49.78 4.91
CA ALA E 192 74.52 49.09 5.53
C ALA E 192 75.01 47.96 4.61
N SER E 193 76.24 47.51 4.80
CA SER E 193 76.82 46.53 3.88
C SER E 193 76.96 45.14 4.51
N SER E 194 77.27 45.08 5.80
CA SER E 194 77.40 43.81 6.49
C SER E 194 76.83 43.90 7.90
N ALA E 195 76.18 42.82 8.33
CA ALA E 195 75.55 42.72 9.64
C ALA E 195 76.07 41.50 10.39
N LYS E 196 76.24 41.65 11.71
CA LYS E 196 76.62 40.55 12.58
C LYS E 196 75.69 40.52 13.79
N PHE E 197 75.46 39.31 14.31
CA PHE E 197 74.60 39.12 15.47
C PHE E 197 75.42 38.48 16.60
N ASP E 198 75.39 39.09 17.78
CA ASP E 198 76.00 38.52 18.99
C ASP E 198 74.94 38.30 20.05
N PRO E 199 74.69 37.07 20.51
CA PRO E 199 73.69 36.87 21.58
C PRO E 199 74.07 37.48 22.92
N GLU E 200 75.36 37.79 23.15
CA GLU E 200 75.77 38.38 24.40
C GLU E 200 75.12 39.74 24.60
N HIS E 201 75.21 40.61 23.58
CA HIS E 201 74.58 41.91 23.61
C HIS E 201 73.15 41.89 23.07
N LYS E 202 72.76 40.81 22.38
CA LYS E 202 71.40 40.63 21.85
C LYS E 202 71.00 41.78 20.92
N GLN E 203 71.91 42.17 20.03
CA GLN E 203 71.71 43.27 19.10
C GLN E 203 72.46 42.98 17.81
N TRP E 204 72.26 43.83 16.81
CA TRP E 204 72.94 43.71 15.52
C TRP E 204 74.04 44.75 15.40
N ARG E 205 75.12 44.38 14.72
CA ARG E 205 76.21 45.31 14.46
C ARG E 205 76.38 45.44 12.95
N LEU E 206 76.19 46.66 12.44
CA LEU E 206 76.30 46.99 11.03
C LEU E 206 77.63 47.68 10.75
N SER E 207 78.21 47.38 9.59
CA SER E 207 79.48 47.99 9.19
C SER E 207 79.31 48.75 7.87
N GLN E 208 80.00 49.89 7.77
CA GLN E 208 80.01 50.76 6.60
C GLN E 208 78.60 51.25 6.27
N VAL E 209 78.09 52.11 7.17
CA VAL E 209 76.71 52.56 7.11
C VAL E 209 76.65 54.05 6.76
N ASP E 210 75.47 54.48 6.33
CA ASP E 210 75.21 55.88 6.02
C ASP E 210 73.74 56.17 6.25
N GLU E 211 73.44 57.20 7.03
CA GLU E 211 72.07 57.56 7.32
C GLU E 211 71.68 58.79 6.52
N SER E 212 70.38 58.95 6.31
CA SER E 212 69.86 60.13 5.63
C SER E 212 68.67 60.65 6.42
N ASP E 213 68.75 61.92 6.81
CA ASP E 213 67.65 62.57 7.52
C ASP E 213 66.76 63.29 6.50
N LEU E 214 65.45 63.05 6.58
CA LEU E 214 64.49 63.70 5.70
C LEU E 214 63.49 64.56 6.47
N THR E 215 63.85 65.01 7.68
CA THR E 215 62.97 65.93 8.41
C THR E 215 62.92 67.29 7.74
N ASN E 216 64.00 67.71 7.10
CA ASN E 216 64.12 69.04 6.51
C ASN E 216 64.13 68.93 5.00
N PRO E 217 63.10 69.43 4.31
CA PRO E 217 63.10 69.40 2.85
C PRO E 217 64.23 70.25 2.29
N LYS E 218 64.52 70.05 1.00
CA LYS E 218 65.57 70.78 0.27
C LYS E 218 66.95 70.64 0.92
N GLN E 219 67.19 69.58 1.70
CA GLN E 219 68.47 69.41 2.37
C GLN E 219 69.08 68.06 2.01
N ILE E 220 68.58 66.97 2.59
CA ILE E 220 69.15 65.62 2.51
C ILE E 220 70.55 65.62 3.10
N THR E 221 70.64 65.83 4.40
CA THR E 221 71.95 65.74 5.03
C THR E 221 72.30 64.26 5.24
N GLY E 222 73.28 63.76 4.49
CA GLY E 222 73.73 62.39 4.64
C GLY E 222 75.00 62.29 5.48
N SER E 223 74.93 61.48 6.54
CA SER E 223 76.06 61.21 7.43
C SER E 223 76.63 59.82 7.17
N GLN E 224 77.95 59.72 7.13
CA GLN E 224 78.62 58.45 6.86
C GLN E 224 79.48 58.06 8.07
N THR E 225 79.32 56.82 8.52
CA THR E 225 80.14 56.29 9.60
C THR E 225 80.62 54.89 9.23
N VAL E 226 81.48 54.33 10.09
CA VAL E 226 82.10 53.04 9.84
C VAL E 226 81.41 51.92 10.61
N SER E 227 81.04 52.15 11.86
CA SER E 227 80.44 51.13 12.71
C SER E 227 79.17 51.67 13.34
N GLY E 228 78.06 50.95 13.18
CA GLY E 228 76.83 51.30 13.84
C GLY E 228 76.19 50.09 14.49
N THR E 229 75.19 50.34 15.32
CA THR E 229 74.43 49.26 15.94
C THR E 229 72.97 49.35 15.54
N TRP E 230 72.34 48.20 15.32
CA TRP E 230 70.93 48.10 14.99
C TRP E 230 70.22 47.25 16.04
N LYS E 231 69.28 47.85 16.77
CA LYS E 231 68.53 47.17 17.82
C LYS E 231 67.13 46.88 17.31
N THR E 232 66.94 45.65 16.85
CA THR E 232 65.65 45.21 16.32
C THR E 232 65.18 43.97 17.07
N ASN E 233 63.93 43.59 16.83
CA ASN E 233 63.30 42.48 17.53
C ASN E 233 63.32 41.19 16.70
N LEU E 234 64.14 41.12 15.67
CA LEU E 234 64.22 39.91 14.86
C LEU E 234 65.55 39.20 15.10
N THR E 235 65.51 37.87 14.95
CA THR E 235 66.58 36.93 15.23
C THR E 235 66.73 36.00 14.05
N PRO E 236 67.95 35.55 13.76
CA PRO E 236 68.16 34.54 12.71
C PRO E 236 67.15 33.40 12.71
N ASP E 237 66.62 33.03 13.88
CA ASP E 237 65.48 32.13 13.92
C ASP E 237 64.31 32.71 13.14
N LYS E 238 63.95 33.95 13.44
CA LYS E 238 62.87 34.61 12.71
C LYS E 238 63.22 34.80 11.24
N LEU E 239 64.49 35.00 10.91
CA LEU E 239 64.88 35.09 9.51
C LEU E 239 64.65 33.76 8.79
N GLY E 240 65.10 32.65 9.38
CA GLY E 240 64.80 31.34 8.83
C GLY E 240 63.31 31.11 8.63
N VAL E 241 62.50 31.51 9.61
CA VAL E 241 61.05 31.33 9.50
C VAL E 241 60.50 32.17 8.34
N VAL E 242 60.85 33.46 8.27
CA VAL E 242 60.30 34.29 7.20
C VAL E 242 60.78 33.88 5.83
N ALA E 243 61.95 33.24 5.74
CA ALA E 243 62.37 32.61 4.49
C ALA E 243 61.50 31.41 4.17
N LEU E 244 61.33 30.51 5.13
CA LEU E 244 60.63 29.26 4.88
C LEU E 244 59.14 29.54 4.76
N ASP E 245 58.56 29.89 5.90
CA ASP E 245 57.16 30.24 6.14
C ASP E 245 56.13 29.35 5.45
N PRO E 246 56.21 28.03 5.56
CA PRO E 246 55.13 27.20 5.00
C PRO E 246 54.07 26.80 6.02
N ASP E 247 54.16 27.36 7.24
CA ASP E 247 53.31 26.99 8.38
C ASP E 247 53.38 25.50 8.69
N ALA E 248 54.60 24.98 8.65
CA ALA E 248 54.85 23.58 8.99
C ALA E 248 56.21 23.60 9.66
N LEU E 249 56.19 23.78 10.98
CA LEU E 249 57.38 24.04 11.77
C LEU E 249 57.09 23.57 13.20
N SER E 250 58.13 23.62 14.02
CA SER E 250 58.05 23.17 15.42
C SER E 250 57.03 24.02 16.17
N ILE E 251 56.24 23.36 17.05
CA ILE E 251 55.25 24.09 17.85
C ILE E 251 55.95 25.07 18.79
N SER E 252 57.10 24.68 19.35
CA SER E 252 57.86 25.63 20.13
C SER E 252 58.30 26.81 19.27
N GLY E 253 58.93 26.52 18.13
CA GLY E 253 59.32 27.59 17.22
C GLY E 253 58.12 28.38 16.71
N LEU E 254 56.98 27.72 16.55
CA LEU E 254 55.79 28.41 16.12
C LEU E 254 55.30 29.37 17.21
N HIS E 255 55.44 28.98 18.49
CA HIS E 255 55.07 29.86 19.60
C HIS E 255 56.00 31.06 19.69
N ASN E 256 57.30 30.82 19.51
CA ASN E 256 58.27 31.92 19.47
C ASN E 256 57.98 32.87 18.31
N TYR E 257 57.62 32.33 17.13
CA TYR E 257 57.34 33.20 15.98
C TYR E 257 56.01 33.94 16.12
N VAL E 258 55.02 33.34 16.79
CA VAL E 258 53.80 34.08 17.11
C VAL E 258 54.11 35.22 18.07
N LYS E 259 54.97 34.97 19.07
CA LYS E 259 55.38 36.04 19.98
C LYS E 259 56.13 37.14 19.24
N TYR E 260 56.84 36.78 18.17
CA TYR E 260 57.54 37.77 17.34
C TYR E 260 56.57 38.58 16.49
N LEU E 261 55.52 37.93 15.96
CA LEU E 261 54.55 38.64 15.12
C LEU E 261 53.67 39.56 15.95
N LYS E 262 53.25 39.13 17.15
CA LYS E 262 52.43 39.99 17.98
C LYS E 262 53.22 41.19 18.50
N SER E 263 54.56 41.07 18.55
CA SER E 263 55.42 42.20 18.90
C SER E 263 55.68 43.14 17.71
N SER E 264 55.71 42.61 16.48
CA SER E 264 56.04 43.42 15.32
C SER E 264 54.80 44.09 14.71
N GLY E 265 53.62 43.47 14.82
CA GLY E 265 52.38 44.09 14.38
C GLY E 265 51.77 43.55 13.09
N GLN E 266 51.69 42.22 12.97
CA GLN E 266 51.07 41.56 11.83
C GLN E 266 49.90 40.71 12.31
N ASP E 267 49.07 40.26 11.36
CA ASP E 267 47.96 39.35 11.67
C ASP E 267 48.52 37.95 11.84
N ALA E 268 48.71 37.55 13.09
CA ALA E 268 49.25 36.22 13.42
C ALA E 268 48.16 35.17 13.57
N GLY E 269 46.93 35.46 13.12
CA GLY E 269 45.86 34.49 13.24
C GLY E 269 46.14 33.19 12.51
N ARG E 270 46.82 33.27 11.37
CA ARG E 270 47.17 32.06 10.63
C ARG E 270 48.09 31.16 11.44
N TYR E 271 49.17 31.72 11.99
CA TYR E 271 50.09 30.94 12.81
C TYR E 271 49.41 30.43 14.08
N GLN E 272 48.57 31.25 14.71
CA GLN E 272 47.83 30.78 15.88
C GLN E 272 46.94 29.60 15.52
N LEU E 273 46.21 29.72 14.41
CA LEU E 273 45.35 28.63 13.94
C LEU E 273 46.14 27.35 13.70
N ASN E 274 47.30 27.47 13.04
CA ASN E 274 48.05 26.25 12.74
C ASN E 274 48.72 25.69 13.99
N MET E 275 49.06 26.55 14.96
CA MET E 275 49.59 26.05 16.22
C MET E 275 48.53 25.27 16.98
N TRP E 276 47.32 25.83 17.13
CA TRP E 276 46.25 25.13 17.81
C TRP E 276 45.85 23.85 17.08
N SER E 277 45.89 23.85 15.75
CA SER E 277 45.57 22.63 15.03
C SER E 277 46.68 21.59 15.15
N LYS E 278 47.96 22.01 15.17
CA LYS E 278 49.11 21.12 15.36
C LYS E 278 49.18 20.52 16.77
N ILE E 279 48.65 21.21 17.77
CA ILE E 279 48.55 20.63 19.11
C ILE E 279 47.21 19.92 19.33
N PHE E 280 46.16 20.26 18.59
CA PHE E 280 44.92 19.47 18.66
C PHE E 280 44.97 18.22 17.79
N GLN E 281 46.06 18.00 17.06
CA GLN E 281 46.12 16.86 16.15
C GLN E 281 46.04 15.53 16.89
N PRO E 282 46.69 15.34 18.04
CA PRO E 282 46.55 14.06 18.75
C PRO E 282 45.18 13.88 19.37
N MET E 283 44.53 14.97 19.75
CA MET E 283 43.13 14.85 20.14
C MET E 283 42.26 14.43 18.95
N SER E 284 42.56 14.91 17.73
CA SER E 284 41.83 14.43 16.56
C SER E 284 42.07 12.94 16.32
N VAL E 285 43.31 12.47 16.49
CA VAL E 285 43.59 11.04 16.40
C VAL E 285 42.70 10.25 17.36
N ALA E 286 42.65 10.68 18.62
CA ALA E 286 41.81 9.98 19.59
C ALA E 286 40.33 10.07 19.21
N VAL E 287 39.89 11.23 18.72
CA VAL E 287 38.49 11.35 18.29
C VAL E 287 38.20 10.35 17.19
N MET E 288 39.12 10.21 16.23
CA MET E 288 38.90 9.26 15.14
C MET E 288 38.78 7.83 15.65
N MET E 289 39.67 7.42 16.55
CA MET E 289 39.53 6.08 17.12
C MET E 289 38.19 5.91 17.84
N LEU E 290 37.78 6.94 18.59
CA LEU E 290 36.50 6.83 19.26
C LEU E 290 35.36 6.76 18.27
N MET E 291 35.48 7.43 17.12
CA MET E 291 34.39 7.36 16.16
C MET E 291 34.34 6.01 15.47
N ALA E 292 35.50 5.40 15.26
CA ALA E 292 35.52 4.02 14.75
C ALA E 292 34.87 3.07 15.75
N LEU E 293 35.21 3.23 17.02
CA LEU E 293 34.59 2.43 18.08
C LEU E 293 33.08 2.54 17.99
N SER E 294 32.55 3.77 18.00
CA SER E 294 31.12 3.99 17.88
C SER E 294 30.53 3.38 16.62
N PHE E 295 31.23 3.49 15.48
CA PHE E 295 30.77 2.83 14.26
C PHE E 295 30.59 1.34 14.50
N ILE E 296 31.65 0.64 14.92
CA ILE E 296 31.56 -0.80 15.10
C ILE E 296 30.46 -1.16 16.11
N PHE E 297 30.38 -0.43 17.23
CA PHE E 297 29.37 -0.72 18.26
C PHE E 297 28.02 -0.10 17.96
N GLY E 298 27.90 0.60 16.83
CA GLY E 298 26.67 1.28 16.48
C GLY E 298 26.20 0.98 15.06
N PRO E 299 26.36 1.97 14.16
CA PRO E 299 25.80 1.81 12.80
C PRO E 299 26.45 0.69 12.01
N LEU E 300 27.77 0.58 12.03
CA LEU E 300 28.48 -0.44 11.24
C LEU E 300 28.61 -1.77 11.95
N ARG E 301 27.59 -2.16 12.72
CA ARG E 301 27.64 -3.40 13.49
C ARG E 301 27.91 -4.61 12.59
N SER E 302 27.01 -4.86 11.65
CA SER E 302 27.11 -5.99 10.72
C SER E 302 27.10 -5.44 9.30
N VAL E 303 28.25 -4.94 8.86
CA VAL E 303 28.46 -4.52 7.48
C VAL E 303 29.76 -5.18 7.04
N PRO E 304 29.91 -5.48 5.75
CA PRO E 304 31.15 -6.14 5.29
C PRO E 304 32.34 -5.20 5.27
N MET E 305 33.52 -5.73 4.95
CA MET E 305 34.73 -4.91 4.99
C MET E 305 34.59 -3.69 4.09
N GLY E 306 34.04 -3.88 2.88
CA GLY E 306 34.02 -2.79 1.92
C GLY E 306 33.26 -1.58 2.42
N VAL E 307 32.08 -1.81 3.03
CA VAL E 307 31.29 -0.71 3.57
C VAL E 307 32.09 0.07 4.61
N ARG E 308 32.73 -0.65 5.55
CA ARG E 308 33.53 0.00 6.58
C ARG E 308 34.68 0.81 6.00
N VAL E 309 35.43 0.24 5.05
CA VAL E 309 36.56 1.00 4.53
C VAL E 309 36.08 2.19 3.69
N VAL E 310 34.96 2.08 2.96
CA VAL E 310 34.55 3.24 2.17
C VAL E 310 33.94 4.32 3.06
N THR E 311 33.22 3.94 4.12
CA THR E 311 32.72 4.92 5.08
C THR E 311 33.85 5.54 5.87
N GLY E 312 34.86 4.74 6.23
CA GLY E 312 36.07 5.29 6.82
C GLY E 312 36.73 6.29 5.92
N ILE E 313 36.93 5.94 4.64
CA ILE E 313 37.69 6.83 3.77
C ILE E 313 36.91 8.10 3.52
N SER E 314 35.59 7.98 3.35
CA SER E 314 34.81 9.19 3.15
C SER E 314 34.82 10.06 4.41
N PHE E 315 34.76 9.46 5.61
CA PHE E 315 34.78 10.31 6.80
C PHE E 315 36.13 10.97 7.01
N GLY E 316 37.24 10.26 6.79
CA GLY E 316 38.53 10.93 6.78
C GLY E 316 38.61 12.04 5.77
N PHE E 317 38.02 11.83 4.58
CA PHE E 317 38.05 12.87 3.56
C PHE E 317 37.25 14.08 4.00
N VAL E 318 36.09 13.86 4.62
CA VAL E 318 35.31 15.02 5.04
C VAL E 318 35.92 15.70 6.26
N PHE E 319 36.78 14.98 7.01
CA PHE E 319 37.51 15.59 8.12
C PHE E 319 38.62 16.49 7.59
N TYR E 320 39.39 16.01 6.62
CA TYR E 320 40.35 16.84 5.92
C TYR E 320 39.69 18.07 5.29
N VAL E 321 38.51 17.87 4.69
CA VAL E 321 37.78 18.98 4.11
C VAL E 321 37.38 19.98 5.19
N LEU E 322 36.78 19.50 6.29
CA LEU E 322 36.38 20.39 7.37
C LEU E 322 37.55 21.20 7.88
N ASP E 323 38.70 20.57 8.07
CA ASP E 323 39.88 21.30 8.49
C ASP E 323 40.24 22.38 7.46
N GLN E 324 40.38 22.01 6.19
CA GLN E 324 40.78 22.97 5.16
C GLN E 324 39.77 24.11 5.00
N ILE E 325 38.50 23.87 5.28
CA ILE E 325 37.47 24.90 5.13
C ILE E 325 37.48 25.84 6.34
N PHE E 326 37.29 25.27 7.53
CA PHE E 326 37.26 26.05 8.76
C PHE E 326 38.61 26.70 9.10
N GLY E 327 39.71 26.34 8.44
CA GLY E 327 40.93 27.09 8.56
C GLY E 327 40.70 28.57 8.27
N PRO E 328 40.49 28.91 7.00
CA PRO E 328 40.34 30.33 6.64
C PRO E 328 38.99 30.92 7.02
N LEU E 329 37.96 30.08 7.24
CA LEU E 329 36.64 30.59 7.59
C LEU E 329 36.63 31.33 8.92
N THR E 330 37.69 31.19 9.71
CA THR E 330 37.82 31.93 10.96
C THR E 330 37.86 33.44 10.72
N LEU E 331 38.42 33.87 9.59
CA LEU E 331 38.58 35.29 9.24
C LEU E 331 37.33 35.92 8.66
N VAL E 332 36.24 35.17 8.48
CA VAL E 332 35.00 35.77 8.02
C VAL E 332 34.45 36.72 9.09
N TYR E 333 34.43 36.27 10.35
CA TYR E 333 34.00 37.12 11.45
C TYR E 333 35.15 37.47 12.39
N GLY E 334 36.37 37.05 12.05
CA GLY E 334 37.52 37.31 12.89
C GLY E 334 37.43 36.62 14.23
N ILE E 335 36.83 35.43 14.27
CA ILE E 335 36.64 34.66 15.49
C ILE E 335 38.01 34.16 15.95
N PRO E 336 38.16 33.65 17.16
CA PRO E 336 39.47 33.16 17.61
C PRO E 336 39.97 32.02 16.72
N PRO E 337 41.28 31.99 16.43
CA PRO E 337 41.83 30.87 15.63
C PRO E 337 41.80 29.54 16.35
N ILE E 338 41.91 29.53 17.67
CA ILE E 338 41.80 28.28 18.42
C ILE E 338 40.43 27.64 18.20
N ILE E 339 39.36 28.45 18.13
CA ILE E 339 38.03 27.91 17.88
C ILE E 339 37.97 27.22 16.52
N GLY E 340 38.58 27.83 15.50
CA GLY E 340 38.55 27.23 14.17
C GLY E 340 39.38 25.97 14.07
N ALA E 341 40.56 25.96 14.71
CA ALA E 341 41.43 24.79 14.71
C ALA E 341 40.85 23.62 15.50
N LEU E 342 39.91 23.88 16.40
CA LEU E 342 39.26 22.85 17.18
C LEU E 342 37.97 22.32 16.55
N LEU E 343 37.40 23.04 15.58
CA LEU E 343 36.09 22.68 15.06
C LEU E 343 36.04 21.31 14.39
N PRO E 344 37.03 20.88 13.60
CA PRO E 344 36.97 19.53 13.02
C PRO E 344 36.97 18.42 14.06
N SER E 345 37.88 18.51 15.02
CA SER E 345 37.93 17.55 16.12
C SER E 345 36.62 17.58 16.90
N ALA E 346 36.15 18.78 17.26
CA ALA E 346 34.93 18.89 18.06
C ALA E 346 33.73 18.33 17.32
N SER E 347 33.57 18.67 16.03
CA SER E 347 32.43 18.14 15.29
C SER E 347 32.51 16.62 15.19
N PHE E 348 33.68 16.05 14.89
CA PHE E 348 33.73 14.60 14.74
C PHE E 348 33.55 13.88 16.08
N LEU E 349 34.00 14.50 17.17
CA LEU E 349 33.71 13.95 18.47
C LEU E 349 32.22 13.98 18.75
N LEU E 350 31.55 15.07 18.35
CA LEU E 350 30.11 15.20 18.60
C LEU E 350 29.32 14.15 17.83
N ILE E 351 29.68 13.92 16.57
CA ILE E 351 29.10 12.80 15.81
C ILE E 351 29.34 11.48 16.53
N SER E 352 30.59 11.22 16.93
CA SER E 352 30.93 9.93 17.56
C SER E 352 30.12 9.70 18.83
N LEU E 353 30.05 10.72 19.70
CA LEU E 353 29.31 10.62 20.95
C LEU E 353 27.81 10.54 20.70
N TRP E 354 27.31 11.21 19.66
CA TRP E 354 25.92 11.04 19.28
C TRP E 354 25.62 9.61 18.88
N LEU E 355 26.55 8.92 18.21
CA LEU E 355 26.30 7.52 17.85
C LEU E 355 26.38 6.56 19.04
N LEU E 356 27.06 6.95 20.14
CA LEU E 356 27.16 6.08 21.31
C LEU E 356 25.98 6.22 22.26
N LEU E 357 25.18 7.29 22.12
CA LEU E 357 23.94 7.46 22.88
C LEU E 357 22.71 6.94 22.13
N LYS E 358 22.70 7.09 20.81
CA LYS E 358 21.66 6.53 19.94
C LYS E 358 20.26 7.04 20.28
N ARG E 359 20.16 8.18 20.97
CA ARG E 359 18.85 8.75 21.32
C ARG E 359 18.92 10.27 21.55
N ALA F 2 -17.16 -16.06 -47.05
CA ALA F 2 -17.33 -17.48 -46.78
C ALA F 2 -16.09 -18.03 -46.14
N THR F 3 -15.33 -17.13 -45.50
CA THR F 3 -14.19 -17.50 -44.68
C THR F 3 -14.35 -16.81 -43.34
N LEU F 4 -14.22 -17.61 -42.27
CA LEU F 4 -14.24 -17.14 -40.90
C LEU F 4 -12.87 -17.44 -40.30
N THR F 5 -12.17 -16.39 -39.87
CA THR F 5 -10.84 -16.56 -39.31
C THR F 5 -10.78 -15.97 -37.92
N ALA F 6 -9.95 -16.58 -37.07
CA ALA F 6 -9.70 -16.11 -35.73
C ALA F 6 -8.20 -16.03 -35.54
N LYS F 7 -7.70 -14.84 -35.24
CA LYS F 7 -6.27 -14.58 -35.20
C LYS F 7 -5.91 -14.13 -33.79
N ASN F 8 -5.17 -15.00 -33.09
CA ASN F 8 -4.56 -14.71 -31.78
C ASN F 8 -5.62 -14.35 -30.74
N LEU F 9 -6.61 -15.22 -30.63
CA LEU F 9 -7.69 -15.03 -29.67
C LEU F 9 -7.19 -15.28 -28.25
N ALA F 10 -7.59 -14.40 -27.34
CA ALA F 10 -7.09 -14.46 -25.97
C ALA F 10 -8.13 -13.87 -25.04
N LYS F 11 -8.35 -14.55 -23.91
CA LYS F 11 -9.31 -14.08 -22.90
C LYS F 11 -8.77 -14.43 -21.52
N ALA F 12 -8.86 -13.47 -20.58
CA ALA F 12 -8.71 -13.70 -19.15
C ALA F 12 -10.03 -13.42 -18.43
N TYR F 13 -10.30 -14.21 -17.40
CA TYR F 13 -11.48 -13.94 -16.58
C TYR F 13 -11.08 -13.31 -15.23
N LYS F 14 -10.58 -12.07 -15.31
CA LYS F 14 -10.26 -11.26 -14.14
C LYS F 14 -9.44 -12.05 -13.12
N GLY F 15 -8.23 -12.41 -13.56
CA GLY F 15 -7.22 -13.02 -12.71
C GLY F 15 -6.76 -14.40 -13.14
N ARG F 16 -7.35 -15.00 -14.18
CA ARG F 16 -6.97 -16.34 -14.61
C ARG F 16 -7.07 -16.40 -16.14
N ARG F 17 -5.95 -16.67 -16.81
CA ARG F 17 -5.92 -16.79 -18.26
C ARG F 17 -6.47 -18.14 -18.67
N VAL F 18 -7.56 -18.14 -19.44
CA VAL F 18 -8.19 -19.37 -19.90
C VAL F 18 -7.79 -19.72 -21.32
N VAL F 19 -7.63 -18.71 -22.20
CA VAL F 19 -7.12 -18.90 -23.55
C VAL F 19 -6.13 -17.80 -23.84
N GLU F 20 -5.04 -18.13 -24.55
CA GLU F 20 -4.02 -17.15 -24.90
C GLU F 20 -3.41 -17.54 -26.25
N ASP F 21 -3.61 -16.70 -27.27
CA ASP F 21 -3.18 -16.97 -28.66
C ASP F 21 -3.78 -18.29 -29.20
N VAL F 22 -5.08 -18.24 -29.50
CA VAL F 22 -5.80 -19.34 -30.14
C VAL F 22 -6.38 -18.86 -31.46
N SER F 23 -5.99 -19.52 -32.56
CA SER F 23 -6.37 -19.12 -33.89
C SER F 23 -6.86 -20.31 -34.69
N LEU F 24 -7.95 -20.12 -35.42
CA LEU F 24 -8.52 -21.15 -36.25
C LEU F 24 -9.22 -20.48 -37.42
N THR F 25 -9.32 -21.23 -38.51
CA THR F 25 -9.92 -20.77 -39.75
C THR F 25 -10.90 -21.82 -40.22
N VAL F 26 -12.12 -21.39 -40.55
CA VAL F 26 -13.16 -22.27 -41.04
C VAL F 26 -13.72 -21.66 -42.31
N ASN F 27 -14.04 -22.52 -43.27
CA ASN F 27 -14.51 -22.12 -44.58
C ASN F 27 -15.77 -22.90 -44.91
N SER F 28 -16.50 -22.41 -45.93
CA SER F 28 -17.79 -22.97 -46.33
C SER F 28 -17.63 -24.38 -46.88
N GLY F 29 -18.60 -25.25 -46.58
CA GLY F 29 -18.58 -26.63 -47.07
C GLY F 29 -17.46 -27.48 -46.51
N GLU F 30 -17.21 -27.39 -45.20
CA GLU F 30 -16.16 -28.09 -44.47
C GLU F 30 -16.59 -28.25 -43.01
N ILE F 31 -16.28 -29.42 -42.44
CA ILE F 31 -16.49 -29.68 -41.01
C ILE F 31 -15.18 -29.40 -40.28
N VAL F 32 -15.22 -28.44 -39.36
CA VAL F 32 -14.07 -28.03 -38.56
C VAL F 32 -14.42 -28.20 -37.08
N GLY F 33 -13.87 -29.27 -36.44
CA GLY F 33 -14.04 -29.47 -35.02
C GLY F 33 -13.01 -28.73 -34.17
N LEU F 34 -13.40 -28.40 -32.95
CA LEU F 34 -12.55 -27.68 -32.00
C LEU F 34 -12.52 -28.49 -30.70
N LEU F 35 -11.45 -29.24 -30.50
CA LEU F 35 -11.37 -30.19 -29.40
C LEU F 35 -10.27 -29.76 -28.42
N GLY F 36 -10.25 -30.43 -27.26
CA GLY F 36 -9.26 -30.16 -26.24
C GLY F 36 -9.63 -30.73 -24.88
N PRO F 37 -8.66 -30.83 -23.97
CA PRO F 37 -8.92 -31.42 -22.66
C PRO F 37 -9.82 -30.55 -21.81
N ASN F 38 -10.43 -31.14 -20.79
CA ASN F 38 -11.41 -30.40 -20.01
C ASN F 38 -10.68 -29.27 -19.30
N GLY F 39 -11.23 -28.06 -19.43
CA GLY F 39 -10.61 -26.87 -18.88
C GLY F 39 -9.56 -26.18 -19.74
N ALA F 40 -9.26 -26.69 -20.94
CA ALA F 40 -8.21 -26.11 -21.77
C ALA F 40 -8.63 -24.83 -22.51
N GLY F 41 -9.90 -24.47 -22.54
CA GLY F 41 -10.33 -23.25 -23.20
C GLY F 41 -10.93 -23.42 -24.58
N LYS F 42 -11.42 -24.60 -24.92
CA LYS F 42 -12.13 -24.77 -26.20
C LYS F 42 -13.47 -24.03 -26.17
N THR F 43 -14.31 -24.28 -25.16
CA THR F 43 -15.61 -23.60 -25.16
C THR F 43 -15.47 -22.09 -25.05
N THR F 44 -14.41 -21.61 -24.41
CA THR F 44 -14.23 -20.17 -24.25
C THR F 44 -13.92 -19.52 -25.60
N THR F 45 -13.04 -20.14 -26.39
CA THR F 45 -12.75 -19.56 -27.69
C THR F 45 -13.93 -19.72 -28.64
N PHE F 46 -14.56 -20.89 -28.63
CA PHE F 46 -15.81 -21.03 -29.36
C PHE F 46 -16.75 -19.86 -29.06
N TYR F 47 -17.15 -19.70 -27.80
CA TYR F 47 -18.09 -18.63 -27.48
C TYR F 47 -17.52 -17.25 -27.78
N MET F 48 -16.20 -17.15 -27.91
CA MET F 48 -15.61 -15.85 -28.20
C MET F 48 -15.63 -15.57 -29.69
N VAL F 49 -15.69 -16.62 -30.50
CA VAL F 49 -16.00 -16.49 -31.92
C VAL F 49 -17.47 -16.15 -32.11
N VAL F 50 -18.37 -16.84 -31.37
CA VAL F 50 -19.80 -16.58 -31.51
C VAL F 50 -20.13 -15.11 -31.27
N GLY F 51 -19.52 -14.51 -30.25
CA GLY F 51 -19.79 -13.13 -29.90
C GLY F 51 -20.29 -12.92 -28.48
N ILE F 52 -20.82 -13.96 -27.81
CA ILE F 52 -21.31 -13.82 -26.44
C ILE F 52 -20.17 -13.59 -25.45
N VAL F 53 -18.95 -13.98 -25.79
CA VAL F 53 -17.80 -13.76 -24.93
C VAL F 53 -16.97 -12.64 -25.57
N PRO F 54 -16.96 -11.44 -25.02
CA PRO F 54 -16.08 -10.40 -25.56
C PRO F 54 -14.61 -10.78 -25.39
N ARG F 55 -13.80 -10.43 -26.38
CA ARG F 55 -12.40 -10.78 -26.36
C ARG F 55 -11.59 -9.73 -25.62
N ASP F 56 -10.37 -10.11 -25.26
CA ASP F 56 -9.42 -9.15 -24.74
C ASP F 56 -8.27 -8.89 -25.69
N ALA F 57 -7.95 -9.85 -26.56
CA ALA F 57 -6.90 -9.69 -27.56
C ALA F 57 -7.16 -10.69 -28.68
N GLY F 58 -7.34 -10.20 -29.91
CA GLY F 58 -7.58 -11.10 -31.01
C GLY F 58 -8.29 -10.41 -32.15
N ASN F 59 -8.55 -11.19 -33.18
CA ASN F 59 -9.27 -10.69 -34.35
C ASN F 59 -10.21 -11.76 -34.90
N ILE F 60 -11.48 -11.41 -35.06
CA ILE F 60 -12.44 -12.27 -35.72
C ILE F 60 -12.82 -11.62 -37.04
N ILE F 61 -12.62 -12.33 -38.13
CA ILE F 61 -12.84 -11.78 -39.46
C ILE F 61 -13.76 -12.71 -40.25
N ILE F 62 -14.73 -12.12 -40.96
CA ILE F 62 -15.57 -12.87 -41.89
C ILE F 62 -15.74 -12.03 -43.17
N ASP F 63 -15.54 -12.67 -44.33
CA ASP F 63 -15.61 -11.98 -45.62
C ASP F 63 -14.71 -10.75 -45.66
N ASP F 64 -13.51 -10.90 -45.07
CA ASP F 64 -12.55 -9.80 -44.98
C ASP F 64 -13.16 -8.59 -44.28
N GLU F 65 -13.97 -8.87 -43.27
CA GLU F 65 -14.55 -7.85 -42.41
C GLU F 65 -14.20 -8.18 -40.97
N ASP F 66 -13.73 -7.17 -40.24
CA ASP F 66 -13.35 -7.33 -38.84
C ASP F 66 -14.59 -7.27 -37.95
N ILE F 67 -15.05 -8.41 -37.48
CA ILE F 67 -16.22 -8.49 -36.61
C ILE F 67 -15.81 -8.75 -35.15
N SER F 68 -14.59 -8.38 -34.78
CA SER F 68 -14.11 -8.72 -33.44
C SER F 68 -14.85 -7.92 -32.37
N LEU F 69 -15.10 -6.64 -32.62
CA LEU F 69 -15.81 -5.82 -31.65
C LEU F 69 -17.32 -5.84 -31.84
N LEU F 70 -17.84 -6.83 -32.57
CA LEU F 70 -19.28 -6.71 -32.77
C LEU F 70 -20.04 -7.68 -31.88
N PRO F 71 -21.26 -7.26 -31.39
CA PRO F 71 -22.05 -8.15 -30.52
C PRO F 71 -22.55 -9.40 -31.21
N LEU F 72 -23.43 -10.13 -30.50
CA LEU F 72 -23.95 -11.38 -31.04
C LEU F 72 -24.88 -11.12 -32.21
N HIS F 73 -25.77 -10.12 -32.09
CA HIS F 73 -26.73 -9.87 -33.15
C HIS F 73 -26.05 -9.34 -34.41
N ALA F 74 -25.18 -8.32 -34.27
CA ALA F 74 -24.46 -7.80 -35.42
C ALA F 74 -23.65 -8.91 -36.11
N ARG F 75 -23.03 -9.77 -35.32
CA ARG F 75 -22.24 -10.85 -35.90
C ARG F 75 -23.12 -11.89 -36.56
N ALA F 76 -24.35 -12.03 -36.09
CA ALA F 76 -25.25 -12.97 -36.74
C ALA F 76 -25.66 -12.45 -38.11
N ARG F 77 -26.07 -11.18 -38.16
CA ARG F 77 -26.38 -10.52 -39.43
C ARG F 77 -25.20 -10.47 -40.40
N ARG F 78 -23.98 -10.87 -40.01
CA ARG F 78 -22.91 -11.06 -40.98
C ARG F 78 -22.78 -12.53 -41.41
N GLY F 79 -23.69 -13.39 -40.96
CA GLY F 79 -23.71 -14.78 -41.39
C GLY F 79 -23.28 -15.80 -40.36
N ILE F 80 -23.40 -15.49 -39.07
CA ILE F 80 -22.94 -16.36 -38.00
C ILE F 80 -24.17 -16.87 -37.28
N GLY F 81 -24.41 -18.18 -37.38
CA GLY F 81 -25.49 -18.81 -36.66
C GLY F 81 -24.96 -19.63 -35.49
N TYR F 82 -25.53 -19.40 -34.31
CA TYR F 82 -25.11 -20.13 -33.12
C TYR F 82 -26.20 -21.11 -32.70
N LEU F 83 -25.84 -22.39 -32.55
CA LEU F 83 -26.79 -23.42 -32.15
C LEU F 83 -26.34 -24.08 -30.85
N PRO F 84 -26.91 -23.67 -29.71
CA PRO F 84 -26.52 -24.20 -28.39
C PRO F 84 -26.94 -25.65 -28.18
N GLN F 85 -26.51 -26.21 -27.04
CA GLN F 85 -26.87 -27.59 -26.70
C GLN F 85 -28.14 -27.68 -25.87
N GLU F 86 -28.47 -26.60 -25.16
CA GLU F 86 -29.68 -26.57 -24.33
C GLU F 86 -30.86 -26.21 -25.19
N ALA F 87 -32.05 -26.61 -24.73
CA ALA F 87 -33.27 -26.34 -25.47
C ALA F 87 -33.41 -24.84 -25.69
N SER F 88 -33.59 -24.44 -26.96
CA SER F 88 -33.58 -23.02 -27.34
C SER F 88 -34.78 -22.61 -28.20
N ILE F 89 -35.80 -23.47 -28.32
CA ILE F 89 -37.03 -23.16 -29.06
C ILE F 89 -37.86 -22.10 -28.34
N PHE F 90 -38.50 -21.21 -29.10
CA PHE F 90 -39.49 -20.31 -28.52
C PHE F 90 -40.67 -21.17 -28.08
N ARG F 91 -40.91 -21.25 -26.77
CA ARG F 91 -41.79 -22.30 -26.28
C ARG F 91 -43.23 -22.04 -26.70
N ARG F 92 -43.77 -20.85 -26.38
CA ARG F 92 -45.16 -20.50 -26.65
C ARG F 92 -45.36 -19.93 -28.05
N LEU F 93 -44.57 -20.40 -29.03
CA LEU F 93 -44.75 -20.11 -30.44
C LEU F 93 -44.75 -21.42 -31.21
N SER F 94 -45.54 -21.44 -32.27
CA SER F 94 -45.58 -22.57 -33.19
C SER F 94 -44.29 -22.65 -34.00
N VAL F 95 -44.05 -23.83 -34.58
CA VAL F 95 -42.91 -24.02 -35.48
C VAL F 95 -42.94 -22.97 -36.60
N PHE F 96 -44.09 -22.82 -37.25
CA PHE F 96 -44.23 -21.78 -38.24
C PHE F 96 -43.97 -20.41 -37.63
N ASP F 97 -44.49 -20.15 -36.41
CA ASP F 97 -44.27 -18.85 -35.76
C ASP F 97 -42.81 -18.64 -35.40
N ASN F 98 -42.10 -19.72 -35.06
CA ASN F 98 -40.67 -19.63 -34.84
C ASN F 98 -39.95 -19.14 -36.10
N LEU F 99 -40.02 -19.96 -37.16
CA LEU F 99 -39.51 -19.56 -38.47
C LEU F 99 -39.90 -18.13 -38.84
N MET F 100 -41.17 -17.75 -38.65
CA MET F 100 -41.60 -16.44 -39.12
C MET F 100 -40.98 -15.34 -38.29
N ALA F 101 -40.98 -15.49 -36.97
CA ALA F 101 -40.37 -14.50 -36.11
C ALA F 101 -38.91 -14.29 -36.49
N VAL F 102 -38.25 -15.35 -36.96
CA VAL F 102 -36.87 -15.16 -37.39
C VAL F 102 -36.79 -14.57 -38.81
N LEU F 103 -37.70 -14.96 -39.71
CA LEU F 103 -37.69 -14.48 -41.11
C LEU F 103 -38.14 -13.02 -41.24
N GLN F 104 -38.94 -12.51 -40.31
CA GLN F 104 -39.33 -11.10 -40.35
C GLN F 104 -38.15 -10.18 -40.10
N ILE F 105 -37.02 -10.71 -39.64
CA ILE F 105 -35.87 -9.88 -39.34
C ILE F 105 -35.11 -9.53 -40.61
N ARG F 106 -34.87 -10.51 -41.47
CA ARG F 106 -34.19 -10.25 -42.74
C ARG F 106 -35.10 -9.46 -43.68
N ASP F 107 -34.58 -8.34 -44.19
CA ASP F 107 -35.33 -7.47 -45.09
C ASP F 107 -35.06 -7.80 -46.56
N ASP F 108 -34.37 -8.90 -46.85
CA ASP F 108 -34.12 -9.39 -48.20
C ASP F 108 -35.25 -10.26 -48.76
N LEU F 109 -36.34 -10.44 -48.02
CA LEU F 109 -37.45 -11.26 -48.51
C LEU F 109 -38.75 -10.48 -48.38
N THR F 110 -39.75 -10.97 -49.11
CA THR F 110 -41.08 -10.39 -49.14
C THR F 110 -42.00 -11.20 -48.25
N SER F 111 -43.07 -10.56 -47.79
CA SER F 111 -44.02 -11.24 -46.92
C SER F 111 -44.46 -12.58 -47.49
N GLU F 112 -44.54 -12.68 -48.82
CA GLU F 112 -44.88 -13.95 -49.46
C GLU F 112 -43.69 -14.90 -49.52
N GLN F 113 -42.53 -14.42 -49.97
CA GLN F 113 -41.35 -15.27 -49.97
C GLN F 113 -40.98 -15.73 -48.56
N ARG F 114 -41.23 -14.89 -47.53
CA ARG F 114 -41.01 -15.35 -46.16
C ARG F 114 -41.76 -16.65 -45.91
N GLN F 115 -43.08 -16.65 -46.18
CA GLN F 115 -43.86 -17.85 -45.92
C GLN F 115 -43.41 -19.00 -46.81
N ASP F 116 -43.01 -18.68 -48.05
CA ASP F 116 -42.50 -19.68 -48.96
C ASP F 116 -41.27 -20.39 -48.38
N ARG F 117 -40.34 -19.62 -47.83
CA ARG F 117 -39.12 -20.19 -47.24
C ARG F 117 -39.43 -20.95 -45.95
N ALA F 118 -40.33 -20.41 -45.12
CA ALA F 118 -40.77 -21.14 -43.93
C ALA F 118 -41.26 -22.54 -44.30
N ASN F 119 -42.16 -22.63 -45.31
CA ASN F 119 -42.69 -23.92 -45.76
C ASN F 119 -41.62 -24.79 -46.41
N GLU F 120 -40.65 -24.15 -47.08
CA GLU F 120 -39.56 -24.87 -47.72
C GLU F 120 -38.69 -25.57 -46.68
N LEU F 121 -38.28 -24.84 -45.64
CA LEU F 121 -37.51 -25.44 -44.56
C LEU F 121 -38.32 -26.50 -43.82
N MET F 122 -39.57 -26.20 -43.48
CA MET F 122 -40.41 -27.17 -42.82
C MET F 122 -40.47 -28.49 -43.59
N GLU F 123 -40.74 -28.43 -44.91
CA GLU F 123 -40.75 -29.67 -45.68
C GLU F 123 -39.35 -30.24 -45.85
N GLU F 124 -38.32 -29.42 -45.68
CA GLU F 124 -36.94 -29.85 -45.84
C GLU F 124 -36.45 -30.70 -44.67
N PHE F 125 -36.89 -30.38 -43.45
CA PHE F 125 -36.39 -31.09 -42.28
C PHE F 125 -37.38 -32.12 -41.75
N HIS F 126 -38.22 -32.70 -42.62
CA HIS F 126 -39.15 -33.76 -42.25
C HIS F 126 -39.97 -33.37 -41.00
N ILE F 127 -40.29 -32.08 -40.84
CA ILE F 127 -41.14 -31.66 -39.73
C ILE F 127 -42.51 -31.28 -40.27
N GLU F 128 -42.96 -32.01 -41.30
CA GLU F 128 -44.32 -31.81 -41.81
C GLU F 128 -45.35 -32.11 -40.72
N HIS F 129 -45.06 -33.09 -39.85
CA HIS F 129 -46.03 -33.50 -38.84
C HIS F 129 -46.33 -32.40 -37.84
N LEU F 130 -45.46 -31.39 -37.76
CA LEU F 130 -45.43 -30.37 -36.71
C LEU F 130 -45.47 -29.00 -37.37
N ARG F 131 -46.62 -28.62 -37.93
CA ARG F 131 -46.74 -27.27 -38.47
C ARG F 131 -47.36 -26.31 -37.47
N ASP F 132 -48.47 -26.69 -36.84
CA ASP F 132 -49.19 -25.86 -35.90
C ASP F 132 -48.89 -26.21 -34.45
N SER F 133 -48.08 -27.23 -34.23
CA SER F 133 -47.69 -27.64 -32.88
C SER F 133 -46.82 -26.56 -32.25
N LEU F 134 -46.98 -26.36 -30.94
CA LEU F 134 -46.14 -25.45 -30.19
C LEU F 134 -44.77 -26.05 -29.92
N GLY F 135 -43.81 -25.19 -29.59
CA GLY F 135 -42.46 -25.65 -29.31
C GLY F 135 -42.27 -26.34 -27.97
N GLN F 136 -43.20 -26.14 -27.02
CA GLN F 136 -43.13 -26.73 -25.70
C GLN F 136 -43.60 -28.19 -25.65
N ALA F 137 -43.69 -28.87 -26.80
CA ALA F 137 -44.26 -30.22 -26.85
C ALA F 137 -43.59 -31.05 -27.94
N LEU F 138 -42.26 -30.95 -28.04
CA LEU F 138 -41.49 -31.66 -29.05
C LEU F 138 -40.44 -32.54 -28.38
N SER F 139 -40.18 -33.69 -28.99
CA SER F 139 -39.16 -34.61 -28.48
C SER F 139 -37.78 -34.06 -28.83
N GLY F 140 -36.75 -34.88 -28.66
CA GLY F 140 -35.40 -34.38 -28.78
C GLY F 140 -35.06 -34.09 -30.22
N GLY F 141 -35.15 -35.12 -31.07
CA GLY F 141 -34.86 -34.94 -32.47
C GLY F 141 -35.69 -33.83 -33.09
N GLU F 142 -36.99 -33.81 -32.84
CA GLU F 142 -37.87 -32.80 -33.39
C GLU F 142 -37.49 -31.40 -32.93
N ARG F 143 -37.19 -31.25 -31.64
CA ARG F 143 -36.70 -29.96 -31.15
C ARG F 143 -35.45 -29.54 -31.91
N ARG F 144 -34.51 -30.46 -32.12
CA ARG F 144 -33.25 -30.06 -32.74
C ARG F 144 -33.46 -29.71 -34.22
N ARG F 145 -34.35 -30.44 -34.90
CA ARG F 145 -34.64 -30.12 -36.29
C ARG F 145 -35.30 -28.74 -36.43
N VAL F 146 -36.28 -28.43 -35.56
CA VAL F 146 -36.87 -27.09 -35.58
C VAL F 146 -35.81 -26.02 -35.32
N GLU F 147 -34.86 -26.29 -34.39
CA GLU F 147 -33.85 -25.29 -34.09
C GLU F 147 -32.95 -25.04 -35.30
N ILE F 148 -32.51 -26.10 -35.97
CA ILE F 148 -31.69 -25.95 -37.17
C ILE F 148 -32.48 -25.22 -38.27
N ALA F 149 -33.77 -25.55 -38.45
CA ALA F 149 -34.55 -24.83 -39.45
C ALA F 149 -34.67 -23.35 -39.11
N ARG F 150 -34.70 -23.00 -37.82
CA ARG F 150 -34.78 -21.60 -37.43
C ARG F 150 -33.45 -20.87 -37.66
N ALA F 151 -32.35 -21.62 -37.51
CA ALA F 151 -31.02 -21.10 -37.85
C ALA F 151 -30.91 -20.79 -39.34
N LEU F 152 -31.28 -21.77 -40.17
CA LEU F 152 -31.28 -21.57 -41.62
C LEU F 152 -32.24 -20.45 -42.03
N ALA F 153 -33.39 -20.33 -41.34
CA ALA F 153 -34.27 -19.18 -41.51
C ALA F 153 -33.52 -17.87 -41.32
N ALA F 154 -32.69 -17.79 -40.28
CA ALA F 154 -31.86 -16.61 -40.17
C ALA F 154 -30.87 -16.51 -41.35
N ASN F 155 -30.51 -17.65 -42.00
CA ASN F 155 -29.68 -17.69 -43.22
C ASN F 155 -28.25 -17.23 -42.93
N PRO F 156 -27.46 -17.96 -42.14
CA PRO F 156 -26.08 -17.57 -41.93
C PRO F 156 -25.15 -18.29 -42.90
N LYS F 157 -23.97 -17.67 -43.13
CA LYS F 157 -22.92 -18.25 -43.96
C LYS F 157 -22.21 -19.39 -43.25
N PHE F 158 -22.06 -19.29 -41.94
CA PHE F 158 -21.50 -20.34 -41.11
C PHE F 158 -22.49 -20.70 -40.01
N ILE F 159 -22.33 -21.93 -39.52
CA ILE F 159 -23.05 -22.37 -38.33
C ILE F 159 -22.04 -22.89 -37.31
N LEU F 160 -22.31 -22.59 -36.03
CA LEU F 160 -21.44 -22.94 -34.90
C LEU F 160 -22.23 -23.79 -33.91
N LEU F 161 -21.89 -25.07 -33.81
CA LEU F 161 -22.59 -26.03 -32.97
C LEU F 161 -21.84 -26.20 -31.65
N ASP F 162 -22.56 -26.01 -30.54
CA ASP F 162 -21.99 -26.19 -29.21
C ASP F 162 -22.48 -27.52 -28.63
N GLU F 163 -21.58 -28.48 -28.50
CA GLU F 163 -21.86 -29.77 -27.88
C GLU F 163 -23.05 -30.47 -28.53
N PRO F 164 -22.90 -31.00 -29.74
CA PRO F 164 -24.02 -31.65 -30.43
C PRO F 164 -24.31 -33.06 -29.96
N PHE F 165 -23.30 -33.78 -29.49
CA PHE F 165 -23.43 -35.17 -29.03
C PHE F 165 -23.73 -35.26 -27.53
N ALA F 166 -24.46 -34.30 -26.98
CA ALA F 166 -24.73 -34.22 -25.55
C ALA F 166 -25.74 -35.30 -25.17
N GLY F 167 -25.29 -36.30 -24.41
CA GLY F 167 -26.15 -37.39 -23.96
C GLY F 167 -26.91 -38.08 -25.07
N VAL F 168 -26.20 -38.52 -26.10
CA VAL F 168 -26.81 -39.10 -27.28
C VAL F 168 -26.45 -40.58 -27.35
N ASP F 169 -27.47 -41.43 -27.39
CA ASP F 169 -27.25 -42.87 -27.52
C ASP F 169 -26.64 -43.19 -28.87
N PRO F 170 -26.01 -44.38 -29.03
CA PRO F 170 -25.39 -44.72 -30.32
C PRO F 170 -26.38 -44.92 -31.45
N ILE F 171 -27.68 -44.87 -31.16
CA ILE F 171 -28.67 -44.88 -32.23
C ILE F 171 -28.79 -43.50 -32.87
N SER F 172 -28.81 -42.46 -32.06
CA SER F 172 -28.99 -41.11 -32.59
C SER F 172 -27.69 -40.46 -33.04
N VAL F 173 -26.54 -41.09 -32.77
CA VAL F 173 -25.30 -40.48 -33.24
C VAL F 173 -25.24 -40.49 -34.77
N ILE F 174 -25.74 -41.56 -35.40
CA ILE F 174 -25.73 -41.56 -36.85
C ILE F 174 -26.72 -40.55 -37.40
N ASP F 175 -27.81 -40.26 -36.66
CA ASP F 175 -28.73 -39.22 -37.10
C ASP F 175 -28.08 -37.85 -37.04
N ILE F 176 -27.28 -37.60 -35.99
CA ILE F 176 -26.57 -36.33 -35.89
C ILE F 176 -25.48 -36.21 -36.95
N LYS F 177 -24.76 -37.32 -37.20
CA LYS F 177 -23.82 -37.37 -38.32
C LYS F 177 -24.50 -37.01 -39.63
N ARG F 178 -25.64 -37.66 -39.94
CA ARG F 178 -26.36 -37.38 -41.17
C ARG F 178 -26.71 -35.89 -41.27
N ILE F 179 -27.20 -35.30 -40.16
CA ILE F 179 -27.62 -33.89 -40.27
C ILE F 179 -26.42 -32.97 -40.45
N ILE F 180 -25.27 -33.30 -39.85
CA ILE F 180 -24.10 -32.44 -39.99
C ILE F 180 -23.53 -32.53 -41.39
N GLU F 181 -23.43 -33.75 -41.92
CA GLU F 181 -23.08 -33.96 -43.33
C GLU F 181 -24.02 -33.16 -44.24
N HIS F 182 -25.33 -33.22 -44.01
CA HIS F 182 -26.27 -32.44 -44.82
C HIS F 182 -26.01 -30.94 -44.71
N LEU F 183 -25.72 -30.43 -43.52
CA LEU F 183 -25.44 -29.01 -43.40
C LEU F 183 -24.19 -28.62 -44.18
N ARG F 184 -23.20 -29.53 -44.25
CA ARG F 184 -22.01 -29.25 -45.04
C ARG F 184 -22.32 -29.26 -46.54
N ASP F 185 -23.04 -30.29 -47.00
CA ASP F 185 -23.37 -30.45 -48.41
C ASP F 185 -24.21 -29.29 -48.96
N SER F 186 -25.02 -28.64 -48.13
CA SER F 186 -25.75 -27.45 -48.54
C SER F 186 -24.86 -26.20 -48.58
N GLY F 187 -23.53 -26.36 -48.48
CA GLY F 187 -22.60 -25.26 -48.67
C GLY F 187 -22.31 -24.42 -47.44
N LEU F 188 -22.50 -24.98 -46.25
CA LEU F 188 -22.34 -24.24 -45.02
C LEU F 188 -21.02 -24.59 -44.35
N GLY F 189 -20.42 -23.61 -43.69
CA GLY F 189 -19.27 -23.94 -42.86
C GLY F 189 -19.67 -24.14 -41.42
N VAL F 190 -19.42 -25.35 -40.85
CA VAL F 190 -19.80 -25.69 -39.49
C VAL F 190 -18.57 -25.71 -38.58
N LEU F 191 -18.79 -25.32 -37.33
CA LEU F 191 -17.75 -25.30 -36.30
C LEU F 191 -18.29 -26.04 -35.09
N ILE F 192 -17.84 -27.28 -34.90
CA ILE F 192 -18.32 -28.15 -33.83
C ILE F 192 -17.35 -28.10 -32.67
N THR F 193 -17.86 -27.82 -31.47
CA THR F 193 -17.07 -28.01 -30.25
C THR F 193 -17.75 -29.09 -29.42
N ASP F 194 -17.02 -30.11 -28.99
CA ASP F 194 -17.67 -31.20 -28.26
C ASP F 194 -16.66 -31.95 -27.41
N HIS F 195 -17.18 -32.57 -26.32
CA HIS F 195 -16.37 -33.41 -25.46
C HIS F 195 -16.15 -34.81 -26.05
N ASN F 196 -17.12 -35.31 -26.83
CA ASN F 196 -17.00 -36.62 -27.48
C ASN F 196 -15.97 -36.52 -28.61
N VAL F 197 -14.88 -37.26 -28.49
CA VAL F 197 -13.78 -37.11 -29.44
C VAL F 197 -13.91 -38.08 -30.61
N ARG F 198 -14.27 -39.35 -30.35
CA ARG F 198 -14.33 -40.34 -31.42
C ARG F 198 -15.40 -39.96 -32.44
N GLU F 199 -16.62 -39.66 -31.98
CA GLU F 199 -17.71 -39.39 -32.90
C GLU F 199 -17.50 -38.08 -33.66
N THR F 200 -16.78 -37.11 -33.07
CA THR F 200 -16.50 -35.83 -33.72
C THR F 200 -15.34 -35.94 -34.72
N LEU F 201 -14.31 -36.73 -34.41
CA LEU F 201 -13.26 -36.96 -35.39
C LEU F 201 -13.73 -37.89 -36.50
N ALA F 202 -14.77 -38.69 -36.26
CA ALA F 202 -15.29 -39.53 -37.32
C ALA F 202 -16.05 -38.74 -38.39
N VAL F 203 -16.39 -37.47 -38.14
CA VAL F 203 -17.21 -36.69 -39.07
C VAL F 203 -16.57 -35.37 -39.48
N CYS F 204 -15.50 -34.91 -38.84
CA CYS F 204 -14.94 -33.61 -39.21
C CYS F 204 -13.80 -33.82 -40.20
N GLU F 205 -13.70 -32.90 -41.17
CA GLU F 205 -12.63 -32.95 -42.14
C GLU F 205 -11.34 -32.35 -41.60
N ARG F 206 -11.46 -31.29 -40.80
CA ARG F 206 -10.33 -30.77 -40.04
C ARG F 206 -10.75 -30.57 -38.59
N ALA F 207 -9.75 -30.60 -37.70
CA ALA F 207 -9.93 -30.38 -36.28
C ALA F 207 -8.76 -29.59 -35.73
N TYR F 208 -9.07 -28.54 -34.97
CA TYR F 208 -8.14 -27.79 -34.15
C TYR F 208 -8.12 -28.32 -32.72
N ILE F 209 -6.95 -28.31 -32.09
CA ILE F 209 -6.78 -28.84 -30.75
C ILE F 209 -6.20 -27.76 -29.84
N VAL F 210 -6.86 -27.51 -28.72
CA VAL F 210 -6.39 -26.50 -27.78
C VAL F 210 -6.09 -27.16 -26.44
N SER F 211 -4.89 -26.88 -25.91
CA SER F 211 -4.53 -27.32 -24.57
C SER F 211 -3.83 -26.20 -23.81
N GLN F 212 -4.13 -26.07 -22.52
CA GLN F 212 -3.56 -25.02 -21.68
C GLN F 212 -3.82 -23.63 -22.26
N GLY F 213 -4.84 -23.52 -23.11
CA GLY F 213 -5.20 -22.25 -23.73
C GLY F 213 -4.39 -21.89 -24.96
N ASN F 214 -3.72 -22.85 -25.58
CA ASN F 214 -2.86 -22.62 -26.74
C ASN F 214 -3.11 -23.70 -27.78
N LEU F 215 -2.91 -23.35 -29.04
CA LEU F 215 -3.20 -24.27 -30.13
C LEU F 215 -2.01 -25.23 -30.27
N ILE F 216 -2.31 -26.52 -30.36
CA ILE F 216 -1.28 -27.56 -30.43
C ILE F 216 -1.03 -28.02 -31.86
N ALA F 217 -2.11 -28.43 -32.55
CA ALA F 217 -2.05 -28.93 -33.92
C ALA F 217 -3.44 -28.83 -34.55
N HIS F 218 -3.46 -28.89 -35.90
CA HIS F 218 -4.67 -28.91 -36.72
C HIS F 218 -4.43 -29.66 -38.03
N GLY F 219 -5.34 -30.58 -38.37
CA GLY F 219 -5.26 -31.24 -39.65
C GLY F 219 -6.38 -32.26 -39.80
N THR F 220 -6.15 -33.23 -40.68
CA THR F 220 -7.09 -34.33 -40.84
C THR F 220 -7.00 -35.26 -39.63
N PRO F 221 -8.12 -35.89 -39.25
CA PRO F 221 -8.07 -36.83 -38.12
C PRO F 221 -7.02 -37.93 -38.28
N GLN F 222 -6.72 -38.33 -39.52
CA GLN F 222 -5.62 -39.26 -39.75
C GLN F 222 -4.29 -38.64 -39.32
N GLN F 223 -4.13 -37.32 -39.53
CA GLN F 223 -2.93 -36.61 -39.11
C GLN F 223 -2.91 -36.31 -37.61
N ILE F 224 -4.10 -36.27 -36.98
CA ILE F 224 -4.19 -36.01 -35.55
C ILE F 224 -3.91 -37.28 -34.73
N LEU F 225 -4.46 -38.43 -35.14
CA LEU F 225 -4.19 -39.67 -34.42
C LEU F 225 -2.69 -39.98 -34.34
N GLU F 226 -1.94 -39.65 -35.40
CA GLU F 226 -0.51 -39.99 -35.49
C GLU F 226 0.40 -38.95 -34.84
N ASP F 227 -0.14 -37.79 -34.45
CA ASP F 227 0.62 -36.77 -33.75
C ASP F 227 0.95 -37.24 -32.34
N ASP F 228 2.24 -37.19 -31.98
CA ASP F 228 2.67 -37.72 -30.68
C ASP F 228 2.29 -36.78 -29.54
N HIS F 229 2.26 -35.47 -29.80
CA HIS F 229 1.95 -34.49 -28.75
C HIS F 229 0.53 -34.68 -28.22
N VAL F 230 -0.47 -34.57 -29.09
CA VAL F 230 -1.84 -34.78 -28.65
C VAL F 230 -2.03 -36.21 -28.13
N LYS F 231 -1.33 -37.18 -28.72
CA LYS F 231 -1.42 -38.55 -28.21
C LYS F 231 -0.97 -38.63 -26.75
N ARG F 232 -0.04 -37.76 -26.34
CA ARG F 232 0.49 -37.74 -24.97
C ARG F 232 -0.36 -36.90 -24.01
N VAL F 233 -0.90 -35.79 -24.50
CA VAL F 233 -1.69 -34.89 -23.65
C VAL F 233 -3.18 -35.25 -23.64
N TYR F 234 -3.73 -35.68 -24.78
CA TYR F 234 -5.18 -35.83 -24.93
C TYR F 234 -5.60 -37.25 -25.27
N LEU F 235 -5.03 -37.89 -26.29
CA LEU F 235 -5.67 -39.11 -26.79
C LEU F 235 -5.13 -40.39 -26.13
N GLY F 236 -3.86 -40.70 -26.31
CA GLY F 236 -3.31 -41.97 -25.86
C GLY F 236 -3.00 -42.90 -27.02
N GLU F 237 -2.21 -43.93 -26.71
CA GLU F 237 -1.75 -44.85 -27.74
C GLU F 237 -2.90 -45.69 -28.29
N ASP F 238 -3.57 -46.43 -27.41
CA ASP F 238 -4.70 -47.28 -27.82
C ASP F 238 -5.93 -46.39 -28.03
N PHE F 239 -6.00 -45.81 -29.23
CA PHE F 239 -7.12 -44.95 -29.64
C PHE F 239 -7.55 -45.42 -31.03
N ARG F 240 -8.48 -46.38 -31.08
CA ARG F 240 -8.86 -47.00 -32.36
C ARG F 240 -9.60 -46.03 -33.27
N LEU F 241 -10.41 -45.14 -32.70
CA LEU F 241 -11.27 -44.22 -33.46
C LEU F 241 -12.19 -44.98 -34.43
N ALA G 2 -21.07 -61.66 0.28
CA ALA G 2 -20.39 -61.13 -0.89
C ALA G 2 -21.28 -61.17 -2.12
N THR G 3 -22.59 -60.93 -1.92
CA THR G 3 -23.56 -60.98 -3.00
C THR G 3 -24.71 -60.01 -2.72
N LEU G 4 -24.94 -59.06 -3.62
CA LEU G 4 -26.05 -58.13 -3.55
C LEU G 4 -27.05 -58.43 -4.67
N THR G 5 -28.34 -58.28 -4.38
CA THR G 5 -29.34 -58.61 -5.37
C THR G 5 -30.50 -57.63 -5.25
N ALA G 6 -31.01 -57.21 -6.41
CA ALA G 6 -32.25 -56.45 -6.47
C ALA G 6 -33.17 -57.18 -7.45
N LYS G 7 -34.12 -57.93 -6.90
CA LYS G 7 -35.00 -58.79 -7.67
C LYS G 7 -36.39 -58.17 -7.80
N ASN G 8 -36.91 -58.20 -9.03
CA ASN G 8 -38.26 -57.73 -9.35
C ASN G 8 -38.45 -56.27 -8.96
N LEU G 9 -37.42 -55.46 -9.17
CA LEU G 9 -37.46 -54.05 -8.77
C LEU G 9 -38.24 -53.24 -9.80
N ALA G 10 -39.12 -52.37 -9.31
CA ALA G 10 -39.98 -51.57 -10.15
C ALA G 10 -40.29 -50.26 -9.45
N LYS G 11 -40.61 -49.24 -10.24
CA LYS G 11 -40.94 -47.92 -9.70
C LYS G 11 -41.72 -47.13 -10.73
N ALA G 12 -42.33 -46.04 -10.27
CA ALA G 12 -43.12 -45.15 -11.12
C ALA G 12 -42.95 -43.72 -10.62
N TYR G 13 -43.38 -42.76 -11.45
CA TYR G 13 -43.22 -41.34 -11.12
C TYR G 13 -44.26 -40.53 -11.88
N LYS G 14 -45.21 -39.93 -11.17
CA LYS G 14 -46.22 -39.02 -11.73
C LYS G 14 -47.05 -39.70 -12.83
N GLY G 15 -47.78 -40.74 -12.42
CA GLY G 15 -48.71 -41.42 -13.30
C GLY G 15 -48.10 -42.04 -14.53
N ARG G 16 -46.83 -42.44 -14.47
CA ARG G 16 -46.11 -43.03 -15.60
C ARG G 16 -45.18 -44.12 -15.10
N ARG G 17 -45.17 -45.26 -15.77
CA ARG G 17 -44.33 -46.38 -15.40
C ARG G 17 -42.92 -46.21 -15.96
N VAL G 18 -41.91 -46.50 -15.11
CA VAL G 18 -40.50 -46.31 -15.47
C VAL G 18 -39.75 -47.64 -15.52
N VAL G 19 -39.91 -48.48 -14.50
CA VAL G 19 -39.26 -49.78 -14.47
C VAL G 19 -40.28 -50.83 -14.03
N GLU G 20 -40.15 -52.04 -14.58
CA GLU G 20 -41.05 -53.14 -14.24
C GLU G 20 -40.28 -54.45 -14.27
N ASP G 21 -40.17 -55.11 -13.11
CA ASP G 21 -39.57 -56.44 -12.96
C ASP G 21 -38.11 -56.44 -13.43
N VAL G 22 -37.29 -55.69 -12.68
CA VAL G 22 -35.86 -55.58 -12.93
C VAL G 22 -35.16 -56.37 -11.84
N SER G 23 -34.51 -57.46 -12.23
CA SER G 23 -33.81 -58.35 -11.32
C SER G 23 -32.34 -58.39 -11.74
N LEU G 24 -31.45 -57.95 -10.87
CA LEU G 24 -30.02 -57.99 -11.14
C LEU G 24 -29.27 -58.45 -9.89
N THR G 25 -28.08 -59.00 -10.11
CA THR G 25 -27.21 -59.54 -9.07
C THR G 25 -25.78 -59.06 -9.28
N VAL G 26 -25.06 -58.80 -8.19
CA VAL G 26 -23.66 -58.34 -8.24
C VAL G 26 -22.85 -59.07 -7.16
N ASN G 27 -21.82 -59.81 -7.57
CA ASN G 27 -20.92 -60.52 -6.66
C ASN G 27 -19.70 -59.66 -6.35
N SER G 28 -18.79 -60.19 -5.55
CA SER G 28 -17.57 -59.50 -5.16
C SER G 28 -16.40 -59.91 -6.03
N GLY G 29 -15.51 -58.96 -6.29
CA GLY G 29 -14.39 -59.21 -7.17
C GLY G 29 -14.74 -59.21 -8.65
N GLU G 30 -15.76 -58.46 -9.06
CA GLU G 30 -16.17 -58.38 -10.45
C GLU G 30 -16.61 -56.96 -10.80
N ILE G 31 -16.73 -56.67 -12.09
CA ILE G 31 -17.18 -55.37 -12.58
C ILE G 31 -18.51 -55.58 -13.29
N VAL G 32 -19.58 -54.99 -12.76
CA VAL G 32 -20.92 -55.11 -13.30
C VAL G 32 -21.37 -53.74 -13.80
N GLY G 33 -21.71 -53.66 -15.08
CA GLY G 33 -22.19 -52.44 -15.70
C GLY G 33 -23.70 -52.46 -15.80
N LEU G 34 -24.29 -51.27 -15.81
CA LEU G 34 -25.74 -51.11 -15.84
C LEU G 34 -25.99 -50.05 -16.90
N LEU G 35 -26.06 -50.48 -18.15
CA LEU G 35 -26.13 -49.56 -19.27
C LEU G 35 -27.55 -49.51 -19.80
N GLY G 36 -27.77 -48.62 -20.77
CA GLY G 36 -29.06 -48.48 -21.40
C GLY G 36 -29.21 -47.16 -22.12
N PRO G 37 -30.25 -47.04 -22.95
CA PRO G 37 -30.46 -45.81 -23.71
C PRO G 37 -30.79 -44.62 -22.81
N ASN G 38 -30.55 -43.42 -23.35
CA ASN G 38 -30.86 -42.19 -22.62
C ASN G 38 -32.35 -42.14 -22.34
N GLY G 39 -32.73 -42.20 -21.06
CA GLY G 39 -34.12 -42.22 -20.68
C GLY G 39 -34.76 -43.59 -20.65
N ALA G 40 -33.98 -44.66 -20.49
CA ALA G 40 -34.50 -46.02 -20.41
C ALA G 40 -34.74 -46.51 -19.00
N GLY G 41 -34.11 -45.88 -18.00
CA GLY G 41 -34.30 -46.25 -16.61
C GLY G 41 -33.08 -46.83 -15.93
N LYS G 42 -31.91 -46.70 -16.56
CA LYS G 42 -30.68 -47.20 -15.96
C LYS G 42 -30.29 -46.37 -14.74
N THR G 43 -30.28 -45.05 -14.87
CA THR G 43 -29.95 -44.19 -13.74
C THR G 43 -30.98 -44.29 -12.62
N THR G 44 -32.26 -44.45 -12.95
CA THR G 44 -33.29 -44.54 -11.91
C THR G 44 -33.12 -45.81 -11.08
N THR G 45 -33.03 -46.98 -11.75
CA THR G 45 -32.82 -48.21 -11.00
C THR G 45 -31.47 -48.20 -10.28
N PHE G 46 -30.45 -47.56 -10.85
CA PHE G 46 -29.19 -47.39 -10.15
C PHE G 46 -29.39 -46.63 -8.84
N TYR G 47 -30.01 -45.44 -8.89
CA TYR G 47 -30.22 -44.67 -7.66
C TYR G 47 -31.15 -45.39 -6.69
N MET G 48 -32.05 -46.23 -7.23
CA MET G 48 -32.94 -46.98 -6.36
C MET G 48 -32.20 -48.07 -5.61
N VAL G 49 -31.23 -48.71 -6.26
CA VAL G 49 -30.33 -49.60 -5.54
C VAL G 49 -29.48 -48.79 -4.56
N VAL G 50 -29.09 -47.57 -4.94
CA VAL G 50 -28.35 -46.75 -4.00
C VAL G 50 -29.24 -46.41 -2.81
N GLY G 51 -30.49 -46.01 -3.04
CA GLY G 51 -31.41 -45.60 -1.99
C GLY G 51 -31.82 -44.15 -2.09
N ILE G 52 -31.31 -43.41 -3.07
CA ILE G 52 -31.76 -42.03 -3.26
C ILE G 52 -33.19 -42.01 -3.78
N VAL G 53 -33.57 -43.01 -4.56
CA VAL G 53 -34.92 -43.13 -5.11
C VAL G 53 -35.65 -44.24 -4.36
N PRO G 54 -36.77 -43.95 -3.71
CA PRO G 54 -37.47 -45.01 -2.96
C PRO G 54 -38.10 -46.05 -3.88
N ARG G 55 -38.16 -47.29 -3.38
CA ARG G 55 -38.68 -48.40 -4.16
C ARG G 55 -40.20 -48.47 -4.08
N ASP G 56 -40.82 -48.97 -5.14
CA ASP G 56 -42.26 -49.18 -5.18
C ASP G 56 -42.66 -50.65 -5.17
N ALA G 57 -41.86 -51.51 -5.77
CA ALA G 57 -42.13 -52.95 -5.78
C ALA G 57 -40.84 -53.67 -6.13
N GLY G 58 -40.34 -54.46 -5.20
CA GLY G 58 -39.08 -55.14 -5.42
C GLY G 58 -38.45 -55.53 -4.10
N ASN G 59 -37.49 -56.45 -4.20
CA ASN G 59 -36.79 -56.95 -3.02
C ASN G 59 -35.30 -56.75 -3.21
N ILE G 60 -34.68 -56.02 -2.28
CA ILE G 60 -33.23 -55.83 -2.25
C ILE G 60 -32.68 -56.64 -1.09
N ILE G 61 -31.68 -57.50 -1.38
CA ILE G 61 -31.12 -58.41 -0.40
C ILE G 61 -29.60 -58.40 -0.50
N ILE G 62 -28.93 -58.63 0.63
CA ILE G 62 -27.48 -58.71 0.72
C ILE G 62 -27.15 -59.92 1.60
N ASP G 63 -26.59 -60.96 0.99
CA ASP G 63 -26.20 -62.20 1.69
C ASP G 63 -27.38 -62.81 2.44
N ASP G 64 -28.44 -63.09 1.69
CA ASP G 64 -29.65 -63.70 2.25
C ASP G 64 -30.17 -62.87 3.43
N GLU G 65 -30.18 -61.55 3.28
CA GLU G 65 -30.71 -60.64 4.29
C GLU G 65 -31.52 -59.57 3.60
N ASP G 66 -32.81 -59.47 3.93
CA ASP G 66 -33.70 -58.51 3.29
C ASP G 66 -33.30 -57.09 3.68
N ILE G 67 -32.86 -56.30 2.69
CA ILE G 67 -32.46 -54.91 2.90
C ILE G 67 -33.27 -54.03 1.95
N SER G 68 -34.46 -54.51 1.58
CA SER G 68 -35.27 -53.84 0.56
C SER G 68 -35.70 -52.45 1.02
N LEU G 69 -36.19 -52.34 2.25
CA LEU G 69 -36.71 -51.10 2.79
C LEU G 69 -35.78 -50.66 3.93
N LEU G 70 -34.65 -50.07 3.56
CA LEU G 70 -33.75 -49.44 4.51
C LEU G 70 -33.26 -48.12 3.94
N PRO G 71 -33.06 -47.10 4.80
CA PRO G 71 -32.61 -45.79 4.30
C PRO G 71 -31.26 -45.84 3.59
N LEU G 72 -30.77 -44.69 3.12
CA LEU G 72 -29.48 -44.67 2.45
C LEU G 72 -28.36 -45.01 3.42
N HIS G 73 -28.39 -44.43 4.63
CA HIS G 73 -27.29 -44.65 5.57
C HIS G 73 -27.33 -46.05 6.16
N ALA G 74 -28.52 -46.62 6.31
CA ALA G 74 -28.64 -48.00 6.78
C ALA G 74 -28.07 -48.99 5.76
N ARG G 75 -28.24 -48.72 4.47
CA ARG G 75 -27.63 -49.55 3.44
C ARG G 75 -26.14 -49.29 3.34
N ALA G 76 -25.71 -48.05 3.58
CA ALA G 76 -24.28 -47.74 3.54
C ALA G 76 -23.54 -48.41 4.68
N ARG G 77 -24.16 -48.50 5.85
CA ARG G 77 -23.57 -49.24 6.97
C ARG G 77 -23.52 -50.74 6.71
N ARG G 78 -24.35 -51.26 5.81
CA ARG G 78 -24.30 -52.68 5.45
C ARG G 78 -23.36 -52.95 4.28
N GLY G 79 -22.49 -51.98 3.95
CA GLY G 79 -21.43 -52.17 2.98
C GLY G 79 -21.68 -51.65 1.59
N ILE G 80 -22.44 -50.57 1.44
CA ILE G 80 -22.76 -49.97 0.14
C ILE G 80 -22.19 -48.57 0.10
N GLY G 81 -21.11 -48.38 -0.66
CA GLY G 81 -20.59 -47.05 -0.93
C GLY G 81 -21.14 -46.53 -2.25
N TYR G 82 -21.39 -45.22 -2.30
CA TYR G 82 -21.99 -44.61 -3.47
C TYR G 82 -21.16 -43.41 -3.89
N LEU G 83 -20.49 -43.52 -5.04
CA LEU G 83 -19.71 -42.41 -5.56
C LEU G 83 -20.48 -41.72 -6.68
N PRO G 84 -21.12 -40.54 -6.43
CA PRO G 84 -21.96 -39.93 -7.46
C PRO G 84 -21.15 -39.27 -8.56
N GLN G 85 -21.85 -38.77 -9.58
CA GLN G 85 -21.13 -38.08 -10.64
C GLN G 85 -20.67 -36.70 -10.20
N GLU G 86 -21.52 -35.95 -9.51
CA GLU G 86 -21.20 -34.60 -9.09
C GLU G 86 -20.01 -34.60 -8.12
N ALA G 87 -19.58 -33.40 -7.73
CA ALA G 87 -18.46 -33.22 -6.82
C ALA G 87 -18.96 -33.40 -5.40
N SER G 88 -18.89 -34.64 -4.92
CA SER G 88 -19.38 -35.02 -3.61
C SER G 88 -18.33 -34.89 -2.53
N ILE G 89 -17.30 -34.11 -2.76
CA ILE G 89 -16.26 -33.93 -1.76
C ILE G 89 -16.70 -32.84 -0.81
N PHE G 90 -16.19 -32.88 0.41
CA PHE G 90 -16.43 -31.80 1.35
C PHE G 90 -15.58 -30.61 0.94
N ARG G 91 -16.23 -29.49 0.62
CA ARG G 91 -15.51 -28.36 0.05
C ARG G 91 -14.49 -27.79 1.04
N ARG G 92 -14.97 -27.39 2.22
CA ARG G 92 -14.12 -26.68 3.18
C ARG G 92 -13.65 -27.57 4.32
N LEU G 93 -13.44 -28.86 4.05
CA LEU G 93 -12.77 -29.79 4.96
C LEU G 93 -11.52 -30.36 4.31
N SER G 94 -10.51 -30.62 5.14
CA SER G 94 -9.24 -31.16 4.69
C SER G 94 -9.39 -32.59 4.22
N VAL G 95 -8.42 -33.03 3.42
CA VAL G 95 -8.45 -34.40 2.93
C VAL G 95 -8.39 -35.38 4.08
N PHE G 96 -7.35 -35.24 4.92
CA PHE G 96 -7.32 -36.02 6.14
C PHE G 96 -8.56 -35.80 6.99
N ASP G 97 -9.04 -34.55 7.07
CA ASP G 97 -10.21 -34.26 7.92
C ASP G 97 -11.45 -34.99 7.43
N ASN G 98 -11.70 -35.01 6.12
CA ASN G 98 -12.92 -35.69 5.70
C ASN G 98 -12.75 -37.20 5.76
N LEU G 99 -11.53 -37.71 5.56
CA LEU G 99 -11.31 -39.14 5.78
C LEU G 99 -11.56 -39.51 7.24
N MET G 100 -11.14 -38.65 8.17
CA MET G 100 -11.38 -38.93 9.58
C MET G 100 -12.87 -38.76 9.94
N ALA G 101 -13.57 -37.82 9.31
CA ALA G 101 -15.01 -37.67 9.54
C ALA G 101 -15.79 -38.91 9.11
N VAL G 102 -15.48 -39.44 7.92
CA VAL G 102 -16.13 -40.67 7.50
C VAL G 102 -15.72 -41.82 8.40
N LEU G 103 -14.45 -41.85 8.81
CA LEU G 103 -13.93 -42.99 9.54
C LEU G 103 -14.36 -43.04 10.99
N GLN G 104 -14.70 -41.91 11.61
CA GLN G 104 -15.11 -41.86 13.02
C GLN G 104 -16.57 -42.23 13.21
N ILE G 105 -17.23 -42.76 12.19
CA ILE G 105 -18.61 -43.24 12.29
C ILE G 105 -18.66 -44.72 12.67
N ARG G 106 -17.76 -45.52 12.11
CA ARG G 106 -17.69 -46.93 12.44
C ARG G 106 -17.09 -47.12 13.84
N ASP G 107 -17.79 -47.90 14.67
CA ASP G 107 -17.42 -48.12 16.07
C ASP G 107 -16.45 -49.29 16.24
N ASP G 108 -16.00 -49.91 15.15
CA ASP G 108 -15.13 -51.06 15.20
C ASP G 108 -13.64 -50.70 15.08
N LEU G 109 -13.30 -49.43 15.27
CA LEU G 109 -11.93 -48.95 15.16
C LEU G 109 -11.62 -48.00 16.30
N THR G 110 -10.37 -48.05 16.78
CA THR G 110 -9.87 -47.12 17.80
C THR G 110 -9.28 -45.89 17.13
N SER G 111 -9.17 -44.81 17.90
CA SER G 111 -8.67 -43.56 17.35
C SER G 111 -7.30 -43.78 16.70
N GLU G 112 -6.42 -44.55 17.35
CA GLU G 112 -5.14 -44.89 16.76
C GLU G 112 -5.31 -45.74 15.50
N GLN G 113 -6.25 -46.69 15.53
CA GLN G 113 -6.57 -47.46 14.32
C GLN G 113 -7.16 -46.58 13.24
N ARG G 114 -7.94 -45.57 13.61
CA ARG G 114 -8.41 -44.61 12.62
C ARG G 114 -7.25 -43.89 11.94
N GLN G 115 -6.30 -43.38 12.73
CA GLN G 115 -5.13 -42.72 12.15
C GLN G 115 -4.36 -43.66 11.22
N ASP G 116 -4.20 -44.92 11.63
CA ASP G 116 -3.47 -45.87 10.79
C ASP G 116 -4.22 -46.17 9.49
N ARG G 117 -5.55 -46.30 9.56
CA ARG G 117 -6.32 -46.58 8.34
C ARG G 117 -6.34 -45.37 7.40
N ALA G 118 -6.51 -44.16 7.94
CA ALA G 118 -6.42 -42.98 7.10
C ALA G 118 -5.05 -42.89 6.41
N ASN G 119 -3.97 -43.12 7.17
CA ASN G 119 -2.65 -43.05 6.54
C ASN G 119 -2.48 -44.15 5.50
N GLU G 120 -3.00 -45.35 5.76
CA GLU G 120 -2.88 -46.42 4.76
C GLU G 120 -3.64 -46.06 3.50
N LEU G 121 -4.82 -45.44 3.64
CA LEU G 121 -5.60 -45.07 2.47
C LEU G 121 -4.91 -43.95 1.67
N MET G 122 -4.42 -42.93 2.37
CA MET G 122 -3.70 -41.87 1.69
C MET G 122 -2.40 -42.38 1.05
N GLU G 123 -1.79 -43.43 1.61
CA GLU G 123 -0.60 -43.96 0.96
C GLU G 123 -0.98 -44.80 -0.26
N GLU G 124 -2.11 -45.52 -0.18
CA GLU G 124 -2.52 -46.41 -1.26
C GLU G 124 -2.81 -45.63 -2.55
N PHE G 125 -3.70 -44.64 -2.45
CA PHE G 125 -4.01 -43.71 -3.53
C PHE G 125 -3.03 -42.55 -3.63
N HIS G 126 -2.09 -42.42 -2.70
CA HIS G 126 -1.01 -41.42 -2.80
C HIS G 126 -1.63 -40.02 -2.83
N ILE G 127 -2.31 -39.68 -1.73
CA ILE G 127 -2.77 -38.33 -1.46
C ILE G 127 -2.00 -37.72 -0.30
N GLU G 128 -0.89 -38.36 0.11
CA GLU G 128 -0.18 -37.93 1.31
C GLU G 128 0.13 -36.44 1.26
N HIS G 129 0.57 -35.94 0.09
CA HIS G 129 0.98 -34.54 -0.04
C HIS G 129 -0.17 -33.55 0.15
N LEU G 130 -1.41 -34.02 0.12
CA LEU G 130 -2.59 -33.18 0.17
C LEU G 130 -3.25 -33.21 1.55
N ARG G 131 -2.46 -33.41 2.61
CA ARG G 131 -3.02 -33.56 3.96
C ARG G 131 -3.78 -32.30 4.37
N ASP G 132 -3.08 -31.17 4.47
CA ASP G 132 -3.65 -29.96 5.02
C ASP G 132 -4.42 -29.13 4.01
N SER G 133 -4.45 -29.54 2.74
CA SER G 133 -5.18 -28.80 1.72
C SER G 133 -6.67 -29.11 1.81
N LEU G 134 -7.49 -28.08 1.61
CA LEU G 134 -8.95 -28.18 1.62
C LEU G 134 -9.48 -28.80 0.34
N GLY G 135 -10.73 -29.27 0.41
CA GLY G 135 -11.35 -29.92 -0.74
C GLY G 135 -11.69 -28.94 -1.86
N GLN G 136 -12.00 -27.70 -1.52
CA GLN G 136 -12.28 -26.70 -2.55
C GLN G 136 -11.04 -26.35 -3.36
N ALA G 137 -9.85 -26.53 -2.80
CA ALA G 137 -8.62 -26.25 -3.51
C ALA G 137 -8.13 -27.45 -4.30
N LEU G 138 -8.84 -28.56 -4.25
CA LEU G 138 -8.38 -29.75 -4.96
C LEU G 138 -8.81 -29.69 -6.41
N SER G 139 -8.14 -30.51 -7.21
CA SER G 139 -8.47 -30.66 -8.62
C SER G 139 -9.41 -31.84 -8.81
N GLY G 140 -9.90 -31.97 -10.04
CA GLY G 140 -10.86 -33.01 -10.37
C GLY G 140 -10.47 -34.43 -9.99
N GLY G 141 -9.40 -34.93 -10.62
CA GLY G 141 -8.99 -36.29 -10.35
C GLY G 141 -8.49 -36.48 -8.93
N GLU G 142 -7.85 -35.46 -8.37
CA GLU G 142 -7.49 -35.50 -6.96
C GLU G 142 -8.73 -35.66 -6.08
N ARG G 143 -9.72 -34.78 -6.26
CA ARG G 143 -10.99 -34.92 -5.57
C ARG G 143 -11.59 -36.30 -5.76
N ARG G 144 -11.46 -36.85 -6.97
CA ARG G 144 -12.06 -38.15 -7.27
C ARG G 144 -11.37 -39.26 -6.49
N ARG G 145 -10.04 -39.23 -6.43
CA ARG G 145 -9.30 -40.17 -5.60
C ARG G 145 -9.62 -39.99 -4.11
N VAL G 146 -9.82 -38.74 -3.66
CA VAL G 146 -10.16 -38.50 -2.26
C VAL G 146 -11.55 -39.04 -1.95
N GLU G 147 -12.50 -38.85 -2.87
CA GLU G 147 -13.84 -39.41 -2.70
C GLU G 147 -13.81 -40.92 -2.72
N ILE G 148 -12.94 -41.51 -3.56
CA ILE G 148 -12.74 -42.96 -3.53
C ILE G 148 -12.19 -43.38 -2.17
N ALA G 149 -11.23 -42.62 -1.64
CA ALA G 149 -10.69 -42.92 -0.33
C ALA G 149 -11.77 -42.77 0.74
N ARG G 150 -12.71 -41.84 0.57
CA ARG G 150 -13.81 -41.77 1.54
C ARG G 150 -14.68 -43.01 1.45
N ALA G 151 -14.96 -43.44 0.23
CA ALA G 151 -15.81 -44.63 0.05
C ALA G 151 -15.15 -45.83 0.71
N LEU G 152 -13.83 -45.95 0.56
CA LEU G 152 -13.09 -47.06 1.17
C LEU G 152 -12.95 -46.89 2.69
N ALA G 153 -13.00 -45.64 3.18
CA ALA G 153 -13.04 -45.40 4.63
C ALA G 153 -14.36 -45.81 5.23
N ALA G 154 -15.45 -45.71 4.47
CA ALA G 154 -16.72 -46.21 4.95
C ALA G 154 -16.76 -47.73 5.04
N ASN G 155 -15.73 -48.43 4.53
CA ASN G 155 -15.63 -49.89 4.49
C ASN G 155 -16.84 -50.52 3.81
N PRO G 156 -16.92 -50.48 2.49
CA PRO G 156 -18.10 -51.01 1.81
C PRO G 156 -17.86 -52.36 1.16
N LYS G 157 -18.88 -53.21 1.12
CA LYS G 157 -18.73 -54.49 0.43
C LYS G 157 -18.83 -54.30 -1.06
N PHE G 158 -19.69 -53.37 -1.50
CA PHE G 158 -19.90 -53.00 -2.89
C PHE G 158 -19.82 -51.49 -3.01
N ILE G 159 -19.37 -51.04 -4.18
CA ILE G 159 -19.19 -49.62 -4.48
C ILE G 159 -19.90 -49.35 -5.80
N LEU G 160 -20.77 -48.34 -5.80
CA LEU G 160 -21.65 -48.03 -6.93
C LEU G 160 -21.22 -46.68 -7.48
N LEU G 161 -20.73 -46.68 -8.72
CA LEU G 161 -20.24 -45.48 -9.36
C LEU G 161 -21.33 -44.98 -10.31
N ASP G 162 -21.73 -43.72 -10.13
CA ASP G 162 -22.71 -43.06 -10.99
C ASP G 162 -21.95 -42.17 -11.97
N GLU G 163 -22.02 -42.49 -13.27
CA GLU G 163 -21.44 -41.71 -14.35
C GLU G 163 -19.98 -41.38 -14.08
N PRO G 164 -19.09 -42.36 -14.04
CA PRO G 164 -17.68 -42.06 -13.75
C PRO G 164 -17.05 -41.27 -14.88
N PHE G 165 -17.30 -41.73 -16.12
CA PHE G 165 -16.76 -41.08 -17.32
C PHE G 165 -17.64 -39.88 -17.67
N ALA G 166 -17.63 -38.89 -16.79
CA ALA G 166 -18.49 -37.74 -16.91
C ALA G 166 -17.65 -36.62 -17.49
N GLY G 167 -17.62 -36.56 -18.82
CA GLY G 167 -16.90 -35.51 -19.52
C GLY G 167 -15.41 -35.53 -19.29
N VAL G 168 -14.85 -36.71 -19.03
CA VAL G 168 -13.43 -36.85 -18.75
C VAL G 168 -12.69 -37.15 -20.05
N ASP G 169 -11.38 -36.92 -20.02
CA ASP G 169 -10.51 -37.14 -21.17
C ASP G 169 -10.17 -38.62 -21.31
N PRO G 170 -9.66 -39.03 -22.48
CA PRO G 170 -9.32 -40.45 -22.67
C PRO G 170 -8.28 -40.98 -21.69
N ILE G 171 -7.31 -40.15 -21.31
CA ILE G 171 -6.33 -40.57 -20.32
C ILE G 171 -6.99 -40.76 -18.97
N SER G 172 -7.83 -39.81 -18.55
CA SER G 172 -8.60 -39.98 -17.33
C SER G 172 -9.42 -41.27 -17.38
N VAL G 173 -9.88 -41.67 -18.57
CA VAL G 173 -10.63 -42.91 -18.74
C VAL G 173 -9.74 -44.13 -18.48
N ILE G 174 -8.52 -44.12 -19.04
CA ILE G 174 -7.60 -45.22 -18.76
C ILE G 174 -7.30 -45.29 -17.26
N ASP G 175 -7.21 -44.13 -16.61
CA ASP G 175 -6.88 -44.13 -15.19
C ASP G 175 -8.08 -44.59 -14.35
N ILE G 176 -9.29 -44.21 -14.78
CA ILE G 176 -10.49 -44.69 -14.12
C ILE G 176 -10.58 -46.20 -14.23
N LYS G 177 -10.29 -46.75 -15.41
CA LYS G 177 -10.26 -48.19 -15.58
C LYS G 177 -9.23 -48.84 -14.68
N ARG G 178 -8.01 -48.27 -14.60
CA ARG G 178 -7.01 -48.84 -13.71
C ARG G 178 -7.46 -48.78 -12.25
N ILE G 179 -8.08 -47.67 -11.85
CA ILE G 179 -8.54 -47.52 -10.47
C ILE G 179 -9.64 -48.53 -10.17
N ILE G 180 -10.54 -48.75 -11.13
CA ILE G 180 -11.62 -49.72 -10.94
C ILE G 180 -11.06 -51.14 -10.91
N GLU G 181 -10.04 -51.42 -11.72
CA GLU G 181 -9.39 -52.72 -11.66
C GLU G 181 -8.69 -52.92 -10.33
N HIS G 182 -8.05 -51.87 -9.81
CA HIS G 182 -7.43 -51.96 -8.50
C HIS G 182 -8.47 -52.13 -7.40
N LEU G 183 -9.65 -51.53 -7.60
CA LEU G 183 -10.75 -51.67 -6.65
C LEU G 183 -11.30 -53.10 -6.65
N ARG G 184 -11.41 -53.69 -7.84
CA ARG G 184 -11.81 -55.09 -7.93
C ARG G 184 -10.76 -56.02 -7.32
N ASP G 185 -9.47 -55.76 -7.58
CA ASP G 185 -8.40 -56.57 -7.00
C ASP G 185 -8.32 -56.42 -5.49
N SER G 186 -8.90 -55.35 -4.95
CA SER G 186 -8.99 -55.14 -3.51
C SER G 186 -10.13 -55.95 -2.87
N GLY G 187 -10.80 -56.82 -3.64
CA GLY G 187 -11.88 -57.61 -3.11
C GLY G 187 -13.21 -56.90 -3.06
N LEU G 188 -13.44 -55.91 -3.91
CA LEU G 188 -14.69 -55.17 -3.93
C LEU G 188 -15.44 -55.41 -5.24
N GLY G 189 -16.77 -55.28 -5.17
CA GLY G 189 -17.61 -55.32 -6.35
C GLY G 189 -18.12 -53.95 -6.76
N VAL G 190 -17.79 -53.53 -7.99
CA VAL G 190 -18.09 -52.20 -8.48
C VAL G 190 -19.27 -52.29 -9.45
N LEU G 191 -20.25 -51.40 -9.29
CA LEU G 191 -21.42 -51.32 -10.15
C LEU G 191 -21.38 -50.00 -10.89
N ILE G 192 -21.12 -50.04 -12.19
CA ILE G 192 -20.94 -48.83 -12.99
C ILE G 192 -22.23 -48.49 -13.69
N THR G 193 -22.57 -47.20 -13.71
CA THR G 193 -23.55 -46.74 -14.68
C THR G 193 -23.02 -45.48 -15.36
N ASP G 194 -23.18 -45.41 -16.69
CA ASP G 194 -22.62 -44.31 -17.46
C ASP G 194 -23.26 -44.29 -18.84
N HIS G 195 -23.08 -43.16 -19.54
CA HIS G 195 -23.47 -43.03 -20.94
C HIS G 195 -22.39 -43.50 -21.91
N ASN G 196 -21.11 -43.34 -21.55
CA ASN G 196 -20.02 -43.85 -22.38
C ASN G 196 -19.98 -45.36 -22.24
N VAL G 197 -20.52 -46.07 -23.23
CA VAL G 197 -20.60 -47.53 -23.12
C VAL G 197 -19.34 -48.20 -23.64
N ARG G 198 -18.65 -47.58 -24.60
CA ARG G 198 -17.46 -48.23 -25.15
C ARG G 198 -16.44 -48.49 -24.04
N GLU G 199 -16.03 -47.43 -23.34
CA GLU G 199 -15.04 -47.59 -22.29
C GLU G 199 -15.61 -48.32 -21.08
N THR G 200 -16.92 -48.20 -20.83
CA THR G 200 -17.56 -48.98 -19.76
C THR G 200 -17.39 -50.47 -20.00
N LEU G 201 -17.80 -50.95 -21.18
CA LEU G 201 -17.63 -52.36 -21.54
C LEU G 201 -16.17 -52.74 -21.67
N ALA G 202 -15.29 -51.79 -22.01
CA ALA G 202 -13.86 -52.08 -21.98
C ALA G 202 -13.37 -52.35 -20.56
N VAL G 203 -13.98 -51.71 -19.56
CA VAL G 203 -13.57 -51.98 -18.19
C VAL G 203 -14.53 -52.95 -17.50
N CYS G 204 -15.73 -53.12 -18.01
CA CYS G 204 -16.72 -53.94 -17.34
C CYS G 204 -16.59 -55.41 -17.75
N GLU G 205 -17.03 -56.30 -16.86
CA GLU G 205 -17.02 -57.74 -17.09
C GLU G 205 -18.40 -58.28 -17.45
N ARG G 206 -19.45 -57.87 -16.74
CA ARG G 206 -20.80 -58.27 -17.14
C ARG G 206 -21.72 -57.06 -17.02
N ALA G 207 -22.45 -56.74 -18.08
CA ALA G 207 -23.29 -55.56 -18.05
C ALA G 207 -24.74 -55.94 -18.34
N TYR G 208 -25.64 -55.43 -17.50
CA TYR G 208 -27.07 -55.50 -17.74
C TYR G 208 -27.52 -54.37 -18.65
N ILE G 209 -28.52 -54.66 -19.47
CA ILE G 209 -29.05 -53.72 -20.46
C ILE G 209 -30.54 -53.57 -20.19
N VAL G 210 -30.95 -52.35 -19.86
CA VAL G 210 -32.33 -52.03 -19.55
C VAL G 210 -32.88 -51.14 -20.66
N SER G 211 -34.02 -51.55 -21.21
CA SER G 211 -34.71 -50.81 -22.26
C SER G 211 -36.20 -50.99 -22.05
N GLN G 212 -36.94 -49.89 -22.13
CA GLN G 212 -38.39 -49.88 -21.88
C GLN G 212 -38.73 -50.41 -20.49
N GLY G 213 -37.80 -50.29 -19.54
CA GLY G 213 -38.05 -50.70 -18.17
C GLY G 213 -37.99 -52.18 -17.90
N ASN G 214 -37.23 -52.94 -18.70
CA ASN G 214 -37.14 -54.38 -18.54
C ASN G 214 -35.74 -54.83 -18.87
N LEU G 215 -35.23 -55.78 -18.09
CA LEU G 215 -33.89 -56.32 -18.33
C LEU G 215 -33.95 -57.22 -19.57
N ILE G 216 -33.24 -56.84 -20.62
CA ILE G 216 -33.29 -57.58 -21.88
C ILE G 216 -32.30 -58.73 -21.88
N ALA G 217 -31.01 -58.42 -21.78
CA ALA G 217 -30.00 -59.47 -21.78
C ALA G 217 -29.02 -59.23 -20.63
N HIS G 218 -28.21 -60.25 -20.35
CA HIS G 218 -27.19 -60.18 -19.33
C HIS G 218 -26.08 -61.15 -19.68
N GLY G 219 -24.85 -60.71 -19.58
CA GLY G 219 -23.72 -61.56 -19.86
C GLY G 219 -22.53 -60.74 -20.29
N THR G 220 -21.58 -61.43 -20.93
CA THR G 220 -20.35 -60.80 -21.37
C THR G 220 -20.64 -59.71 -22.40
N PRO G 221 -19.73 -58.74 -22.54
CA PRO G 221 -19.93 -57.69 -23.57
C PRO G 221 -20.06 -58.25 -24.98
N GLN G 222 -19.46 -59.42 -25.25
CA GLN G 222 -19.65 -60.05 -26.56
C GLN G 222 -21.09 -60.53 -26.73
N GLN G 223 -21.68 -61.13 -25.70
CA GLN G 223 -23.10 -61.47 -25.75
C GLN G 223 -23.95 -60.23 -25.97
N ILE G 224 -23.56 -59.11 -25.36
CA ILE G 224 -24.33 -57.88 -25.47
C ILE G 224 -24.27 -57.32 -26.90
N LEU G 225 -23.06 -57.22 -27.46
CA LEU G 225 -22.89 -56.70 -28.80
C LEU G 225 -23.52 -57.62 -29.85
N GLU G 226 -23.76 -58.89 -29.51
CA GLU G 226 -24.35 -59.85 -30.42
C GLU G 226 -25.88 -59.90 -30.36
N ASP G 227 -26.49 -59.32 -29.33
CA ASP G 227 -27.96 -59.29 -29.24
C ASP G 227 -28.53 -58.37 -30.31
N ASP G 228 -29.30 -58.94 -31.24
CA ASP G 228 -29.86 -58.13 -32.32
C ASP G 228 -30.87 -57.14 -31.80
N HIS G 229 -31.51 -57.46 -30.67
CA HIS G 229 -32.43 -56.51 -30.03
C HIS G 229 -31.70 -55.28 -29.54
N VAL G 230 -30.66 -55.47 -28.72
CA VAL G 230 -29.88 -54.33 -28.24
C VAL G 230 -29.15 -53.66 -29.41
N LYS G 231 -28.80 -54.42 -30.46
CA LYS G 231 -28.13 -53.81 -31.60
C LYS G 231 -29.07 -52.86 -32.34
N ARG G 232 -30.34 -53.23 -32.49
CA ARG G 232 -31.31 -52.41 -33.20
C ARG G 232 -31.99 -51.38 -32.30
N VAL G 233 -31.81 -51.46 -30.98
CA VAL G 233 -32.44 -50.53 -30.06
C VAL G 233 -31.44 -49.58 -29.39
N TYR G 234 -30.16 -49.96 -29.27
CA TYR G 234 -29.19 -49.14 -28.54
C TYR G 234 -27.88 -48.88 -29.27
N LEU G 235 -27.33 -49.88 -29.96
CA LEU G 235 -26.02 -49.75 -30.60
C LEU G 235 -26.13 -49.25 -32.05
N GLY G 236 -26.84 -49.99 -32.90
CA GLY G 236 -26.97 -49.61 -34.30
C GLY G 236 -25.77 -49.97 -35.13
N GLU G 237 -24.96 -48.97 -35.49
CA GLU G 237 -23.69 -49.21 -36.19
C GLU G 237 -22.75 -50.06 -35.34
N ASP G 238 -22.06 -50.97 -36.00
CA ASP G 238 -21.18 -51.91 -35.29
C ASP G 238 -19.98 -51.18 -34.71
N PHE G 239 -19.78 -51.31 -33.40
CA PHE G 239 -18.59 -50.76 -32.75
C PHE G 239 -18.05 -51.66 -31.63
N MET H 1 -42.40 -33.84 -4.13
CA MET H 1 -43.82 -33.98 -3.85
C MET H 1 -44.59 -32.79 -4.43
N SER H 2 -44.91 -32.84 -5.72
CA SER H 2 -45.48 -31.66 -6.38
C SER H 2 -46.95 -31.46 -6.02
N LYS H 3 -47.75 -32.53 -6.09
CA LYS H 3 -49.18 -32.38 -5.88
C LYS H 3 -49.50 -31.99 -4.44
N THR H 4 -48.73 -32.51 -3.47
CA THR H 4 -49.01 -32.23 -2.07
C THR H 4 -48.47 -30.86 -1.65
N ARG H 5 -47.27 -30.50 -2.09
CA ARG H 5 -46.71 -29.20 -1.70
C ARG H 5 -47.49 -28.03 -2.31
N ARG H 6 -48.23 -28.26 -3.39
CA ARG H 6 -49.13 -27.21 -3.88
C ARG H 6 -50.21 -26.90 -2.85
N TRP H 7 -50.90 -27.93 -2.37
CA TRP H 7 -51.91 -27.76 -1.32
C TRP H 7 -51.28 -27.24 -0.02
N VAL H 8 -50.10 -27.75 0.32
CA VAL H 8 -49.43 -27.29 1.53
C VAL H 8 -49.14 -25.80 1.45
N ILE H 9 -48.65 -25.33 0.30
CA ILE H 9 -48.31 -23.92 0.19
C ILE H 9 -49.57 -23.07 0.16
N ILE H 10 -50.62 -23.58 -0.49
CA ILE H 10 -51.88 -22.84 -0.52
C ILE H 10 -52.43 -22.66 0.89
N LEU H 11 -52.56 -23.76 1.64
CA LEU H 11 -53.09 -23.69 3.00
C LEU H 11 -52.22 -22.81 3.91
N LEU H 12 -50.89 -23.00 3.87
CA LEU H 12 -50.05 -22.18 4.74
C LEU H 12 -50.18 -20.69 4.40
N SER H 13 -50.34 -20.38 3.11
CA SER H 13 -50.45 -18.98 2.71
C SER H 13 -51.79 -18.41 3.13
N LEU H 14 -52.83 -19.26 3.12
CA LEU H 14 -54.15 -18.85 3.55
C LEU H 14 -54.17 -18.56 5.05
N VAL H 15 -53.59 -19.47 5.84
CA VAL H 15 -53.52 -19.32 7.29
C VAL H 15 -52.70 -18.10 7.68
N ALA H 16 -51.53 -17.90 7.04
CA ALA H 16 -50.77 -16.68 7.32
C ALA H 16 -51.55 -15.44 6.93
N LEU H 17 -52.31 -15.48 5.83
CA LEU H 17 -53.10 -14.32 5.43
C LEU H 17 -54.22 -14.00 6.41
N ILE H 18 -54.98 -15.02 6.79
CA ILE H 18 -56.05 -14.81 7.76
C ILE H 18 -55.48 -14.40 9.12
N LEU H 19 -54.30 -14.92 9.52
CA LEU H 19 -53.70 -14.47 10.78
C LEU H 19 -53.24 -13.02 10.69
N ILE H 20 -52.73 -12.60 9.52
CA ILE H 20 -52.39 -11.19 9.36
C ILE H 20 -53.64 -10.33 9.49
N GLY H 21 -54.76 -10.83 8.98
CA GLY H 21 -55.98 -10.04 9.00
C GLY H 21 -56.58 -9.95 10.39
N VAL H 22 -56.51 -11.03 11.15
CA VAL H 22 -56.97 -11.02 12.53
C VAL H 22 -56.03 -10.17 13.40
N ASN H 23 -54.72 -10.33 13.23
CA ASN H 23 -53.78 -9.58 14.07
C ASN H 23 -53.84 -8.08 13.82
N LEU H 24 -54.34 -7.64 12.66
CA LEU H 24 -54.41 -6.21 12.38
C LEU H 24 -55.72 -5.60 12.86
N ASP H 39 -58.23 16.13 38.42
CA ASP H 39 -57.77 16.51 37.09
C ASP H 39 -58.79 17.43 36.39
N PRO H 40 -58.41 18.69 36.17
CA PRO H 40 -59.32 19.63 35.51
C PRO H 40 -59.44 19.37 34.02
N THR H 41 -60.67 19.45 33.51
CA THR H 41 -60.91 19.27 32.09
C THR H 41 -60.91 20.59 31.32
N TYR H 42 -61.28 21.69 31.97
CA TYR H 42 -61.32 23.03 31.36
C TYR H 42 -60.77 24.00 32.39
N LYS H 43 -59.48 24.28 32.31
CA LYS H 43 -58.81 25.18 33.25
C LYS H 43 -58.47 26.47 32.52
N SER H 44 -58.83 27.59 33.13
CA SER H 44 -58.49 28.90 32.58
C SER H 44 -58.42 29.91 33.71
N ASP H 45 -58.15 31.16 33.35
CA ASP H 45 -58.04 32.21 34.36
C ASP H 45 -58.52 33.53 33.77
N HIS H 46 -58.91 34.44 34.66
CA HIS H 46 -59.43 35.76 34.30
C HIS H 46 -60.52 35.64 33.23
N SER H 47 -61.56 34.87 33.53
CA SER H 47 -62.67 34.72 32.61
C SER H 47 -63.69 35.85 32.80
N ASP H 48 -64.32 36.26 31.71
CA ASP H 48 -65.30 37.36 31.73
C ASP H 48 -66.51 36.90 30.92
N THR H 49 -67.36 36.08 31.55
CA THR H 49 -68.57 35.61 30.92
C THR H 49 -69.62 36.71 30.93
N VAL H 50 -70.34 36.87 29.82
CA VAL H 50 -71.44 37.83 29.70
C VAL H 50 -72.66 37.06 29.24
N VAL H 51 -73.69 37.00 30.08
CA VAL H 51 -74.88 36.22 29.76
C VAL H 51 -76.04 37.15 29.46
N TYR H 52 -76.76 36.84 28.40
CA TYR H 52 -77.87 37.65 27.90
C TYR H 52 -79.19 36.95 28.19
N SER H 53 -80.30 37.73 28.04
CA SER H 53 -81.61 37.13 28.18
C SER H 53 -82.10 36.60 26.83
N PRO H 54 -82.93 35.55 26.86
CA PRO H 54 -83.48 35.00 25.60
C PRO H 54 -84.41 35.94 24.87
N GLU H 55 -85.04 36.90 25.56
CA GLU H 55 -85.96 37.86 24.94
C GLU H 55 -85.24 38.90 24.09
N GLY H 56 -83.93 39.04 24.23
CA GLY H 56 -83.16 40.01 23.45
C GLY H 56 -82.39 41.02 24.27
N ALA H 57 -82.42 40.96 25.60
CA ALA H 57 -81.69 41.87 26.46
C ALA H 57 -80.52 41.11 27.09
N LEU H 58 -79.76 41.82 27.94
CA LEU H 58 -78.66 41.20 28.66
C LEU H 58 -79.06 40.90 30.10
N ASN H 59 -78.53 39.80 30.63
CA ASN H 59 -78.79 39.37 32.00
C ASN H 59 -77.73 39.85 32.98
N TYR H 60 -76.47 39.48 32.78
CA TYR H 60 -75.44 39.81 33.75
C TYR H 60 -74.05 39.58 33.15
N ARG H 61 -73.03 39.93 33.93
CA ARG H 61 -71.64 39.70 33.58
C ARG H 61 -70.89 39.18 34.80
N LEU H 62 -70.32 37.99 34.67
CA LEU H 62 -69.58 37.33 35.74
C LEU H 62 -68.10 37.37 35.42
N ILE H 63 -67.30 37.92 36.33
CA ILE H 63 -65.84 37.96 36.19
C ILE H 63 -65.26 36.97 37.19
N ALA H 64 -64.22 36.24 36.77
CA ALA H 64 -63.52 35.33 37.65
C ALA H 64 -62.03 35.38 37.35
N GLN H 65 -61.23 35.08 38.37
CA GLN H 65 -59.77 35.07 38.27
C GLN H 65 -59.19 33.68 38.00
N HIS H 66 -59.94 32.61 38.27
CA HIS H 66 -59.52 31.25 37.93
C HIS H 66 -60.75 30.37 37.85
N VAL H 67 -60.89 29.65 36.73
CA VAL H 67 -62.03 28.78 36.47
C VAL H 67 -61.53 27.36 36.21
N GLU H 68 -62.09 26.39 36.93
CA GLU H 68 -61.72 24.99 36.80
C GLU H 68 -62.98 24.16 36.62
N TYR H 69 -63.16 23.58 35.42
CA TYR H 69 -64.36 22.85 35.06
C TYR H 69 -64.04 21.36 34.93
N PHE H 70 -64.79 20.54 35.66
CA PHE H 70 -64.74 19.09 35.53
C PHE H 70 -65.96 18.63 34.76
N SER H 71 -65.72 17.91 33.65
CA SER H 71 -66.78 17.48 32.74
C SER H 71 -67.48 16.20 33.21
N ASP H 72 -66.79 15.35 33.97
CA ASP H 72 -67.41 14.14 34.49
C ASP H 72 -68.54 14.48 35.46
N ASP H 73 -68.38 15.54 36.25
CA ASP H 73 -69.43 16.04 37.11
C ASP H 73 -70.10 17.31 36.59
N GLY H 74 -69.56 17.91 35.53
CA GLY H 74 -70.12 19.14 34.98
C GLY H 74 -70.08 20.33 35.92
N ILE H 75 -69.06 20.41 36.77
CA ILE H 75 -69.01 21.40 37.84
C ILE H 75 -67.87 22.38 37.54
N SER H 76 -68.14 23.67 37.70
CA SER H 76 -67.13 24.70 37.52
C SER H 76 -66.82 25.33 38.88
N TRP H 77 -65.55 25.68 39.08
CA TRP H 77 -65.09 26.35 40.30
C TRP H 77 -64.46 27.68 39.94
N PHE H 78 -64.84 28.72 40.68
CA PHE H 78 -64.40 30.08 40.44
C PHE H 78 -63.70 30.58 41.69
N THR H 79 -62.72 31.46 41.49
CA THR H 79 -61.94 32.04 42.57
C THR H 79 -62.19 33.54 42.60
N GLN H 80 -62.78 34.02 43.69
CA GLN H 80 -63.09 35.44 43.89
C GLN H 80 -63.88 35.98 42.71
N PRO H 81 -65.12 35.54 42.53
CA PRO H 81 -65.91 36.04 41.40
C PRO H 81 -66.61 37.34 41.73
N VAL H 82 -66.81 38.14 40.69
CA VAL H 82 -67.56 39.41 40.74
C VAL H 82 -68.71 39.26 39.74
N MET H 83 -69.92 39.10 40.27
CA MET H 83 -71.13 38.88 39.47
C MET H 83 -71.92 40.19 39.41
N THR H 84 -72.00 40.82 38.25
CA THR H 84 -72.75 42.06 38.09
C THR H 84 -74.05 41.75 37.37
N THR H 85 -75.16 41.73 38.11
CA THR H 85 -76.44 41.48 37.47
C THR H 85 -77.14 42.78 37.12
N PHE H 86 -77.74 42.79 35.94
CA PHE H 86 -78.43 43.93 35.36
C PHE H 86 -79.93 43.70 35.38
N ASP H 87 -80.65 44.79 35.14
CA ASP H 87 -82.09 44.78 35.10
C ASP H 87 -82.58 44.49 33.67
N LYS H 88 -83.89 44.31 33.55
CA LYS H 88 -84.54 44.16 32.26
C LYS H 88 -84.33 45.38 31.36
N ASP H 89 -83.98 46.53 31.94
CA ASP H 89 -83.66 47.75 31.21
C ASP H 89 -82.16 47.98 31.09
N LYS H 90 -81.35 46.93 31.23
CA LYS H 90 -79.91 46.98 30.96
C LYS H 90 -79.24 48.10 31.75
N VAL H 91 -79.32 47.98 33.07
CA VAL H 91 -78.70 48.90 34.02
C VAL H 91 -78.02 48.08 35.11
N PRO H 92 -76.79 48.45 35.53
CA PRO H 92 -76.11 47.69 36.59
C PRO H 92 -76.86 47.72 37.92
N THR H 93 -77.49 46.61 38.29
CA THR H 93 -78.32 46.52 39.50
C THR H 93 -77.53 46.00 40.70
N TRP H 94 -77.11 44.74 40.67
CA TRP H 94 -76.41 44.14 41.79
C TRP H 94 -74.96 43.83 41.44
N SER H 95 -74.10 43.84 42.46
CA SER H 95 -72.75 43.29 42.34
C SER H 95 -72.55 42.32 43.50
N ILE H 96 -72.00 41.15 43.21
CA ILE H 96 -71.85 40.10 44.22
C ILE H 96 -70.42 39.59 44.18
N LYS H 97 -69.79 39.46 45.34
CA LYS H 97 -68.40 39.03 45.42
C LYS H 97 -68.29 37.97 46.50
N SER H 98 -67.61 36.87 46.18
CA SER H 98 -67.26 35.93 47.25
C SER H 98 -65.80 35.54 47.14
N ASP H 99 -65.39 34.50 47.88
CA ASP H 99 -64.03 33.98 47.76
C ASP H 99 -63.98 32.75 46.86
N ARG H 100 -64.83 31.76 47.10
CA ARG H 100 -64.88 30.58 46.26
C ARG H 100 -66.30 30.41 45.75
N ALA H 101 -66.44 30.00 44.49
CA ALA H 101 -67.74 29.84 43.88
C ALA H 101 -67.82 28.47 43.20
N LYS H 102 -69.00 27.86 43.29
CA LYS H 102 -69.29 26.59 42.62
C LYS H 102 -70.50 26.77 41.72
N LEU H 103 -70.36 26.40 40.44
CA LEU H 103 -71.45 26.49 39.46
C LEU H 103 -71.72 25.10 38.90
N THR H 104 -72.93 24.59 39.12
CA THR H 104 -73.31 23.28 38.61
C THR H 104 -74.03 23.44 37.26
N ASN H 105 -74.77 22.40 36.86
CA ASN H 105 -75.47 22.44 35.57
C ASN H 105 -76.80 23.18 35.67
N ASP H 106 -77.47 23.11 36.82
CA ASP H 106 -78.79 23.71 37.01
C ASP H 106 -78.76 25.24 37.21
N ARG H 107 -77.61 25.89 36.94
CA ARG H 107 -77.49 27.35 37.04
C ARG H 107 -77.81 27.88 38.44
N MET H 108 -77.43 27.11 39.47
CA MET H 108 -77.58 27.49 40.87
C MET H 108 -76.20 27.73 41.49
N LEU H 109 -75.77 29.00 41.53
CA LEU H 109 -74.43 29.34 41.97
C LEU H 109 -74.32 29.29 43.49
N TYR H 110 -73.20 28.75 43.99
CA TYR H 110 -72.94 28.65 45.43
C TYR H 110 -71.71 29.49 45.77
N LEU H 111 -71.87 30.41 46.71
CA LEU H 111 -70.81 31.34 47.09
C LEU H 111 -70.37 31.02 48.51
N TYR H 112 -69.06 30.75 48.68
CA TYR H 112 -68.47 30.38 49.95
C TYR H 112 -67.38 31.37 50.33
N GLY H 113 -67.37 31.79 51.59
CA GLY H 113 -66.34 32.68 52.10
C GLY H 113 -66.53 34.14 51.70
N HIS H 114 -66.85 34.99 52.68
CA HIS H 114 -66.94 36.44 52.48
C HIS H 114 -67.93 36.80 51.38
N VAL H 115 -69.12 36.22 51.47
CA VAL H 115 -70.20 36.56 50.56
C VAL H 115 -70.66 37.98 50.85
N GLU H 116 -70.53 38.85 49.85
CA GLU H 116 -70.85 40.26 50.01
C GLU H 116 -71.59 40.72 48.77
N VAL H 117 -72.86 41.10 48.96
CA VAL H 117 -73.75 41.52 47.89
C VAL H 117 -73.99 43.01 48.06
N ASN H 118 -73.40 43.83 47.21
CA ASN H 118 -73.59 45.26 47.22
C ASN H 118 -74.60 45.65 46.14
N ALA H 119 -75.26 46.79 46.33
CA ALA H 119 -76.22 47.29 45.35
C ALA H 119 -75.67 48.56 44.71
N LEU H 120 -75.51 48.55 43.39
CA LEU H 120 -75.06 49.74 42.67
C LEU H 120 -76.21 50.72 42.42
N THR H 121 -77.44 50.21 42.37
CA THR H 121 -78.62 51.06 42.20
C THR H 121 -78.80 51.93 43.44
N ALA H 122 -78.72 53.25 43.26
CA ALA H 122 -78.88 54.18 44.36
C ALA H 122 -80.34 54.37 44.80
N ASP H 123 -81.29 53.67 44.16
CA ASP H 123 -82.72 53.73 44.45
C ASP H 123 -83.26 52.41 44.96
N SER H 124 -82.46 51.71 45.78
CA SER H 124 -82.83 50.44 46.39
C SER H 124 -82.63 50.53 47.89
N GLN H 125 -83.61 50.04 48.65
CA GLN H 125 -83.56 50.14 50.11
C GLN H 125 -82.56 49.18 50.73
N LEU H 126 -82.23 48.09 50.03
CA LEU H 126 -81.25 47.12 50.49
C LEU H 126 -79.90 47.46 49.86
N ARG H 127 -78.91 47.76 50.71
CA ARG H 127 -77.62 48.23 50.21
C ARG H 127 -76.55 47.15 50.19
N LYS H 128 -76.46 46.30 51.21
CA LYS H 128 -75.41 45.29 51.26
C LYS H 128 -75.94 44.08 52.02
N ILE H 129 -75.35 42.92 51.71
CA ILE H 129 -75.64 41.67 52.41
C ILE H 129 -74.31 40.98 52.65
N THR H 130 -74.01 40.64 53.90
CA THR H 130 -72.78 39.92 54.21
C THR H 130 -73.13 38.60 54.89
N THR H 131 -72.46 37.54 54.45
CA THR H 131 -72.60 36.22 55.07
C THR H 131 -71.40 35.37 54.68
N ASP H 132 -71.39 34.12 55.14
CA ASP H 132 -70.35 33.16 54.77
C ASP H 132 -70.72 32.34 53.55
N ASN H 133 -71.88 31.69 53.55
CA ASN H 133 -72.25 30.82 52.44
C ASN H 133 -73.65 31.18 51.96
N ALA H 134 -73.80 31.25 50.65
CA ALA H 134 -75.10 31.60 50.09
C ALA H 134 -75.32 30.84 48.79
N GLN H 135 -76.59 30.68 48.41
CA GLN H 135 -76.96 30.07 47.14
C GLN H 135 -77.80 31.06 46.34
N ILE H 136 -77.65 31.03 45.01
CA ILE H 136 -78.36 31.94 44.10
C ILE H 136 -78.92 31.12 42.94
N ASN H 137 -80.24 30.96 42.91
CA ASN H 137 -80.91 30.39 41.74
C ASN H 137 -80.99 31.47 40.66
N LEU H 138 -80.19 31.30 39.61
CA LEU H 138 -79.95 32.37 38.65
C LEU H 138 -81.14 32.57 37.71
N VAL H 139 -81.82 31.47 37.35
CA VAL H 139 -83.00 31.59 36.49
C VAL H 139 -84.08 32.38 37.21
N THR H 140 -84.23 32.20 38.51
CA THR H 140 -85.19 32.97 39.29
C THR H 140 -84.57 34.20 39.94
N GLN H 141 -83.23 34.29 39.93
CA GLN H 141 -82.45 35.33 40.61
C GLN H 141 -82.66 35.32 42.12
N ASP H 142 -83.14 34.21 42.69
CA ASP H 142 -83.40 34.15 44.12
C ASP H 142 -82.12 33.88 44.91
N VAL H 143 -82.07 34.39 46.13
CA VAL H 143 -80.89 34.26 46.99
C VAL H 143 -81.35 33.65 48.30
N THR H 144 -80.79 32.50 48.66
CA THR H 144 -81.03 31.95 49.97
C THR H 144 -79.68 31.79 50.71
N SER H 145 -79.76 31.56 52.03
CA SER H 145 -78.56 31.24 52.79
C SER H 145 -78.92 30.61 54.12
N GLN H 146 -78.10 29.63 54.51
CA GLN H 146 -78.23 28.91 55.78
C GLN H 146 -77.40 29.52 56.89
N ASP H 147 -76.24 30.09 56.58
CA ASP H 147 -75.38 30.59 57.65
C ASP H 147 -75.86 31.96 58.11
N LEU H 148 -75.26 32.44 59.20
CA LEU H 148 -75.62 33.73 59.76
C LEU H 148 -75.42 34.84 58.73
N VAL H 149 -76.44 35.68 58.52
CA VAL H 149 -76.40 36.73 57.52
C VAL H 149 -76.60 38.08 58.19
N THR H 150 -75.90 39.10 57.70
CA THR H 150 -76.07 40.47 58.14
C THR H 150 -76.60 41.31 56.98
N LEU H 151 -77.71 42.00 57.21
CA LEU H 151 -78.32 42.84 56.19
C LEU H 151 -78.07 44.31 56.51
N TYR H 152 -77.77 45.08 55.48
CA TYR H 152 -77.55 46.51 55.56
C TYR H 152 -78.56 47.19 54.65
N GLY H 153 -79.35 48.11 55.20
CA GLY H 153 -80.20 48.95 54.40
C GLY H 153 -79.73 50.40 54.46
N THR H 154 -80.53 51.28 53.86
CA THR H 154 -80.31 52.73 54.02
C THR H 154 -80.16 53.11 55.48
N THR H 155 -80.94 52.41 56.32
CA THR H 155 -81.02 52.67 57.75
C THR H 155 -81.01 51.39 58.58
N PHE H 156 -80.97 50.22 57.94
CA PHE H 156 -81.04 48.94 58.64
C PHE H 156 -79.64 48.44 58.98
N ASN H 157 -79.45 47.93 60.17
CA ASN H 157 -78.30 47.06 60.43
C ASN H 157 -78.87 45.85 61.17
N SER H 158 -79.09 44.75 60.46
CA SER H 158 -79.75 43.61 61.06
C SER H 158 -78.90 42.36 60.96
N SER H 159 -79.16 41.40 61.85
CA SER H 159 -78.35 40.20 61.87
C SER H 159 -79.20 39.00 62.26
N GLY H 160 -79.09 37.94 61.49
CA GLY H 160 -79.96 36.79 61.67
C GLY H 160 -79.26 35.50 61.29
N LEU H 161 -80.02 34.41 61.41
CA LEU H 161 -79.46 33.08 61.19
C LEU H 161 -79.70 32.52 59.80
N ARG H 162 -80.84 32.75 59.16
CA ARG H 162 -80.98 32.27 57.79
C ARG H 162 -81.54 33.41 56.95
N MET H 163 -81.24 33.42 55.66
CA MET H 163 -81.79 34.48 54.83
C MET H 163 -82.46 33.95 53.57
N ARG H 164 -83.40 34.75 53.07
CA ARG H 164 -84.08 34.41 51.83
C ARG H 164 -84.54 35.71 51.18
N GLY H 165 -84.56 35.71 49.85
CA GLY H 165 -85.00 36.88 49.11
C GLY H 165 -84.78 36.69 47.63
N ASN H 166 -84.86 37.82 46.91
CA ASN H 166 -84.73 37.82 45.45
C ASN H 166 -84.04 39.10 44.99
N LEU H 167 -83.18 38.97 43.98
CA LEU H 167 -82.42 40.12 43.49
C LEU H 167 -83.23 40.93 42.50
N ARG H 168 -83.99 40.27 41.62
CA ARG H 168 -84.79 41.02 40.67
C ARG H 168 -85.81 41.88 41.39
N SER H 169 -86.44 41.35 42.44
CA SER H 169 -87.39 42.08 43.26
C SER H 169 -86.74 42.94 44.36
N LYS H 170 -85.42 42.80 44.57
CA LYS H 170 -84.64 43.61 45.52
C LYS H 170 -85.13 43.44 46.97
N ASN H 171 -85.34 42.18 47.38
CA ASN H 171 -85.93 41.85 48.68
C ASN H 171 -85.07 40.82 49.40
N ALA H 172 -85.04 40.91 50.72
CA ALA H 172 -84.28 39.97 51.56
C ALA H 172 -84.82 40.00 52.98
N GLU H 173 -84.82 38.85 53.64
CA GLU H 173 -85.36 38.71 54.98
C GLU H 173 -84.56 37.67 55.76
N LEU H 174 -84.57 37.82 57.08
CA LEU H 174 -83.89 36.96 58.03
C LEU H 174 -84.94 36.27 58.88
N ILE H 175 -84.57 35.17 59.51
CA ILE H 175 -85.60 34.20 59.88
C ILE H 175 -85.62 33.80 61.34
N GLU H 176 -84.51 33.29 61.87
CA GLU H 176 -84.59 32.59 63.15
C GLU H 176 -84.45 33.52 64.36
N LYS H 177 -83.35 34.29 64.44
CA LYS H 177 -83.24 35.29 65.47
C LYS H 177 -82.73 36.55 64.78
N VAL H 178 -83.36 37.68 65.01
CA VAL H 178 -83.08 38.88 64.24
C VAL H 178 -82.89 40.05 65.20
N ARG H 179 -81.74 40.69 65.12
CA ARG H 179 -81.47 41.91 65.86
C ARG H 179 -81.21 43.02 64.86
N THR H 180 -81.83 44.18 65.09
CA THR H 180 -81.82 45.28 64.15
C THR H 180 -81.46 46.56 64.90
N SER H 181 -80.65 47.38 64.27
CA SER H 181 -80.24 48.64 64.85
C SER H 181 -80.45 49.70 63.79
N TYR H 182 -80.57 50.95 64.25
CA TYR H 182 -80.80 52.08 63.34
C TYR H 182 -79.76 53.17 63.59
N GLU H 183 -79.94 54.33 62.97
CA GLU H 183 -78.89 55.35 63.03
C GLU H 183 -78.97 56.25 64.25
N ILE H 184 -80.01 57.07 64.34
CA ILE H 184 -80.18 57.96 65.48
C ILE H 184 -81.65 57.78 65.92
N GLN H 185 -82.56 58.15 65.03
CA GLN H 185 -83.93 57.70 65.12
C GLN H 185 -84.11 56.54 64.16
N ASN H 186 -85.12 55.70 64.38
CA ASN H 186 -85.20 54.46 63.59
C ASN H 186 -85.74 54.70 62.18
N LYS H 187 -86.12 53.62 61.46
CA LYS H 187 -86.16 53.63 60.01
C LYS H 187 -87.53 53.46 59.39
N GLN H 188 -88.50 52.96 60.16
CA GLN H 188 -89.94 53.13 59.81
C GLN H 188 -90.29 54.62 59.63
N THR H 189 -90.40 55.01 58.37
CA THR H 189 -90.60 56.35 57.78
C THR H 189 -89.92 56.30 56.38
N MET I 1 -18.52 -36.39 15.15
CA MET I 1 -17.71 -35.38 15.81
C MET I 1 -17.14 -34.33 14.80
N ILE I 2 -16.30 -34.74 13.84
CA ILE I 2 -15.81 -33.79 12.84
C ILE I 2 -16.98 -33.17 12.08
N ILE I 3 -17.90 -34.02 11.65
CA ILE I 3 -19.05 -33.55 10.87
C ILE I 3 -19.89 -32.56 11.70
N ILE I 4 -20.00 -32.82 13.00
CA ILE I 4 -20.79 -31.97 13.90
C ILE I 4 -20.22 -30.57 13.95
N ARG I 5 -18.90 -30.50 14.17
CA ARG I 5 -18.17 -29.23 14.17
C ARG I 5 -18.33 -28.52 12.83
N TYR I 6 -18.30 -29.28 11.72
CA TYR I 6 -18.45 -28.75 10.36
C TYR I 6 -19.77 -28.02 10.14
N LEU I 7 -20.87 -28.80 10.22
CA LEU I 7 -22.19 -28.22 10.13
C LEU I 7 -22.32 -26.99 11.02
N VAL I 8 -21.78 -27.07 12.26
CA VAL I 8 -21.94 -25.94 13.18
C VAL I 8 -21.22 -24.70 12.66
N ARG I 9 -19.96 -24.86 12.22
CA ARG I 9 -19.23 -23.71 11.72
C ARG I 9 -19.90 -23.10 10.50
N GLU I 10 -20.26 -23.93 9.51
CA GLU I 10 -20.87 -23.39 8.30
C GLU I 10 -22.16 -22.64 8.62
N THR I 11 -23.10 -23.30 9.33
CA THR I 11 -24.36 -22.64 9.62
C THR I 11 -24.17 -21.40 10.48
N LEU I 12 -23.09 -21.35 11.25
CA LEU I 12 -22.85 -20.16 12.06
C LEU I 12 -22.42 -19.00 11.18
N LYS I 13 -21.56 -19.26 10.19
CA LYS I 13 -21.22 -18.20 9.24
C LYS I 13 -22.46 -17.69 8.51
N SER I 14 -23.29 -18.61 7.98
CA SER I 14 -24.53 -18.19 7.32
C SER I 14 -25.43 -17.39 8.26
N GLN I 15 -25.62 -17.89 9.49
CA GLN I 15 -26.47 -17.19 10.45
C GLN I 15 -25.97 -15.78 10.70
N LEU I 16 -24.65 -15.63 10.82
CA LEU I 16 -24.10 -14.32 11.13
C LEU I 16 -24.31 -13.34 9.97
N ALA I 17 -24.07 -13.78 8.73
CA ALA I 17 -24.38 -12.93 7.59
C ALA I 17 -25.85 -12.49 7.62
N ILE I 18 -26.76 -13.46 7.78
CA ILE I 18 -28.20 -13.16 7.78
C ILE I 18 -28.58 -12.27 8.96
N LEU I 19 -27.86 -12.41 10.06
CA LEU I 19 -28.11 -11.58 11.24
C LEU I 19 -27.73 -10.14 10.97
N PHE I 20 -26.61 -9.94 10.28
CA PHE I 20 -26.26 -8.59 9.87
C PHE I 20 -27.30 -8.00 8.93
N ILE I 21 -27.70 -8.75 7.89
CA ILE I 21 -28.76 -8.27 7.00
C ILE I 21 -30.02 -7.89 7.78
N LEU I 22 -30.48 -8.79 8.66
CA LEU I 22 -31.69 -8.52 9.44
C LEU I 22 -31.52 -7.31 10.32
N LEU I 23 -30.33 -7.14 10.91
CA LEU I 23 -30.03 -5.95 11.67
C LEU I 23 -30.18 -4.70 10.81
N LEU I 24 -29.68 -4.73 9.58
CA LEU I 24 -29.86 -3.56 8.72
C LEU I 24 -31.33 -3.29 8.47
N ILE I 25 -32.11 -4.33 8.13
CA ILE I 25 -33.51 -4.11 7.78
C ILE I 25 -34.27 -3.53 8.96
N PHE I 26 -34.07 -4.11 10.15
CA PHE I 26 -34.75 -3.63 11.35
C PHE I 26 -34.23 -2.26 11.80
N PHE I 27 -32.98 -1.95 11.51
CA PHE I 27 -32.50 -0.59 11.74
C PHE I 27 -33.17 0.41 10.80
N CYS I 28 -33.34 0.07 9.53
CA CYS I 28 -34.06 0.97 8.63
C CYS I 28 -35.49 1.20 9.13
N GLN I 29 -36.17 0.12 9.51
CA GLN I 29 -37.53 0.25 10.04
C GLN I 29 -37.57 1.10 11.30
N LYS I 30 -36.61 0.90 12.22
CA LYS I 30 -36.58 1.68 13.45
C LYS I 30 -36.21 3.13 13.18
N LEU I 31 -35.37 3.38 12.18
CA LEU I 31 -35.02 4.75 11.85
C LEU I 31 -36.21 5.48 11.27
N VAL I 32 -36.99 4.81 10.42
CA VAL I 32 -38.23 5.39 9.95
C VAL I 32 -39.14 5.70 11.14
N LYS I 33 -39.37 4.71 12.01
CA LYS I 33 -40.24 4.94 13.16
C LYS I 33 -39.74 6.07 14.08
N ILE I 34 -38.42 6.24 14.18
CA ILE I 34 -37.86 7.29 15.05
C ILE I 34 -37.98 8.66 14.40
N LEU I 35 -37.51 8.80 13.15
CA LEU I 35 -37.60 10.08 12.45
C LEU I 35 -39.05 10.51 12.22
N GLY I 36 -40.00 9.57 12.23
CA GLY I 36 -41.40 9.96 12.18
C GLY I 36 -41.78 10.87 13.33
N ALA I 37 -41.28 10.58 14.53
CA ALA I 37 -41.58 11.39 15.70
C ALA I 37 -40.49 12.39 16.02
N ALA I 38 -39.34 12.28 15.37
CA ALA I 38 -38.23 13.20 15.62
C ALA I 38 -38.54 14.59 15.08
N VAL I 39 -38.95 14.66 13.81
CA VAL I 39 -39.42 15.93 13.25
C VAL I 39 -40.75 16.35 13.86
N ASP I 40 -41.50 15.43 14.46
CA ASP I 40 -42.75 15.77 15.14
C ASP I 40 -42.53 16.51 16.45
N GLY I 41 -41.30 16.58 16.94
CA GLY I 41 -40.96 17.40 18.07
C GLY I 41 -40.88 16.69 19.41
N GLU I 42 -40.39 15.46 19.44
CA GLU I 42 -40.35 14.70 20.68
C GLU I 42 -38.94 14.44 21.21
N ILE I 43 -37.91 14.62 20.39
CA ILE I 43 -36.55 14.30 20.83
C ILE I 43 -35.54 15.10 20.01
N PRO I 44 -34.49 15.65 20.64
CA PRO I 44 -33.41 16.30 19.88
C PRO I 44 -32.49 15.30 19.19
N THR I 45 -31.37 15.80 18.65
CA THR I 45 -30.48 14.98 17.85
C THR I 45 -29.83 13.87 18.67
N ASN I 46 -29.15 14.23 19.76
CA ASN I 46 -28.44 13.24 20.57
C ASN I 46 -29.42 12.26 21.23
N LEU I 47 -30.58 12.75 21.66
CA LEU I 47 -31.60 11.87 22.23
C LEU I 47 -32.16 10.91 21.19
N VAL I 48 -32.37 11.39 19.95
CA VAL I 48 -32.82 10.48 18.90
C VAL I 48 -31.78 9.42 18.63
N LEU I 49 -30.52 9.82 18.56
CA LEU I 49 -29.44 8.87 18.33
C LEU I 49 -29.43 7.79 19.42
N SER I 50 -29.36 8.19 20.70
CA SER I 50 -29.29 7.22 21.79
C SER I 50 -30.54 6.34 21.84
N LEU I 51 -31.71 6.91 21.53
CA LEU I 51 -32.94 6.14 21.54
C LEU I 51 -32.94 5.09 20.43
N LEU I 52 -32.43 5.43 19.25
CA LEU I 52 -32.32 4.43 18.18
C LEU I 52 -31.32 3.34 18.57
N GLY I 53 -30.24 3.71 19.24
CA GLY I 53 -29.28 2.71 19.68
C GLY I 53 -29.80 1.81 20.79
N LEU I 54 -30.72 2.30 21.60
CA LEU I 54 -31.20 1.52 22.73
C LEU I 54 -32.32 0.55 22.34
N GLY I 55 -32.90 0.71 21.15
CA GLY I 55 -34.02 -0.13 20.75
C GLY I 55 -33.62 -1.39 19.99
N ILE I 56 -32.48 -1.98 20.36
CA ILE I 56 -31.98 -3.15 19.66
C ILE I 56 -32.49 -4.47 20.25
N PRO I 57 -32.86 -4.56 21.54
CA PRO I 57 -33.43 -5.83 22.01
C PRO I 57 -34.73 -6.21 21.32
N GLU I 58 -35.58 -5.24 20.96
CA GLU I 58 -36.80 -5.57 20.23
C GLU I 58 -36.47 -6.23 18.90
N MET I 59 -35.47 -5.70 18.18
CA MET I 59 -35.03 -6.32 16.93
C MET I 59 -34.46 -7.71 17.18
N ALA I 60 -33.64 -7.84 18.23
CA ALA I 60 -33.00 -9.10 18.55
C ALA I 60 -34.01 -10.21 18.80
N GLN I 61 -35.07 -9.89 19.56
CA GLN I 61 -36.13 -10.86 19.87
C GLN I 61 -36.58 -11.64 18.65
N LEU I 62 -36.81 -10.94 17.54
CA LEU I 62 -37.23 -11.63 16.32
C LEU I 62 -36.04 -12.14 15.52
N ILE I 63 -34.94 -11.37 15.44
CA ILE I 63 -33.92 -11.71 14.46
C ILE I 63 -33.03 -12.88 14.92
N LEU I 64 -32.77 -13.04 16.22
CA LEU I 64 -32.00 -14.20 16.66
C LEU I 64 -32.62 -15.52 16.21
N PRO I 65 -33.89 -15.84 16.56
CA PRO I 65 -34.49 -17.05 15.98
C PRO I 65 -34.58 -17.01 14.46
N LEU I 66 -34.93 -15.85 13.88
CA LEU I 66 -34.97 -15.78 12.41
C LEU I 66 -33.59 -16.00 11.80
N SER I 67 -32.56 -15.34 12.33
CA SER I 67 -31.19 -15.54 11.81
C SER I 67 -30.77 -17.00 11.89
N LEU I 68 -30.90 -17.64 13.06
CA LEU I 68 -30.57 -19.06 13.12
C LEU I 68 -31.43 -19.85 12.13
N PHE I 69 -32.72 -19.54 12.02
CA PHE I 69 -33.60 -20.34 11.18
C PHE I 69 -33.18 -20.24 9.71
N LEU I 70 -33.07 -19.02 9.19
CA LEU I 70 -32.64 -18.82 7.81
C LEU I 70 -31.25 -19.39 7.54
N GLY I 71 -30.29 -19.06 8.41
CA GLY I 71 -28.96 -19.61 8.24
C GLY I 71 -29.01 -21.11 8.08
N LEU I 72 -29.62 -21.79 9.04
CA LEU I 72 -29.56 -23.24 9.03
C LEU I 72 -30.22 -23.78 7.78
N LEU I 73 -31.37 -23.22 7.42
CA LEU I 73 -32.09 -23.59 6.20
C LEU I 73 -31.20 -23.48 4.96
N MET I 74 -30.73 -22.26 4.66
CA MET I 74 -29.91 -22.05 3.47
C MET I 74 -28.66 -22.93 3.46
N THR I 75 -27.97 -23.06 4.61
CA THR I 75 -26.74 -23.85 4.65
C THR I 75 -27.00 -25.33 4.41
N LEU I 76 -28.05 -25.88 5.00
CA LEU I 76 -28.36 -27.29 4.74
C LEU I 76 -28.80 -27.46 3.30
N GLY I 77 -29.51 -26.47 2.74
CA GLY I 77 -29.78 -26.47 1.32
C GLY I 77 -28.52 -26.52 0.46
N LYS I 78 -27.57 -25.61 0.72
CA LYS I 78 -26.32 -25.57 -0.05
C LYS I 78 -25.56 -26.86 0.08
N LEU I 79 -25.57 -27.47 1.26
CA LEU I 79 -24.82 -28.70 1.44
C LEU I 79 -25.53 -29.87 0.77
N TYR I 80 -26.85 -29.77 0.60
CA TYR I 80 -27.56 -30.83 -0.11
C TYR I 80 -27.36 -30.72 -1.61
N THR I 81 -27.38 -29.50 -2.16
CA THR I 81 -27.14 -29.32 -3.59
C THR I 81 -25.75 -29.78 -4.00
N GLU I 82 -24.76 -29.47 -3.16
CA GLU I 82 -23.38 -29.83 -3.46
C GLU I 82 -23.09 -31.29 -3.19
N SER I 83 -24.11 -32.14 -3.09
CA SER I 83 -23.91 -33.58 -2.95
C SER I 83 -23.00 -33.89 -1.76
N GLU I 84 -23.15 -33.13 -0.68
CA GLU I 84 -22.38 -33.39 0.55
C GLU I 84 -23.18 -34.17 1.58
N ILE I 85 -24.38 -33.71 1.91
CA ILE I 85 -25.24 -34.51 2.79
C ILE I 85 -25.58 -35.85 2.17
N THR I 86 -25.78 -35.87 0.85
CA THR I 86 -26.14 -37.13 0.23
C THR I 86 -24.99 -38.12 0.33
N VAL I 87 -23.77 -37.63 0.21
CA VAL I 87 -22.66 -38.56 0.34
C VAL I 87 -22.32 -38.83 1.81
N MET I 88 -22.66 -37.91 2.73
CA MET I 88 -22.68 -38.27 4.14
C MET I 88 -23.51 -39.53 4.34
N HIS I 89 -24.81 -39.44 4.05
CA HIS I 89 -25.69 -40.59 4.16
C HIS I 89 -25.08 -41.80 3.47
N ALA I 90 -24.67 -41.66 2.20
CA ALA I 90 -24.10 -42.79 1.49
C ALA I 90 -22.78 -43.28 2.08
N CYS I 91 -22.21 -42.57 3.06
CA CYS I 91 -21.06 -43.06 3.83
C CYS I 91 -21.45 -43.56 5.21
N GLY I 92 -22.72 -43.79 5.47
CA GLY I 92 -23.15 -44.33 6.73
C GLY I 92 -23.72 -43.32 7.71
N LEU I 93 -23.61 -42.04 7.42
CA LEU I 93 -24.08 -41.01 8.33
C LEU I 93 -25.58 -40.77 8.21
N SER I 94 -26.25 -40.63 9.34
CA SER I 94 -27.68 -40.39 9.40
C SER I 94 -27.99 -38.95 9.76
N LYS I 95 -29.27 -38.60 9.71
CA LYS I 95 -29.67 -37.24 10.05
C LYS I 95 -29.54 -36.95 11.52
N ALA I 96 -29.18 -37.96 12.31
CA ALA I 96 -29.01 -37.70 13.73
C ALA I 96 -27.96 -36.62 13.95
N VAL I 97 -26.86 -36.64 13.18
CA VAL I 97 -25.83 -35.65 13.39
C VAL I 97 -26.30 -34.27 12.94
N LEU I 98 -27.19 -34.23 11.94
CA LEU I 98 -27.78 -32.97 11.47
C LEU I 98 -28.67 -32.34 12.53
N VAL I 99 -29.52 -33.14 13.18
CA VAL I 99 -30.33 -32.57 14.24
C VAL I 99 -29.48 -32.28 15.49
N LYS I 100 -28.40 -33.02 15.70
CA LYS I 100 -27.48 -32.72 16.80
C LYS I 100 -26.82 -31.35 16.60
N ALA I 101 -26.25 -31.12 15.42
CA ALA I 101 -25.72 -29.82 15.05
C ALA I 101 -26.78 -28.73 15.18
N ALA I 102 -27.99 -28.99 14.68
CA ALA I 102 -29.09 -28.05 14.81
C ALA I 102 -29.29 -27.65 16.27
N MET I 103 -29.36 -28.63 17.17
CA MET I 103 -29.67 -28.33 18.57
C MET I 103 -28.49 -27.67 19.27
N ILE I 104 -27.26 -27.92 18.82
CA ILE I 104 -26.10 -27.20 19.35
C ILE I 104 -26.21 -25.71 19.03
N LEU I 105 -26.45 -25.40 17.74
CA LEU I 105 -26.63 -24.00 17.32
C LEU I 105 -27.85 -23.37 17.99
N ALA I 106 -28.88 -24.19 18.19
CA ALA I 106 -30.05 -23.75 18.95
C ALA I 106 -29.66 -23.39 20.38
N LEU I 107 -28.78 -24.19 21.01
CA LEU I 107 -28.36 -23.91 22.38
C LEU I 107 -27.61 -22.59 22.46
N PHE I 108 -26.69 -22.36 21.53
CA PHE I 108 -26.01 -21.06 21.42
C PHE I 108 -27.02 -19.90 21.33
N THR I 109 -27.89 -19.96 20.31
CA THR I 109 -28.74 -18.81 20.08
C THR I 109 -29.80 -18.68 21.17
N GLY I 110 -30.23 -19.80 21.75
CA GLY I 110 -31.19 -19.76 22.84
C GLY I 110 -30.60 -19.23 24.13
N ILE I 111 -29.35 -19.57 24.45
CA ILE I 111 -28.68 -18.92 25.56
C ILE I 111 -28.60 -17.42 25.32
N VAL I 112 -28.27 -17.01 24.08
CA VAL I 112 -28.17 -15.56 23.83
C VAL I 112 -29.53 -14.90 24.02
N ALA I 113 -30.57 -15.49 23.44
CA ALA I 113 -31.91 -14.91 23.53
C ALA I 113 -32.41 -14.91 24.96
N ALA I 114 -32.09 -15.95 25.74
CA ALA I 114 -32.49 -15.99 27.13
C ALA I 114 -31.85 -14.87 27.92
N VAL I 115 -30.53 -14.69 27.78
CA VAL I 115 -29.88 -13.60 28.50
C VAL I 115 -30.48 -12.26 28.08
N ASN I 116 -30.71 -12.08 26.78
CA ASN I 116 -31.35 -10.86 26.28
C ASN I 116 -32.69 -10.63 26.96
N VAL I 117 -33.62 -11.57 26.80
CA VAL I 117 -34.97 -11.48 27.35
C VAL I 117 -34.96 -11.24 28.86
N MET I 118 -34.15 -12.00 29.61
CA MET I 118 -34.18 -11.84 31.07
C MET I 118 -33.62 -10.48 31.49
N TRP I 119 -32.41 -10.13 31.05
CA TRP I 119 -31.76 -8.96 31.65
C TRP I 119 -31.48 -7.81 30.70
N ALA I 120 -31.27 -8.06 29.40
CA ALA I 120 -30.90 -6.98 28.50
C ALA I 120 -32.11 -6.16 28.05
N GLY I 121 -33.27 -6.78 27.91
CA GLY I 121 -34.49 -6.09 27.57
C GLY I 121 -34.96 -5.14 28.66
N PRO I 122 -35.19 -5.67 29.88
CA PRO I 122 -35.69 -4.79 30.94
C PRO I 122 -34.77 -3.62 31.23
N MET I 123 -33.45 -3.83 31.26
CA MET I 123 -32.53 -2.73 31.55
C MET I 123 -32.62 -1.66 30.47
N SER I 124 -32.69 -2.07 29.20
CA SER I 124 -32.81 -1.11 28.10
C SER I 124 -34.11 -0.34 28.18
N SER I 125 -35.22 -1.00 28.51
CA SER I 125 -36.49 -0.29 28.66
C SER I 125 -36.43 0.68 29.84
N ARG I 126 -35.82 0.26 30.96
CA ARG I 126 -35.74 1.16 32.10
C ARG I 126 -34.94 2.40 31.76
N HIS I 127 -33.80 2.23 31.07
CA HIS I 127 -33.01 3.38 30.64
C HIS I 127 -33.75 4.22 29.61
N GLN I 128 -34.56 3.59 28.75
CA GLN I 128 -35.40 4.37 27.87
C GLN I 128 -36.33 5.26 28.67
N ASP I 129 -36.99 4.70 29.68
CA ASP I 129 -37.93 5.47 30.47
C ASP I 129 -37.21 6.62 31.17
N GLU I 130 -36.03 6.36 31.72
CA GLU I 130 -35.28 7.41 32.40
C GLU I 130 -34.92 8.54 31.45
N VAL I 131 -34.39 8.21 30.26
CA VAL I 131 -33.96 9.28 29.37
C VAL I 131 -35.16 10.00 28.76
N LEU I 132 -36.30 9.32 28.65
CA LEU I 132 -37.53 10.01 28.27
C LEU I 132 -37.96 10.99 29.37
N ALA I 133 -37.82 10.58 30.63
CA ALA I 133 -38.07 11.51 31.72
C ALA I 133 -37.11 12.70 31.67
N GLU I 134 -35.89 12.48 31.18
CA GLU I 134 -34.95 13.59 31.05
C GLU I 134 -35.46 14.60 30.04
N ALA I 135 -35.54 14.22 28.77
CA ALA I 135 -36.00 15.12 27.72
C ALA I 135 -36.85 14.35 26.72
N GLN I 146 -44.54 21.43 17.10
CA GLN I 146 -44.57 21.67 15.65
C GLN I 146 -45.64 22.70 15.22
N GLY I 147 -45.91 22.76 13.92
CA GLY I 147 -46.81 23.76 13.38
C GLY I 147 -48.29 23.40 13.38
N GLN I 148 -48.64 22.25 12.82
CA GLN I 148 -50.02 21.80 12.73
C GLN I 148 -50.11 20.37 13.22
N PHE I 149 -51.18 20.07 13.96
CA PHE I 149 -51.41 18.74 14.53
C PHE I 149 -52.77 18.21 14.06
N GLN I 150 -52.90 16.88 14.09
CA GLN I 150 -54.12 16.24 13.62
C GLN I 150 -55.29 16.47 14.58
N GLN I 151 -56.50 16.60 14.02
CA GLN I 151 -57.70 16.89 14.78
C GLN I 151 -58.53 15.62 15.02
N ALA I 152 -59.68 15.80 15.66
CA ALA I 152 -60.68 14.74 15.87
C ALA I 152 -60.14 13.58 16.70
N THR I 153 -59.67 13.90 17.91
CA THR I 153 -59.29 12.86 18.87
C THR I 153 -60.49 11.98 19.21
N ASP I 154 -61.66 12.58 19.44
CA ASP I 154 -62.91 11.85 19.60
C ASP I 154 -63.81 11.95 18.36
N GLY I 155 -63.39 12.67 17.33
CA GLY I 155 -64.16 12.83 16.12
C GLY I 155 -65.21 13.93 16.15
N ASN I 156 -65.41 14.59 17.29
CA ASN I 156 -66.46 15.59 17.46
C ASN I 156 -65.97 17.02 17.43
N SER I 157 -64.66 17.26 17.38
CA SER I 157 -64.09 18.61 17.38
C SER I 157 -63.38 18.88 16.07
N VAL I 158 -63.32 20.16 15.69
CA VAL I 158 -62.68 20.62 14.45
C VAL I 158 -61.66 21.69 14.80
N LEU I 159 -60.44 21.58 14.25
CA LEU I 159 -59.39 22.54 14.49
C LEU I 159 -58.96 23.17 13.17
N PHE I 160 -58.59 24.45 13.19
CA PHE I 160 -58.15 25.11 11.97
C PHE I 160 -57.30 26.32 12.34
N ILE I 161 -56.01 26.28 12.00
CA ILE I 161 -55.10 27.39 12.25
C ILE I 161 -54.75 28.03 10.92
N GLU I 162 -55.10 29.31 10.77
CA GLU I 162 -54.89 30.00 9.51
C GLU I 162 -53.45 30.44 9.29
N SER I 163 -52.64 30.58 10.35
CA SER I 163 -51.25 31.02 10.19
C SER I 163 -50.39 30.38 11.27
N VAL I 164 -49.24 29.82 10.87
CA VAL I 164 -48.32 29.18 11.80
C VAL I 164 -46.94 29.80 11.59
N ASP I 165 -46.21 30.00 12.70
CA ASP I 165 -44.84 30.53 12.63
C ASP I 165 -44.05 29.90 13.77
N GLY I 166 -43.35 28.79 13.45
CA GLY I 166 -42.46 28.14 14.39
C GLY I 166 -43.09 27.64 15.68
N SER I 167 -43.88 26.57 15.59
CA SER I 167 -44.58 25.95 16.72
C SER I 167 -45.51 26.94 17.44
N LYS I 168 -46.03 27.93 16.73
CA LYS I 168 -46.95 28.92 17.29
C LYS I 168 -48.10 29.10 16.33
N PHE I 169 -49.31 29.19 16.87
CA PHE I 169 -50.52 29.36 16.08
C PHE I 169 -50.88 30.84 16.01
N ASN I 170 -51.41 31.28 14.87
CA ASN I 170 -51.89 32.64 14.70
C ASN I 170 -53.32 32.59 14.17
N ASP I 171 -54.25 33.17 14.93
CA ASP I 171 -55.68 33.18 14.61
C ASP I 171 -56.24 31.75 14.51
N VAL I 172 -56.14 31.04 15.62
CA VAL I 172 -56.60 29.65 15.69
C VAL I 172 -58.11 29.63 15.91
N PHE I 173 -58.78 28.62 15.33
CA PHE I 173 -60.22 28.43 15.47
C PHE I 173 -60.47 26.96 15.81
N LEU I 174 -61.15 26.70 16.92
CA LEU I 174 -61.57 25.37 17.30
C LEU I 174 -63.09 25.36 17.45
N ALA I 175 -63.74 24.25 17.12
CA ALA I 175 -65.19 24.19 17.17
C ALA I 175 -65.63 22.81 17.66
N GLN I 176 -66.81 22.76 18.29
CA GLN I 176 -67.43 21.50 18.67
C GLN I 176 -68.57 21.16 17.71
N LEU I 177 -69.01 19.91 17.75
CA LEU I 177 -70.12 19.45 16.91
C LEU I 177 -71.22 18.70 17.66
N ARG I 178 -70.95 18.24 18.88
CA ARG I 178 -71.96 17.53 19.66
C ARG I 178 -72.98 18.52 20.21
N THR I 179 -74.21 18.41 19.74
CA THR I 179 -75.31 19.26 20.17
C THR I 179 -76.24 18.51 21.12
N LYS I 180 -75.66 17.66 21.99
CA LYS I 180 -76.45 16.89 22.93
C LYS I 180 -77.02 17.73 24.07
N GLY I 181 -76.61 19.00 24.17
CA GLY I 181 -77.13 19.90 25.20
C GLY I 181 -78.27 20.78 24.72
N ASN I 182 -78.86 20.41 23.58
CA ASN I 182 -79.96 21.15 22.96
C ASN I 182 -79.60 22.61 22.74
N ALA I 183 -78.39 22.85 22.24
CA ALA I 183 -77.90 24.20 22.01
C ALA I 183 -76.91 24.16 20.86
N ARG I 184 -76.59 25.35 20.34
CA ARG I 184 -75.57 25.45 19.31
C ARG I 184 -74.22 25.00 19.86
N PRO I 185 -73.44 24.26 19.08
CA PRO I 185 -72.16 23.73 19.58
C PRO I 185 -71.18 24.85 19.91
N SER I 186 -70.22 24.52 20.78
CA SER I 186 -69.31 25.51 21.32
C SER I 186 -68.27 25.93 20.29
N VAL I 187 -67.80 27.16 20.42
CA VAL I 187 -66.80 27.73 19.51
C VAL I 187 -65.72 28.37 20.36
N VAL I 188 -64.47 28.26 19.94
CA VAL I 188 -63.34 28.86 20.66
C VAL I 188 -62.40 29.46 19.62
N VAL I 189 -62.31 30.78 19.59
CA VAL I 189 -61.43 31.45 18.63
C VAL I 189 -60.38 32.26 19.39
N ALA I 190 -59.12 32.09 19.00
CA ALA I 190 -58.02 32.80 19.63
C ALA I 190 -57.07 33.36 18.59
N ASP I 191 -56.10 34.15 19.07
CA ASP I 191 -55.11 34.83 18.24
C ASP I 191 -53.73 34.19 18.28
N SER I 192 -53.29 33.72 19.45
CA SER I 192 -51.98 33.12 19.63
C SER I 192 -52.10 31.91 20.53
N GLY I 193 -51.34 30.86 20.24
CA GLY I 193 -51.40 29.66 21.04
C GLY I 193 -50.18 28.79 20.85
N GLN I 194 -49.99 27.87 21.79
CA GLN I 194 -48.87 26.92 21.78
C GLN I 194 -49.22 25.64 22.52
N ARG I 198 -49.77 19.08 22.88
CA ARG I 198 -49.50 17.79 23.53
C ARG I 198 -48.52 17.97 24.69
N LYS I 199 -48.55 17.05 25.65
CA LYS I 199 -47.70 17.12 26.82
C LYS I 199 -47.58 15.75 27.48
N ASP I 200 -46.84 15.73 28.59
CA ASP I 200 -46.57 14.54 29.38
C ASP I 200 -47.87 13.87 29.84
N GLY I 201 -47.85 12.54 29.89
CA GLY I 201 -49.04 11.81 30.34
C GLY I 201 -50.18 12.00 29.37
N SER I 202 -51.35 12.35 29.88
CA SER I 202 -52.51 12.60 29.04
C SER I 202 -52.29 13.83 28.15
N GLN I 203 -52.87 13.77 26.95
CA GLN I 203 -52.78 14.90 26.03
C GLN I 203 -53.50 16.12 26.61
N VAL I 204 -52.95 17.30 26.34
CA VAL I 204 -53.47 18.54 26.89
C VAL I 204 -52.98 19.68 26.01
N VAL I 205 -53.77 20.76 25.94
CA VAL I 205 -53.46 21.91 25.10
C VAL I 205 -53.41 23.15 25.97
N THR I 206 -52.98 24.26 25.36
CA THR I 206 -52.96 25.55 26.02
C THR I 206 -53.20 26.64 24.99
N LEU I 207 -54.17 27.50 25.26
CA LEU I 207 -54.57 28.55 24.33
C LEU I 207 -54.70 29.86 25.08
N ASN I 208 -54.20 30.93 24.47
CA ASN I 208 -54.08 32.23 25.12
C ASN I 208 -54.92 33.28 24.38
N LYS I 209 -55.66 34.08 25.15
CA LYS I 209 -56.39 35.24 24.64
C LYS I 209 -57.44 34.83 23.62
N GLY I 210 -58.44 34.07 24.10
CA GLY I 210 -59.46 33.52 23.25
C GLY I 210 -60.85 33.80 23.79
N THR I 211 -61.84 33.56 22.92
CA THR I 211 -63.25 33.76 23.22
C THR I 211 -64.00 32.47 22.95
N ARG I 212 -64.88 32.12 23.88
CA ARG I 212 -65.68 30.91 23.78
C ARG I 212 -67.16 31.30 23.70
N PHE I 213 -67.88 30.61 22.81
CA PHE I 213 -69.28 30.84 22.52
C PHE I 213 -70.06 29.57 22.80
N GLU I 214 -71.14 29.70 23.58
CA GLU I 214 -72.05 28.60 23.86
C GLU I 214 -73.47 29.14 23.83
N GLY I 215 -74.43 28.25 24.02
CA GLY I 215 -75.83 28.62 24.09
C GLY I 215 -76.61 28.15 22.86
N THR I 216 -77.91 28.37 22.92
CA THR I 216 -78.81 27.89 21.88
C THR I 216 -78.68 28.74 20.61
N ALA I 217 -79.18 28.19 19.51
CA ALA I 217 -79.21 28.86 18.21
C ALA I 217 -80.61 29.42 17.93
N MET I 218 -80.69 30.29 16.93
CA MET I 218 -81.93 30.96 16.51
C MET I 218 -82.62 31.69 17.65
N LEU I 219 -81.84 32.25 18.58
CA LEU I 219 -82.36 32.98 19.73
C LEU I 219 -81.25 33.88 20.28
N ARG I 220 -81.62 34.71 21.25
CA ARG I 220 -80.70 35.60 21.94
C ARG I 220 -80.01 34.94 23.14
N ASP I 221 -80.31 33.67 23.41
CA ASP I 221 -79.73 32.93 24.53
C ASP I 221 -78.29 32.56 24.17
N PHE I 222 -77.36 33.43 24.53
CA PHE I 222 -75.95 33.22 24.24
C PHE I 222 -75.12 33.29 25.51
N ARG I 223 -73.94 32.69 25.46
CA ARG I 223 -73.01 32.68 26.58
C ARG I 223 -71.62 32.93 26.00
N ILE I 224 -71.12 34.15 26.19
CA ILE I 224 -69.86 34.62 25.62
C ILE I 224 -68.85 34.79 26.76
N THR I 225 -67.80 33.97 26.73
CA THR I 225 -66.77 33.98 27.75
C THR I 225 -65.45 34.42 27.12
N ASP I 226 -64.62 35.12 27.89
CA ASP I 226 -63.30 35.58 27.44
C ASP I 226 -62.24 34.90 28.30
N PHE I 227 -61.57 33.89 27.73
CA PHE I 227 -60.51 33.17 28.43
C PHE I 227 -59.16 33.75 28.07
N GLN I 228 -58.26 33.78 29.06
CA GLN I 228 -56.90 34.26 28.85
C GLN I 228 -55.87 33.15 28.80
N ASN I 229 -56.17 31.97 29.36
CA ASN I 229 -55.27 30.82 29.28
C ASN I 229 -56.12 29.54 29.27
N TYR I 230 -56.53 29.12 28.08
CA TYR I 230 -57.44 28.00 27.90
C TYR I 230 -56.63 26.71 27.87
N GLN I 231 -56.71 25.94 28.94
CA GLN I 231 -56.04 24.65 29.04
C GLN I 231 -57.09 23.55 29.13
N ALA I 232 -56.60 22.31 29.10
CA ALA I 232 -57.44 21.12 29.21
C ALA I 232 -57.09 20.38 30.49
N PRO I 243 -43.28 4.07 23.17
CA PRO I 243 -41.88 3.75 23.47
C PRO I 243 -41.68 3.31 24.93
N THR I 244 -42.51 3.79 25.85
CA THR I 244 -42.41 3.37 27.24
C THR I 244 -43.27 2.14 27.50
N ASP I 245 -42.98 1.45 28.60
CA ASP I 245 -43.72 0.24 28.98
C ASP I 245 -43.51 -0.01 30.46
N THR I 246 -44.35 -0.89 31.02
CA THR I 246 -44.31 -1.24 32.43
C THR I 246 -43.96 -2.71 32.67
N GLU I 247 -43.71 -3.49 31.61
CA GLU I 247 -43.32 -4.88 31.73
C GLU I 247 -41.82 -5.08 31.77
N GLN I 248 -41.10 -4.18 32.45
CA GLN I 248 -39.64 -4.24 32.57
C GLN I 248 -39.30 -4.79 33.96
N MET I 249 -39.40 -6.10 34.11
CA MET I 249 -39.27 -6.74 35.41
C MET I 249 -38.45 -8.02 35.29
N ASP I 250 -37.98 -8.49 36.44
CA ASP I 250 -37.36 -9.81 36.50
C ASP I 250 -38.43 -10.89 36.33
N MET I 251 -37.98 -12.11 36.11
CA MET I 251 -38.89 -13.24 36.03
C MET I 251 -39.60 -13.46 37.36
N ARG I 252 -38.90 -13.22 38.48
CA ARG I 252 -39.52 -13.37 39.79
C ARG I 252 -40.59 -12.31 40.03
N THR I 253 -40.38 -11.10 39.52
CA THR I 253 -41.37 -10.03 39.69
C THR I 253 -42.63 -10.31 38.86
N LEU I 254 -42.48 -10.78 37.61
CA LEU I 254 -43.65 -11.19 36.85
C LEU I 254 -44.31 -12.43 37.46
N TRP I 255 -43.51 -13.32 38.05
CA TRP I 255 -44.07 -14.49 38.71
C TRP I 255 -44.96 -14.08 39.87
N ASN I 256 -44.51 -13.09 40.67
CA ASN I 256 -45.23 -12.68 41.87
C ASN I 256 -46.26 -11.58 41.62
N THR I 257 -46.31 -11.00 40.42
CA THR I 257 -47.27 -9.93 40.18
C THR I 257 -48.70 -10.48 40.08
N ASP I 258 -48.89 -11.55 39.31
CA ASP I 258 -50.17 -12.26 39.21
C ASP I 258 -51.26 -11.37 38.61
N THR I 259 -50.95 -10.82 37.44
CA THR I 259 -51.89 -10.05 36.64
C THR I 259 -51.83 -10.56 35.20
N ASP I 260 -52.82 -10.14 34.39
CA ASP I 260 -52.92 -10.65 33.02
C ASP I 260 -51.76 -10.17 32.16
N ARG I 261 -51.39 -8.90 32.29
CA ARG I 261 -50.23 -8.40 31.55
C ARG I 261 -48.97 -9.15 31.94
N ALA I 262 -48.73 -9.36 33.24
CA ALA I 262 -47.53 -10.07 33.63
C ALA I 262 -47.52 -11.49 33.09
N ARG I 263 -48.65 -12.19 33.15
CA ARG I 263 -48.67 -13.55 32.66
C ARG I 263 -48.42 -13.60 31.17
N ALA I 264 -49.03 -12.69 30.44
CA ALA I 264 -48.80 -12.62 29.01
C ALA I 264 -47.32 -12.36 28.70
N GLU I 265 -46.71 -11.39 29.40
CA GLU I 265 -45.31 -11.06 29.15
C GLU I 265 -44.40 -12.22 29.51
N PHE I 266 -44.66 -12.84 30.66
CA PHE I 266 -43.84 -13.96 31.09
C PHE I 266 -43.88 -15.08 30.05
N HIS I 267 -45.09 -15.56 29.72
CA HIS I 267 -45.15 -16.65 28.76
C HIS I 267 -44.60 -16.23 27.39
N TRP I 268 -44.77 -14.96 27.01
CA TRP I 268 -44.22 -14.48 25.75
C TRP I 268 -42.71 -14.58 25.75
N ARG I 269 -42.07 -14.19 26.86
CA ARG I 269 -40.63 -14.29 27.02
C ARG I 269 -40.16 -15.74 26.96
N ILE I 270 -40.77 -16.62 27.74
CA ILE I 270 -40.39 -18.03 27.66
C ILE I 270 -40.54 -18.54 26.25
N THR I 271 -41.67 -18.27 25.59
CA THR I 271 -41.87 -18.86 24.27
C THR I 271 -40.94 -18.24 23.24
N LEU I 272 -40.60 -16.98 23.42
CA LEU I 272 -39.62 -16.32 22.55
C LEU I 272 -38.24 -16.95 22.70
N VAL I 273 -37.87 -17.38 23.91
CA VAL I 273 -36.60 -18.11 24.05
C VAL I 273 -36.73 -19.53 23.49
N PHE I 274 -37.91 -20.13 23.63
CA PHE I 274 -38.17 -21.47 23.13
C PHE I 274 -38.23 -21.54 21.60
N THR I 275 -38.66 -20.45 20.95
CA THR I 275 -38.79 -20.42 19.50
C THR I 275 -37.50 -20.81 18.82
N VAL I 276 -36.37 -20.46 19.44
CA VAL I 276 -35.09 -20.78 18.83
C VAL I 276 -34.94 -22.29 18.64
N PHE I 277 -35.11 -23.05 19.72
CA PHE I 277 -35.03 -24.50 19.62
C PHE I 277 -36.12 -25.07 18.73
N MET I 278 -37.34 -24.53 18.84
CA MET I 278 -38.47 -24.94 18.01
C MET I 278 -38.13 -24.91 16.53
N MET I 279 -37.80 -23.71 16.05
CA MET I 279 -37.51 -23.50 14.64
C MET I 279 -36.28 -24.29 14.20
N ALA I 280 -35.20 -24.27 15.00
CA ALA I 280 -34.03 -25.05 14.59
C ALA I 280 -34.36 -26.53 14.49
N LEU I 281 -35.39 -26.99 15.20
CA LEU I 281 -35.77 -28.39 15.13
C LEU I 281 -36.60 -28.68 13.88
N ILE I 282 -37.51 -27.78 13.51
CA ILE I 282 -38.34 -28.11 12.34
C ILE I 282 -37.66 -27.81 11.00
N VAL I 283 -36.58 -27.02 11.00
CA VAL I 283 -35.94 -26.61 9.74
C VAL I 283 -35.05 -27.69 9.09
N VAL I 284 -34.58 -28.70 9.83
CA VAL I 284 -33.60 -29.67 9.27
C VAL I 284 -34.18 -30.52 8.14
N PRO I 285 -35.35 -31.16 8.29
CA PRO I 285 -35.89 -31.95 7.17
C PRO I 285 -36.63 -31.13 6.13
N LEU I 286 -37.08 -29.92 6.46
CA LEU I 286 -37.60 -28.99 5.46
C LEU I 286 -36.50 -28.22 4.74
N SER I 287 -35.24 -28.65 4.86
CA SER I 287 -34.16 -27.91 4.24
C SER I 287 -33.74 -28.50 2.90
N VAL I 288 -34.06 -29.76 2.63
CA VAL I 288 -33.72 -30.33 1.33
C VAL I 288 -34.41 -29.54 0.24
N VAL I 289 -33.65 -29.18 -0.80
CA VAL I 289 -34.17 -28.33 -1.87
C VAL I 289 -34.29 -29.16 -3.16
N ASN I 290 -35.31 -28.78 -3.99
CA ASN I 290 -35.55 -29.56 -5.22
C ASN I 290 -34.97 -28.83 -6.42
N PRO I 291 -34.12 -29.48 -7.22
CA PRO I 291 -33.39 -28.72 -8.26
C PRO I 291 -34.30 -28.05 -9.25
N ARG I 292 -35.50 -28.58 -9.46
CA ARG I 292 -36.51 -28.04 -10.36
C ARG I 292 -37.44 -27.02 -9.70
N GLN I 293 -37.20 -26.63 -8.45
CA GLN I 293 -38.03 -25.61 -7.79
C GLN I 293 -37.23 -24.41 -7.31
N GLY I 294 -35.97 -24.60 -6.90
CA GLY I 294 -35.13 -23.52 -6.38
C GLY I 294 -34.98 -23.56 -4.87
N ARG I 295 -34.52 -22.44 -4.32
CA ARG I 295 -34.36 -22.21 -2.89
C ARG I 295 -35.60 -21.55 -2.26
N VAL I 296 -36.02 -20.39 -2.77
CA VAL I 296 -37.14 -19.68 -2.16
C VAL I 296 -38.41 -20.54 -2.12
N LEU I 297 -38.68 -21.34 -3.15
CA LEU I 297 -39.87 -22.19 -3.09
C LEU I 297 -39.69 -23.33 -2.09
N SER I 298 -38.50 -23.92 -2.02
CA SER I 298 -38.29 -24.94 -1.02
C SER I 298 -38.23 -24.35 0.39
N MET I 299 -37.87 -23.08 0.52
CA MET I 299 -37.92 -22.41 1.81
C MET I 299 -39.28 -21.83 2.13
N LEU I 300 -40.21 -21.90 1.18
CA LEU I 300 -41.49 -21.22 1.35
C LEU I 300 -42.37 -21.86 2.41
N PRO I 301 -42.58 -23.19 2.43
CA PRO I 301 -43.32 -23.74 3.58
C PRO I 301 -42.65 -23.44 4.91
N ALA I 302 -41.32 -23.60 5.01
CA ALA I 302 -40.64 -23.35 6.28
C ALA I 302 -40.77 -21.88 6.71
N MET I 303 -40.63 -20.94 5.77
CA MET I 303 -40.80 -19.55 6.15
C MET I 303 -42.24 -19.25 6.55
N LEU I 304 -43.20 -19.85 5.85
CA LEU I 304 -44.59 -19.65 6.22
C LEU I 304 -44.88 -20.19 7.62
N LEU I 305 -44.29 -21.34 7.97
CA LEU I 305 -44.46 -21.86 9.33
C LEU I 305 -43.90 -20.89 10.36
N TYR I 306 -42.70 -20.36 10.12
CA TYR I 306 -42.15 -19.38 11.06
C TYR I 306 -43.07 -18.17 11.19
N LEU I 307 -43.57 -17.66 10.07
CA LEU I 307 -44.49 -16.53 10.09
C LEU I 307 -45.72 -16.85 10.92
N ILE I 308 -46.35 -18.00 10.65
CA ILE I 308 -47.55 -18.40 11.36
C ILE I 308 -47.28 -18.54 12.85
N TYR I 309 -46.14 -19.13 13.20
CA TYR I 309 -45.82 -19.29 14.61
C TYR I 309 -45.67 -17.94 15.29
N PHE I 310 -44.92 -17.02 14.69
CA PHE I 310 -44.77 -15.73 15.36
C PHE I 310 -46.07 -14.94 15.37
N LEU I 311 -46.92 -15.14 14.37
CA LEU I 311 -48.20 -14.42 14.39
C LEU I 311 -49.06 -14.95 15.51
N LEU I 312 -49.23 -16.29 15.60
CA LEU I 312 -49.97 -16.88 16.71
C LEU I 312 -49.46 -16.37 18.05
N GLN I 313 -48.13 -16.35 18.22
CA GLN I 313 -47.58 -15.95 19.51
C GLN I 313 -47.82 -14.48 19.82
N THR I 314 -47.63 -13.59 18.84
CA THR I 314 -47.94 -12.19 19.04
C THR I 314 -49.43 -11.98 19.32
N SER I 315 -50.28 -12.72 18.60
CA SER I 315 -51.73 -12.63 18.81
C SER I 315 -52.09 -13.10 20.22
N ILE I 316 -51.50 -14.23 20.64
CA ILE I 316 -51.76 -14.77 21.97
C ILE I 316 -51.36 -13.78 23.04
N ARG I 317 -50.14 -13.24 22.97
CA ARG I 317 -49.73 -12.23 23.95
C ARG I 317 -50.61 -10.98 23.88
N SER I 318 -51.01 -10.57 22.67
CA SER I 318 -51.82 -9.36 22.54
C SER I 318 -53.21 -9.57 23.14
N ASN I 319 -53.84 -10.71 22.86
CA ASN I 319 -55.15 -10.99 23.43
C ASN I 319 -55.09 -11.34 24.91
N GLY I 320 -54.02 -11.98 25.36
CA GLY I 320 -53.87 -12.24 26.78
C GLY I 320 -53.64 -10.97 27.59
N ALA I 321 -52.92 -10.00 27.03
CA ALA I 321 -52.73 -8.74 27.75
C ALA I 321 -54.05 -8.03 27.98
N LYS I 322 -55.02 -8.21 27.08
CA LYS I 322 -56.32 -7.58 27.19
C LYS I 322 -57.28 -8.41 28.03
N GLY I 323 -56.79 -9.48 28.64
CA GLY I 323 -57.60 -10.37 29.44
C GLY I 323 -58.60 -11.20 28.66
N LYS I 324 -58.70 -11.00 27.35
CA LYS I 324 -59.67 -11.73 26.55
C LYS I 324 -59.22 -13.15 26.26
N LEU I 325 -58.04 -13.55 26.74
CA LEU I 325 -57.40 -14.80 26.35
C LEU I 325 -56.45 -15.22 27.44
N ASP I 326 -56.28 -16.52 27.62
CA ASP I 326 -55.32 -16.99 28.59
C ASP I 326 -53.98 -17.21 27.91
N PRO I 327 -52.88 -16.61 28.39
CA PRO I 327 -51.61 -16.76 27.68
C PRO I 327 -51.01 -18.13 27.81
N MET I 328 -51.05 -18.71 29.00
CA MET I 328 -50.35 -19.97 29.23
C MET I 328 -50.87 -21.07 28.33
N VAL I 329 -52.18 -21.36 28.41
CA VAL I 329 -52.67 -22.56 27.75
C VAL I 329 -52.54 -22.43 26.25
N TRP I 330 -52.89 -21.28 25.69
CA TRP I 330 -52.81 -21.15 24.24
C TRP I 330 -51.37 -21.11 23.75
N THR I 331 -50.51 -20.35 24.45
CA THR I 331 -49.08 -20.38 24.18
C THR I 331 -48.55 -21.80 24.13
N TRP I 332 -48.75 -22.55 25.20
CA TRP I 332 -48.17 -23.89 25.19
C TRP I 332 -48.91 -24.86 24.30
N PHE I 333 -50.17 -24.56 23.93
CA PHE I 333 -50.87 -25.40 22.98
C PHE I 333 -50.29 -25.25 21.58
N VAL I 334 -50.09 -24.01 21.14
CA VAL I 334 -49.42 -23.76 19.88
C VAL I 334 -48.04 -24.41 19.87
N ASN I 335 -47.27 -24.22 20.95
CA ASN I 335 -45.94 -24.83 21.04
C ASN I 335 -46.00 -26.36 20.97
N SER I 336 -46.98 -26.96 21.64
CA SER I 336 -47.11 -28.40 21.59
C SER I 336 -47.48 -28.86 20.18
N LEU I 337 -48.32 -28.10 19.48
CA LEU I 337 -48.65 -28.47 18.10
C LEU I 337 -47.41 -28.40 17.21
N TYR I 338 -46.63 -27.33 17.35
CA TYR I 338 -45.39 -27.23 16.56
C TYR I 338 -44.44 -28.38 16.89
N ILE I 339 -44.33 -28.75 18.17
CA ILE I 339 -43.43 -29.84 18.57
C ILE I 339 -43.88 -31.16 17.98
N LEU I 340 -45.18 -31.45 18.05
CA LEU I 340 -45.68 -32.67 17.43
C LEU I 340 -45.34 -32.67 15.95
N LEU I 341 -45.55 -31.53 15.28
CA LEU I 341 -45.29 -31.46 13.84
C LEU I 341 -43.83 -31.73 13.54
N ALA I 342 -42.94 -31.18 14.36
CA ALA I 342 -41.51 -31.37 14.17
C ALA I 342 -41.14 -32.84 14.32
N LEU I 343 -41.65 -33.49 15.36
CA LEU I 343 -41.39 -34.92 15.52
C LEU I 343 -41.91 -35.72 14.33
N GLY I 344 -43.12 -35.41 13.87
CA GLY I 344 -43.64 -36.07 12.68
C GLY I 344 -42.72 -35.95 11.49
N LEU I 345 -42.41 -34.73 11.08
CA LEU I 345 -41.63 -34.63 9.85
C LEU I 345 -40.14 -34.88 10.06
N ASN I 346 -39.68 -35.12 11.30
CA ASN I 346 -38.28 -35.54 11.52
C ASN I 346 -38.11 -37.04 11.67
N LEU I 347 -39.13 -37.78 12.11
CA LEU I 347 -38.99 -39.23 12.33
C LEU I 347 -39.45 -40.08 11.14
N TRP I 348 -39.83 -39.46 10.01
CA TRP I 348 -40.34 -40.23 8.88
C TRP I 348 -39.27 -41.15 8.26
N ASP I 349 -38.11 -40.59 7.92
CA ASP I 349 -37.02 -41.34 7.27
C ASP I 349 -36.26 -42.17 8.32
N THR I 350 -36.98 -43.09 8.96
CA THR I 350 -36.41 -44.02 9.93
C THR I 350 -37.00 -45.41 9.72
N VAL I 351 -36.45 -46.38 10.42
CA VAL I 351 -36.84 -47.79 10.31
C VAL I 351 -38.23 -48.01 10.88
N PRO I 352 -38.54 -47.57 12.12
CA PRO I 352 -39.89 -47.84 12.66
C PRO I 352 -41.02 -47.24 11.83
N VAL I 353 -40.92 -45.96 11.45
CA VAL I 353 -41.98 -45.32 10.68
C VAL I 353 -42.10 -45.96 9.29
N ARG I 354 -40.98 -46.33 8.68
CA ARG I 354 -41.05 -46.98 7.37
C ARG I 354 -41.82 -48.30 7.44
N ARG I 355 -41.60 -49.07 8.51
CA ARG I 355 -42.33 -50.33 8.69
C ARG I 355 -43.81 -50.08 8.99
N ILE I 356 -44.10 -49.05 9.79
CA ILE I 356 -45.49 -48.71 10.11
C ILE I 356 -46.24 -48.25 8.86
N ARG I 357 -45.61 -47.39 8.04
CA ARG I 357 -46.27 -46.94 6.82
C ARG I 357 -46.46 -48.08 5.83
N ALA I 358 -45.51 -49.02 5.78
CA ALA I 358 -45.59 -50.17 4.88
C ALA I 358 -46.76 -51.10 5.25
N GLN J 2 -39.20 -3.85 -39.11
CA GLN J 2 -40.18 -4.83 -38.67
C GLN J 2 -41.29 -4.14 -37.89
N ALA J 3 -42.54 -4.37 -38.27
CA ALA J 3 -43.68 -3.72 -37.62
C ALA J 3 -44.49 -4.77 -36.84
N PHE J 4 -44.15 -4.93 -35.55
CA PHE J 4 -44.89 -5.82 -34.64
C PHE J 4 -45.03 -7.25 -35.20
N GLY J 5 -43.89 -7.94 -35.31
CA GLY J 5 -43.88 -9.27 -35.87
C GLY J 5 -44.18 -10.36 -34.87
N VAL J 6 -43.94 -11.60 -35.28
CA VAL J 6 -44.22 -12.75 -34.42
C VAL J 6 -43.40 -12.66 -33.13
N LEU J 7 -42.16 -12.19 -33.25
CA LEU J 7 -41.29 -12.11 -32.09
C LEU J 7 -41.68 -10.97 -31.17
N ASP J 8 -41.98 -9.80 -31.74
CA ASP J 8 -42.49 -8.69 -30.94
C ASP J 8 -43.74 -9.11 -30.18
N ARG J 9 -44.73 -9.67 -30.89
CA ARG J 9 -45.91 -10.20 -30.24
C ARG J 9 -45.53 -11.20 -29.15
N TYR J 10 -44.57 -12.08 -29.42
CA TYR J 10 -44.20 -13.11 -28.45
C TYR J 10 -43.75 -12.49 -27.13
N ILE J 11 -42.73 -11.64 -27.18
CA ILE J 11 -42.26 -10.96 -25.98
C ILE J 11 -43.36 -10.12 -25.33
N GLY J 12 -44.04 -9.29 -26.11
CA GLY J 12 -45.13 -8.50 -25.56
C GLY J 12 -46.12 -9.34 -24.79
N LYS J 13 -46.69 -10.36 -25.44
CA LYS J 13 -47.69 -11.20 -24.80
C LYS J 13 -47.11 -11.89 -23.57
N THR J 14 -45.89 -12.42 -23.67
CA THR J 14 -45.32 -13.11 -22.53
C THR J 14 -45.25 -12.18 -21.31
N ILE J 15 -44.77 -10.94 -21.50
CA ILE J 15 -44.64 -10.03 -20.36
C ILE J 15 -45.99 -9.52 -19.88
N PHE J 16 -46.94 -9.37 -20.80
CA PHE J 16 -48.26 -8.89 -20.40
C PHE J 16 -49.01 -9.95 -19.59
N THR J 17 -49.00 -11.20 -20.07
CA THR J 17 -49.56 -12.32 -19.31
C THR J 17 -48.93 -12.44 -17.93
N THR J 18 -47.60 -12.42 -17.84
CA THR J 18 -46.99 -12.56 -16.51
C THR J 18 -47.33 -11.37 -15.60
N ILE J 19 -47.39 -10.15 -16.14
CA ILE J 19 -47.76 -9.02 -15.29
C ILE J 19 -49.19 -9.19 -14.77
N MET J 20 -50.09 -9.68 -15.63
CA MET J 20 -51.48 -9.85 -15.20
C MET J 20 -51.60 -10.94 -14.14
N MET J 21 -50.91 -12.08 -14.32
CA MET J 21 -51.01 -13.14 -13.32
C MET J 21 -50.44 -12.68 -11.97
N THR J 22 -49.28 -12.00 -12.00
CA THR J 22 -48.69 -11.48 -10.76
C THR J 22 -49.62 -10.50 -10.06
N LEU J 23 -50.24 -9.60 -10.82
CA LEU J 23 -51.18 -8.67 -10.23
C LEU J 23 -52.41 -9.40 -9.65
N PHE J 24 -52.84 -10.50 -10.27
CA PHE J 24 -54.03 -11.19 -9.77
C PHE J 24 -53.72 -11.96 -8.49
N MET J 25 -52.50 -12.47 -8.37
CA MET J 25 -52.07 -13.10 -7.13
C MET J 25 -51.95 -12.08 -5.99
N LEU J 26 -51.34 -10.92 -6.27
CA LEU J 26 -51.34 -9.90 -5.22
C LEU J 26 -52.75 -9.47 -4.85
N VAL J 27 -53.65 -9.39 -5.84
CA VAL J 27 -55.06 -9.12 -5.58
C VAL J 27 -55.64 -10.10 -4.58
N SER J 28 -55.57 -11.39 -4.90
CA SER J 28 -56.13 -12.37 -3.98
C SER J 28 -55.48 -12.25 -2.59
N LEU J 29 -54.15 -12.04 -2.53
CA LEU J 29 -53.52 -11.95 -1.22
C LEU J 29 -54.05 -10.77 -0.41
N SER J 30 -53.82 -9.55 -0.89
CA SER J 30 -54.25 -8.37 -0.13
C SER J 30 -55.77 -8.35 0.07
N GLY J 31 -56.52 -8.91 -0.88
CA GLY J 31 -57.95 -8.96 -0.71
C GLY J 31 -58.37 -9.85 0.44
N ILE J 32 -57.81 -11.05 0.53
CA ILE J 32 -58.13 -11.90 1.67
C ILE J 32 -57.72 -11.23 2.98
N ILE J 33 -56.56 -10.55 3.00
CA ILE J 33 -56.12 -9.91 4.25
C ILE J 33 -57.11 -8.85 4.68
N LYS J 34 -57.52 -7.97 3.75
CA LYS J 34 -58.47 -6.92 4.09
C LYS J 34 -59.87 -7.48 4.35
N PHE J 35 -60.22 -8.61 3.73
CA PHE J 35 -61.50 -9.26 3.96
C PHE J 35 -61.59 -9.82 5.37
N VAL J 36 -60.52 -10.47 5.83
CA VAL J 36 -60.49 -10.89 7.22
C VAL J 36 -60.56 -9.68 8.14
N ASP J 37 -59.75 -8.64 7.86
CA ASP J 37 -59.78 -7.44 8.70
C ASP J 37 -61.18 -6.86 8.81
N GLN J 38 -61.95 -6.88 7.71
CA GLN J 38 -63.29 -6.31 7.79
C GLN J 38 -64.29 -7.27 8.40
N LEU J 39 -64.09 -8.57 8.18
CA LEU J 39 -64.93 -9.58 8.81
C LEU J 39 -64.83 -9.52 10.33
N LYS J 40 -63.69 -9.03 10.85
CA LYS J 40 -63.57 -8.81 12.28
C LYS J 40 -64.65 -7.90 12.84
N LYS J 41 -65.40 -7.19 11.99
CA LYS J 41 -66.46 -6.30 12.45
C LYS J 41 -67.82 -6.63 11.83
N ALA J 42 -68.08 -7.91 11.58
CA ALA J 42 -69.34 -8.33 10.97
C ALA J 42 -70.48 -8.49 11.97
N GLY J 43 -70.27 -8.17 13.24
CA GLY J 43 -71.33 -8.32 14.22
C GLY J 43 -71.83 -7.00 14.76
N GLN J 44 -70.98 -5.98 14.68
CA GLN J 44 -71.36 -4.68 15.22
C GLN J 44 -72.42 -4.00 14.36
N GLY J 45 -72.27 -4.06 13.05
CA GLY J 45 -73.22 -3.47 12.11
C GLY J 45 -74.30 -4.45 11.70
N SER J 46 -74.91 -4.16 10.55
CA SER J 46 -75.93 -5.02 9.97
C SER J 46 -75.42 -5.87 8.81
N TYR J 47 -74.32 -5.50 8.17
CA TYR J 47 -73.78 -6.30 7.08
C TYR J 47 -73.01 -7.50 7.62
N ASP J 48 -73.19 -8.66 6.97
CA ASP J 48 -72.52 -9.88 7.42
C ASP J 48 -71.19 -10.01 6.67
N ALA J 49 -70.68 -11.24 6.59
CA ALA J 49 -69.48 -11.54 5.81
C ALA J 49 -69.65 -11.17 4.34
N LEU J 50 -70.88 -11.26 3.81
CA LEU J 50 -71.09 -10.80 2.45
C LEU J 50 -70.85 -9.30 2.35
N GLY J 51 -71.26 -8.56 3.38
CA GLY J 51 -71.00 -7.13 3.41
C GLY J 51 -69.51 -6.82 3.44
N ALA J 52 -68.77 -7.52 4.30
CA ALA J 52 -67.32 -7.32 4.30
C ALA J 52 -66.72 -7.70 2.94
N GLY J 53 -67.16 -8.80 2.35
CA GLY J 53 -66.58 -9.23 1.09
C GLY J 53 -66.85 -8.25 -0.04
N MET J 54 -68.07 -7.70 -0.08
CA MET J 54 -68.38 -6.63 -1.04
C MET J 54 -67.56 -5.38 -0.78
N TYR J 55 -67.29 -5.06 0.49
CA TYR J 55 -66.33 -4.01 0.78
C TYR J 55 -65.00 -4.30 0.11
N THR J 56 -64.58 -5.57 0.11
CA THR J 56 -63.30 -5.90 -0.53
C THR J 56 -63.41 -5.81 -2.05
N LEU J 57 -64.47 -6.37 -2.63
CA LEU J 57 -64.55 -6.44 -4.08
C LEU J 57 -64.55 -5.04 -4.70
N LEU J 58 -65.12 -4.05 -4.01
CA LEU J 58 -65.14 -2.69 -4.54
C LEU J 58 -63.86 -1.92 -4.25
N SER J 59 -63.02 -2.42 -3.34
CA SER J 59 -61.72 -1.84 -3.06
C SER J 59 -60.57 -2.62 -3.72
N VAL J 60 -60.91 -3.59 -4.59
CA VAL J 60 -59.87 -4.25 -5.41
C VAL J 60 -59.08 -3.26 -6.25
N PRO J 61 -59.71 -2.31 -6.96
CA PRO J 61 -58.92 -1.36 -7.76
C PRO J 61 -57.91 -0.56 -6.97
N LYS J 62 -58.24 -0.12 -5.75
CA LYS J 62 -57.29 0.69 -5.00
C LYS J 62 -56.08 -0.13 -4.61
N ASP J 63 -56.25 -1.45 -4.42
CA ASP J 63 -55.12 -2.32 -4.12
C ASP J 63 -54.22 -2.48 -5.35
N VAL J 64 -54.82 -2.75 -6.52
CA VAL J 64 -54.00 -2.93 -7.72
C VAL J 64 -53.38 -1.61 -8.17
N GLN J 65 -54.01 -0.48 -7.84
CA GLN J 65 -53.40 0.80 -8.19
C GLN J 65 -52.15 1.08 -7.35
N ILE J 66 -52.15 0.63 -6.09
CA ILE J 66 -50.94 0.78 -5.28
C ILE J 66 -49.92 -0.30 -5.62
N PHE J 67 -50.39 -1.49 -6.01
CA PHE J 67 -49.54 -2.60 -6.37
C PHE J 67 -49.10 -2.59 -7.83
N PHE J 68 -49.68 -1.72 -8.66
CA PHE J 68 -49.35 -1.75 -10.08
C PHE J 68 -47.88 -1.55 -10.37
N PRO J 69 -47.19 -0.53 -9.84
CA PRO J 69 -45.74 -0.47 -10.08
C PRO J 69 -45.02 -1.73 -9.64
N MET J 70 -45.26 -2.22 -8.42
CA MET J 70 -44.54 -3.40 -7.98
C MET J 70 -44.92 -4.61 -8.83
N ALA J 71 -46.21 -4.77 -9.14
CA ALA J 71 -46.61 -5.93 -9.94
C ALA J 71 -46.02 -5.85 -11.34
N ALA J 72 -45.83 -4.65 -11.87
CA ALA J 72 -45.25 -4.50 -13.20
C ALA J 72 -43.78 -4.84 -13.20
N LEU J 73 -43.05 -4.33 -12.22
CA LEU J 73 -41.64 -4.69 -12.05
C LEU J 73 -41.47 -6.21 -11.89
N LEU J 74 -42.21 -6.82 -10.97
CA LEU J 74 -42.11 -8.26 -10.76
C LEU J 74 -42.47 -9.06 -12.00
N GLY J 75 -43.55 -8.68 -12.71
CA GLY J 75 -43.98 -9.46 -13.86
C GLY J 75 -43.09 -9.31 -15.08
N ALA J 76 -42.65 -8.07 -15.36
CA ALA J 76 -41.58 -7.88 -16.33
C ALA J 76 -40.38 -8.76 -16.00
N LEU J 77 -39.88 -8.73 -14.75
CA LEU J 77 -38.72 -9.54 -14.38
C LEU J 77 -38.97 -11.02 -14.61
N LEU J 78 -40.13 -11.53 -14.17
CA LEU J 78 -40.43 -12.95 -14.35
C LEU J 78 -40.53 -13.34 -15.82
N GLY J 79 -41.22 -12.53 -16.62
CA GLY J 79 -41.28 -12.81 -18.04
C GLY J 79 -39.91 -12.84 -18.68
N LEU J 80 -39.19 -11.71 -18.62
CA LEU J 80 -37.88 -11.64 -19.26
C LEU J 80 -36.97 -12.74 -18.75
N GLY J 81 -37.04 -13.06 -17.45
CA GLY J 81 -36.30 -14.17 -16.92
C GLY J 81 -36.68 -15.50 -17.54
N MET J 82 -37.97 -15.76 -17.73
CA MET J 82 -38.33 -17.03 -18.36
C MET J 82 -37.76 -17.09 -19.77
N LEU J 83 -37.83 -15.98 -20.51
CA LEU J 83 -37.32 -15.96 -21.87
C LEU J 83 -35.80 -16.15 -21.88
N ALA J 84 -35.10 -15.67 -20.85
CA ALA J 84 -33.65 -15.83 -20.71
C ALA J 84 -33.23 -17.20 -20.18
N GLN J 85 -34.05 -17.82 -19.35
CA GLN J 85 -33.71 -19.13 -18.78
C GLN J 85 -33.80 -20.21 -19.86
N ARG J 86 -34.86 -20.17 -20.66
CA ARG J 86 -34.97 -21.12 -21.74
C ARG J 86 -34.02 -20.79 -22.93
N SER J 87 -33.09 -19.84 -22.74
CA SER J 87 -32.10 -19.45 -23.74
C SER J 87 -32.80 -19.04 -25.03
N GLU J 88 -33.85 -18.25 -24.89
CA GLU J 88 -34.53 -17.72 -26.05
C GLU J 88 -34.07 -16.32 -26.43
N LEU J 89 -33.71 -15.49 -25.45
CA LEU J 89 -33.19 -14.16 -25.80
C LEU J 89 -31.84 -14.26 -26.45
N VAL J 90 -31.07 -15.28 -26.08
CA VAL J 90 -29.75 -15.44 -26.69
C VAL J 90 -29.93 -15.97 -28.10
N VAL J 91 -30.99 -16.74 -28.32
CA VAL J 91 -31.29 -17.20 -29.67
C VAL J 91 -31.84 -16.06 -30.52
N MET J 92 -32.69 -15.21 -29.95
CA MET J 92 -33.11 -14.02 -30.68
C MET J 92 -31.90 -13.22 -31.14
N GLN J 93 -30.92 -13.01 -30.26
CA GLN J 93 -29.72 -12.29 -30.69
C GLN J 93 -28.89 -13.10 -31.69
N ALA J 94 -28.85 -14.42 -31.54
CA ALA J 94 -28.14 -15.28 -32.49
C ALA J 94 -28.81 -15.27 -33.86
N SER J 95 -30.07 -14.88 -33.92
CA SER J 95 -30.85 -14.73 -35.15
C SER J 95 -30.63 -13.37 -35.82
N GLY J 96 -30.47 -12.31 -35.03
CA GLY J 96 -30.23 -10.99 -35.58
C GLY J 96 -31.14 -9.97 -34.95
N PHE J 97 -31.79 -10.36 -33.86
CA PHE J 97 -32.68 -9.48 -33.10
C PHE J 97 -31.83 -8.74 -32.05
N THR J 98 -31.85 -7.41 -32.13
CA THR J 98 -31.15 -6.53 -31.20
C THR J 98 -31.84 -6.48 -29.84
N ARG J 99 -31.02 -6.33 -28.79
CA ARG J 99 -31.56 -6.13 -27.44
C ARG J 99 -32.43 -4.88 -27.36
N LEU J 100 -32.07 -3.84 -28.11
CA LEU J 100 -32.88 -2.63 -28.11
C LEU J 100 -34.25 -2.89 -28.72
N GLN J 101 -34.35 -3.88 -29.60
CA GLN J 101 -35.67 -4.27 -30.09
C GLN J 101 -36.48 -4.94 -29.00
N VAL J 102 -35.84 -5.79 -28.18
CA VAL J 102 -36.50 -6.37 -27.02
C VAL J 102 -37.00 -5.27 -26.09
N ALA J 103 -36.13 -4.30 -25.79
CA ALA J 103 -36.51 -3.16 -24.97
C ALA J 103 -37.73 -2.44 -25.55
N LEU J 104 -37.75 -2.25 -26.86
CA LEU J 104 -38.89 -1.58 -27.48
C LEU J 104 -40.15 -2.44 -27.40
N SER J 105 -40.01 -3.76 -27.50
CA SER J 105 -41.21 -4.59 -27.41
C SER J 105 -41.77 -4.56 -26.00
N VAL J 106 -40.88 -4.50 -25.00
CA VAL J 106 -41.32 -4.36 -23.62
C VAL J 106 -42.05 -3.02 -23.42
N MET J 107 -41.49 -1.92 -23.91
CA MET J 107 -42.21 -0.66 -23.80
C MET J 107 -43.53 -0.64 -24.58
N LYS J 108 -43.55 -1.20 -25.80
CA LYS J 108 -44.82 -1.37 -26.52
C LYS J 108 -45.86 -2.05 -25.65
N THR J 109 -45.54 -3.21 -25.09
CA THR J 109 -46.52 -3.88 -24.26
C THR J 109 -46.72 -3.15 -22.92
N ALA J 110 -45.89 -2.14 -22.62
CA ALA J 110 -46.02 -1.33 -21.41
C ALA J 110 -46.97 -0.15 -21.57
N ILE J 111 -47.14 0.35 -22.79
CA ILE J 111 -48.08 1.43 -23.10
C ILE J 111 -49.51 1.15 -22.61
N PRO J 112 -50.13 -0.01 -22.94
CA PRO J 112 -51.51 -0.21 -22.49
C PRO J 112 -51.61 -0.25 -20.98
N LEU J 113 -50.54 -0.64 -20.30
CA LEU J 113 -50.60 -0.73 -18.85
C LEU J 113 -50.70 0.65 -18.22
N VAL J 114 -49.85 1.59 -18.64
CA VAL J 114 -49.99 2.92 -18.06
C VAL J 114 -51.34 3.53 -18.44
N LEU J 115 -51.83 3.26 -19.65
CA LEU J 115 -53.17 3.76 -20.00
C LEU J 115 -54.23 3.17 -19.08
N LEU J 116 -54.21 1.85 -18.87
CA LEU J 116 -55.20 1.19 -18.02
C LEU J 116 -55.15 1.72 -16.60
N THR J 117 -53.95 1.89 -16.05
CA THR J 117 -53.84 2.39 -14.69
C THR J 117 -54.36 3.83 -14.59
N MET J 118 -54.03 4.70 -15.55
CA MET J 118 -54.65 6.02 -15.56
C MET J 118 -56.17 5.92 -15.55
N ALA J 119 -56.75 5.14 -16.47
CA ALA J 119 -58.20 5.05 -16.52
C ALA J 119 -58.78 4.61 -15.17
N ILE J 120 -58.28 3.51 -14.63
CA ILE J 120 -58.89 3.00 -13.40
C ILE J 120 -58.69 3.99 -12.25
N GLY J 121 -57.48 4.51 -12.06
CA GLY J 121 -57.23 5.49 -11.02
C GLY J 121 -58.00 6.78 -11.18
N GLU J 122 -58.44 7.11 -12.39
CA GLU J 122 -59.21 8.33 -12.57
C GLU J 122 -60.73 8.11 -12.42
N TRP J 123 -61.28 7.01 -12.93
CA TRP J 123 -62.72 6.79 -12.83
C TRP J 123 -63.12 5.74 -11.80
N VAL J 124 -62.51 4.57 -11.82
CA VAL J 124 -63.04 3.40 -11.12
C VAL J 124 -62.59 3.38 -9.66
N ALA J 125 -61.38 3.85 -9.39
CA ALA J 125 -60.87 3.84 -8.02
C ALA J 125 -61.70 4.70 -7.08
N PRO J 126 -61.94 6.00 -7.34
CA PRO J 126 -62.82 6.74 -6.42
C PRO J 126 -64.24 6.18 -6.39
N GLN J 127 -64.80 5.80 -7.55
CA GLN J 127 -66.14 5.24 -7.58
C GLN J 127 -66.25 4.00 -6.69
N GLY J 128 -65.35 3.04 -6.85
CA GLY J 128 -65.39 1.84 -6.03
C GLY J 128 -65.14 2.11 -4.56
N GLU J 129 -64.15 2.95 -4.24
CA GLU J 129 -63.91 3.22 -2.84
C GLU J 129 -65.13 3.89 -2.20
N GLN J 130 -65.67 4.93 -2.83
CA GLN J 130 -66.82 5.62 -2.26
C GLN J 130 -68.02 4.69 -2.17
N MET J 131 -68.26 3.87 -3.20
CA MET J 131 -69.37 2.93 -3.15
C MET J 131 -69.22 1.99 -1.95
N ALA J 132 -68.03 1.40 -1.75
CA ALA J 132 -67.86 0.48 -0.63
C ALA J 132 -68.05 1.17 0.72
N ARG J 133 -67.42 2.34 0.91
CA ARG J 133 -67.54 2.97 2.23
C ARG J 133 -68.96 3.44 2.52
N ASN J 134 -69.67 3.96 1.50
CA ASN J 134 -71.06 4.39 1.70
C ASN J 134 -71.98 3.19 1.92
N TYR J 135 -71.72 2.08 1.23
CA TYR J 135 -72.44 0.84 1.50
C TYR J 135 -72.30 0.41 2.95
N ARG J 136 -71.07 0.42 3.48
CA ARG J 136 -70.88 0.03 4.87
C ARG J 136 -71.56 1.02 5.82
N ALA J 137 -71.48 2.33 5.54
CA ALA J 137 -72.11 3.31 6.41
C ALA J 137 -73.64 3.13 6.44
N GLN J 138 -74.25 2.87 5.29
CA GLN J 138 -75.69 2.62 5.25
C GLN J 138 -76.06 1.31 5.93
N ALA J 139 -75.17 0.31 5.90
CA ALA J 139 -75.42 -0.94 6.61
C ALA J 139 -75.42 -0.72 8.12
N MET J 140 -74.38 -0.06 8.63
CA MET J 140 -74.29 0.21 10.07
C MET J 140 -75.09 1.45 10.45
N GLY J 151 -72.87 15.36 13.86
CA GLY J 151 -72.99 16.55 13.05
C GLY J 151 -71.88 16.70 12.02
N LEU J 152 -72.02 17.67 11.13
CA LEU J 152 -71.05 17.94 10.08
C LEU J 152 -70.59 19.40 10.17
N TRP J 153 -69.32 19.64 9.87
CA TRP J 153 -68.73 20.97 9.97
C TRP J 153 -68.17 21.37 8.61
N ALA J 154 -67.92 22.67 8.45
CA ALA J 154 -67.26 23.15 7.23
C ALA J 154 -66.68 24.52 7.49
N LYS J 155 -65.40 24.72 7.15
CA LYS J 155 -64.73 26.00 7.32
C LYS J 155 -64.50 26.63 5.97
N ASP J 156 -64.76 27.93 5.85
CA ASP J 156 -64.66 28.55 4.54
C ASP J 156 -64.66 30.06 4.67
N GLY J 157 -63.52 30.69 4.32
CA GLY J 157 -63.46 32.13 4.22
C GLY J 157 -63.88 32.91 5.45
N GLN J 158 -63.35 32.50 6.60
CA GLN J 158 -63.65 33.06 7.93
C GLN J 158 -65.12 32.90 8.31
N ASN J 159 -65.73 31.80 7.89
CA ASN J 159 -67.13 31.53 8.17
C ASN J 159 -67.30 30.03 8.34
N PHE J 160 -67.74 29.61 9.52
CA PHE J 160 -67.76 28.19 9.86
C PHE J 160 -69.22 27.75 9.93
N VAL J 161 -69.62 26.89 8.98
CA VAL J 161 -70.99 26.42 8.84
C VAL J 161 -71.11 25.01 9.42
N TYR J 162 -72.07 24.83 10.33
CA TYR J 162 -72.34 23.55 10.96
C TYR J 162 -73.71 23.05 10.51
N ILE J 163 -73.76 21.84 9.95
CA ILE J 163 -74.98 21.23 9.44
C ILE J 163 -75.28 19.96 10.24
N GLU J 164 -76.49 19.88 10.79
CA GLU J 164 -76.94 18.74 11.59
C GLU J 164 -76.03 18.48 12.80
N SER J 176 -77.10 26.64 11.41
CA SER J 176 -76.02 26.87 12.37
C SER J 176 -74.76 27.36 11.65
N ILE J 177 -74.69 28.67 11.42
CA ILE J 177 -73.59 29.27 10.67
C ILE J 177 -73.00 30.39 11.52
N TYR J 178 -71.72 30.25 11.89
CA TYR J 178 -71.00 31.26 12.67
C TYR J 178 -70.03 31.99 11.77
N ALA J 179 -70.24 33.30 11.61
CA ALA J 179 -69.41 34.11 10.74
C ALA J 179 -68.55 35.04 11.60
N PHE J 180 -67.23 34.87 11.50
CA PHE J 180 -66.26 35.64 12.28
C PHE J 180 -65.47 36.52 11.32
N ASN J 181 -65.64 37.83 11.43
CA ASN J 181 -64.94 38.77 10.56
C ASN J 181 -63.58 39.17 11.16
N LEU J 186 -66.33 40.29 15.54
CA LEU J 186 -67.77 40.17 15.27
C LEU J 186 -68.13 38.71 15.02
N GLN J 187 -69.14 38.23 15.76
CA GLN J 187 -69.60 36.84 15.66
C GLN J 187 -71.13 36.82 15.54
N SER J 188 -71.63 36.80 14.31
CA SER J 188 -73.07 36.69 14.04
C SER J 188 -73.42 35.23 13.77
N VAL J 189 -74.61 34.82 14.18
CA VAL J 189 -75.03 33.42 14.01
C VAL J 189 -76.28 33.37 13.14
N ARG J 190 -76.31 32.38 12.23
CA ARG J 190 -77.42 32.18 11.30
C ARG J 190 -77.86 30.72 11.39
N HIS J 191 -79.14 30.52 11.74
CA HIS J 191 -79.71 29.18 11.87
C HIS J 191 -80.68 28.93 10.72
N ALA J 192 -80.62 27.75 10.14
CA ALA J 192 -81.48 27.41 8.99
C ALA J 192 -82.71 26.61 9.43
N VAL J 209 -85.50 30.30 9.24
CA VAL J 209 -84.25 31.06 9.24
C VAL J 209 -84.30 32.17 10.30
N ASP J 210 -83.47 32.04 11.34
CA ASP J 210 -83.37 33.01 12.41
C ASP J 210 -81.91 33.39 12.63
N GLU J 211 -81.62 34.69 12.66
CA GLU J 211 -80.27 35.19 12.87
C GLU J 211 -80.15 35.88 14.23
N SER J 212 -78.93 35.90 14.75
CA SER J 212 -78.59 36.61 15.97
C SER J 212 -77.35 37.47 15.72
N ASP J 213 -77.44 38.74 16.10
CA ASP J 213 -76.43 39.75 15.84
C ASP J 213 -75.74 40.14 17.14
N LEU J 214 -74.39 40.15 17.12
CA LEU J 214 -73.55 40.53 18.27
C LEU J 214 -72.60 41.63 17.82
N THR J 215 -73.10 42.87 17.75
CA THR J 215 -72.28 44.03 17.39
C THR J 215 -72.26 45.09 18.47
N ASN J 216 -72.93 44.87 19.60
CA ASN J 216 -72.99 45.80 20.71
C ASN J 216 -73.00 45.01 22.01
N PRO J 217 -72.65 45.64 23.13
CA PRO J 217 -72.78 44.95 24.43
C PRO J 217 -74.18 44.43 24.73
N LYS J 218 -75.22 45.04 24.13
CA LYS J 218 -76.59 44.58 24.26
C LYS J 218 -77.26 44.70 22.90
N GLN J 219 -77.54 43.57 22.25
CA GLN J 219 -78.18 43.57 20.94
C GLN J 219 -79.40 42.67 20.97
N ILE J 220 -80.25 42.82 19.94
CA ILE J 220 -81.50 42.08 19.84
C ILE J 220 -81.37 41.03 18.74
N THR J 221 -82.34 40.11 18.72
CA THR J 221 -82.37 39.01 17.77
C THR J 221 -83.79 38.86 17.24
N GLY J 222 -83.91 38.65 15.92
CA GLY J 222 -85.19 38.52 15.26
C GLY J 222 -85.20 37.32 14.32
N SER J 223 -86.03 37.44 13.28
CA SER J 223 -86.18 36.37 12.29
C SER J 223 -86.49 37.01 10.94
N GLN J 224 -85.64 36.74 9.94
CA GLN J 224 -85.84 37.24 8.57
C GLN J 224 -85.54 36.09 7.61
N THR J 225 -86.61 35.40 7.17
CA THR J 225 -86.48 34.27 6.26
C THR J 225 -86.58 34.79 4.82
N VAL J 226 -85.43 35.21 4.28
CA VAL J 226 -85.38 35.74 2.92
C VAL J 226 -83.97 35.64 2.35
N THR J 232 -66.02 30.71 -2.95
CA THR J 232 -66.87 29.56 -2.63
C THR J 232 -67.56 29.03 -3.88
N ASN J 233 -67.88 27.74 -3.91
CA ASN J 233 -68.57 27.14 -5.05
C ASN J 233 -69.23 25.85 -4.59
N LEU J 234 -70.04 25.27 -5.49
CA LEU J 234 -70.72 24.01 -5.18
C LEU J 234 -69.76 22.82 -5.21
N THR J 235 -68.69 22.92 -6.00
CA THR J 235 -67.74 21.81 -6.09
C THR J 235 -66.96 21.59 -4.80
N PRO J 236 -66.37 22.61 -4.16
CA PRO J 236 -65.66 22.34 -2.88
C PRO J 236 -66.56 21.80 -1.79
N ASP J 237 -67.85 22.16 -1.80
CA ASP J 237 -68.79 21.59 -0.85
C ASP J 237 -69.00 20.10 -1.11
N LYS J 238 -69.22 19.72 -2.37
CA LYS J 238 -69.35 18.30 -2.70
C LYS J 238 -68.10 17.53 -2.30
N LEU J 239 -66.92 18.15 -2.38
CA LEU J 239 -65.68 17.49 -2.03
C LEU J 239 -65.47 17.40 -0.52
N GLY J 240 -65.95 18.40 0.22
CA GLY J 240 -65.90 18.32 1.67
C GLY J 240 -66.75 17.21 2.24
N VAL J 241 -67.89 16.90 1.59
CA VAL J 241 -68.72 15.77 2.00
C VAL J 241 -67.98 14.46 1.77
N VAL J 242 -67.04 14.43 0.82
CA VAL J 242 -66.23 13.27 0.53
C VAL J 242 -64.76 13.48 0.92
N ALA J 243 -64.45 14.54 1.68
CA ALA J 243 -63.08 14.85 2.07
C ALA J 243 -62.58 14.03 3.25
N LEU J 244 -63.33 13.01 3.66
CA LEU J 244 -62.88 12.14 4.75
C LEU J 244 -61.64 11.34 4.35
N ASP J 245 -61.49 11.01 3.07
CA ASP J 245 -60.31 10.31 2.56
C ASP J 245 -59.80 11.07 1.34
N PRO J 246 -58.91 12.06 1.54
CA PRO J 246 -58.46 12.88 0.41
C PRO J 246 -57.31 12.26 -0.36
N ASP J 247 -57.21 10.92 -0.35
CA ASP J 247 -56.14 10.26 -1.07
C ASP J 247 -56.54 9.26 -2.13
N ALA J 248 -57.79 8.87 -2.23
CA ALA J 248 -58.13 8.10 -3.42
C ALA J 248 -59.51 8.46 -3.92
N LEU J 249 -59.68 9.75 -4.18
CA LEU J 249 -60.72 10.36 -5.00
C LEU J 249 -60.23 10.46 -6.45
N SER J 250 -61.09 10.95 -7.34
CA SER J 250 -60.71 11.12 -8.73
C SER J 250 -59.68 12.25 -8.86
N ILE J 251 -58.87 12.19 -9.94
CA ILE J 251 -57.91 13.25 -10.20
C ILE J 251 -58.64 14.58 -10.45
N SER J 252 -59.83 14.52 -11.06
CA SER J 252 -60.62 15.74 -11.25
C SER J 252 -61.13 16.27 -9.91
N GLY J 253 -61.68 15.40 -9.08
CA GLY J 253 -62.17 15.83 -7.78
C GLY J 253 -61.07 16.31 -6.86
N LEU J 254 -59.90 15.66 -6.90
CA LEU J 254 -58.79 16.06 -6.05
C LEU J 254 -58.21 17.40 -6.46
N HIS J 255 -58.18 17.67 -7.77
CA HIS J 255 -57.69 18.96 -8.24
C HIS J 255 -58.60 20.09 -7.76
N ASN J 256 -59.92 19.87 -7.76
CA ASN J 256 -60.84 20.90 -7.26
C ASN J 256 -60.74 21.08 -5.75
N TYR J 257 -60.33 20.03 -5.03
CA TYR J 257 -60.14 20.16 -3.59
C TYR J 257 -58.85 20.88 -3.25
N VAL J 258 -57.80 20.68 -4.04
CA VAL J 258 -56.56 21.44 -3.84
C VAL J 258 -56.78 22.91 -4.19
N LYS J 259 -57.66 23.19 -5.15
CA LYS J 259 -57.93 24.57 -5.56
C LYS J 259 -58.60 25.34 -4.42
N TYR J 260 -59.56 24.71 -3.73
CA TYR J 260 -60.26 25.38 -2.63
C TYR J 260 -59.36 25.51 -1.40
N LEU J 261 -58.57 24.47 -1.09
CA LEU J 261 -57.72 24.50 0.10
C LEU J 261 -56.66 25.60 0.01
N LYS J 262 -56.15 25.87 -1.19
CA LYS J 262 -55.19 26.96 -1.38
C LYS J 262 -55.87 28.31 -1.51
N SER J 263 -57.18 28.33 -1.82
CA SER J 263 -57.91 29.59 -1.96
C SER J 263 -58.25 30.21 -0.61
N SER J 264 -58.67 29.40 0.36
CA SER J 264 -59.02 29.91 1.69
C SER J 264 -57.75 30.26 2.47
N GLY J 265 -56.74 29.39 2.44
CA GLY J 265 -55.50 29.67 3.14
C GLY J 265 -55.03 28.53 4.00
N ALA J 268 -54.55 19.40 1.99
CA ALA J 268 -53.73 20.50 1.48
C ALA J 268 -52.53 19.94 0.72
N GLY J 269 -51.33 20.10 1.30
CA GLY J 269 -50.12 19.60 0.64
C GLY J 269 -50.14 18.10 0.41
N ARG J 270 -50.82 17.35 1.29
CA ARG J 270 -50.98 15.91 1.09
C ARG J 270 -51.95 15.60 -0.06
N TYR J 271 -52.96 16.46 -0.26
CA TYR J 271 -53.86 16.28 -1.40
C TYR J 271 -53.14 16.52 -2.72
N GLN J 272 -52.28 17.54 -2.78
CA GLN J 272 -51.42 17.75 -3.93
C GLN J 272 -50.43 16.61 -4.10
N LEU J 273 -49.89 16.11 -2.98
CA LEU J 273 -49.00 14.95 -3.05
C LEU J 273 -49.69 13.77 -3.70
N ASN J 274 -50.92 13.47 -3.25
CA ASN J 274 -51.66 12.35 -3.84
C ASN J 274 -52.05 12.62 -5.29
N MET J 275 -52.36 13.87 -5.63
CA MET J 275 -52.67 14.18 -7.03
C MET J 275 -51.45 13.97 -7.93
N TRP J 276 -50.30 14.49 -7.53
CA TRP J 276 -49.08 14.32 -8.31
C TRP J 276 -48.66 12.85 -8.38
N SER J 277 -48.83 12.11 -7.28
CA SER J 277 -48.50 10.68 -7.31
C SER J 277 -49.52 9.87 -8.11
N LYS J 278 -50.73 10.39 -8.29
CA LYS J 278 -51.71 9.71 -9.12
C LYS J 278 -51.47 10.00 -10.60
N ILE J 279 -51.07 11.23 -10.93
CA ILE J 279 -50.69 11.55 -12.31
C ILE J 279 -49.24 11.19 -12.62
N PHE J 280 -48.50 10.67 -11.64
CA PHE J 280 -47.19 10.10 -11.90
C PHE J 280 -47.17 8.59 -11.68
N GLN J 281 -48.28 8.00 -11.24
CA GLN J 281 -48.32 6.55 -11.08
C GLN J 281 -48.09 5.82 -12.39
N PRO J 282 -48.69 6.20 -13.53
CA PRO J 282 -48.31 5.54 -14.78
C PRO J 282 -46.84 5.69 -15.08
N MET J 283 -46.30 6.90 -14.94
CA MET J 283 -44.86 7.05 -15.11
C MET J 283 -44.10 6.09 -14.21
N SER J 284 -44.61 5.87 -12.98
CA SER J 284 -43.96 4.96 -12.04
C SER J 284 -44.03 3.51 -12.53
N VAL J 285 -45.13 3.14 -13.19
CA VAL J 285 -45.24 1.79 -13.75
C VAL J 285 -44.27 1.61 -14.91
N ALA J 286 -44.07 2.68 -15.69
CA ALA J 286 -43.12 2.61 -16.81
C ALA J 286 -41.69 2.54 -16.29
N VAL J 287 -41.35 3.35 -15.29
CA VAL J 287 -40.04 3.26 -14.65
C VAL J 287 -39.81 1.88 -14.07
N MET J 288 -40.82 1.30 -13.40
CA MET J 288 -40.65 -0.05 -12.87
C MET J 288 -40.32 -1.05 -13.98
N MET J 289 -41.10 -1.03 -15.07
CA MET J 289 -40.84 -1.96 -16.17
C MET J 289 -39.50 -1.72 -16.82
N LEU J 290 -39.12 -0.46 -17.00
CA LEU J 290 -37.79 -0.15 -17.52
C LEU J 290 -36.70 -0.68 -16.60
N MET J 291 -36.86 -0.53 -15.28
CA MET J 291 -35.84 -1.02 -14.37
C MET J 291 -35.78 -2.55 -14.39
N ALA J 292 -36.94 -3.19 -14.53
CA ALA J 292 -36.93 -4.65 -14.74
C ALA J 292 -36.11 -5.01 -15.96
N LEU J 293 -36.30 -4.23 -17.02
CA LEU J 293 -35.59 -4.49 -18.25
C LEU J 293 -34.10 -4.31 -18.06
N SER J 294 -33.70 -3.28 -17.31
CA SER J 294 -32.28 -3.00 -17.08
C SER J 294 -31.63 -4.05 -16.18
N PHE J 295 -32.40 -4.62 -15.26
CA PHE J 295 -31.94 -5.75 -14.44
C PHE J 295 -31.72 -6.99 -15.28
N ILE J 296 -32.72 -7.37 -16.08
CA ILE J 296 -32.56 -8.55 -16.95
C ILE J 296 -31.39 -8.37 -17.91
N PHE J 297 -31.25 -7.19 -18.52
CA PHE J 297 -30.12 -6.99 -19.43
C PHE J 297 -28.84 -6.61 -18.71
N GLY J 298 -28.86 -6.53 -17.40
CA GLY J 298 -27.71 -6.10 -16.65
C GLY J 298 -27.21 -7.14 -15.66
N PRO J 299 -27.37 -6.86 -14.36
CA PRO J 299 -26.79 -7.75 -13.35
C PRO J 299 -27.62 -8.98 -13.03
N LEU J 300 -28.58 -9.35 -13.89
CA LEU J 300 -29.42 -10.52 -13.63
C LEU J 300 -29.33 -11.55 -14.74
N ARG J 301 -28.26 -11.52 -15.54
CA ARG J 301 -28.01 -12.58 -16.52
C ARG J 301 -27.37 -13.78 -15.81
N SER J 302 -27.82 -14.98 -16.19
CA SER J 302 -27.29 -16.24 -15.61
C SER J 302 -27.44 -16.27 -14.08
N VAL J 303 -28.60 -15.85 -13.60
CA VAL J 303 -28.93 -15.78 -12.17
C VAL J 303 -30.24 -16.53 -11.98
N PRO J 304 -30.41 -17.31 -10.90
CA PRO J 304 -31.64 -18.10 -10.75
C PRO J 304 -32.88 -17.23 -10.54
N MET J 305 -34.04 -17.90 -10.47
CA MET J 305 -35.28 -17.12 -10.36
C MET J 305 -35.46 -16.55 -8.95
N GLY J 306 -35.13 -17.32 -7.92
CA GLY J 306 -35.33 -16.85 -6.56
C GLY J 306 -34.68 -15.50 -6.30
N VAL J 307 -33.44 -15.34 -6.77
CA VAL J 307 -32.75 -14.06 -6.61
C VAL J 307 -33.54 -12.94 -7.28
N ARG J 308 -33.99 -13.16 -8.51
CA ARG J 308 -34.71 -12.13 -9.25
C ARG J 308 -35.97 -11.72 -8.50
N VAL J 309 -36.75 -12.70 -8.04
CA VAL J 309 -38.02 -12.37 -7.39
C VAL J 309 -37.80 -11.74 -6.01
N VAL J 310 -36.76 -12.11 -5.26
CA VAL J 310 -36.57 -11.41 -3.99
C VAL J 310 -36.03 -9.99 -4.19
N THR J 311 -35.20 -9.77 -5.22
CA THR J 311 -34.80 -8.39 -5.56
C THR J 311 -35.98 -7.57 -6.06
N GLY J 312 -36.83 -8.19 -6.88
CA GLY J 312 -38.06 -7.53 -7.28
C GLY J 312 -38.89 -7.11 -6.08
N ILE J 313 -39.19 -8.05 -5.19
CA ILE J 313 -40.13 -7.70 -4.14
C ILE J 313 -39.48 -6.73 -3.17
N SER J 314 -38.17 -6.81 -2.99
CA SER J 314 -37.53 -5.85 -2.09
C SER J 314 -37.47 -4.47 -2.70
N PHE J 315 -37.33 -4.37 -4.03
CA PHE J 315 -37.28 -3.05 -4.67
C PHE J 315 -38.66 -2.42 -4.73
N GLY J 316 -39.69 -3.21 -5.00
CA GLY J 316 -41.04 -2.70 -4.83
C GLY J 316 -41.31 -2.25 -3.41
N PHE J 317 -40.85 -3.03 -2.42
CA PHE J 317 -41.12 -2.64 -1.04
C PHE J 317 -40.37 -1.38 -0.67
N VAL J 318 -39.15 -1.22 -1.18
CA VAL J 318 -38.43 0.00 -0.85
C VAL J 318 -38.93 1.17 -1.66
N PHE J 319 -39.54 0.91 -2.83
CA PHE J 319 -40.20 1.97 -3.56
C PHE J 319 -41.40 2.48 -2.78
N TYR J 320 -42.27 1.57 -2.35
CA TYR J 320 -43.44 1.95 -1.55
C TYR J 320 -43.02 2.64 -0.27
N VAL J 321 -41.97 2.14 0.39
CA VAL J 321 -41.48 2.72 1.63
C VAL J 321 -40.88 4.09 1.39
N LEU J 322 -40.17 4.25 0.27
CA LEU J 322 -39.68 5.56 -0.13
C LEU J 322 -40.84 6.54 -0.28
N ASP J 323 -41.85 6.16 -1.06
CA ASP J 323 -43.03 7.00 -1.16
C ASP J 323 -43.54 7.40 0.22
N GLN J 324 -43.96 6.40 1.01
CA GLN J 324 -44.65 6.65 2.28
C GLN J 324 -43.81 7.49 3.25
N ILE J 325 -42.50 7.23 3.34
CA ILE J 325 -41.68 7.90 4.33
C ILE J 325 -41.02 9.15 3.81
N PHE J 326 -41.05 9.38 2.49
CA PHE J 326 -40.41 10.54 1.92
C PHE J 326 -41.40 11.61 1.46
N GLY J 327 -42.56 11.23 0.93
CA GLY J 327 -43.59 12.17 0.57
C GLY J 327 -44.00 13.07 1.71
N PRO J 328 -44.53 12.47 2.79
CA PRO J 328 -44.90 13.27 3.98
C PRO J 328 -43.74 14.02 4.62
N LEU J 329 -42.57 13.39 4.72
CA LEU J 329 -41.42 14.04 5.35
C LEU J 329 -41.04 15.31 4.60
N THR J 330 -40.93 15.19 3.28
CA THR J 330 -40.58 16.30 2.40
C THR J 330 -41.69 17.35 2.35
N LEU J 331 -42.94 16.92 2.56
CA LEU J 331 -44.09 17.83 2.58
C LEU J 331 -44.08 18.70 3.83
N VAL J 332 -43.99 18.08 5.00
CA VAL J 332 -43.95 18.82 6.26
C VAL J 332 -42.62 19.56 6.44
N TYR J 333 -41.56 19.16 5.73
CA TYR J 333 -40.31 19.92 5.77
C TYR J 333 -40.38 21.20 4.94
N GLY J 334 -41.35 21.31 4.02
CA GLY J 334 -41.55 22.49 3.22
C GLY J 334 -40.94 22.49 1.84
N ILE J 335 -41.57 21.76 0.90
CA ILE J 335 -41.15 21.62 -0.50
C ILE J 335 -42.38 21.43 -1.39
N PRO J 336 -42.43 22.01 -2.59
CA PRO J 336 -43.59 21.79 -3.48
C PRO J 336 -43.76 20.32 -3.79
N PRO J 337 -44.98 19.78 -3.68
CA PRO J 337 -45.16 18.32 -3.85
C PRO J 337 -45.02 17.83 -5.28
N ILE J 338 -45.02 18.72 -6.28
CA ILE J 338 -44.78 18.31 -7.67
C ILE J 338 -43.47 17.54 -7.77
N ILE J 339 -42.43 18.00 -7.07
CA ILE J 339 -41.17 17.28 -7.05
C ILE J 339 -41.18 16.16 -5.99
N GLY J 340 -41.94 16.32 -4.91
CA GLY J 340 -41.97 15.30 -3.87
C GLY J 340 -42.53 13.97 -4.37
N ALA J 341 -43.69 14.01 -5.04
CA ALA J 341 -44.30 12.78 -5.52
C ALA J 341 -43.54 12.20 -6.71
N LEU J 342 -42.73 13.01 -7.41
CA LEU J 342 -41.99 12.56 -8.57
C LEU J 342 -40.66 11.88 -8.22
N LEU J 343 -40.16 12.04 -6.99
CA LEU J 343 -38.83 11.53 -6.65
C LEU J 343 -38.73 10.00 -6.72
N PRO J 344 -39.63 9.22 -6.11
CA PRO J 344 -39.48 7.76 -6.20
C PRO J 344 -39.38 7.25 -7.62
N SER J 345 -40.35 7.58 -8.48
CA SER J 345 -40.21 7.23 -9.88
C SER J 345 -38.88 7.75 -10.45
N ALA J 346 -38.56 9.03 -10.21
CA ALA J 346 -37.34 9.61 -10.78
C ALA J 346 -36.09 8.90 -10.26
N SER J 347 -36.09 8.55 -8.98
CA SER J 347 -34.92 7.87 -8.42
C SER J 347 -34.75 6.48 -9.04
N PHE J 348 -35.83 5.71 -9.11
CA PHE J 348 -35.67 4.38 -9.71
C PHE J 348 -35.30 4.50 -11.18
N LEU J 349 -35.80 5.54 -11.86
CA LEU J 349 -35.43 5.75 -13.26
C LEU J 349 -33.94 6.03 -13.39
N LEU J 350 -33.39 6.88 -12.51
CA LEU J 350 -31.96 7.14 -12.59
C LEU J 350 -31.17 5.87 -12.38
N ILE J 351 -31.56 5.06 -11.39
CA ILE J 351 -30.86 3.81 -11.16
C ILE J 351 -30.93 2.93 -12.40
N SER J 352 -32.12 2.82 -12.99
CA SER J 352 -32.32 2.00 -14.18
C SER J 352 -31.43 2.46 -15.33
N LEU J 353 -31.38 3.76 -15.59
CA LEU J 353 -30.57 4.25 -16.70
C LEU J 353 -29.08 4.18 -16.40
N TRP J 354 -28.67 4.34 -15.14
CA TRP J 354 -27.26 4.18 -14.84
C TRP J 354 -26.82 2.73 -15.02
N LEU J 355 -27.70 1.77 -14.71
CA LEU J 355 -27.32 0.37 -14.87
C LEU J 355 -27.22 -0.04 -16.33
N LEU J 356 -27.86 0.69 -17.25
CA LEU J 356 -27.70 0.37 -18.67
C LEU J 356 -26.38 0.89 -19.21
N LEU J 357 -25.80 1.92 -18.59
CA LEU J 357 -24.52 2.48 -19.01
C LEU J 357 -23.39 1.82 -18.21
N LYS J 358 -22.18 2.38 -18.31
CA LYS J 358 -21.01 1.85 -17.62
C LYS J 358 -20.82 0.36 -17.91
#